data_6WI1
#
_entry.id   6WI1
#
_cell.length_a   1.00
_cell.length_b   1.00
_cell.length_c   1.00
_cell.angle_alpha   90.00
_cell.angle_beta   90.00
_cell.angle_gamma   90.00
#
_symmetry.space_group_name_H-M   'P 1'
#
loop_
_entity.id
_entity.type
_entity.pdbx_description
1 polymer 'Ionotropic glutamate receptor , NMDA receptor GluN1b'
2 polymer 'Ionotropic glutamate receptor , NMDA receptor GluN2B'
3 branched 2-acetamido-2-deoxy-beta-D-glucopyranose-(1-4)-2-acetamido-2-deoxy-beta-D-glucopyranose
4 non-polymer 2-acetamido-2-deoxy-beta-D-glucopyranose
#
loop_
_entity_poly.entity_id
_entity_poly.type
_entity_poly.pdbx_seq_one_letter_code
_entity_poly.pdbx_strand_id
1 'polypeptide(L)'
;MSTMHLLTFALLFSCSFARAASDPKIVNIGAVLSTRKHEQMFREAVNQANKRHGSWKIQLQATSVTHKPNAIQMALSVCE
DLISSQVYAILVSHPPTPNDHFTPTPVSYTAGFYRIPVLGLTTRMSIYSDKSIHLSFLRTVPPYSHQSSVWFEMMRVYNW
NHIILLVSDDHEGRAAQKRLETLLEERESKSKKRNYENLDQLSYDNKRGPKAEKVLQFDPGTKNVTALLMEARELEARVI
ILSASEDDAATVYRAAAMLDMTGSGYVWLVGEREISGNALRYAPDGIIGLQLINGKNESAHISDAVGVVAQAVHELLEKE
NITDPPRGCVGNTNIWKTGPLFKRVLMSSKYADGVTGRVEFNEDGDRKFAQYSIMNLQNRKLVQVGIYNGTHVIPNDRKI
IWPGGETEKPRGYQMSTRLKIVTIHQEPFVYVKPTMSDGTCKEEFTVNGDPVKKVICTGPNDTSPGSPRHTVPQCCYGFC
IDLLIKLARTMQFTYEVHLVADGKFGTQERVQNSNKKEWNGMMGELLSGQADMIVAPLTINNERAQYIEFSKPFKYQGLT
ILVKKEIPRSTLDSFMQPFQSTLWLLVGLSVHVVAVMLYLLDRFSPFGRFKVNSEEEEEDALTLSSAMWFSWGVLLNSGI
GEGAPRSFSARILGMVWAGFAMIIVASYTANLAAFLVLDRPEERITGINDPRLRNPSDKFIYATVKQSSVDIYFRRQVCL
STMYRHMEKHNYESAAEAIQAVRDNKLHAFIWDSAVLEFEASQKCDLVTTGELFFRSGFGIGMRKDSPWKQQVSLSILKS
HENGFMEDLDKTWVRYQECDSRSNAPATLTFENMAGVFMLVAGGIVAGIFLIFIEIAYKRHKDANGAQ
;
A,C
2 'polypeptide(L)'
;MGTMRLFLLAVLFLFSFARATGWSHPQFEKGGGSGGGSGGSAWSHPQFEKGALVPRGRSQKSPPSIGIAVILVGTSDEVA
IKDAHEKDDFHHLSVVPRVELVAMNETDPKSIITRICDLMSDRKIQGVVFADDTDQEAIAQILDFISAQTLTPILGIHGG
SSMIMADKDESSMFFQFGPSIEQQASVMLNIMEEYDWYIFSIVTTYFPGYQDFVNKIRSTIENSFVGWELEEVLLLDMSL
DDGDSKIQNQLKKLQSPIILLYCTKEEATYIFEVANSVGLTGYGYTWIVPSLVAGDTDTVPSEFPTGLISVSYDEWDYGL
PARVRDGIAIITTAASDMLSEHSFIPEPKSSCYNTHEKRIYQSNMLNRYLINVTFEGRNLSFSEDGYQMHPKLVIILLNK
ERKWERVGKWKDKSLQMKYYVWPRMCPETEEQEDDHLSIVTLEEAPFVIVESVDPLSGTCMRNTVPCQKRIISENKTDEE
PGYIKKCCKGFCIDILKKISKSVKFTYDLYLVTNGKHGKKINGTWNGMIGEVVMKRAYMAVGSLTINEERSEVVDFSVPF
IETGISVMVSRSNGTVSPSAFLEPFSADVWVMMFVMLLIVSAVAVFVFEYFSPVGYNRCLADGREPGGPSFTIGKAIWLL
WGLVFNNSVPVQNPKGTTSKIMVSVWAFFAVIFLASYTANLAAFMIQEEYVDQVSGLSDKKFQRPNDFSPPFRFGTVPNG
STERNIRNNYAEMHAYMGKFNQRGVDDALLSLKTGKLDAFIYDAAVLNYMAGRDEGCKLVTIGSGKVFASTGYGIAIQKD
SGWKRQVDLAILQLFGDGEMEELEACWLTGICHNEKNEVMSSQLDIDNMAGVFYMLGAAMALSLITFICEHLFYWQFRHS
FMG
;
B,D
#
loop_
_chem_comp.id
_chem_comp.type
_chem_comp.name
_chem_comp.formula
NAG D-saccharide, beta linking 2-acetamido-2-deoxy-beta-D-glucopyranose 'C8 H15 N O6'
#
# COMPACT_ATOMS: atom_id res chain seq x y z
N LYS A 25 -75.93 3.21 -5.07
CA LYS A 25 -75.98 4.54 -4.47
C LYS A 25 -76.17 5.61 -5.53
N ILE A 26 -76.14 6.86 -5.09
CA ILE A 26 -76.25 8.01 -5.99
C ILE A 26 -74.90 8.71 -5.97
N VAL A 27 -74.03 8.31 -6.90
CA VAL A 27 -72.68 8.88 -7.01
C VAL A 27 -72.73 10.02 -8.01
N ASN A 28 -72.12 11.14 -7.65
CA ASN A 28 -72.28 12.38 -8.39
C ASN A 28 -70.91 12.91 -8.82
N ILE A 29 -70.87 13.50 -10.03
CA ILE A 29 -69.70 14.20 -10.53
C ILE A 29 -70.14 15.56 -11.05
N GLY A 30 -69.19 16.30 -11.62
CA GLY A 30 -69.51 17.62 -12.12
C GLY A 30 -68.35 18.19 -12.91
N ALA A 31 -68.62 19.35 -13.52
CA ALA A 31 -67.60 20.00 -14.35
C ALA A 31 -67.99 21.45 -14.57
N VAL A 32 -67.03 22.23 -15.05
CA VAL A 32 -67.24 23.64 -15.36
C VAL A 32 -66.70 23.87 -16.76
N LEU A 33 -67.58 24.35 -17.65
CA LEU A 33 -67.17 24.59 -19.03
C LEU A 33 -67.57 26.00 -19.44
N SER A 34 -67.43 26.32 -20.74
CA SER A 34 -67.79 27.64 -21.23
C SER A 34 -68.77 27.63 -22.38
N THR A 35 -68.88 26.54 -23.14
CA THR A 35 -69.82 26.50 -24.25
C THR A 35 -71.26 26.56 -23.79
N ARG A 36 -71.58 25.86 -22.70
CA ARG A 36 -72.93 25.76 -22.14
C ARG A 36 -73.80 24.88 -23.02
N LYS A 37 -73.29 24.49 -24.19
CA LYS A 37 -73.91 23.46 -25.00
C LYS A 37 -73.24 22.12 -24.78
N HIS A 38 -71.92 22.11 -24.60
CA HIS A 38 -71.29 20.92 -24.06
C HIS A 38 -71.87 20.57 -22.70
N GLU A 39 -72.57 21.48 -22.05
CA GLU A 39 -73.38 21.10 -20.90
C GLU A 39 -74.34 19.98 -21.27
N GLN A 40 -75.20 20.23 -22.25
CA GLN A 40 -76.11 19.18 -22.72
C GLN A 40 -75.34 18.01 -23.30
N MET A 41 -74.21 18.27 -23.96
CA MET A 41 -73.41 17.16 -24.47
C MET A 41 -72.96 16.23 -23.35
N PHE A 42 -72.46 16.80 -22.26
CA PHE A 42 -71.99 16.04 -21.12
C PHE A 42 -73.14 15.34 -20.41
N ARG A 43 -74.30 15.98 -20.37
CA ARG A 43 -75.48 15.32 -19.80
C ARG A 43 -75.84 14.09 -20.60
N GLU A 44 -75.89 14.21 -21.93
CA GLU A 44 -76.15 13.04 -22.76
C GLU A 44 -75.04 12.01 -22.62
N ALA A 45 -73.80 12.45 -22.43
CA ALA A 45 -72.69 11.52 -22.28
C ALA A 45 -72.84 10.70 -21.01
N VAL A 46 -73.16 11.34 -19.90
CA VAL A 46 -73.38 10.60 -18.67
C VAL A 46 -74.64 9.76 -18.76
N ASN A 47 -75.64 10.19 -19.52
CA ASN A 47 -76.78 9.31 -19.81
C ASN A 47 -76.31 8.01 -20.45
N GLN A 48 -75.51 8.14 -21.51
CA GLN A 48 -74.94 6.96 -22.16
C GLN A 48 -74.15 6.12 -21.17
N ALA A 49 -73.33 6.75 -20.34
CA ALA A 49 -72.56 6.02 -19.33
C ALA A 49 -73.47 5.22 -18.42
N ASN A 50 -74.56 5.82 -17.95
CA ASN A 50 -75.57 5.07 -17.20
C ASN A 50 -76.03 3.85 -17.99
N LYS A 51 -76.53 4.08 -19.19
CA LYS A 51 -77.06 2.98 -19.99
C LYS A 51 -75.97 1.98 -20.38
N ARG A 52 -74.73 2.42 -20.47
CA ARG A 52 -73.69 1.57 -21.06
C ARG A 52 -73.11 0.59 -20.04
N HIS A 53 -72.48 1.11 -18.99
CA HIS A 53 -71.57 0.29 -18.20
C HIS A 53 -72.25 -0.23 -16.93
N GLY A 54 -71.68 -1.29 -16.39
CA GLY A 54 -72.06 -1.81 -15.10
C GLY A 54 -73.28 -2.72 -15.16
N SER A 55 -73.48 -3.44 -14.06
CA SER A 55 -74.66 -4.27 -13.86
C SER A 55 -75.70 -3.59 -12.97
N TRP A 56 -75.65 -2.25 -12.90
CA TRP A 56 -76.57 -1.44 -12.12
C TRP A 56 -76.56 -1.82 -10.64
N LYS A 57 -75.41 -1.60 -10.01
CA LYS A 57 -75.34 -1.59 -8.55
C LYS A 57 -75.58 -0.21 -7.99
N ILE A 58 -75.27 0.83 -8.77
CA ILE A 58 -75.40 2.22 -8.34
C ILE A 58 -76.01 3.05 -9.45
N GLN A 59 -76.09 4.36 -9.23
CA GLN A 59 -76.50 5.32 -10.25
C GLN A 59 -75.39 6.34 -10.44
N LEU A 60 -75.46 7.08 -11.55
CA LEU A 60 -74.50 8.13 -11.86
C LEU A 60 -75.24 9.36 -12.34
N GLN A 61 -74.66 10.53 -12.08
CA GLN A 61 -75.32 11.79 -12.33
C GLN A 61 -74.31 12.91 -12.13
N ALA A 62 -74.63 14.09 -12.67
CA ALA A 62 -73.66 15.17 -12.67
C ALA A 62 -74.38 16.52 -12.61
N THR A 63 -73.57 17.57 -12.75
CA THR A 63 -74.06 18.95 -12.69
C THR A 63 -72.95 19.86 -13.20
N SER A 64 -73.32 20.84 -14.01
CA SER A 64 -72.37 21.68 -14.72
C SER A 64 -72.57 23.14 -14.35
N VAL A 65 -71.47 23.89 -14.26
CA VAL A 65 -71.50 25.33 -14.06
C VAL A 65 -70.53 25.91 -15.08
N THR A 66 -70.40 27.24 -15.13
CA THR A 66 -69.55 27.87 -16.12
C THR A 66 -68.58 28.83 -15.44
N HIS A 67 -67.62 29.33 -16.24
CA HIS A 67 -66.58 30.22 -15.75
C HIS A 67 -67.14 31.62 -15.51
N LYS A 68 -66.27 32.51 -15.03
CA LYS A 68 -66.60 33.89 -14.74
C LYS A 68 -65.31 34.69 -14.74
N PRO A 69 -65.37 36.00 -15.00
CA PRO A 69 -64.14 36.79 -15.10
C PRO A 69 -63.43 37.03 -13.77
N ASN A 70 -64.11 36.83 -12.65
CA ASN A 70 -63.44 36.94 -11.36
C ASN A 70 -62.95 35.57 -10.92
N ALA A 71 -61.63 35.44 -10.73
CA ALA A 71 -61.08 34.16 -10.29
C ALA A 71 -61.58 33.78 -8.91
N ILE A 72 -61.52 34.73 -7.97
CA ILE A 72 -61.95 34.46 -6.60
C ILE A 72 -63.38 33.97 -6.57
N GLN A 73 -64.30 34.76 -7.14
CA GLN A 73 -65.69 34.36 -7.19
C GLN A 73 -65.88 33.08 -7.98
N MET A 74 -64.98 32.77 -8.90
CA MET A 74 -65.06 31.49 -9.58
C MET A 74 -64.79 30.35 -8.61
N ALA A 75 -63.74 30.46 -7.80
CA ALA A 75 -63.49 29.46 -6.79
C ALA A 75 -64.64 29.38 -5.79
N LEU A 76 -65.27 30.53 -5.50
CA LEU A 76 -66.43 30.53 -4.63
C LEU A 76 -67.56 29.72 -5.24
N SER A 77 -67.83 29.93 -6.53
CA SER A 77 -68.84 29.13 -7.21
C SER A 77 -68.45 27.66 -7.24
N VAL A 78 -67.16 27.36 -7.23
CA VAL A 78 -66.74 25.97 -7.12
C VAL A 78 -67.10 25.42 -5.76
N CYS A 79 -66.90 26.21 -4.71
CA CYS A 79 -67.35 25.82 -3.38
C CYS A 79 -68.86 25.62 -3.36
N GLU A 80 -69.60 26.43 -4.12
CA GLU A 80 -71.04 26.26 -4.22
C GLU A 80 -71.40 24.96 -4.91
N ASP A 81 -70.70 24.64 -6.00
CA ASP A 81 -70.83 23.34 -6.63
C ASP A 81 -70.60 22.22 -5.63
N LEU A 82 -69.52 22.33 -4.86
CA LEU A 82 -69.12 21.26 -3.97
C LEU A 82 -70.07 21.10 -2.79
N ILE A 83 -70.72 22.18 -2.34
CA ILE A 83 -71.78 21.99 -1.34
C ILE A 83 -73.03 21.40 -1.99
N SER A 84 -73.43 21.91 -3.15
CA SER A 84 -74.65 21.46 -3.80
C SER A 84 -74.60 20.00 -4.23
N SER A 85 -73.50 19.30 -3.99
CA SER A 85 -73.40 17.90 -4.35
C SER A 85 -72.22 17.26 -3.64
N GLN A 86 -72.38 16.01 -3.22
CA GLN A 86 -71.28 15.21 -2.72
C GLN A 86 -70.45 14.76 -3.92
N VAL A 87 -69.61 15.67 -4.41
CA VAL A 87 -68.88 15.43 -5.64
C VAL A 87 -67.93 14.25 -5.47
N TYR A 88 -67.61 13.61 -6.59
CA TYR A 88 -66.62 12.52 -6.60
C TYR A 88 -65.44 12.82 -7.50
N ALA A 89 -65.58 13.77 -8.41
CA ALA A 89 -64.52 14.23 -9.29
C ALA A 89 -65.05 15.41 -10.07
N ILE A 90 -64.16 16.26 -10.52
CA ILE A 90 -64.54 17.45 -11.28
C ILE A 90 -63.76 17.49 -12.57
N LEU A 91 -64.41 18.00 -13.62
CA LEU A 91 -63.77 18.22 -14.91
C LEU A 91 -63.84 19.70 -15.22
N VAL A 92 -63.05 20.15 -16.19
CA VAL A 92 -62.99 21.56 -16.54
C VAL A 92 -62.31 21.72 -17.89
N SER A 93 -62.78 22.68 -18.67
CA SER A 93 -62.20 23.01 -19.95
C SER A 93 -61.64 24.43 -19.91
N HIS A 94 -61.18 24.88 -21.06
CA HIS A 94 -60.64 26.22 -21.18
C HIS A 94 -61.64 27.13 -21.86
N PRO A 95 -61.96 28.26 -21.25
CA PRO A 95 -62.88 29.21 -21.86
C PRO A 95 -62.23 29.90 -23.04
N PRO A 96 -62.98 30.71 -23.80
CA PRO A 96 -62.37 31.41 -24.93
C PRO A 96 -61.34 32.47 -24.55
N THR A 97 -61.17 32.75 -23.26
CA THR A 97 -60.21 33.76 -22.85
C THR A 97 -58.80 33.32 -23.21
N PRO A 98 -57.91 34.27 -23.51
CA PRO A 98 -56.53 33.92 -23.86
C PRO A 98 -55.62 33.71 -22.66
N ASN A 99 -56.05 34.05 -21.45
CA ASN A 99 -55.22 33.85 -20.25
C ASN A 99 -55.20 32.36 -19.93
N ASP A 100 -54.53 31.61 -20.79
CA ASP A 100 -54.55 30.16 -20.72
C ASP A 100 -53.92 29.65 -19.42
N HIS A 101 -52.93 30.38 -18.90
CA HIS A 101 -52.20 29.89 -17.73
C HIS A 101 -53.10 29.84 -16.50
N PHE A 102 -53.61 30.99 -16.07
CA PHE A 102 -54.20 31.13 -14.76
C PHE A 102 -55.67 30.74 -14.70
N THR A 103 -56.23 30.17 -15.75
CA THR A 103 -57.65 29.90 -15.69
C THR A 103 -57.99 28.62 -14.92
N PRO A 104 -57.35 27.49 -15.18
CA PRO A 104 -57.81 26.26 -14.53
C PRO A 104 -57.16 25.99 -13.19
N THR A 105 -56.56 27.01 -12.58
CA THR A 105 -55.93 26.77 -11.30
C THR A 105 -56.88 26.74 -10.11
N PRO A 106 -57.82 27.70 -9.95
CA PRO A 106 -58.50 27.83 -8.66
C PRO A 106 -59.28 26.58 -8.26
N VAL A 107 -59.86 25.88 -9.23
CA VAL A 107 -60.56 24.66 -8.88
C VAL A 107 -59.59 23.63 -8.31
N SER A 108 -58.36 23.58 -8.83
CA SER A 108 -57.42 22.58 -8.35
C SER A 108 -56.98 22.89 -6.93
N TYR A 109 -56.65 24.15 -6.65
CA TYR A 109 -56.36 24.54 -5.28
C TYR A 109 -57.52 24.20 -4.37
N THR A 110 -58.73 24.60 -4.75
CA THR A 110 -59.87 24.39 -3.88
C THR A 110 -60.14 22.91 -3.64
N ALA A 111 -59.86 22.08 -4.63
CA ALA A 111 -60.10 20.65 -4.46
C ALA A 111 -59.00 19.99 -3.63
N GLY A 112 -57.75 20.41 -3.81
CA GLY A 112 -56.67 19.84 -3.04
C GLY A 112 -56.89 19.90 -1.54
N PHE A 113 -57.65 20.88 -1.08
CA PHE A 113 -58.02 20.92 0.32
C PHE A 113 -58.74 19.66 0.74
N TYR A 114 -59.28 18.90 -0.21
CA TYR A 114 -59.96 17.65 0.08
C TYR A 114 -59.50 16.52 -0.82
N ARG A 115 -58.44 16.71 -1.59
CA ARG A 115 -57.91 15.66 -2.47
C ARG A 115 -58.97 15.12 -3.41
N ILE A 116 -59.86 15.99 -3.87
CA ILE A 116 -60.88 15.62 -4.85
C ILE A 116 -60.20 15.49 -6.21
N PRO A 117 -60.02 14.28 -6.74
CA PRO A 117 -59.33 14.13 -8.02
C PRO A 117 -60.05 14.92 -9.10
N VAL A 118 -59.30 15.76 -9.81
CA VAL A 118 -59.84 16.62 -10.86
C VAL A 118 -59.12 16.30 -12.15
N LEU A 119 -59.86 16.31 -13.25
CA LEU A 119 -59.32 15.97 -14.56
C LEU A 119 -59.39 17.19 -15.48
N GLY A 120 -58.29 17.46 -16.17
CA GLY A 120 -58.18 18.60 -17.06
C GLY A 120 -58.25 18.19 -18.51
N LEU A 121 -58.77 19.10 -19.34
CA LEU A 121 -59.01 18.80 -20.74
C LEU A 121 -58.21 19.68 -21.69
N THR A 122 -58.33 20.99 -21.56
CA THR A 122 -57.89 21.91 -22.60
C THR A 122 -56.82 22.86 -22.08
N THR A 123 -55.84 22.32 -21.38
CA THR A 123 -54.71 23.11 -20.93
C THR A 123 -53.43 22.30 -21.06
N ARG A 124 -52.33 22.99 -21.33
CA ARG A 124 -51.08 22.32 -21.60
C ARG A 124 -49.93 22.78 -20.71
N MET A 125 -50.07 23.89 -20.01
CA MET A 125 -48.97 24.42 -19.22
C MET A 125 -48.43 23.36 -18.27
N SER A 126 -47.11 23.25 -18.23
CA SER A 126 -46.47 22.13 -17.54
C SER A 126 -46.34 22.35 -16.05
N ILE A 127 -46.63 23.54 -15.56
CA ILE A 127 -46.61 23.76 -14.12
C ILE A 127 -47.56 22.82 -13.41
N TYR A 128 -48.61 22.36 -14.11
CA TYR A 128 -49.62 21.54 -13.47
C TYR A 128 -49.12 20.15 -13.15
N SER A 129 -48.16 19.62 -13.90
CA SER A 129 -47.74 18.24 -13.68
C SER A 129 -47.00 18.04 -12.36
N ASP A 130 -46.69 19.11 -11.64
CA ASP A 130 -45.94 19.00 -10.40
C ASP A 130 -46.78 18.30 -9.34
N LYS A 131 -46.39 17.09 -8.96
CA LYS A 131 -47.15 16.30 -8.01
C LYS A 131 -47.11 16.86 -6.60
N SER A 132 -46.38 17.95 -6.37
CA SER A 132 -46.28 18.51 -5.03
C SER A 132 -47.09 19.78 -4.85
N ILE A 133 -47.63 20.34 -5.93
CA ILE A 133 -48.38 21.57 -5.86
C ILE A 133 -49.84 21.36 -6.24
N HIS A 134 -50.10 20.46 -7.17
CA HIS A 134 -51.45 20.14 -7.58
C HIS A 134 -51.70 18.68 -7.30
N LEU A 135 -51.34 18.26 -6.08
CA LEU A 135 -51.17 16.86 -5.72
C LEU A 135 -52.34 15.97 -6.14
N SER A 136 -53.49 16.55 -6.44
CA SER A 136 -54.62 15.78 -6.97
C SER A 136 -55.03 16.42 -8.28
N PHE A 137 -54.54 15.86 -9.38
CA PHE A 137 -54.79 16.46 -10.68
C PHE A 137 -54.40 15.48 -11.78
N LEU A 138 -55.26 15.35 -12.79
CA LEU A 138 -54.96 14.54 -13.96
C LEU A 138 -55.42 15.30 -15.19
N ARG A 139 -55.01 14.82 -16.35
CA ARG A 139 -55.33 15.51 -17.59
C ARG A 139 -55.44 14.50 -18.71
N THR A 140 -55.98 14.95 -19.84
CA THR A 140 -56.24 14.09 -20.99
C THR A 140 -55.25 14.32 -22.13
N VAL A 141 -54.23 15.13 -21.92
CA VAL A 141 -53.29 15.47 -22.99
C VAL A 141 -51.91 15.68 -22.39
N PRO A 142 -50.85 15.15 -23.01
CA PRO A 142 -49.51 15.44 -22.50
C PRO A 142 -49.20 16.92 -22.62
N PRO A 143 -48.39 17.44 -21.73
CA PRO A 143 -48.11 18.89 -21.73
C PRO A 143 -46.98 19.26 -22.67
N TYR A 144 -46.75 20.57 -22.83
CA TYR A 144 -45.72 21.03 -23.74
C TYR A 144 -44.35 20.43 -23.44
N SER A 145 -44.12 20.00 -22.21
CA SER A 145 -42.81 19.46 -21.87
C SER A 145 -42.50 18.20 -22.67
N HIS A 146 -43.44 17.29 -22.80
CA HIS A 146 -43.18 16.03 -23.48
C HIS A 146 -42.87 16.21 -24.96
N GLN A 147 -43.11 17.40 -25.51
CA GLN A 147 -42.83 17.68 -26.90
C GLN A 147 -41.41 17.31 -27.31
N SER A 148 -40.47 17.24 -26.36
CA SER A 148 -39.08 17.03 -26.71
C SER A 148 -38.79 15.60 -27.16
N SER A 149 -39.63 14.64 -26.80
CA SER A 149 -39.36 13.27 -27.19
C SER A 149 -39.38 13.10 -28.70
N VAL A 150 -40.34 13.73 -29.38
CA VAL A 150 -40.37 13.62 -30.83
C VAL A 150 -39.17 14.31 -31.45
N TRP A 151 -38.69 15.39 -30.84
CA TRP A 151 -37.46 16.01 -31.32
C TRP A 151 -36.31 15.02 -31.23
N PHE A 152 -36.18 14.34 -30.09
CA PHE A 152 -35.11 13.37 -29.94
C PHE A 152 -35.23 12.25 -30.97
N GLU A 153 -36.45 11.83 -31.26
CA GLU A 153 -36.63 10.78 -32.26
C GLU A 153 -36.24 11.26 -33.64
N MET A 154 -36.66 12.46 -34.03
CA MET A 154 -36.24 12.99 -35.31
C MET A 154 -34.73 13.11 -35.40
N MET A 155 -34.10 13.52 -34.30
CA MET A 155 -32.64 13.56 -34.27
C MET A 155 -32.04 12.19 -34.51
N ARG A 156 -32.58 11.16 -33.87
CA ARG A 156 -32.09 9.81 -34.14
C ARG A 156 -32.27 9.45 -35.62
N VAL A 157 -33.41 9.84 -36.19
CA VAL A 157 -33.69 9.49 -37.59
C VAL A 157 -32.65 10.12 -38.50
N TYR A 158 -32.56 11.44 -38.51
CA TYR A 158 -31.74 12.13 -39.50
C TYR A 158 -30.29 12.32 -39.06
N ASN A 159 -29.88 11.68 -37.97
CA ASN A 159 -28.48 11.63 -37.55
C ASN A 159 -27.90 12.99 -37.18
N TRP A 160 -28.73 14.02 -37.08
CA TRP A 160 -28.25 15.32 -36.62
C TRP A 160 -27.77 15.13 -35.20
N ASN A 161 -26.47 15.30 -34.98
CA ASN A 161 -25.87 15.03 -33.67
C ASN A 161 -25.08 16.21 -33.13
N HIS A 162 -25.46 17.42 -33.48
CA HIS A 162 -24.93 18.62 -32.85
C HIS A 162 -26.04 19.64 -32.86
N ILE A 163 -26.67 19.84 -31.70
CA ILE A 163 -27.90 20.62 -31.62
C ILE A 163 -27.71 21.79 -30.68
N ILE A 164 -28.14 22.96 -31.12
CA ILE A 164 -28.24 24.15 -30.29
C ILE A 164 -29.62 24.17 -29.67
N LEU A 165 -29.69 24.46 -28.39
CA LEU A 165 -30.96 24.50 -27.68
C LEU A 165 -31.20 25.91 -27.16
N LEU A 166 -32.07 26.64 -27.84
CA LEU A 166 -32.43 28.00 -27.45
C LEU A 166 -33.80 27.94 -26.80
N VAL A 167 -33.92 28.50 -25.59
CA VAL A 167 -35.13 28.39 -24.79
C VAL A 167 -35.34 29.67 -24.02
N SER A 168 -36.52 29.79 -23.40
CA SER A 168 -36.84 30.93 -22.56
C SER A 168 -36.52 30.62 -21.10
N ASP A 169 -36.85 31.57 -20.22
CA ASP A 169 -36.51 31.46 -18.81
C ASP A 169 -37.72 31.24 -17.92
N ASP A 170 -38.91 31.13 -18.50
CA ASP A 170 -40.07 30.72 -17.73
C ASP A 170 -39.86 29.31 -17.19
N HIS A 171 -40.67 28.95 -16.18
CA HIS A 171 -40.65 27.57 -15.70
C HIS A 171 -40.86 26.59 -16.83
N GLU A 172 -41.65 26.96 -17.84
CA GLU A 172 -41.84 26.09 -18.98
C GLU A 172 -40.52 25.78 -19.68
N GLY A 173 -39.71 26.82 -19.92
CA GLY A 173 -38.44 26.59 -20.57
C GLY A 173 -37.55 25.66 -19.79
N ARG A 174 -37.43 25.88 -18.49
CA ARG A 174 -36.57 25.02 -17.69
C ARG A 174 -37.10 23.59 -17.67
N ALA A 175 -38.41 23.41 -17.64
CA ALA A 175 -38.96 22.07 -17.70
C ALA A 175 -38.58 21.39 -19.00
N ALA A 176 -38.77 22.08 -20.12
CA ALA A 176 -38.42 21.50 -21.41
C ALA A 176 -36.94 21.15 -21.48
N GLN A 177 -36.08 22.06 -21.05
CA GLN A 177 -34.65 21.81 -21.07
C GLN A 177 -34.28 20.60 -20.23
N LYS A 178 -34.80 20.54 -19.01
CA LYS A 178 -34.46 19.43 -18.12
C LYS A 178 -34.94 18.11 -18.69
N ARG A 179 -36.16 18.07 -19.21
CA ARG A 179 -36.66 16.84 -19.80
C ARG A 179 -35.82 16.40 -20.98
N LEU A 180 -35.47 17.34 -21.87
CA LEU A 180 -34.69 16.97 -23.04
C LEU A 180 -33.32 16.44 -22.64
N GLU A 181 -32.67 17.10 -21.69
CA GLU A 181 -31.36 16.64 -21.26
C GLU A 181 -31.43 15.25 -20.64
N THR A 182 -32.36 15.05 -19.70
CA THR A 182 -32.46 13.73 -19.08
C THR A 182 -32.90 12.66 -20.07
N LEU A 183 -33.54 13.04 -21.17
CA LEU A 183 -33.86 12.06 -22.20
C LEU A 183 -32.63 11.68 -23.00
N LEU A 184 -31.89 12.68 -23.49
CA LEU A 184 -30.72 12.38 -24.29
C LEU A 184 -29.57 11.83 -23.47
N GLU A 185 -29.68 11.83 -22.14
CA GLU A 185 -28.60 11.31 -21.30
C GLU A 185 -28.65 9.78 -21.28
N GLU A 186 -28.49 9.20 -22.46
CA GLU A 186 -28.48 7.74 -22.59
C GLU A 186 -27.16 7.18 -22.07
N ARG A 187 -26.06 7.50 -22.75
CA ARG A 187 -24.69 7.23 -22.30
C ARG A 187 -24.56 5.88 -21.60
N GLU A 188 -25.01 4.83 -22.29
CA GLU A 188 -24.94 3.49 -21.72
C GLU A 188 -23.50 3.03 -21.54
N SER A 189 -22.76 2.92 -22.65
CA SER A 189 -21.35 2.54 -22.64
C SER A 189 -21.11 1.26 -21.85
N LYS A 190 -22.01 0.29 -22.03
CA LYS A 190 -21.93 -1.00 -21.34
C LYS A 190 -21.80 -0.84 -19.83
N ASN A 206 -19.77 3.24 -33.22
CA ASN A 206 -19.13 4.09 -34.20
C ASN A 206 -18.63 5.38 -33.55
N LYS A 207 -19.49 6.02 -32.77
CA LYS A 207 -19.16 7.27 -32.09
C LYS A 207 -20.18 7.50 -31.00
N ARG A 208 -20.02 8.62 -30.30
CA ARG A 208 -20.99 8.99 -29.27
C ARG A 208 -22.30 9.42 -29.92
N GLY A 209 -23.38 9.34 -29.13
CA GLY A 209 -24.67 9.69 -29.62
C GLY A 209 -24.83 11.20 -29.81
N PRO A 210 -26.02 11.61 -30.26
CA PRO A 210 -26.29 13.04 -30.41
C PRO A 210 -26.15 13.75 -29.07
N LYS A 211 -25.65 14.98 -29.11
CA LYS A 211 -25.33 15.72 -27.90
C LYS A 211 -25.54 17.20 -28.14
N ALA A 212 -26.15 17.87 -27.16
CA ALA A 212 -26.32 19.30 -27.25
C ALA A 212 -24.98 20.00 -27.17
N GLU A 213 -24.71 20.90 -28.12
CA GLU A 213 -23.46 21.64 -28.07
C GLU A 213 -23.47 22.65 -26.94
N LYS A 214 -24.60 23.32 -26.73
CA LYS A 214 -24.75 24.23 -25.62
C LYS A 214 -26.21 24.66 -25.55
N VAL A 215 -26.56 25.31 -24.45
CA VAL A 215 -27.89 25.85 -24.25
C VAL A 215 -27.77 27.35 -24.06
N LEU A 216 -28.87 28.05 -24.25
CA LEU A 216 -28.87 29.50 -24.14
C LEU A 216 -30.15 29.96 -23.46
N GLN A 217 -30.00 30.59 -22.31
CA GLN A 217 -31.12 31.17 -21.59
C GLN A 217 -31.58 32.42 -22.32
N PHE A 218 -32.76 32.90 -21.96
CA PHE A 218 -33.37 34.01 -22.66
C PHE A 218 -34.57 34.50 -21.87
N ASP A 219 -34.69 35.81 -21.73
CA ASP A 219 -35.62 36.47 -20.82
C ASP A 219 -36.96 36.71 -21.53
N PRO A 220 -38.08 36.29 -20.95
CA PRO A 220 -39.37 36.45 -21.61
C PRO A 220 -39.69 37.90 -21.92
N GLY A 221 -40.45 38.10 -23.01
CA GLY A 221 -40.97 39.40 -23.37
C GLY A 221 -39.97 40.44 -23.83
N THR A 222 -38.68 40.18 -23.68
CA THR A 222 -37.69 41.19 -24.00
C THR A 222 -37.44 41.25 -25.51
N LYS A 223 -37.15 42.44 -26.01
CA LYS A 223 -36.80 42.65 -27.39
C LYS A 223 -35.29 42.78 -27.55
N ASN A 224 -34.86 42.84 -28.81
CA ASN A 224 -33.44 42.92 -29.17
C ASN A 224 -32.64 41.78 -28.53
N VAL A 225 -33.07 40.56 -28.88
CA VAL A 225 -32.34 39.35 -28.49
C VAL A 225 -31.08 39.17 -29.32
N THR A 226 -30.88 40.02 -30.34
CA THR A 226 -29.81 39.85 -31.31
C THR A 226 -28.49 39.46 -30.66
N ALA A 227 -28.20 40.00 -29.48
CA ALA A 227 -26.98 39.61 -28.78
C ALA A 227 -26.88 38.10 -28.63
N LEU A 228 -28.00 37.44 -28.36
CA LEU A 228 -27.97 35.99 -28.16
C LEU A 228 -27.69 35.27 -29.47
N LEU A 229 -28.41 35.63 -30.53
CA LEU A 229 -28.16 35.00 -31.83
C LEU A 229 -26.73 35.20 -32.28
N MET A 230 -26.15 36.37 -32.00
CA MET A 230 -24.77 36.61 -32.38
C MET A 230 -23.82 35.68 -31.65
N GLU A 231 -24.13 35.30 -30.41
CA GLU A 231 -23.31 34.31 -29.73
C GLU A 231 -23.55 32.92 -30.31
N ALA A 232 -24.78 32.62 -30.68
CA ALA A 232 -25.11 31.31 -31.22
C ALA A 232 -24.53 31.07 -32.60
N ARG A 233 -24.26 32.13 -33.35
CA ARG A 233 -23.93 31.97 -34.77
C ARG A 233 -22.67 31.15 -34.96
N GLU A 234 -21.61 31.43 -34.21
CA GLU A 234 -20.28 30.94 -34.53
C GLU A 234 -20.03 29.52 -34.03
N LEU A 235 -21.08 28.78 -33.71
CA LEU A 235 -20.86 27.41 -33.30
C LEU A 235 -20.84 26.49 -34.52
N GLU A 236 -20.51 25.22 -34.29
CA GLU A 236 -20.47 24.28 -35.39
C GLU A 236 -21.86 23.95 -35.88
N ALA A 237 -22.80 23.74 -34.96
CA ALA A 237 -24.10 23.21 -35.32
C ALA A 237 -24.80 24.11 -36.33
N ARG A 238 -25.59 23.49 -37.20
CA ARG A 238 -26.40 24.20 -38.17
C ARG A 238 -27.89 24.05 -37.88
N VAL A 239 -28.24 23.48 -36.73
CA VAL A 239 -29.62 23.21 -36.38
C VAL A 239 -29.87 23.71 -34.97
N ILE A 240 -30.97 24.43 -34.79
CA ILE A 240 -31.34 24.96 -33.48
C ILE A 240 -32.74 24.47 -33.13
N ILE A 241 -33.11 24.65 -31.87
CA ILE A 241 -34.42 24.28 -31.37
C ILE A 241 -34.92 25.43 -30.51
N LEU A 242 -36.20 25.74 -30.64
CA LEU A 242 -36.78 26.88 -29.95
C LEU A 242 -38.04 26.45 -29.22
N SER A 243 -38.29 27.06 -28.07
CA SER A 243 -39.53 26.83 -27.34
C SER A 243 -39.78 28.04 -26.45
N ALA A 244 -40.76 28.86 -26.82
CA ALA A 244 -41.07 30.06 -26.07
C ALA A 244 -42.48 30.48 -26.45
N SER A 245 -42.90 31.64 -25.96
CA SER A 245 -44.22 32.12 -26.33
C SER A 245 -44.19 32.70 -27.74
N GLU A 246 -45.38 32.89 -28.30
CA GLU A 246 -45.50 33.26 -29.70
C GLU A 246 -44.96 34.65 -29.99
N ASP A 247 -45.17 35.62 -29.10
CA ASP A 247 -44.59 36.93 -29.32
C ASP A 247 -43.08 36.86 -29.35
N ASP A 248 -42.49 36.09 -28.42
CA ASP A 248 -41.05 35.89 -28.44
C ASP A 248 -40.62 35.20 -29.72
N ALA A 249 -41.44 34.26 -30.19
CA ALA A 249 -41.15 33.61 -31.46
C ALA A 249 -41.08 34.63 -32.58
N ALA A 250 -42.04 35.55 -32.64
CA ALA A 250 -42.00 36.59 -33.66
C ALA A 250 -40.75 37.44 -33.51
N THR A 251 -40.43 37.82 -32.27
CA THR A 251 -39.26 38.64 -32.03
C THR A 251 -38.00 37.98 -32.57
N VAL A 252 -37.74 36.74 -32.16
CA VAL A 252 -36.54 36.07 -32.62
C VAL A 252 -36.59 35.76 -34.10
N TYR A 253 -37.78 35.51 -34.66
CA TYR A 253 -37.87 35.32 -36.09
C TYR A 253 -37.37 36.54 -36.83
N ARG A 254 -37.88 37.71 -36.47
CA ARG A 254 -37.42 38.93 -37.12
C ARG A 254 -35.94 39.17 -36.87
N ALA A 255 -35.48 38.92 -35.65
CA ALA A 255 -34.07 39.12 -35.33
C ALA A 255 -33.18 38.25 -36.22
N ALA A 256 -33.55 36.99 -36.39
CA ALA A 256 -32.80 36.14 -37.30
C ALA A 256 -32.91 36.62 -38.74
N ALA A 257 -34.10 37.10 -39.13
CA ALA A 257 -34.27 37.63 -40.48
C ALA A 257 -33.32 38.78 -40.74
N MET A 258 -32.95 39.52 -39.70
CA MET A 258 -31.95 40.56 -39.88
C MET A 258 -30.56 39.97 -40.07
N LEU A 259 -30.25 38.88 -39.37
CA LEU A 259 -28.94 38.26 -39.45
C LEU A 259 -28.88 37.07 -40.39
N ASP A 260 -30.04 36.61 -40.87
CA ASP A 260 -30.15 35.45 -41.76
C ASP A 260 -29.42 34.23 -41.20
N MET A 261 -29.89 33.77 -40.06
CA MET A 261 -29.69 32.37 -39.70
C MET A 261 -30.66 31.47 -40.43
N THR A 262 -31.33 31.99 -41.46
CA THR A 262 -32.38 31.29 -42.17
C THR A 262 -31.93 30.77 -43.53
N GLY A 263 -30.70 31.04 -43.93
CA GLY A 263 -30.22 30.64 -45.23
C GLY A 263 -30.04 29.14 -45.36
N SER A 264 -29.45 28.74 -46.48
CA SER A 264 -29.19 27.34 -46.72
C SER A 264 -28.26 26.77 -45.65
N GLY A 265 -28.29 25.45 -45.51
CA GLY A 265 -27.54 24.77 -44.49
C GLY A 265 -28.15 24.85 -43.11
N TYR A 266 -28.89 25.92 -42.82
CA TYR A 266 -29.55 26.04 -41.53
C TYR A 266 -30.89 25.34 -41.57
N VAL A 267 -31.18 24.57 -40.54
CA VAL A 267 -32.49 23.96 -40.34
C VAL A 267 -32.85 24.12 -38.88
N TRP A 268 -34.14 24.20 -38.61
CA TRP A 268 -34.56 24.18 -37.21
C TRP A 268 -36.01 23.74 -37.11
N LEU A 269 -36.45 23.50 -35.88
CA LEU A 269 -37.75 22.94 -35.59
C LEU A 269 -38.24 23.49 -34.27
N VAL A 270 -39.55 23.61 -34.13
CA VAL A 270 -40.15 24.29 -33.00
C VAL A 270 -41.24 23.39 -32.41
N GLY A 271 -41.94 23.92 -31.42
CA GLY A 271 -43.08 23.27 -30.82
C GLY A 271 -44.35 23.54 -31.60
N GLU A 272 -45.46 23.64 -30.86
CA GLU A 272 -46.73 23.89 -31.55
C GLU A 272 -47.08 25.37 -31.59
N ARG A 273 -46.82 26.12 -30.53
CA ARG A 273 -47.28 27.49 -30.47
C ARG A 273 -46.29 28.48 -31.06
N GLU A 274 -45.29 28.01 -31.79
CA GLU A 274 -44.38 28.88 -32.51
C GLU A 274 -44.76 29.02 -33.97
N ILE A 275 -45.88 28.44 -34.38
CA ILE A 275 -46.29 28.46 -35.78
C ILE A 275 -47.73 28.90 -35.88
N SER A 276 -48.22 29.61 -34.87
CA SER A 276 -49.61 30.03 -34.85
C SER A 276 -49.69 31.50 -34.42
N GLY A 277 -50.84 32.10 -34.71
CA GLY A 277 -51.08 33.48 -34.33
C GLY A 277 -50.07 34.44 -34.91
N ASN A 278 -49.40 35.18 -34.05
CA ASN A 278 -48.40 36.14 -34.49
C ASN A 278 -47.15 35.48 -35.06
N ALA A 279 -47.14 34.15 -35.19
CA ALA A 279 -45.94 33.46 -35.67
C ALA A 279 -45.84 33.48 -37.19
N LEU A 280 -46.84 32.92 -37.88
CA LEU A 280 -46.76 32.75 -39.32
C LEU A 280 -46.47 34.04 -40.05
N ARG A 281 -46.83 35.20 -39.49
CA ARG A 281 -46.51 36.46 -40.12
C ARG A 281 -45.01 36.71 -40.18
N TYR A 282 -44.20 35.91 -39.52
CA TYR A 282 -42.76 36.13 -39.51
C TYR A 282 -41.94 34.86 -39.60
N ALA A 283 -42.56 33.71 -39.78
CA ALA A 283 -41.81 32.47 -39.82
C ALA A 283 -41.02 32.37 -41.12
N PRO A 284 -39.75 31.98 -41.08
CA PRO A 284 -39.02 31.77 -42.32
C PRO A 284 -39.56 30.56 -43.06
N ASP A 285 -39.74 30.74 -44.36
CA ASP A 285 -40.42 29.74 -45.17
C ASP A 285 -39.70 28.40 -45.09
N GLY A 286 -40.34 27.41 -44.47
CA GLY A 286 -39.85 26.06 -44.46
C GLY A 286 -39.52 25.47 -43.11
N ILE A 287 -39.92 26.09 -42.02
CA ILE A 287 -39.59 25.55 -40.71
C ILE A 287 -40.40 24.28 -40.47
N ILE A 288 -40.00 23.57 -39.43
CA ILE A 288 -40.69 22.35 -39.01
C ILE A 288 -41.40 22.62 -37.70
N GLY A 289 -42.70 22.31 -37.65
CA GLY A 289 -43.46 22.36 -36.43
C GLY A 289 -44.16 21.04 -36.20
N LEU A 290 -45.15 21.07 -35.31
CA LEU A 290 -45.95 19.90 -35.04
C LEU A 290 -47.14 20.28 -34.20
N GLN A 291 -48.19 19.45 -34.27
CA GLN A 291 -49.42 19.71 -33.55
C GLN A 291 -49.95 18.42 -32.97
N LEU A 292 -50.81 18.57 -31.96
CA LEU A 292 -51.50 17.43 -31.39
C LEU A 292 -52.42 16.80 -32.42
N ILE A 293 -52.59 15.48 -32.30
CA ILE A 293 -53.41 14.77 -33.29
C ILE A 293 -54.85 15.27 -33.26
N ASN A 294 -55.45 15.34 -32.08
CA ASN A 294 -56.84 15.76 -31.97
C ASN A 294 -56.97 17.25 -31.66
N GLY A 295 -56.30 17.73 -30.63
CA GLY A 295 -56.29 19.15 -30.37
C GLY A 295 -57.49 19.57 -29.54
N LYS A 296 -58.18 20.60 -30.00
CA LYS A 296 -59.17 21.31 -29.21
C LYS A 296 -60.60 20.88 -29.54
N ASN A 297 -60.80 19.61 -29.89
CA ASN A 297 -62.13 19.06 -30.12
C ASN A 297 -62.58 18.39 -28.84
N GLU A 298 -62.90 19.23 -27.85
CA GLU A 298 -63.07 18.79 -26.47
C GLU A 298 -64.24 17.83 -26.27
N SER A 299 -65.13 17.68 -27.25
CA SER A 299 -66.27 16.80 -27.04
C SER A 299 -65.84 15.34 -26.94
N ALA A 300 -64.96 14.92 -27.84
CA ALA A 300 -64.38 13.59 -27.71
C ALA A 300 -63.72 13.44 -26.35
N HIS A 301 -63.09 14.50 -25.87
CA HIS A 301 -62.51 14.46 -24.53
C HIS A 301 -63.56 14.26 -23.46
N ILE A 302 -64.70 14.95 -23.59
CA ILE A 302 -65.81 14.75 -22.67
C ILE A 302 -66.16 13.28 -22.61
N SER A 303 -66.35 12.68 -23.79
CA SER A 303 -66.72 11.28 -23.85
C SER A 303 -65.69 10.40 -23.18
N ASP A 304 -64.42 10.57 -23.54
CA ASP A 304 -63.36 9.75 -23.00
C ASP A 304 -63.29 9.88 -21.49
N ALA A 305 -63.39 11.12 -20.99
CA ALA A 305 -63.27 11.34 -19.55
C ALA A 305 -64.42 10.71 -18.80
N VAL A 306 -65.65 10.92 -19.24
CA VAL A 306 -66.77 10.34 -18.50
C VAL A 306 -66.68 8.82 -18.53
N GLY A 307 -66.25 8.26 -19.66
CA GLY A 307 -66.11 6.82 -19.73
C GLY A 307 -65.08 6.29 -18.75
N VAL A 308 -63.92 6.94 -18.69
CA VAL A 308 -62.87 6.42 -17.81
C VAL A 308 -63.23 6.64 -16.35
N VAL A 309 -63.88 7.75 -16.03
CA VAL A 309 -64.32 7.96 -14.64
C VAL A 309 -65.33 6.90 -14.22
N ALA A 310 -66.30 6.60 -15.09
CA ALA A 310 -67.24 5.54 -14.77
C ALA A 310 -66.53 4.21 -14.61
N GLN A 311 -65.64 3.88 -15.55
CA GLN A 311 -64.89 2.64 -15.49
C GLN A 311 -64.15 2.52 -14.17
N ALA A 312 -63.61 3.63 -13.67
CA ALA A 312 -62.86 3.57 -12.43
C ALA A 312 -63.79 3.45 -11.22
N VAL A 313 -64.87 4.22 -11.20
CA VAL A 313 -65.71 4.20 -10.00
C VAL A 313 -66.36 2.84 -9.83
N HIS A 314 -66.77 2.20 -10.93
CA HIS A 314 -67.38 0.89 -10.78
C HIS A 314 -66.37 -0.18 -10.39
N GLU A 315 -65.08 0.14 -10.37
CA GLU A 315 -64.08 -0.72 -9.73
C GLU A 315 -63.72 -0.25 -8.34
N LEU A 316 -64.07 1.00 -8.00
CA LEU A 316 -63.71 1.55 -6.70
C LEU A 316 -64.63 1.03 -5.60
N LEU A 317 -65.94 1.15 -5.80
CA LEU A 317 -66.93 1.15 -4.72
C LEU A 317 -66.87 -0.05 -3.79
N GLU A 318 -66.15 -1.10 -4.14
CA GLU A 318 -66.23 -2.35 -3.40
C GLU A 318 -65.07 -2.55 -2.43
N LYS A 319 -64.05 -1.70 -2.44
CA LYS A 319 -62.80 -2.08 -1.79
C LYS A 319 -62.92 -2.25 -0.28
N GLU A 320 -62.94 -1.17 0.50
CA GLU A 320 -63.26 -1.37 1.92
C GLU A 320 -64.11 -0.29 2.59
N ASN A 321 -63.73 0.98 2.45
CA ASN A 321 -64.18 2.00 3.39
C ASN A 321 -64.40 3.35 2.72
N ILE A 322 -65.03 3.37 1.55
CA ILE A 322 -65.27 4.65 0.88
C ILE A 322 -66.19 5.51 1.74
N THR A 323 -67.42 5.07 1.91
CA THR A 323 -68.38 5.50 2.93
C THR A 323 -68.88 6.93 2.81
N ASP A 324 -68.17 7.81 2.08
CA ASP A 324 -68.65 9.16 1.82
C ASP A 324 -67.63 9.96 1.03
N PRO A 325 -68.06 10.95 0.26
CA PRO A 325 -67.23 12.13 0.04
C PRO A 325 -67.63 13.22 1.00
N PRO A 326 -66.77 14.19 1.24
CA PRO A 326 -67.11 15.22 2.23
C PRO A 326 -68.26 16.10 1.78
N ARG A 327 -69.42 15.90 2.38
CA ARG A 327 -70.62 16.67 2.05
C ARG A 327 -70.47 18.05 2.65
N GLY A 328 -70.43 19.07 1.80
CA GLY A 328 -70.32 20.44 2.27
C GLY A 328 -68.93 20.98 2.02
N CYS A 329 -68.84 22.31 1.99
CA CYS A 329 -67.61 23.06 1.73
C CYS A 329 -67.44 24.14 2.78
N VAL A 330 -67.81 23.83 4.02
CA VAL A 330 -67.67 24.75 5.15
C VAL A 330 -67.70 23.92 6.42
N GLY A 331 -66.97 24.38 7.42
CA GLY A 331 -66.96 23.68 8.70
C GLY A 331 -66.17 22.39 8.70
N ASN A 332 -66.42 21.52 7.73
CA ASN A 332 -65.69 20.27 7.66
C ASN A 332 -64.25 20.52 7.26
N THR A 333 -63.36 20.63 8.25
CA THR A 333 -61.98 21.05 8.02
C THR A 333 -61.07 19.84 7.92
N ASN A 334 -61.62 18.76 7.41
CA ASN A 334 -60.86 17.53 7.30
C ASN A 334 -60.84 17.06 5.85
N ILE A 335 -60.03 16.05 5.59
CA ILE A 335 -59.78 15.57 4.24
C ILE A 335 -60.61 14.32 3.98
N TRP A 336 -60.90 14.09 2.72
CA TRP A 336 -61.62 12.88 2.32
C TRP A 336 -60.70 11.68 2.47
N LYS A 337 -60.95 10.87 3.48
CA LYS A 337 -60.03 9.82 3.89
C LYS A 337 -59.80 8.76 2.82
N THR A 338 -60.51 8.83 1.69
CA THR A 338 -60.30 7.86 0.64
C THR A 338 -59.83 8.48 -0.67
N GLY A 339 -59.68 9.80 -0.73
CA GLY A 339 -59.22 10.49 -1.91
C GLY A 339 -58.02 9.88 -2.59
N PRO A 340 -56.91 9.70 -1.85
CA PRO A 340 -55.69 9.17 -2.48
C PRO A 340 -55.88 7.83 -3.16
N LEU A 341 -56.64 6.91 -2.57
CA LEU A 341 -56.74 5.57 -3.13
C LEU A 341 -57.59 5.58 -4.39
N PHE A 342 -58.76 6.24 -4.34
CA PHE A 342 -59.57 6.38 -5.53
C PHE A 342 -58.79 7.08 -6.64
N LYS A 343 -58.03 8.10 -6.29
CA LYS A 343 -57.21 8.80 -7.29
C LYS A 343 -56.19 7.86 -7.91
N ARG A 344 -55.48 7.09 -7.10
CA ARG A 344 -54.44 6.23 -7.64
C ARG A 344 -55.02 5.14 -8.53
N VAL A 345 -56.08 4.49 -8.08
CA VAL A 345 -56.69 3.46 -8.91
C VAL A 345 -57.31 4.07 -10.17
N LEU A 346 -57.76 5.31 -10.11
CA LEU A 346 -58.18 6.00 -11.33
C LEU A 346 -56.98 6.19 -12.26
N MET A 347 -55.82 6.49 -11.68
CA MET A 347 -54.61 6.64 -12.49
C MET A 347 -54.27 5.35 -13.21
N SER A 348 -54.23 4.24 -12.46
CA SER A 348 -53.83 2.97 -13.06
C SER A 348 -54.89 2.39 -13.99
N SER A 349 -56.04 3.03 -14.12
CA SER A 349 -57.18 2.46 -14.85
C SER A 349 -56.91 2.49 -16.35
N LYS A 350 -56.54 1.34 -16.91
CA LYS A 350 -56.39 1.23 -18.36
C LYS A 350 -57.75 1.22 -19.02
N TYR A 351 -57.99 2.20 -19.89
CA TYR A 351 -59.27 2.35 -20.57
C TYR A 351 -59.36 1.33 -21.71
N ALA A 352 -60.58 1.10 -22.19
CA ALA A 352 -60.79 0.12 -23.25
C ALA A 352 -60.51 0.70 -24.63
N ASP A 353 -61.29 1.69 -25.03
CA ASP A 353 -61.17 2.31 -26.34
C ASP A 353 -61.96 3.61 -26.34
N GLY A 354 -61.27 4.73 -26.50
CA GLY A 354 -61.94 6.01 -26.57
C GLY A 354 -62.00 6.55 -27.98
N VAL A 355 -62.67 7.70 -28.11
CA VAL A 355 -62.71 8.40 -29.39
C VAL A 355 -61.31 8.80 -29.82
N THR A 356 -60.37 8.85 -28.87
CA THR A 356 -58.98 9.17 -29.15
C THR A 356 -58.07 7.95 -28.96
N GLY A 357 -58.53 6.78 -29.37
CA GLY A 357 -57.76 5.57 -29.22
C GLY A 357 -57.58 5.18 -27.78
N ARG A 358 -56.80 4.13 -27.57
CA ARG A 358 -56.51 3.67 -26.22
C ARG A 358 -55.75 4.73 -25.46
N VAL A 359 -56.32 5.18 -24.35
CA VAL A 359 -55.77 6.26 -23.55
C VAL A 359 -55.31 5.70 -22.22
N GLU A 360 -54.14 6.13 -21.77
CA GLU A 360 -53.54 5.65 -20.54
C GLU A 360 -52.72 6.79 -19.94
N PHE A 361 -52.52 6.75 -18.64
CA PHE A 361 -51.89 7.85 -17.94
C PHE A 361 -50.47 7.51 -17.53
N ASN A 362 -49.64 8.54 -17.49
CA ASN A 362 -48.24 8.40 -17.10
C ASN A 362 -48.13 8.22 -15.60
N GLU A 363 -46.90 8.21 -15.09
CA GLU A 363 -46.71 8.12 -13.64
C GLU A 363 -47.17 9.36 -12.91
N ASP A 364 -47.65 10.38 -13.62
CA ASP A 364 -48.07 11.63 -13.00
C ASP A 364 -49.47 12.07 -13.40
N GLY A 365 -50.19 11.26 -14.18
CA GLY A 365 -51.55 11.62 -14.55
C GLY A 365 -51.69 12.38 -15.85
N ASP A 366 -50.96 11.97 -16.89
CA ASP A 366 -51.00 12.63 -18.19
C ASP A 366 -51.13 11.59 -19.29
N ARG A 367 -51.95 11.90 -20.29
CA ARG A 367 -52.21 10.96 -21.36
C ARG A 367 -50.91 10.62 -22.08
N LYS A 368 -50.72 9.33 -22.36
CA LYS A 368 -49.53 8.88 -23.06
C LYS A 368 -49.88 8.41 -24.46
N PHE A 369 -48.82 8.14 -25.24
CA PHE A 369 -48.95 7.52 -26.56
C PHE A 369 -49.77 8.37 -27.53
N ALA A 370 -50.10 9.59 -27.15
CA ALA A 370 -50.85 10.46 -28.05
C ALA A 370 -50.06 10.69 -29.33
N GLN A 371 -50.78 10.93 -30.42
CA GLN A 371 -50.09 11.06 -31.69
C GLN A 371 -49.73 12.51 -31.97
N TYR A 372 -48.74 12.68 -32.83
CA TYR A 372 -48.30 13.99 -33.26
C TYR A 372 -48.15 13.99 -34.77
N SER A 373 -48.40 15.16 -35.36
CA SER A 373 -48.38 15.32 -36.81
C SER A 373 -47.32 16.34 -37.17
N ILE A 374 -46.31 15.92 -37.92
CA ILE A 374 -45.23 16.80 -38.31
C ILE A 374 -45.72 17.69 -39.43
N MET A 375 -45.35 18.96 -39.38
CA MET A 375 -45.73 19.91 -40.41
C MET A 375 -44.50 20.50 -41.09
N ASN A 376 -44.75 21.49 -41.94
CA ASN A 376 -43.70 22.24 -42.61
C ASN A 376 -44.31 23.53 -43.11
N LEU A 377 -43.50 24.58 -43.17
CA LEU A 377 -43.93 25.84 -43.77
C LEU A 377 -43.67 25.75 -45.26
N GLN A 378 -44.60 25.09 -45.96
CA GLN A 378 -44.49 24.89 -47.40
C GLN A 378 -44.81 26.21 -48.09
N ASN A 379 -43.92 27.17 -47.91
CA ASN A 379 -44.00 28.47 -48.59
C ASN A 379 -45.33 29.17 -48.28
N ARG A 380 -45.46 29.55 -47.00
CA ARG A 380 -46.63 30.25 -46.49
C ARG A 380 -47.84 29.33 -46.40
N LYS A 381 -47.60 28.05 -46.15
CA LYS A 381 -48.66 27.09 -45.96
C LYS A 381 -48.18 25.95 -45.07
N LEU A 382 -49.12 25.33 -44.38
CA LEU A 382 -48.84 24.19 -43.52
C LEU A 382 -49.29 22.92 -44.21
N VAL A 383 -48.62 21.81 -43.95
CA VAL A 383 -48.96 20.53 -44.55
C VAL A 383 -48.43 19.40 -43.69
N GLN A 384 -49.28 18.42 -43.41
CA GLN A 384 -48.84 17.21 -42.74
C GLN A 384 -47.83 16.50 -43.62
N VAL A 385 -46.59 16.41 -43.14
CA VAL A 385 -45.53 15.73 -43.87
C VAL A 385 -45.18 14.39 -43.26
N GLY A 386 -45.76 14.06 -42.12
CA GLY A 386 -45.50 12.81 -41.45
C GLY A 386 -46.21 12.80 -40.11
N ILE A 387 -46.55 11.62 -39.62
CA ILE A 387 -47.29 11.48 -38.38
C ILE A 387 -46.43 10.70 -37.40
N TYR A 388 -46.53 11.04 -36.12
CA TYR A 388 -45.77 10.37 -35.07
C TYR A 388 -46.73 9.51 -34.27
N ASN A 389 -46.76 8.21 -34.58
CA ASN A 389 -47.67 7.27 -33.93
C ASN A 389 -47.04 6.77 -32.65
N GLY A 390 -47.24 7.55 -31.58
CA GLY A 390 -46.92 7.08 -30.25
C GLY A 390 -45.43 6.97 -29.98
N THR A 391 -44.80 6.02 -30.65
CA THR A 391 -43.34 5.94 -30.71
C THR A 391 -42.82 5.76 -32.12
N HIS A 392 -43.61 5.17 -33.02
CA HIS A 392 -43.24 5.16 -34.42
C HIS A 392 -43.30 6.58 -34.97
N VAL A 393 -42.29 6.96 -35.73
CA VAL A 393 -42.33 8.17 -36.55
C VAL A 393 -42.52 7.73 -38.00
N ILE A 394 -43.55 8.25 -38.64
CA ILE A 394 -43.95 7.72 -39.94
C ILE A 394 -43.85 8.81 -41.00
N PRO A 395 -42.69 8.98 -41.63
CA PRO A 395 -42.63 9.87 -42.79
C PRO A 395 -43.31 9.23 -43.97
N ASN A 396 -44.51 9.69 -44.30
CA ASN A 396 -45.32 9.05 -45.33
C ASN A 396 -45.95 10.08 -46.24
N ASP A 397 -45.17 11.07 -46.66
CA ASP A 397 -45.68 12.13 -47.51
C ASP A 397 -44.60 12.48 -48.54
N ARG A 398 -44.84 13.55 -49.28
CA ARG A 398 -44.05 13.84 -50.47
C ARG A 398 -42.59 14.14 -50.18
N LYS A 399 -42.31 15.25 -49.51
CA LYS A 399 -40.93 15.69 -49.37
C LYS A 399 -40.88 16.89 -48.44
N ILE A 400 -39.84 16.92 -47.61
CA ILE A 400 -39.55 18.05 -46.75
C ILE A 400 -38.83 19.10 -47.58
N ILE A 401 -39.07 20.37 -47.28
CA ILE A 401 -38.49 21.48 -48.03
C ILE A 401 -37.70 22.34 -47.06
N TRP A 402 -36.43 22.27 -47.15
CA TRP A 402 -35.69 22.93 -46.08
C TRP A 402 -35.51 24.42 -46.36
N PRO A 403 -35.15 25.20 -45.35
CA PRO A 403 -35.33 26.66 -45.45
C PRO A 403 -34.70 27.31 -46.67
N GLY A 404 -33.40 27.12 -46.88
CA GLY A 404 -32.73 27.81 -47.97
C GLY A 404 -33.30 27.51 -49.35
N GLY A 405 -34.28 26.62 -49.43
CA GLY A 405 -34.84 26.21 -50.70
C GLY A 405 -34.28 24.92 -51.23
N GLU A 406 -33.29 24.33 -50.56
CA GLU A 406 -32.67 23.11 -51.04
C GLU A 406 -33.63 21.94 -50.93
N THR A 407 -33.15 20.76 -51.32
CA THR A 407 -33.97 19.57 -51.33
C THR A 407 -33.27 18.35 -50.75
N GLU A 408 -32.01 18.46 -50.37
CA GLU A 408 -31.32 17.38 -49.70
C GLU A 408 -31.35 17.61 -48.20
N LYS A 409 -31.44 16.52 -47.44
CA LYS A 409 -31.44 16.64 -46.00
C LYS A 409 -30.07 17.07 -45.53
N PRO A 410 -29.88 18.33 -45.14
CA PRO A 410 -28.53 18.80 -44.83
C PRO A 410 -28.04 18.25 -43.51
N ARG A 411 -26.73 18.17 -43.39
CA ARG A 411 -26.13 17.80 -42.12
C ARG A 411 -25.60 19.04 -41.44
N GLY A 412 -25.64 19.03 -40.11
CA GLY A 412 -25.11 20.12 -39.33
C GLY A 412 -23.63 19.97 -39.11
N TYR A 413 -23.08 20.88 -38.33
CA TYR A 413 -21.69 20.84 -37.90
C TYR A 413 -20.73 20.85 -39.10
N GLN A 414 -20.76 21.96 -39.84
CA GLN A 414 -19.70 22.23 -40.80
C GLN A 414 -18.49 22.70 -40.01
N MET A 415 -17.60 21.77 -39.66
CA MET A 415 -16.55 22.06 -38.71
C MET A 415 -15.68 23.21 -39.19
N SER A 416 -15.19 23.99 -38.24
CA SER A 416 -14.42 25.18 -38.56
C SER A 416 -13.12 24.77 -39.25
N THR A 417 -12.76 25.47 -40.32
CA THR A 417 -11.44 25.30 -40.89
C THR A 417 -10.43 26.22 -40.23
N ARG A 418 -10.88 27.39 -39.79
CA ARG A 418 -10.01 28.29 -39.05
C ARG A 418 -9.92 27.83 -37.61
N LEU A 419 -8.72 27.86 -37.05
CA LEU A 419 -8.48 27.50 -35.68
C LEU A 419 -8.05 28.72 -34.88
N LYS A 420 -7.66 28.49 -33.63
CA LYS A 420 -7.17 29.56 -32.77
C LYS A 420 -6.23 28.92 -31.77
N ILE A 421 -4.97 29.35 -31.79
CA ILE A 421 -3.91 28.65 -31.07
C ILE A 421 -3.32 29.58 -30.03
N VAL A 422 -2.99 29.03 -28.87
CA VAL A 422 -2.33 29.77 -27.81
C VAL A 422 -0.95 29.17 -27.61
N THR A 423 -0.05 29.95 -27.02
CA THR A 423 1.34 29.55 -26.87
C THR A 423 2.00 30.49 -25.85
N ILE A 424 3.08 30.03 -25.23
CA ILE A 424 3.78 30.78 -24.20
C ILE A 424 5.22 30.96 -24.64
N HIS A 425 5.78 32.12 -24.28
CA HIS A 425 7.15 32.46 -24.63
C HIS A 425 8.13 31.58 -23.86
N GLN A 426 8.77 30.65 -24.55
CA GLN A 426 9.75 29.77 -23.93
C GLN A 426 10.92 29.60 -24.87
N GLU A 427 12.12 29.82 -24.36
CA GLU A 427 13.26 30.11 -25.22
C GLU A 427 13.51 29.07 -26.31
N PRO A 428 13.91 27.84 -26.01
CA PRO A 428 14.33 26.94 -27.07
C PRO A 428 13.19 26.30 -27.83
N PHE A 429 11.96 26.74 -27.60
CA PHE A 429 10.81 26.18 -28.31
C PHE A 429 9.96 27.22 -28.98
N VAL A 430 9.82 28.41 -28.41
CA VAL A 430 9.05 29.49 -29.02
C VAL A 430 9.75 30.81 -28.72
N TYR A 431 10.25 31.47 -29.76
CA TYR A 431 10.94 32.74 -29.61
C TYR A 431 9.98 33.88 -29.86
N VAL A 432 10.25 35.03 -29.26
CA VAL A 432 9.43 36.22 -29.44
C VAL A 432 10.33 37.36 -29.84
N LYS A 433 10.12 37.88 -31.05
CA LYS A 433 10.93 38.98 -31.57
C LYS A 433 10.04 40.08 -32.10
N PRO A 434 10.41 41.33 -31.87
CA PRO A 434 9.60 42.45 -32.36
C PRO A 434 9.69 42.60 -33.86
N THR A 435 8.60 43.05 -34.45
CA THR A 435 8.54 43.23 -35.90
C THR A 435 9.36 44.44 -36.31
N MET A 436 9.71 44.47 -37.59
CA MET A 436 10.31 45.67 -38.17
C MET A 436 9.20 46.65 -38.48
N SER A 437 9.56 47.92 -38.72
CA SER A 437 8.55 48.95 -38.94
C SER A 437 7.70 48.68 -40.17
N ASP A 438 8.16 47.83 -41.08
CA ASP A 438 7.36 47.47 -42.25
C ASP A 438 6.16 46.61 -41.91
N GLY A 439 6.01 46.20 -40.65
CA GLY A 439 4.89 45.38 -40.23
C GLY A 439 5.28 43.97 -39.90
N THR A 440 6.15 43.38 -40.72
CA THR A 440 6.70 42.06 -40.43
C THR A 440 8.02 42.21 -39.69
N CYS A 441 8.67 41.08 -39.44
CA CYS A 441 10.04 41.06 -38.99
C CYS A 441 10.91 40.40 -40.05
N LYS A 442 12.08 40.97 -40.26
CA LYS A 442 12.92 40.59 -41.38
C LYS A 442 13.34 39.13 -41.28
N GLU A 443 13.39 38.48 -42.43
CA GLU A 443 13.78 37.08 -42.47
C GLU A 443 15.26 36.93 -42.14
N GLU A 444 15.72 35.69 -42.17
CA GLU A 444 17.13 35.39 -42.01
C GLU A 444 17.36 33.98 -42.55
N PHE A 445 18.54 33.45 -42.30
CA PHE A 445 18.91 32.14 -42.82
C PHE A 445 19.67 31.35 -41.78
N THR A 446 19.51 30.04 -41.84
CA THR A 446 20.19 29.13 -40.92
C THR A 446 21.67 29.06 -41.29
N VAL A 447 22.40 28.18 -40.60
CA VAL A 447 23.80 27.97 -40.95
C VAL A 447 23.93 27.50 -42.39
N ASN A 448 22.97 26.68 -42.84
CA ASN A 448 22.93 26.22 -44.22
C ASN A 448 22.21 27.21 -45.13
N GLY A 449 21.99 28.43 -44.66
CA GLY A 449 21.26 29.39 -45.47
C GLY A 449 19.81 29.06 -45.70
N ASP A 450 19.21 28.25 -44.84
CA ASP A 450 17.83 27.83 -45.05
C ASP A 450 16.88 28.91 -44.54
N PRO A 451 15.72 29.07 -45.18
CA PRO A 451 14.78 30.11 -44.77
C PRO A 451 14.07 29.72 -43.48
N VAL A 452 14.33 30.48 -42.42
CA VAL A 452 13.67 30.27 -41.14
C VAL A 452 12.21 30.70 -41.27
N LYS A 453 11.30 29.78 -41.04
CA LYS A 453 9.89 30.14 -41.04
C LYS A 453 9.58 31.02 -39.85
N LYS A 454 8.69 31.99 -40.05
CA LYS A 454 8.23 32.85 -38.99
C LYS A 454 6.74 33.11 -39.18
N VAL A 455 6.09 33.54 -38.11
CA VAL A 455 4.67 33.81 -38.14
C VAL A 455 4.37 35.00 -37.23
N ILE A 456 3.30 35.71 -37.57
CA ILE A 456 2.90 36.90 -36.84
C ILE A 456 2.03 36.48 -35.68
N CYS A 457 2.43 36.86 -34.47
CA CYS A 457 1.75 36.43 -33.25
C CYS A 457 1.53 37.62 -32.34
N THR A 458 0.27 37.97 -32.13
CA THR A 458 -0.10 39.10 -31.28
C THR A 458 0.00 38.69 -29.81
N GLY A 459 -0.60 39.47 -28.92
CA GLY A 459 -0.62 39.11 -27.52
C GLY A 459 -0.20 40.19 -26.54
N PRO A 460 0.94 39.97 -25.89
CA PRO A 460 1.23 40.67 -24.63
C PRO A 460 1.33 42.16 -24.82
N ASN A 461 1.35 42.87 -23.69
CA ASN A 461 1.43 44.32 -23.67
C ASN A 461 2.80 44.85 -24.04
N ASP A 462 3.71 43.99 -24.51
CA ASP A 462 5.11 44.32 -24.77
C ASP A 462 5.83 44.51 -23.45
N THR A 463 5.06 44.55 -22.36
CA THR A 463 5.59 44.68 -21.01
C THR A 463 4.54 44.15 -20.05
N SER A 464 4.80 43.00 -19.46
CA SER A 464 3.84 42.39 -18.54
C SER A 464 3.83 43.03 -17.16
N PRO A 465 5.00 43.31 -16.53
CA PRO A 465 4.96 43.84 -15.15
C PRO A 465 4.27 45.18 -15.01
N GLY A 466 4.71 46.20 -15.75
CA GLY A 466 4.06 47.49 -15.68
C GLY A 466 3.59 48.02 -17.03
N SER A 467 2.26 48.01 -17.24
CA SER A 467 1.63 48.48 -18.46
C SER A 467 0.12 48.39 -18.27
N PRO A 468 -0.67 49.25 -18.93
CA PRO A 468 -2.12 49.03 -18.92
C PRO A 468 -2.49 47.76 -19.67
N ARG A 469 -2.21 47.76 -20.99
CA ARG A 469 -2.11 46.67 -21.95
C ARG A 469 -1.69 47.29 -23.27
N HIS A 470 -0.95 46.53 -24.06
CA HIS A 470 -0.66 46.91 -25.45
C HIS A 470 -0.71 45.63 -26.27
N THR A 471 -1.89 45.28 -26.76
CA THR A 471 -2.03 44.07 -27.55
C THR A 471 -1.37 44.33 -28.90
N VAL A 472 -0.05 44.12 -28.94
CA VAL A 472 0.75 44.54 -30.09
C VAL A 472 1.13 43.33 -30.92
N PRO A 473 1.28 43.47 -32.23
CA PRO A 473 1.73 42.34 -33.05
C PRO A 473 3.21 42.10 -32.86
N GLN A 474 3.54 40.83 -32.68
CA GLN A 474 4.91 40.35 -32.58
C GLN A 474 5.17 39.40 -33.74
N CYS A 475 6.31 38.72 -33.70
CA CYS A 475 6.53 37.63 -34.64
C CYS A 475 7.24 36.48 -33.92
N CYS A 476 6.73 35.28 -34.15
CA CYS A 476 7.16 34.08 -33.46
C CYS A 476 7.88 33.15 -34.42
N TYR A 477 8.74 32.30 -33.86
CA TYR A 477 9.38 31.23 -34.60
C TYR A 477 10.05 30.31 -33.60
N GLY A 478 9.89 29.01 -33.80
CA GLY A 478 10.41 28.05 -32.85
C GLY A 478 10.18 26.63 -33.29
N PHE A 479 10.82 25.71 -32.56
CA PHE A 479 10.56 24.28 -32.73
C PHE A 479 9.08 24.00 -32.90
N CYS A 480 8.29 24.42 -31.91
CA CYS A 480 6.86 24.24 -31.98
C CYS A 480 6.27 24.89 -33.21
N ILE A 481 6.81 26.04 -33.62
CA ILE A 481 6.27 26.71 -34.80
C ILE A 481 6.49 25.84 -36.04
N ASP A 482 7.69 25.27 -36.17
CA ASP A 482 7.94 24.36 -37.28
C ASP A 482 6.95 23.20 -37.26
N LEU A 483 6.78 22.59 -36.08
CA LEU A 483 5.87 21.46 -36.00
C LEU A 483 4.46 21.86 -36.37
N LEU A 484 4.03 23.03 -35.92
CA LEU A 484 2.70 23.51 -36.27
C LEU A 484 2.56 23.70 -37.76
N ILE A 485 3.58 24.25 -38.40
CA ILE A 485 3.53 24.45 -39.85
C ILE A 485 3.34 23.12 -40.56
N LYS A 486 4.20 22.15 -40.24
CA LYS A 486 4.10 20.85 -40.88
C LYS A 486 2.74 20.22 -40.63
N LEU A 487 2.29 20.26 -39.39
CA LEU A 487 1.00 19.68 -39.03
C LEU A 487 -0.11 20.30 -39.86
N ALA A 488 -0.15 21.62 -39.92
CA ALA A 488 -1.20 22.30 -40.67
C ALA A 488 -1.17 21.92 -42.14
N ARG A 489 0.01 21.95 -42.75
CA ARG A 489 0.11 21.51 -44.13
C ARG A 489 -0.39 20.08 -44.30
N THR A 490 -0.27 19.27 -43.26
CA THR A 490 -0.73 17.90 -43.37
C THR A 490 -2.23 17.78 -43.15
N MET A 491 -2.88 18.84 -42.65
CA MET A 491 -4.26 18.71 -42.23
C MET A 491 -5.15 19.88 -42.66
N GLN A 492 -4.64 20.82 -43.46
CA GLN A 492 -5.45 21.89 -44.03
C GLN A 492 -6.12 22.73 -42.94
N PHE A 493 -5.29 23.42 -42.19
CA PHE A 493 -5.78 24.37 -41.20
C PHE A 493 -5.69 25.79 -41.76
N THR A 494 -6.06 26.73 -40.91
CA THR A 494 -5.79 28.14 -41.05
C THR A 494 -5.97 28.73 -39.67
N TYR A 495 -5.10 29.66 -39.29
CA TYR A 495 -4.99 29.94 -37.88
C TYR A 495 -4.44 31.34 -37.65
N GLU A 496 -4.28 31.65 -36.38
CA GLU A 496 -3.59 32.85 -35.93
C GLU A 496 -3.13 32.61 -34.51
N VAL A 497 -1.87 32.89 -34.26
CA VAL A 497 -1.23 32.59 -32.99
C VAL A 497 -1.27 33.84 -32.13
N HIS A 498 -1.56 33.67 -30.85
CA HIS A 498 -1.49 34.77 -29.92
C HIS A 498 -0.96 34.26 -28.58
N LEU A 499 -0.01 35.00 -28.03
CA LEU A 499 0.57 34.61 -26.76
C LEU A 499 -0.47 34.70 -25.65
N VAL A 500 -0.16 34.07 -24.52
CA VAL A 500 -1.08 34.07 -23.40
C VAL A 500 -1.07 35.44 -22.72
N ALA A 501 -2.05 35.66 -21.86
CA ALA A 501 -2.24 36.99 -21.31
C ALA A 501 -1.35 37.27 -20.10
N ASP A 502 -0.95 36.24 -19.37
CA ASP A 502 -0.28 36.46 -18.08
C ASP A 502 0.90 35.53 -17.84
N GLY A 503 1.49 34.95 -18.88
CA GLY A 503 2.75 34.25 -18.75
C GLY A 503 2.72 32.94 -18.02
N LYS A 504 1.68 32.66 -17.23
CA LYS A 504 1.68 31.46 -16.41
C LYS A 504 1.22 30.25 -17.23
N PHE A 505 1.84 29.11 -16.96
CA PHE A 505 1.44 27.88 -17.62
C PHE A 505 0.00 27.52 -17.26
N GLY A 506 -0.24 27.20 -16.00
CA GLY A 506 -1.58 26.88 -15.56
C GLY A 506 -1.65 25.94 -14.38
N THR A 507 -2.55 26.22 -13.45
CA THR A 507 -2.81 25.35 -12.33
C THR A 507 -4.18 25.69 -11.77
N GLN A 508 -4.69 24.82 -10.91
CA GLN A 508 -6.00 25.06 -10.33
C GLN A 508 -5.89 25.98 -9.12
N GLU A 509 -6.93 26.77 -8.91
CA GLU A 509 -6.96 27.79 -7.86
C GLU A 509 -8.41 28.09 -7.52
N ARG A 510 -8.66 28.37 -6.24
CA ARG A 510 -9.92 28.95 -5.80
C ARG A 510 -9.70 30.45 -5.64
N VAL A 511 -10.40 31.23 -6.45
CA VAL A 511 -10.20 32.68 -6.48
C VAL A 511 -10.69 33.27 -5.16
N GLN A 512 -10.32 34.53 -4.91
CA GLN A 512 -10.81 35.24 -3.75
C GLN A 512 -12.18 35.84 -4.02
N ASN A 513 -12.97 35.97 -2.95
CA ASN A 513 -14.31 36.55 -3.01
C ASN A 513 -15.23 35.74 -3.92
N SER A 514 -15.06 34.41 -3.89
CA SER A 514 -15.95 33.51 -4.60
C SER A 514 -15.72 32.10 -4.09
N ASN A 515 -16.52 31.17 -4.61
CA ASN A 515 -16.38 29.77 -4.26
C ASN A 515 -15.89 28.90 -5.41
N LYS A 516 -16.13 29.33 -6.65
CA LYS A 516 -15.78 28.52 -7.81
C LYS A 516 -14.27 28.48 -7.99
N LYS A 517 -13.69 27.29 -7.85
CA LYS A 517 -12.28 27.11 -8.12
C LYS A 517 -12.04 27.13 -9.63
N GLU A 518 -11.01 27.84 -10.05
CA GLU A 518 -10.83 28.17 -11.45
C GLU A 518 -9.48 27.70 -11.96
N TRP A 519 -9.45 27.35 -13.24
CA TRP A 519 -8.21 27.00 -13.91
C TRP A 519 -7.45 28.26 -14.27
N ASN A 520 -6.22 28.37 -13.81
CA ASN A 520 -5.45 29.58 -14.00
C ASN A 520 -4.84 29.62 -15.39
N GLY A 521 -4.46 30.83 -15.80
CA GLY A 521 -3.55 31.01 -16.91
C GLY A 521 -3.96 30.31 -18.20
N MET A 522 -2.95 29.81 -18.91
CA MET A 522 -3.14 29.32 -20.27
C MET A 522 -4.14 28.17 -20.32
N MET A 523 -4.06 27.24 -19.36
CA MET A 523 -5.06 26.19 -19.29
C MET A 523 -6.46 26.79 -19.25
N GLY A 524 -6.64 27.85 -18.48
CA GLY A 524 -7.92 28.52 -18.46
C GLY A 524 -8.27 29.16 -19.79
N GLU A 525 -7.30 29.82 -20.43
CA GLU A 525 -7.57 30.41 -21.72
C GLU A 525 -8.01 29.35 -22.73
N LEU A 526 -7.62 28.10 -22.52
CA LEU A 526 -8.13 27.04 -23.36
C LEU A 526 -9.52 26.61 -22.93
N LEU A 527 -9.70 26.36 -21.65
CA LEU A 527 -10.93 25.73 -21.19
C LEU A 527 -12.11 26.68 -21.18
N SER A 528 -11.87 27.99 -21.22
CA SER A 528 -12.95 28.95 -21.21
C SER A 528 -13.60 29.09 -22.59
N GLY A 529 -12.79 29.07 -23.64
CA GLY A 529 -13.31 29.20 -24.98
C GLY A 529 -12.44 30.08 -25.85
N GLN A 530 -11.40 30.66 -25.26
CA GLN A 530 -10.54 31.58 -25.99
C GLN A 530 -9.61 30.88 -26.97
N ALA A 531 -9.52 29.56 -26.95
CA ALA A 531 -8.60 28.86 -27.85
C ALA A 531 -9.19 27.51 -28.21
N ASP A 532 -8.61 26.90 -29.23
CA ASP A 532 -9.02 25.58 -29.69
C ASP A 532 -7.90 24.58 -29.65
N MET A 533 -6.72 24.98 -29.17
CA MET A 533 -5.56 24.11 -29.15
C MET A 533 -4.46 24.87 -28.42
N ILE A 534 -3.51 24.13 -27.87
CA ILE A 534 -2.43 24.70 -27.08
C ILE A 534 -1.14 24.00 -27.48
N VAL A 535 -0.37 24.64 -28.34
CA VAL A 535 0.89 24.09 -28.81
C VAL A 535 2.00 24.83 -28.08
N ALA A 536 2.68 24.13 -27.19
CA ALA A 536 3.70 24.71 -26.33
C ALA A 536 4.40 23.58 -25.59
N PRO A 537 5.45 23.84 -24.87
CA PRO A 537 6.01 22.81 -23.99
C PRO A 537 5.12 22.56 -22.79
N LEU A 538 4.09 21.74 -22.95
CA LEU A 538 3.14 21.44 -21.90
C LEU A 538 3.41 20.06 -21.33
N THR A 539 3.50 19.95 -20.01
CA THR A 539 3.74 18.67 -19.38
C THR A 539 2.48 17.82 -19.40
N ILE A 540 2.61 16.60 -18.90
CA ILE A 540 1.51 15.63 -18.89
C ILE A 540 1.38 15.11 -17.47
N ASN A 541 0.21 15.28 -16.87
CA ASN A 541 -0.03 14.71 -15.56
C ASN A 541 -1.52 14.74 -15.28
N ASN A 542 -1.99 13.77 -14.49
CA ASN A 542 -3.41 13.53 -14.34
C ASN A 542 -4.19 14.75 -13.88
N GLU A 543 -3.55 15.66 -13.13
CA GLU A 543 -4.23 16.89 -12.75
C GLU A 543 -4.77 17.62 -13.97
N ARG A 544 -3.93 17.82 -14.98
CA ARG A 544 -4.43 18.39 -16.22
C ARG A 544 -5.33 17.41 -16.96
N ALA A 545 -4.99 16.12 -16.93
CA ALA A 545 -5.65 15.14 -17.78
C ALA A 545 -7.09 14.88 -17.39
N GLN A 546 -7.61 15.55 -16.38
CA GLN A 546 -9.02 15.39 -16.06
C GLN A 546 -9.89 16.15 -17.05
N TYR A 547 -9.48 17.36 -17.43
CA TYR A 547 -10.32 18.24 -18.20
C TYR A 547 -9.89 18.41 -19.64
N ILE A 548 -8.69 17.96 -20.00
CA ILE A 548 -8.14 18.18 -21.33
C ILE A 548 -7.88 16.82 -21.95
N GLU A 549 -7.82 16.77 -23.26
CA GLU A 549 -7.34 15.59 -23.95
C GLU A 549 -5.96 15.83 -24.50
N PHE A 550 -5.07 14.87 -24.29
CA PHE A 550 -3.69 14.98 -24.71
C PHE A 550 -3.40 14.10 -25.91
N SER A 551 -2.49 14.55 -26.75
CA SER A 551 -1.99 13.73 -27.84
C SER A 551 -0.95 12.76 -27.29
N LYS A 552 -0.36 11.97 -28.18
CA LYS A 552 0.80 11.21 -27.78
C LYS A 552 1.95 12.16 -27.54
N PRO A 553 2.93 11.77 -26.75
CA PRO A 553 4.06 12.67 -26.49
C PRO A 553 4.88 12.85 -27.74
N PHE A 554 5.39 14.06 -27.93
CA PHE A 554 6.24 14.35 -29.06
C PHE A 554 7.67 14.68 -28.67
N LYS A 555 7.99 14.69 -27.38
CA LYS A 555 9.38 14.78 -26.94
C LYS A 555 9.45 14.35 -25.49
N TYR A 556 10.16 13.25 -25.21
CA TYR A 556 10.28 12.79 -23.85
C TYR A 556 11.35 13.58 -23.11
N GLN A 557 11.23 13.61 -21.78
CA GLN A 557 12.11 14.44 -20.97
C GLN A 557 11.94 14.04 -19.52
N GLY A 558 12.51 14.84 -18.62
CA GLY A 558 12.31 14.67 -17.20
C GLY A 558 12.48 15.97 -16.44
N LEU A 559 12.89 15.89 -15.18
CA LEU A 559 13.22 17.07 -14.40
C LEU A 559 14.65 16.96 -13.90
N THR A 560 15.26 18.10 -13.62
CA THR A 560 16.65 18.13 -13.20
C THR A 560 16.95 19.49 -12.58
N ILE A 561 18.17 19.65 -12.09
CA ILE A 561 18.55 20.82 -11.31
C ILE A 561 19.71 21.51 -12.01
N LEU A 562 19.71 22.83 -11.98
CA LEU A 562 20.78 23.65 -12.53
C LEU A 562 21.45 24.44 -11.43
N VAL A 563 22.77 24.57 -11.50
CA VAL A 563 23.55 25.31 -10.53
C VAL A 563 24.77 25.89 -11.23
N LYS A 564 25.27 27.00 -10.70
CA LYS A 564 26.41 27.67 -11.33
C LYS A 564 27.69 26.88 -11.12
N LYS A 565 28.59 26.99 -12.10
CA LYS A 565 29.89 26.35 -12.05
C LYS A 565 30.94 27.37 -11.67
N GLU A 566 31.85 26.99 -10.78
CA GLU A 566 32.86 27.89 -10.25
C GLU A 566 34.25 27.27 -10.41
N ILE A 567 35.18 28.07 -10.94
CA ILE A 567 36.57 27.70 -11.16
C ILE A 567 37.46 27.85 -9.92
N PRO A 568 37.25 28.84 -9.05
CA PRO A 568 38.39 29.52 -8.40
C PRO A 568 39.40 28.60 -7.74
N ARG A 569 40.67 28.93 -7.95
CA ARG A 569 41.76 28.26 -7.26
C ARG A 569 41.82 28.70 -5.81
N SER A 570 42.84 28.23 -5.09
CA SER A 570 43.04 28.56 -3.69
C SER A 570 44.50 28.93 -3.39
N THR A 571 45.08 29.80 -4.21
CA THR A 571 46.39 30.34 -3.89
C THR A 571 46.27 31.50 -2.90
N LEU A 572 46.98 31.38 -1.77
CA LEU A 572 46.92 32.42 -0.74
C LEU A 572 48.20 32.31 0.09
N ASP A 573 49.08 33.31 -0.06
CA ASP A 573 50.38 33.35 0.60
C ASP A 573 51.06 31.97 0.53
N SER A 574 51.25 31.54 -0.72
CA SER A 574 51.72 30.19 -0.99
C SER A 574 52.95 29.83 -0.19
N PHE A 575 53.89 30.76 -0.05
CA PHE A 575 55.08 30.48 0.76
C PHE A 575 54.76 30.42 2.24
N MET A 576 53.60 30.94 2.65
CA MET A 576 53.31 31.10 4.07
C MET A 576 52.29 30.12 4.62
N GLN A 577 51.38 29.60 3.79
CA GLN A 577 50.30 28.76 4.28
C GLN A 577 50.81 27.48 4.94
N PRO A 578 51.77 26.75 4.33
CA PRO A 578 52.39 25.63 5.05
C PRO A 578 53.46 26.06 6.03
N PHE A 579 53.69 27.37 6.21
CA PHE A 579 54.78 27.85 7.05
C PHE A 579 54.30 28.24 8.44
N GLN A 580 53.17 28.93 8.53
CA GLN A 580 52.59 29.43 9.78
C GLN A 580 53.50 30.43 10.48
N SER A 581 54.61 30.80 9.82
CA SER A 581 55.62 31.75 10.29
C SER A 581 56.46 31.15 11.41
N THR A 582 56.02 30.03 11.98
CA THR A 582 56.81 29.33 12.98
C THR A 582 57.73 28.30 12.36
N LEU A 583 57.19 27.36 11.57
CA LEU A 583 58.03 26.51 10.75
C LEU A 583 58.85 27.33 9.77
N TRP A 584 58.35 28.50 9.36
CA TRP A 584 59.15 29.40 8.55
C TRP A 584 60.33 29.95 9.35
N LEU A 585 60.06 30.56 10.50
CA LEU A 585 61.09 31.29 11.23
C LEU A 585 62.08 30.40 11.97
N LEU A 586 61.75 29.14 12.24
CA LEU A 586 62.66 28.32 13.04
C LEU A 586 63.94 27.99 12.27
N VAL A 587 63.82 27.67 10.98
CA VAL A 587 64.99 27.31 10.21
C VAL A 587 65.94 28.51 10.07
N GLY A 588 65.37 29.72 9.93
CA GLY A 588 66.20 30.90 9.77
C GLY A 588 67.21 31.08 10.89
N LEU A 589 66.90 30.56 12.07
CA LEU A 589 67.84 30.59 13.19
C LEU A 589 68.60 29.30 13.35
N SER A 590 67.98 28.16 13.08
CA SER A 590 68.66 26.87 13.24
C SER A 590 69.86 26.76 12.31
N VAL A 591 69.69 27.18 11.05
CA VAL A 591 70.79 27.12 10.11
C VAL A 591 71.99 27.91 10.63
N HIS A 592 71.76 29.14 11.10
CA HIS A 592 72.86 29.97 11.54
C HIS A 592 73.49 29.41 12.81
N VAL A 593 72.68 28.91 13.75
CA VAL A 593 73.26 28.46 15.00
C VAL A 593 74.10 27.20 14.78
N VAL A 594 73.64 26.28 13.93
CA VAL A 594 74.43 25.07 13.70
C VAL A 594 75.68 25.41 12.89
N ALA A 595 75.57 26.39 11.98
CA ALA A 595 76.74 26.79 11.22
C ALA A 595 77.81 27.39 12.12
N VAL A 596 77.43 28.34 12.98
CA VAL A 596 78.39 28.91 13.92
C VAL A 596 78.90 27.88 14.92
N MET A 597 78.07 26.88 15.28
CA MET A 597 78.54 25.82 16.15
C MET A 597 79.68 25.05 15.49
N LEU A 598 79.48 24.62 14.26
CA LEU A 598 80.56 23.92 13.57
C LEU A 598 81.76 24.84 13.32
N TYR A 599 81.51 26.14 13.14
CA TYR A 599 82.59 27.09 12.96
C TYR A 599 83.47 27.18 14.20
N LEU A 600 82.83 27.31 15.37
CA LEU A 600 83.59 27.29 16.61
C LEU A 600 84.28 25.95 16.84
N LEU A 601 83.64 24.86 16.43
CA LEU A 601 84.27 23.55 16.51
C LEU A 601 85.57 23.52 15.71
N ASP A 602 85.52 23.98 14.47
CA ASP A 602 86.73 24.07 13.66
C ASP A 602 87.75 25.04 14.28
N ARG A 603 87.27 26.08 14.95
CA ARG A 603 88.17 26.99 15.63
C ARG A 603 88.88 26.32 16.80
N PHE A 604 88.24 25.31 17.40
CA PHE A 604 88.86 24.60 18.52
C PHE A 604 89.94 23.63 18.07
N SER A 605 89.88 23.19 16.80
CA SER A 605 90.84 22.23 16.25
C SER A 605 90.87 20.93 17.05
N THR A 623 87.01 31.12 8.17
CA THR A 623 86.12 30.09 7.63
C THR A 623 84.70 30.32 8.14
N LEU A 624 84.58 31.14 9.19
CA LEU A 624 83.28 31.42 9.78
C LEU A 624 82.29 31.94 8.74
N SER A 625 82.60 33.09 8.14
CA SER A 625 81.69 33.68 7.18
C SER A 625 81.44 32.75 6.01
N SER A 626 82.50 32.16 5.46
CA SER A 626 82.34 31.20 4.39
C SER A 626 81.47 30.02 4.83
N ALA A 627 81.58 29.60 6.08
CA ALA A 627 80.69 28.57 6.60
C ALA A 627 79.23 29.03 6.61
N MET A 628 78.99 30.31 6.91
CA MET A 628 77.62 30.81 6.86
C MET A 628 77.07 30.79 5.44
N TRP A 629 77.84 31.36 4.50
CA TRP A 629 77.46 31.26 3.09
C TRP A 629 77.15 29.81 2.72
N PHE A 630 78.03 28.90 3.14
CA PHE A 630 77.91 27.49 2.79
C PHE A 630 76.64 26.87 3.34
N SER A 631 76.33 27.13 4.61
CA SER A 631 75.14 26.53 5.20
C SER A 631 73.88 27.06 4.55
N TRP A 632 73.80 28.37 4.33
CA TRP A 632 72.64 28.92 3.64
C TRP A 632 72.48 28.28 2.26
N GLY A 633 73.57 28.21 1.49
CA GLY A 633 73.47 27.64 0.17
C GLY A 633 73.07 26.17 0.18
N VAL A 634 73.71 25.37 1.04
CA VAL A 634 73.41 23.94 1.07
C VAL A 634 72.00 23.68 1.57
N LEU A 635 71.44 24.55 2.39
CA LEU A 635 70.01 24.47 2.67
C LEU A 635 69.21 24.76 1.41
N LEU A 636 69.57 25.81 0.70
CA LEU A 636 68.81 26.22 -0.47
C LEU A 636 69.18 25.48 -1.75
N ASN A 637 70.15 24.55 -1.69
CA ASN A 637 70.67 23.89 -2.87
C ASN A 637 71.11 24.92 -3.92
N SER A 638 72.08 25.71 -3.51
CA SER A 638 72.55 26.84 -4.29
C SER A 638 73.59 26.40 -5.30
N GLY A 639 73.72 27.21 -6.36
CA GLY A 639 74.84 27.08 -7.26
C GLY A 639 76.01 27.90 -6.76
N ILE A 640 76.15 27.97 -5.44
CA ILE A 640 77.23 28.71 -4.79
C ILE A 640 77.93 27.73 -3.86
N GLY A 641 79.20 27.44 -4.15
CA GLY A 641 79.96 26.48 -3.39
C GLY A 641 81.12 27.13 -2.65
N GLU A 642 81.64 26.40 -1.67
CA GLU A 642 82.75 26.86 -0.85
C GLU A 642 83.41 25.64 -0.21
N GLY A 643 84.25 25.87 0.79
CA GLY A 643 84.94 24.78 1.45
C GLY A 643 84.14 24.21 2.61
N ALA A 644 84.33 22.91 2.83
CA ALA A 644 83.66 22.22 3.91
C ALA A 644 84.36 22.50 5.24
N PRO A 645 83.69 22.24 6.36
CA PRO A 645 84.38 22.30 7.65
C PRO A 645 85.62 21.43 7.68
N ARG A 646 86.60 21.86 8.48
CA ARG A 646 87.93 21.25 8.43
C ARG A 646 87.88 19.78 8.84
N SER A 647 87.29 19.47 9.99
CA SER A 647 87.29 18.11 10.47
C SER A 647 86.37 17.23 9.62
N PHE A 648 86.40 15.93 9.89
CA PHE A 648 85.52 15.01 9.19
C PHE A 648 84.12 15.00 9.81
N SER A 649 84.04 14.87 11.13
CA SER A 649 82.75 14.72 11.79
C SER A 649 81.90 15.98 11.74
N ALA A 650 82.53 17.16 11.73
CA ALA A 650 81.75 18.39 11.61
C ALA A 650 80.98 18.40 10.29
N ARG A 651 81.66 18.13 9.18
CA ARG A 651 80.96 18.07 7.90
C ARG A 651 80.03 16.86 7.83
N ILE A 652 80.32 15.79 8.58
CA ILE A 652 79.36 14.70 8.73
C ILE A 652 78.04 15.24 9.26
N LEU A 653 78.09 15.94 10.38
CA LEU A 653 76.88 16.53 10.95
C LEU A 653 76.24 17.51 9.97
N GLY A 654 77.06 18.27 9.25
CA GLY A 654 76.53 19.14 8.23
C GLY A 654 75.69 18.38 7.22
N MET A 655 76.19 17.24 6.75
CA MET A 655 75.46 16.44 5.78
C MET A 655 74.21 15.80 6.39
N VAL A 656 74.25 15.49 7.68
CA VAL A 656 73.04 15.02 8.36
C VAL A 656 71.98 16.12 8.34
N TRP A 657 72.35 17.33 8.74
CA TRP A 657 71.45 18.45 8.66
C TRP A 657 70.98 18.69 7.22
N ALA A 658 71.83 18.37 6.25
CA ALA A 658 71.44 18.48 4.85
C ALA A 658 70.32 17.49 4.54
N GLY A 659 70.47 16.24 4.95
CA GLY A 659 69.37 15.29 4.82
C GLY A 659 68.12 15.78 5.51
N PHE A 660 68.28 16.45 6.65
CA PHE A 660 67.13 17.03 7.34
C PHE A 660 66.42 18.06 6.47
N ALA A 661 67.18 18.98 5.88
CA ALA A 661 66.58 19.97 5.01
C ALA A 661 65.94 19.32 3.79
N MET A 662 66.51 18.20 3.33
CA MET A 662 65.88 17.45 2.26
C MET A 662 64.51 16.93 2.68
N ILE A 663 64.42 16.38 3.89
CA ILE A 663 63.12 15.97 4.39
C ILE A 663 62.19 17.17 4.50
N ILE A 664 62.74 18.34 4.83
CA ILE A 664 61.92 19.55 4.92
C ILE A 664 61.29 19.86 3.56
N VAL A 665 62.10 19.88 2.51
CA VAL A 665 61.55 20.22 1.20
C VAL A 665 60.60 19.13 0.71
N ALA A 666 60.86 17.88 1.08
CA ALA A 666 59.91 16.83 0.76
C ALA A 666 58.57 17.08 1.44
N SER A 667 58.60 17.43 2.72
CA SER A 667 57.37 17.78 3.42
C SER A 667 56.67 18.95 2.74
N TYR A 668 57.42 19.92 2.25
CA TYR A 668 56.79 21.08 1.63
C TYR A 668 56.08 20.70 0.34
N THR A 669 56.77 19.96 -0.54
CA THR A 669 56.11 19.54 -1.77
C THR A 669 54.93 18.62 -1.49
N ALA A 670 55.03 17.78 -0.46
CA ALA A 670 53.90 16.94 -0.08
C ALA A 670 52.72 17.79 0.37
N ASN A 671 52.97 18.80 1.19
CA ASN A 671 51.90 19.65 1.68
C ASN A 671 51.23 20.40 0.54
N LEU A 672 52.01 20.82 -0.45
CA LEU A 672 51.39 21.51 -1.58
C LEU A 672 50.56 20.55 -2.41
N ALA A 673 51.08 19.35 -2.68
CA ALA A 673 50.28 18.33 -3.35
C ALA A 673 49.01 18.01 -2.58
N ALA A 674 49.05 18.13 -1.25
CA ALA A 674 47.85 17.91 -0.44
C ALA A 674 46.87 19.05 -0.60
N PHE A 675 47.30 20.28 -0.30
CA PHE A 675 46.47 21.47 -0.50
C PHE A 675 45.80 21.50 -1.87
N LEU A 676 46.42 20.89 -2.88
CA LEU A 676 45.73 20.72 -4.15
C LEU A 676 44.36 20.08 -3.95
N VAL A 677 44.32 18.93 -3.29
CA VAL A 677 43.07 18.19 -3.18
C VAL A 677 42.20 18.74 -2.06
N LEU A 678 42.82 19.19 -0.97
CA LEU A 678 42.04 19.61 0.20
C LEU A 678 41.12 20.77 -0.11
N ASP A 679 41.54 21.71 -0.95
CA ASP A 679 40.75 22.92 -1.22
C ASP A 679 39.83 22.70 -2.42
N ARG A 680 39.06 21.61 -2.34
CA ARG A 680 38.03 21.31 -3.34
C ARG A 680 36.67 21.79 -2.84
N PRO A 681 35.89 22.44 -3.69
CA PRO A 681 34.61 22.99 -3.27
C PRO A 681 33.61 21.88 -2.96
N GLU A 682 32.47 22.28 -2.41
CA GLU A 682 31.38 21.34 -2.12
C GLU A 682 30.67 21.04 -3.44
N GLU A 683 31.43 20.40 -4.34
CA GLU A 683 30.96 20.15 -5.70
C GLU A 683 30.30 18.78 -5.81
N ARG A 684 29.14 18.67 -5.17
CA ARG A 684 28.35 17.45 -5.24
C ARG A 684 26.92 17.79 -4.90
N ILE A 685 26.03 17.68 -5.88
CA ILE A 685 24.60 17.85 -5.69
C ILE A 685 23.90 16.80 -6.53
N THR A 686 23.08 15.98 -5.89
CA THR A 686 22.48 14.84 -6.56
C THR A 686 21.00 15.14 -6.78
N GLY A 687 20.24 14.15 -7.24
CA GLY A 687 18.82 14.33 -7.47
C GLY A 687 18.07 14.51 -6.19
N ILE A 688 16.78 14.17 -6.15
CA ILE A 688 16.05 14.43 -4.92
C ILE A 688 16.23 13.27 -3.98
N ASN A 689 17.43 13.16 -3.42
CA ASN A 689 17.68 12.35 -2.23
C ASN A 689 18.64 12.99 -1.25
N ASP A 690 19.48 13.92 -1.68
CA ASP A 690 20.48 14.48 -0.80
C ASP A 690 19.79 15.14 0.39
N PRO A 691 20.27 14.91 1.61
CA PRO A 691 19.65 15.54 2.78
C PRO A 691 19.58 17.04 2.69
N ARG A 692 20.56 17.69 2.03
CA ARG A 692 20.52 19.14 1.93
C ARG A 692 19.22 19.63 1.30
N LEU A 693 18.76 18.95 0.26
CA LEU A 693 17.48 19.33 -0.35
C LEU A 693 16.31 19.05 0.57
N ARG A 694 16.53 18.37 1.70
CA ARG A 694 15.44 18.01 2.59
C ARG A 694 15.42 18.85 3.84
N ASN A 695 16.59 19.27 4.34
CA ASN A 695 16.68 20.17 5.49
C ASN A 695 17.18 21.51 4.98
N PRO A 696 16.30 22.38 4.52
CA PRO A 696 16.76 23.61 3.86
C PRO A 696 17.30 24.62 4.85
N SER A 697 18.37 25.28 4.44
CA SER A 697 18.97 26.37 5.19
C SER A 697 19.06 27.59 4.28
N ASP A 698 19.05 28.77 4.88
CA ASP A 698 19.03 30.01 4.11
C ASP A 698 20.32 30.25 3.35
N LYS A 699 21.27 29.32 3.40
CA LYS A 699 22.45 29.44 2.54
C LYS A 699 22.09 29.13 1.08
N PHE A 700 21.16 28.20 0.87
CA PHE A 700 20.71 27.84 -0.46
C PHE A 700 19.24 28.25 -0.63
N ILE A 701 18.85 28.49 -1.87
CA ILE A 701 17.47 28.72 -2.24
C ILE A 701 17.17 27.86 -3.46
N TYR A 702 16.06 27.15 -3.42
CA TYR A 702 15.58 26.37 -4.55
C TYR A 702 14.26 26.96 -5.01
N ALA A 703 14.22 27.45 -6.23
CA ALA A 703 13.04 28.13 -6.72
C ALA A 703 12.55 27.46 -7.99
N THR A 704 11.31 27.76 -8.34
CA THR A 704 10.66 27.27 -9.53
C THR A 704 9.80 28.38 -10.08
N VAL A 705 8.94 28.05 -11.02
CA VAL A 705 8.02 29.01 -11.60
C VAL A 705 6.65 28.79 -10.97
N LYS A 706 5.99 29.88 -10.61
CA LYS A 706 4.69 29.75 -9.97
C LYS A 706 3.69 29.10 -10.91
N GLN A 707 2.67 28.47 -10.31
CA GLN A 707 1.58 27.86 -11.06
C GLN A 707 2.08 26.82 -12.06
N SER A 708 3.29 26.31 -11.89
CA SER A 708 3.88 25.40 -12.85
C SER A 708 3.64 23.97 -12.45
N SER A 709 3.92 23.07 -13.40
CA SER A 709 3.74 21.64 -13.17
C SER A 709 4.60 21.18 -12.00
N VAL A 710 5.85 21.64 -11.94
CA VAL A 710 6.73 21.28 -10.84
C VAL A 710 6.08 21.59 -9.51
N ASP A 711 5.35 22.70 -9.44
CA ASP A 711 4.66 23.02 -8.20
C ASP A 711 3.63 21.96 -7.84
N ILE A 712 2.89 21.48 -8.82
CA ILE A 712 1.95 20.38 -8.56
C ILE A 712 2.69 19.17 -8.01
N TYR A 713 3.75 18.76 -8.71
CA TYR A 713 4.48 17.57 -8.29
C TYR A 713 4.98 17.70 -6.86
N PHE A 714 5.57 18.83 -6.51
CA PHE A 714 6.11 18.97 -5.17
C PHE A 714 5.02 19.11 -4.13
N ARG A 715 3.89 19.72 -4.47
CA ARG A 715 2.82 19.83 -3.50
C ARG A 715 2.26 18.46 -3.14
N ARG A 716 1.87 17.68 -4.15
CA ARG A 716 1.29 16.38 -3.80
C ARG A 716 2.39 15.36 -3.52
N GLN A 717 3.31 15.71 -2.64
CA GLN A 717 4.38 14.82 -2.21
C GLN A 717 4.41 14.81 -0.70
N VAL A 718 4.44 13.62 -0.12
CA VAL A 718 4.12 13.48 1.30
C VAL A 718 5.21 14.09 2.17
N CYS A 719 6.42 13.56 2.13
CA CYS A 719 7.46 13.95 3.07
C CYS A 719 8.50 14.87 2.45
N LEU A 720 8.05 15.82 1.64
CA LEU A 720 8.88 16.93 1.21
C LEU A 720 8.22 18.26 1.54
N SER A 721 7.41 18.30 2.58
CA SER A 721 6.59 19.48 2.86
C SER A 721 7.43 20.66 3.30
N THR A 722 8.44 20.42 4.14
CA THR A 722 9.33 21.51 4.54
C THR A 722 10.00 22.13 3.34
N MET A 723 10.58 21.30 2.48
CA MET A 723 11.15 21.76 1.23
C MET A 723 10.13 22.56 0.43
N TYR A 724 8.89 22.07 0.37
CA TYR A 724 7.89 22.75 -0.42
C TYR A 724 7.59 24.13 0.12
N ARG A 725 7.48 24.28 1.43
CA ARG A 725 7.29 25.60 2.01
C ARG A 725 8.45 26.50 1.66
N HIS A 726 9.67 26.10 2.03
CA HIS A 726 10.83 26.93 1.79
C HIS A 726 10.94 27.32 0.32
N MET A 727 10.49 26.44 -0.58
CA MET A 727 10.51 26.78 -2.00
C MET A 727 9.43 27.78 -2.36
N GLU A 728 8.21 27.54 -1.88
CA GLU A 728 7.11 28.46 -2.13
C GLU A 728 7.42 29.86 -1.66
N LYS A 729 8.36 30.01 -0.73
CA LYS A 729 8.72 31.34 -0.28
C LYS A 729 9.44 32.18 -1.33
N HIS A 730 10.08 31.56 -2.32
CA HIS A 730 11.00 32.30 -3.18
C HIS A 730 10.84 32.01 -4.67
N ASN A 731 9.68 31.60 -5.13
CA ASN A 731 9.53 31.25 -6.53
C ASN A 731 9.59 32.51 -7.41
N TYR A 732 9.63 32.27 -8.72
CA TYR A 732 9.77 33.33 -9.71
C TYR A 732 8.53 33.38 -10.60
N GLU A 733 8.60 34.25 -11.60
CA GLU A 733 7.49 34.46 -12.54
C GLU A 733 7.73 33.83 -13.89
N SER A 734 8.99 33.68 -14.31
CA SER A 734 9.28 33.11 -15.61
C SER A 734 10.63 32.40 -15.54
N ALA A 735 10.85 31.53 -16.51
CA ALA A 735 12.09 30.76 -16.53
C ALA A 735 13.30 31.67 -16.74
N ALA A 736 13.20 32.63 -17.66
CA ALA A 736 14.35 33.45 -18.00
C ALA A 736 14.83 34.25 -16.79
N GLU A 737 13.90 34.81 -16.02
CA GLU A 737 14.30 35.55 -14.83
C GLU A 737 15.09 34.67 -13.88
N ALA A 738 14.67 33.42 -13.71
CA ALA A 738 15.39 32.52 -12.81
C ALA A 738 16.76 32.18 -13.37
N ILE A 739 16.86 31.92 -14.67
CA ILE A 739 18.16 31.72 -15.30
C ILE A 739 19.07 32.89 -14.98
N GLN A 740 18.57 34.10 -15.15
CA GLN A 740 19.39 35.28 -14.90
C GLN A 740 19.80 35.37 -13.45
N ALA A 741 18.87 35.15 -12.52
CA ALA A 741 19.19 35.22 -11.11
C ALA A 741 20.20 34.17 -10.70
N VAL A 742 20.20 33.01 -11.35
CA VAL A 742 21.24 32.04 -11.09
C VAL A 742 22.57 32.52 -11.66
N ARG A 743 22.53 33.15 -12.83
CA ARG A 743 23.75 33.73 -13.38
C ARG A 743 24.32 34.80 -12.46
N ASP A 744 23.47 35.46 -11.67
CA ASP A 744 23.91 36.51 -10.76
C ASP A 744 24.06 36.02 -9.32
N ASN A 745 24.02 34.71 -9.10
CA ASN A 745 24.27 34.11 -7.79
C ASN A 745 23.32 34.63 -6.72
N LYS A 746 22.12 35.05 -7.13
CA LYS A 746 21.06 35.32 -6.18
C LYS A 746 20.31 34.03 -5.84
N LEU A 747 19.95 33.27 -6.85
CA LEU A 747 19.36 31.95 -6.67
C LEU A 747 20.44 30.89 -6.79
N HIS A 748 20.51 30.00 -5.80
CA HIS A 748 21.59 29.03 -5.77
C HIS A 748 21.35 27.84 -6.67
N ALA A 749 20.12 27.35 -6.76
CA ALA A 749 19.81 26.19 -7.57
C ALA A 749 18.43 26.36 -8.18
N PHE A 750 18.24 25.74 -9.34
CA PHE A 750 17.00 25.87 -10.09
C PHE A 750 16.50 24.48 -10.45
N ILE A 751 15.18 24.27 -10.34
CA ILE A 751 14.57 22.99 -10.61
C ILE A 751 13.48 23.20 -11.65
N TRP A 752 13.77 22.88 -12.89
CA TRP A 752 12.83 23.12 -13.97
C TRP A 752 12.86 21.92 -14.90
N ASP A 753 12.28 22.07 -16.07
CA ASP A 753 12.21 20.98 -17.02
C ASP A 753 13.60 20.58 -17.49
N SER A 754 13.67 19.49 -18.26
CA SER A 754 14.97 18.95 -18.61
C SER A 754 15.45 19.40 -19.97
N ALA A 755 14.59 19.38 -20.99
CA ALA A 755 15.05 19.77 -22.32
C ALA A 755 15.41 21.25 -22.35
N VAL A 756 14.47 22.10 -21.97
CA VAL A 756 14.72 23.53 -21.91
C VAL A 756 15.98 23.83 -21.14
N LEU A 757 16.08 23.32 -19.92
CA LEU A 757 17.19 23.67 -19.07
C LEU A 757 18.50 23.09 -19.58
N GLU A 758 18.47 21.89 -20.16
CA GLU A 758 19.70 21.31 -20.69
C GLU A 758 20.24 22.13 -21.84
N PHE A 759 19.37 22.52 -22.78
CA PHE A 759 19.83 23.40 -23.84
C PHE A 759 20.35 24.71 -23.28
N GLU A 760 19.58 25.34 -22.38
CA GLU A 760 19.99 26.62 -21.84
C GLU A 760 21.35 26.54 -21.18
N ALA A 761 21.65 25.42 -20.53
CA ALA A 761 22.96 25.29 -19.89
C ALA A 761 24.05 25.03 -20.91
N SER A 762 23.92 23.96 -21.69
CA SER A 762 24.97 23.62 -22.63
C SER A 762 25.23 24.72 -23.65
N GLN A 763 24.26 25.59 -23.89
CA GLN A 763 24.40 26.58 -24.95
C GLN A 763 24.98 27.89 -24.44
N LYS A 764 24.38 28.47 -23.40
CA LYS A 764 24.71 29.84 -23.07
C LYS A 764 26.20 29.92 -22.77
N CYS A 765 26.61 29.55 -21.55
CA CYS A 765 27.57 28.50 -21.24
C CYS A 765 28.19 28.81 -19.89
N ASP A 766 28.99 27.87 -19.37
CA ASP A 766 29.54 27.94 -18.02
C ASP A 766 28.45 27.82 -16.96
N LEU A 767 27.43 27.03 -17.28
CA LEU A 767 26.44 26.53 -16.36
C LEU A 767 26.30 25.03 -16.55
N VAL A 768 25.93 24.33 -15.48
CA VAL A 768 25.98 22.88 -15.50
C VAL A 768 24.77 22.29 -14.80
N THR A 769 24.39 21.09 -15.22
CA THR A 769 23.31 20.33 -14.62
C THR A 769 23.88 19.19 -13.80
N THR A 770 23.22 18.91 -12.67
CA THR A 770 23.67 17.89 -11.74
C THR A 770 22.48 17.01 -11.37
N GLY A 771 22.72 15.72 -11.25
CA GLY A 771 21.68 14.81 -10.81
C GLY A 771 21.03 14.08 -11.98
N GLU A 772 20.20 13.11 -11.62
CA GLU A 772 19.51 12.27 -12.59
C GLU A 772 18.04 12.68 -12.69
N LEU A 773 17.44 12.38 -13.84
CA LEU A 773 16.06 12.72 -14.11
C LEU A 773 15.15 11.93 -13.18
N PHE A 774 14.10 12.59 -12.69
CA PHE A 774 13.22 11.83 -11.81
C PHE A 774 11.74 11.82 -12.19
N PHE A 775 11.16 12.93 -12.64
CA PHE A 775 9.73 12.95 -12.92
C PHE A 775 9.52 12.73 -14.42
N ARG A 776 9.94 11.55 -14.87
CA ARG A 776 10.02 11.28 -16.30
C ARG A 776 8.63 11.30 -16.92
N SER A 777 8.33 12.33 -17.68
CA SER A 777 7.07 12.43 -18.41
C SER A 777 7.37 13.01 -19.78
N GLY A 778 6.33 13.42 -20.50
CA GLY A 778 6.51 13.91 -21.85
C GLY A 778 5.83 15.25 -22.05
N PHE A 779 5.99 15.78 -23.26
CA PHE A 779 5.27 16.95 -23.72
C PHE A 779 4.04 16.50 -24.50
N GLY A 780 3.20 17.45 -24.91
CA GLY A 780 2.06 17.07 -25.70
C GLY A 780 1.12 18.18 -26.11
N ILE A 781 0.57 18.06 -27.31
CA ILE A 781 -0.47 18.97 -27.75
C ILE A 781 -1.70 18.78 -26.87
N GLY A 782 -2.48 19.84 -26.70
CA GLY A 782 -3.68 19.79 -25.87
C GLY A 782 -4.91 20.18 -26.66
N MET A 783 -6.06 19.69 -26.21
CA MET A 783 -7.32 19.94 -26.88
C MET A 783 -8.47 19.73 -25.91
N ARG A 784 -9.52 20.51 -26.10
CA ARG A 784 -10.78 20.21 -25.42
C ARG A 784 -11.29 18.85 -25.87
N LYS A 785 -12.06 18.20 -25.00
CA LYS A 785 -12.52 16.86 -25.32
C LYS A 785 -13.42 16.87 -26.54
N ASP A 786 -13.34 15.78 -27.30
CA ASP A 786 -14.11 15.57 -28.52
C ASP A 786 -13.74 16.61 -29.59
N SER A 787 -12.48 16.61 -29.98
CA SER A 787 -12.41 17.10 -31.34
C SER A 787 -11.77 16.06 -32.23
N PRO A 788 -12.32 15.79 -33.42
CA PRO A 788 -11.73 14.77 -34.30
C PRO A 788 -10.27 15.03 -34.59
N TRP A 789 -9.86 16.28 -34.56
CA TRP A 789 -8.46 16.60 -34.76
C TRP A 789 -7.57 15.92 -33.73
N LYS A 790 -8.10 15.55 -32.57
CA LYS A 790 -7.29 14.77 -31.65
C LYS A 790 -6.91 13.43 -32.27
N GLN A 791 -7.91 12.69 -32.73
CA GLN A 791 -7.63 11.40 -33.34
C GLN A 791 -6.73 11.55 -34.55
N GLN A 792 -6.83 12.66 -35.27
CA GLN A 792 -5.94 12.81 -36.40
C GLN A 792 -4.51 13.16 -35.98
N VAL A 793 -4.37 14.11 -35.06
CA VAL A 793 -3.08 14.61 -34.66
C VAL A 793 -2.23 13.55 -34.00
N SER A 794 -2.85 12.63 -33.27
CA SER A 794 -2.04 11.56 -32.67
C SER A 794 -1.34 10.74 -33.76
N LEU A 795 -2.10 10.30 -34.76
CA LEU A 795 -1.51 9.56 -35.87
C LEU A 795 -0.45 10.39 -36.58
N SER A 796 -0.72 11.68 -36.76
CA SER A 796 0.26 12.53 -37.41
C SER A 796 1.57 12.57 -36.62
N ILE A 797 1.49 12.71 -35.30
CA ILE A 797 2.70 12.77 -34.49
C ILE A 797 3.47 11.46 -34.58
N LEU A 798 2.77 10.34 -34.57
CA LEU A 798 3.50 9.08 -34.72
C LEU A 798 4.19 9.01 -36.07
N LYS A 799 3.46 9.28 -37.14
CA LYS A 799 4.06 9.30 -38.47
C LYS A 799 5.30 10.16 -38.49
N SER A 800 5.24 11.33 -37.84
CA SER A 800 6.39 12.21 -37.83
C SER A 800 7.53 11.67 -37.01
N HIS A 801 7.25 10.93 -35.94
CA HIS A 801 8.32 10.27 -35.21
C HIS A 801 8.99 9.21 -36.06
N GLU A 802 8.25 8.62 -37.00
CA GLU A 802 8.83 7.57 -37.81
C GLU A 802 9.82 8.09 -38.85
N ASN A 803 9.50 9.22 -39.48
CA ASN A 803 10.30 9.70 -40.60
C ASN A 803 11.58 10.41 -40.19
N GLY A 804 11.97 10.35 -38.92
CA GLY A 804 13.11 11.12 -38.48
C GLY A 804 12.91 12.61 -38.53
N PHE A 805 11.75 13.08 -38.96
CA PHE A 805 11.47 14.51 -39.01
C PHE A 805 11.82 15.18 -37.68
N MET A 806 11.25 14.67 -36.59
CA MET A 806 11.58 15.19 -35.27
C MET A 806 13.07 15.14 -35.02
N GLU A 807 13.74 14.08 -35.47
CA GLU A 807 15.17 13.95 -35.22
C GLU A 807 15.93 15.07 -35.90
N ASP A 808 15.61 15.35 -37.17
CA ASP A 808 16.35 16.41 -37.85
C ASP A 808 15.97 17.77 -37.30
N LEU A 809 14.74 17.96 -36.81
CA LEU A 809 14.43 19.21 -36.12
C LEU A 809 15.34 19.41 -34.92
N ASP A 810 15.43 18.39 -34.07
CA ASP A 810 16.30 18.44 -32.91
C ASP A 810 17.73 18.76 -33.33
N LYS A 811 18.27 17.99 -34.26
CA LYS A 811 19.63 18.23 -34.71
C LYS A 811 19.77 19.62 -35.33
N THR A 812 18.69 20.15 -35.89
CA THR A 812 18.75 21.45 -36.51
C THR A 812 18.96 22.52 -35.46
N TRP A 813 17.97 22.73 -34.60
CA TRP A 813 18.07 23.87 -33.70
C TRP A 813 17.53 23.57 -32.30
N VAL A 814 17.92 22.43 -31.75
CA VAL A 814 17.76 22.20 -30.32
C VAL A 814 19.13 21.97 -29.72
N ARG A 815 19.83 20.94 -30.20
CA ARG A 815 21.15 20.57 -29.72
C ARG A 815 22.20 20.89 -30.78
N TYR A 816 23.44 20.53 -30.47
CA TYR A 816 24.58 20.63 -31.40
C TYR A 816 24.82 22.04 -31.85
N GLN A 817 24.32 23.02 -31.10
CA GLN A 817 24.51 24.42 -31.42
C GLN A 817 24.88 25.17 -30.16
N GLU A 818 25.92 24.71 -29.45
CA GLU A 818 26.17 25.14 -28.08
C GLU A 818 27.68 25.31 -27.83
N CYS A 819 28.00 25.84 -26.65
CA CYS A 819 29.36 25.85 -26.09
C CYS A 819 29.69 24.44 -25.61
N ASP A 820 29.93 23.53 -26.56
CA ASP A 820 30.21 22.14 -26.19
C ASP A 820 31.54 22.07 -25.45
N SER A 821 31.48 21.88 -24.12
CA SER A 821 32.64 21.95 -23.25
C SER A 821 32.78 20.63 -22.51
N ARG A 822 34.03 20.30 -22.18
CA ARG A 822 34.38 19.04 -21.54
C ARG A 822 34.18 19.15 -20.03
N SER A 823 34.71 18.18 -19.30
CA SER A 823 34.57 18.11 -17.85
C SER A 823 35.58 19.02 -17.17
N ASN A 824 35.66 18.93 -15.85
CA ASN A 824 36.49 19.83 -15.07
C ASN A 824 37.87 19.25 -14.82
N ALA A 825 38.79 20.12 -14.40
CA ALA A 825 40.16 19.78 -14.09
C ALA A 825 40.61 20.62 -12.90
N PRO A 826 41.67 20.22 -12.21
CA PRO A 826 42.19 21.05 -11.11
C PRO A 826 42.73 22.37 -11.62
N ALA A 827 42.99 23.26 -10.67
CA ALA A 827 43.38 24.63 -11.00
C ALA A 827 44.83 24.69 -11.48
N THR A 828 45.14 25.75 -12.22
CA THR A 828 46.46 25.95 -12.80
C THR A 828 47.17 27.12 -12.14
N LEU A 829 48.32 27.47 -12.68
CA LEU A 829 49.14 28.54 -12.15
C LEU A 829 48.74 29.87 -12.79
N THR A 830 48.63 30.91 -11.97
CA THR A 830 48.25 32.23 -12.44
C THR A 830 49.20 33.29 -11.88
N PHE A 831 49.01 34.53 -12.33
CA PHE A 831 49.86 35.63 -11.90
C PHE A 831 49.62 36.01 -10.44
N GLU A 832 48.38 35.93 -9.94
CA GLU A 832 48.14 36.19 -8.54
C GLU A 832 48.82 35.17 -7.64
N ASN A 833 49.09 33.98 -8.16
CA ASN A 833 49.86 32.98 -7.43
C ASN A 833 51.34 33.34 -7.38
N MET A 834 51.87 33.98 -8.43
CA MET A 834 53.28 34.31 -8.50
C MET A 834 53.61 35.63 -7.82
N ALA A 835 52.61 36.51 -7.66
CA ALA A 835 52.88 37.84 -7.13
C ALA A 835 53.48 37.79 -5.73
N GLY A 836 53.05 36.84 -4.90
CA GLY A 836 53.54 36.76 -3.54
C GLY A 836 55.02 36.50 -3.43
N VAL A 837 55.64 35.93 -4.46
CA VAL A 837 57.06 35.64 -4.43
C VAL A 837 57.86 36.50 -5.42
N PHE A 838 57.23 37.07 -6.45
CA PHE A 838 57.91 38.04 -7.28
C PHE A 838 58.34 39.27 -6.49
N MET A 839 57.62 39.61 -5.41
CA MET A 839 58.04 40.71 -4.57
C MET A 839 59.40 40.45 -3.95
N LEU A 840 59.64 39.23 -3.48
CA LEU A 840 60.95 38.90 -2.91
C LEU A 840 62.04 39.03 -3.96
N VAL A 841 61.70 38.88 -5.24
CA VAL A 841 62.68 39.11 -6.30
C VAL A 841 63.12 40.56 -6.31
N ALA A 842 62.17 41.48 -6.54
CA ALA A 842 62.52 42.89 -6.61
C ALA A 842 62.97 43.43 -5.26
N GLY A 843 62.37 42.95 -4.17
CA GLY A 843 62.82 43.37 -2.84
C GLY A 843 64.25 42.97 -2.56
N GLY A 844 64.58 41.71 -2.85
CA GLY A 844 65.96 41.27 -2.72
C GLY A 844 66.90 42.02 -3.64
N ILE A 845 66.42 42.41 -4.82
CA ILE A 845 67.29 43.13 -5.76
C ILE A 845 67.62 44.52 -5.23
N VAL A 846 66.59 45.25 -4.77
CA VAL A 846 66.86 46.59 -4.24
C VAL A 846 67.69 46.50 -2.96
N ALA A 847 67.41 45.50 -2.12
CA ALA A 847 68.25 45.28 -0.94
C ALA A 847 69.69 44.97 -1.33
N GLY A 848 69.88 44.22 -2.41
CA GLY A 848 71.24 43.90 -2.84
C GLY A 848 71.97 45.09 -3.41
N ILE A 849 71.24 45.97 -4.10
CA ILE A 849 71.86 47.21 -4.57
C ILE A 849 72.34 48.04 -3.39
N PHE A 850 71.45 48.29 -2.43
CA PHE A 850 71.85 49.03 -1.24
C PHE A 850 72.99 48.34 -0.50
N LEU A 851 72.95 47.01 -0.44
CA LEU A 851 73.94 46.24 0.31
C LEU A 851 75.30 46.28 -0.35
N ILE A 852 75.36 46.15 -1.68
CA ILE A 852 76.65 46.23 -2.35
C ILE A 852 77.19 47.65 -2.26
N PHE A 853 76.32 48.65 -2.34
CA PHE A 853 76.78 50.02 -2.15
C PHE A 853 77.43 50.21 -0.78
N ILE A 854 76.73 49.80 0.29
CA ILE A 854 77.27 50.01 1.62
C ILE A 854 78.48 49.14 1.88
N GLU A 855 78.53 47.93 1.30
CA GLU A 855 79.67 47.05 1.51
C GLU A 855 80.91 47.59 0.82
N ILE A 856 80.75 48.10 -0.40
CA ILE A 856 81.90 48.72 -1.08
C ILE A 856 82.32 49.98 -0.34
N ALA A 857 81.37 50.76 0.18
CA ALA A 857 81.73 51.93 0.98
C ALA A 857 82.54 51.53 2.21
N TYR A 858 82.12 50.45 2.89
CA TYR A 858 82.84 50.01 4.08
C TYR A 858 84.22 49.47 3.73
N LYS A 859 84.32 48.68 2.66
CA LYS A 859 85.63 48.21 2.21
C LYS A 859 86.52 49.37 1.81
N ARG A 860 85.93 50.47 1.35
CA ARG A 860 86.70 51.70 1.13
C ARG A 860 87.12 52.33 2.44
N HIS A 861 86.30 52.17 3.49
CA HIS A 861 86.69 52.68 4.80
C HIS A 861 87.70 51.75 5.47
N LYS A 862 87.33 50.49 5.68
CA LYS A 862 88.21 49.53 6.33
C LYS A 862 88.16 48.17 5.61
N SER B 65 -52.27 55.62 8.09
CA SER B 65 -52.66 54.33 8.68
C SER B 65 -52.33 53.18 7.73
N ILE B 66 -51.22 52.50 7.99
CA ILE B 66 -50.83 51.36 7.17
C ILE B 66 -51.60 50.13 7.64
N GLY B 67 -52.39 49.56 6.75
CA GLY B 67 -53.25 48.45 7.16
C GLY B 67 -52.49 47.16 7.32
N ILE B 68 -52.26 46.76 8.57
CA ILE B 68 -51.59 45.51 8.89
C ILE B 68 -52.54 44.68 9.73
N ALA B 69 -52.85 43.49 9.27
CA ALA B 69 -53.76 42.61 9.98
C ALA B 69 -53.02 41.35 10.41
N VAL B 70 -53.49 40.76 11.49
CA VAL B 70 -52.92 39.54 12.04
C VAL B 70 -54.06 38.56 12.23
N ILE B 71 -53.93 37.37 11.65
CA ILE B 71 -54.98 36.37 11.68
C ILE B 71 -54.43 35.13 12.34
N LEU B 72 -55.03 34.74 13.46
CA LEU B 72 -54.64 33.55 14.20
C LEU B 72 -55.83 32.61 14.21
N VAL B 73 -55.72 31.49 13.51
CA VAL B 73 -56.84 30.60 13.28
C VAL B 73 -56.52 29.24 13.88
N GLY B 74 -57.54 28.62 14.48
CA GLY B 74 -57.38 27.32 15.09
C GLY B 74 -56.25 27.22 16.10
N THR B 75 -55.75 28.35 16.56
CA THR B 75 -54.56 28.40 17.40
C THR B 75 -54.92 28.66 18.85
N SER B 76 -53.93 28.51 19.72
CA SER B 76 -54.02 28.94 21.10
C SER B 76 -52.97 30.03 21.30
N ASP B 77 -53.32 31.25 20.90
CA ASP B 77 -52.41 32.38 21.00
C ASP B 77 -53.15 33.63 21.43
N GLU B 78 -54.12 33.48 22.33
CA GLU B 78 -54.89 34.63 22.77
C GLU B 78 -54.02 35.66 23.48
N VAL B 79 -53.00 35.20 24.21
CA VAL B 79 -52.10 36.11 24.92
C VAL B 79 -51.34 37.02 23.97
N ALA B 80 -51.19 36.62 22.71
CA ALA B 80 -50.55 37.47 21.71
C ALA B 80 -51.32 38.76 21.48
N ILE B 81 -52.55 38.89 21.99
CA ILE B 81 -53.26 40.15 21.91
C ILE B 81 -52.47 41.24 22.61
N LYS B 82 -51.72 40.90 23.65
CA LYS B 82 -50.80 41.84 24.29
C LYS B 82 -49.48 41.95 23.55
N ASP B 83 -49.12 40.94 22.76
CA ASP B 83 -47.86 40.97 22.03
C ASP B 83 -47.83 42.04 20.95
N ALA B 84 -48.98 42.42 20.40
CA ALA B 84 -49.00 43.47 19.39
C ALA B 84 -48.56 44.82 19.95
N HIS B 85 -48.94 45.14 21.18
CA HIS B 85 -48.53 46.39 21.80
C HIS B 85 -47.03 46.50 22.01
N GLU B 86 -46.30 45.39 21.90
CA GLU B 86 -44.85 45.42 21.93
C GLU B 86 -44.25 46.06 20.67
N LYS B 87 -45.07 46.32 19.66
CA LYS B 87 -44.64 47.01 18.45
C LYS B 87 -44.62 48.52 18.61
N ASP B 88 -44.76 49.02 19.84
CA ASP B 88 -44.68 50.45 20.11
C ASP B 88 -43.26 50.99 20.00
N ASP B 89 -42.28 50.11 19.87
CA ASP B 89 -40.89 50.49 19.62
C ASP B 89 -40.62 50.77 18.15
N PHE B 90 -41.67 50.95 17.34
CA PHE B 90 -41.53 51.16 15.91
C PHE B 90 -41.30 52.62 15.56
N HIS B 91 -40.79 53.42 16.51
CA HIS B 91 -40.51 54.83 16.24
C HIS B 91 -39.26 55.03 15.40
N HIS B 92 -38.46 53.99 15.18
CA HIS B 92 -37.23 54.15 14.40
C HIS B 92 -37.53 54.55 12.96
N LEU B 93 -38.55 53.97 12.35
CA LEU B 93 -38.97 54.37 11.01
C LEU B 93 -39.97 55.50 11.03
N SER B 94 -40.71 55.66 12.13
CA SER B 94 -41.62 56.79 12.32
C SER B 94 -42.66 56.88 11.21
N VAL B 95 -43.13 55.72 10.74
CA VAL B 95 -44.24 55.65 9.80
C VAL B 95 -45.31 54.79 10.44
N VAL B 96 -46.58 55.17 10.23
CA VAL B 96 -47.71 54.68 11.01
C VAL B 96 -47.81 53.17 11.04
N PRO B 97 -47.52 52.53 12.17
CA PRO B 97 -47.73 51.08 12.30
C PRO B 97 -49.13 50.76 12.81
N ARG B 98 -50.12 51.26 12.10
CA ARG B 98 -51.51 51.00 12.46
C ARG B 98 -51.78 49.50 12.35
N VAL B 99 -52.30 48.91 13.43
CA VAL B 99 -52.42 47.47 13.52
C VAL B 99 -53.69 47.09 14.23
N GLU B 100 -54.36 46.06 13.73
CA GLU B 100 -55.47 45.45 14.43
C GLU B 100 -55.17 43.96 14.53
N LEU B 101 -56.17 43.20 14.97
CA LEU B 101 -56.02 41.77 15.16
C LEU B 101 -57.38 41.11 15.01
N VAL B 102 -57.38 39.89 14.48
CA VAL B 102 -58.58 39.08 14.35
C VAL B 102 -58.23 37.66 14.80
N ALA B 103 -59.23 36.78 14.72
CA ALA B 103 -59.03 35.38 15.08
C ALA B 103 -60.17 34.57 14.49
N MET B 104 -60.05 33.25 14.60
CA MET B 104 -61.09 32.36 14.12
C MET B 104 -60.81 30.95 14.61
N ASN B 105 -61.88 30.18 14.76
CA ASN B 105 -61.84 28.75 14.97
C ASN B 105 -61.62 28.05 13.63
N GLU B 106 -61.89 26.75 13.59
CA GLU B 106 -61.50 25.87 12.48
C GLU B 106 -61.78 26.50 11.12
N THR B 107 -60.93 26.16 10.16
CA THR B 107 -60.83 26.88 8.90
C THR B 107 -61.08 25.97 7.70
N ASP B 108 -61.69 26.54 6.67
CA ASP B 108 -61.85 25.94 5.37
C ASP B 108 -61.35 26.93 4.32
N PRO B 109 -61.35 26.55 3.04
CA PRO B 109 -61.07 27.56 2.01
C PRO B 109 -62.04 28.73 2.03
N LYS B 110 -63.34 28.44 2.02
CA LYS B 110 -64.34 29.50 1.90
C LYS B 110 -64.24 30.50 3.05
N SER B 111 -64.06 30.01 4.26
CA SER B 111 -63.90 30.89 5.42
C SER B 111 -62.73 31.85 5.19
N ILE B 112 -61.57 31.34 4.81
CA ILE B 112 -60.41 32.21 4.62
C ILE B 112 -60.71 33.26 3.56
N ILE B 113 -61.17 32.81 2.38
CA ILE B 113 -61.42 33.75 1.30
C ILE B 113 -62.34 34.87 1.78
N THR B 114 -63.53 34.47 2.22
CA THR B 114 -64.52 35.41 2.71
C THR B 114 -63.92 36.36 3.73
N ARG B 115 -63.44 35.80 4.85
CA ARG B 115 -62.97 36.61 5.97
C ARG B 115 -61.93 37.62 5.53
N ILE B 116 -60.89 37.16 4.85
CA ILE B 116 -59.80 38.07 4.57
C ILE B 116 -60.23 39.16 3.60
N CYS B 117 -61.03 38.85 2.58
CA CYS B 117 -61.26 39.98 1.71
C CYS B 117 -62.35 40.87 2.29
N ASP B 118 -63.18 40.34 3.18
CA ASP B 118 -64.06 41.20 3.95
C ASP B 118 -63.25 42.20 4.76
N LEU B 119 -62.20 41.74 5.42
CA LEU B 119 -61.37 42.65 6.21
C LEU B 119 -60.76 43.73 5.32
N MET B 120 -60.16 43.31 4.21
CA MET B 120 -59.52 44.29 3.33
C MET B 120 -60.52 45.25 2.72
N SER B 121 -61.76 44.81 2.50
CA SER B 121 -62.81 45.71 2.03
C SER B 121 -63.31 46.61 3.14
N ASP B 122 -63.15 46.19 4.39
CA ASP B 122 -63.67 46.98 5.50
C ASP B 122 -62.74 48.13 5.85
N ARG B 123 -61.50 47.83 6.26
CA ARG B 123 -60.73 48.90 6.87
C ARG B 123 -59.38 49.10 6.21
N LYS B 124 -59.31 48.98 4.88
CA LYS B 124 -58.16 49.41 4.11
C LYS B 124 -56.88 48.72 4.59
N ILE B 125 -56.86 47.40 4.42
CA ILE B 125 -55.71 46.61 4.84
C ILE B 125 -54.61 46.71 3.78
N GLN B 126 -53.47 47.27 4.17
CA GLN B 126 -52.33 47.36 3.27
C GLN B 126 -51.62 46.01 3.15
N GLY B 127 -51.36 45.35 4.28
CA GLY B 127 -50.78 44.03 4.26
C GLY B 127 -51.33 43.21 5.41
N VAL B 128 -51.04 41.92 5.37
CA VAL B 128 -51.58 41.00 6.37
C VAL B 128 -50.52 39.95 6.72
N VAL B 129 -50.65 39.39 7.91
CA VAL B 129 -49.76 38.36 8.42
C VAL B 129 -50.60 37.19 8.90
N PHE B 130 -50.26 36.00 8.45
CA PHE B 130 -51.01 34.79 8.75
C PHE B 130 -50.27 33.97 9.80
N ALA B 131 -51.00 33.10 10.48
CA ALA B 131 -50.41 32.14 11.41
C ALA B 131 -51.45 31.10 11.75
N ASP B 132 -51.13 29.83 11.53
CA ASP B 132 -52.02 28.73 11.85
C ASP B 132 -51.18 27.49 12.10
N ASP B 133 -51.84 26.33 12.13
CA ASP B 133 -51.16 25.05 12.37
C ASP B 133 -51.95 23.97 11.65
N THR B 134 -51.77 22.72 12.09
CA THR B 134 -52.42 21.50 11.60
C THR B 134 -51.84 21.01 10.28
N ASP B 135 -50.91 21.74 9.66
CA ASP B 135 -50.10 21.22 8.57
C ASP B 135 -50.96 20.72 7.40
N GLN B 136 -51.67 21.65 6.77
CA GLN B 136 -52.40 21.38 5.54
C GLN B 136 -52.03 22.48 4.54
N GLU B 137 -50.92 22.27 3.83
CA GLU B 137 -50.32 23.29 2.98
C GLU B 137 -51.26 23.83 1.92
N ALA B 138 -52.41 23.18 1.72
CA ALA B 138 -53.43 23.75 0.87
C ALA B 138 -53.65 25.21 1.18
N ILE B 139 -53.62 25.58 2.46
CA ILE B 139 -53.75 26.99 2.81
C ILE B 139 -52.56 27.77 2.28
N ALA B 140 -51.38 27.17 2.24
CA ALA B 140 -50.24 27.87 1.68
C ALA B 140 -50.41 28.14 0.20
N GLN B 141 -51.08 27.24 -0.52
CA GLN B 141 -51.39 27.55 -1.90
C GLN B 141 -52.46 28.62 -2.01
N ILE B 142 -53.50 28.51 -1.17
CA ILE B 142 -54.63 29.42 -1.26
C ILE B 142 -54.18 30.85 -1.03
N LEU B 143 -53.39 31.07 0.02
CA LEU B 143 -52.92 32.40 0.33
C LEU B 143 -52.11 32.98 -0.82
N ASP B 144 -51.29 32.15 -1.47
CA ASP B 144 -50.51 32.62 -2.60
C ASP B 144 -51.42 33.06 -3.74
N PHE B 145 -52.41 32.24 -4.07
CA PHE B 145 -53.33 32.61 -5.14
C PHE B 145 -54.03 33.92 -4.83
N ILE B 146 -54.47 34.08 -3.58
CA ILE B 146 -55.07 35.35 -3.17
C ILE B 146 -54.11 36.49 -3.40
N SER B 147 -52.88 36.36 -2.90
CA SER B 147 -51.89 37.39 -3.10
C SER B 147 -51.78 37.80 -4.56
N ALA B 148 -51.67 36.80 -5.44
CA ALA B 148 -51.57 37.11 -6.86
C ALA B 148 -52.79 37.90 -7.32
N GLN B 149 -53.98 37.47 -6.92
CA GLN B 149 -55.19 38.08 -7.46
C GLN B 149 -55.45 39.49 -6.94
N THR B 150 -54.79 39.90 -5.87
CA THR B 150 -55.05 41.21 -5.29
C THR B 150 -53.84 42.12 -5.27
N LEU B 151 -52.65 41.62 -5.59
CA LEU B 151 -51.42 42.40 -5.54
C LEU B 151 -51.28 43.07 -4.18
N THR B 152 -51.13 42.23 -3.16
CA THR B 152 -51.11 42.69 -1.80
C THR B 152 -50.10 41.83 -1.04
N PRO B 153 -49.13 42.44 -0.40
CA PRO B 153 -48.10 41.64 0.26
C PRO B 153 -48.60 41.02 1.55
N ILE B 154 -48.81 39.71 1.53
CA ILE B 154 -49.11 38.97 2.74
C ILE B 154 -47.84 38.27 3.19
N LEU B 155 -47.85 37.76 4.42
CA LEU B 155 -46.62 37.18 4.95
C LEU B 155 -47.02 36.07 5.92
N GLY B 156 -47.09 34.86 5.39
CA GLY B 156 -47.52 33.73 6.19
C GLY B 156 -46.42 33.20 7.08
N ILE B 157 -46.63 33.24 8.40
CA ILE B 157 -45.59 32.78 9.30
C ILE B 157 -46.15 31.91 10.42
N HIS B 158 -46.20 30.60 10.19
CA HIS B 158 -46.19 29.59 11.24
C HIS B 158 -46.32 28.22 10.59
N GLY B 159 -46.22 27.17 11.39
CA GLY B 159 -46.17 25.80 10.88
C GLY B 159 -47.16 25.49 9.78
N GLY B 160 -48.38 26.00 9.88
CA GLY B 160 -49.35 25.75 8.82
C GLY B 160 -48.90 26.32 7.50
N SER B 161 -48.81 27.64 7.42
CA SER B 161 -48.40 28.27 6.17
C SER B 161 -46.95 27.98 5.83
N SER B 162 -46.09 27.91 6.83
CA SER B 162 -44.65 27.81 6.58
C SER B 162 -44.32 26.40 6.09
N MET B 163 -44.67 26.16 4.83
CA MET B 163 -44.20 25.00 4.10
C MET B 163 -43.87 25.47 2.70
N ILE B 164 -42.57 25.54 2.39
CA ILE B 164 -42.12 26.24 1.20
C ILE B 164 -42.76 25.63 -0.04
N MET B 165 -43.46 26.45 -0.80
CA MET B 165 -43.86 26.09 -2.15
C MET B 165 -42.63 26.19 -3.03
N ALA B 166 -42.45 25.21 -3.91
CA ALA B 166 -41.27 25.22 -4.78
C ALA B 166 -41.34 26.37 -5.77
N ASP B 167 -42.35 26.37 -6.64
CA ASP B 167 -42.49 27.36 -7.71
C ASP B 167 -43.77 28.14 -7.49
N LYS B 168 -43.64 29.35 -6.96
CA LYS B 168 -44.80 30.20 -6.74
C LYS B 168 -45.25 30.79 -8.07
N ASP B 169 -46.22 31.70 -8.02
CA ASP B 169 -46.67 32.40 -9.20
C ASP B 169 -45.81 33.63 -9.45
N GLU B 170 -45.97 34.23 -10.63
CA GLU B 170 -45.16 35.37 -11.02
C GLU B 170 -45.62 36.67 -10.37
N SER B 171 -46.89 37.00 -10.53
CA SER B 171 -47.44 38.24 -9.98
C SER B 171 -47.75 38.13 -8.50
N SER B 172 -47.23 37.11 -7.83
CA SER B 172 -47.49 36.95 -6.40
C SER B 172 -46.61 37.86 -5.59
N MET B 173 -47.02 38.10 -4.34
CA MET B 173 -46.19 38.72 -3.33
C MET B 173 -46.47 37.98 -2.03
N PHE B 174 -45.73 36.89 -1.79
CA PHE B 174 -46.05 35.96 -0.72
C PHE B 174 -44.99 35.90 0.36
N PHE B 175 -43.75 35.57 0.02
CA PHE B 175 -42.62 35.67 0.95
C PHE B 175 -42.86 34.85 2.21
N GLN B 176 -42.81 33.54 2.03
CA GLN B 176 -42.99 32.60 3.12
C GLN B 176 -41.85 32.73 4.14
N PHE B 177 -41.89 31.90 5.17
CA PHE B 177 -41.03 32.05 6.34
C PHE B 177 -40.41 30.69 6.67
N GLY B 178 -39.25 30.41 6.08
CA GLY B 178 -38.61 29.13 6.28
C GLY B 178 -37.46 28.85 5.34
N PRO B 179 -36.87 27.67 5.44
CA PRO B 179 -35.67 27.35 4.66
C PRO B 179 -35.99 26.63 3.36
N SER B 180 -35.09 26.80 2.40
CA SER B 180 -35.20 26.16 1.09
C SER B 180 -34.75 24.71 1.17
N ILE B 181 -34.52 24.09 0.02
CA ILE B 181 -33.89 22.78 0.01
C ILE B 181 -32.38 22.90 0.00
N GLU B 182 -31.83 23.69 -0.93
CA GLU B 182 -30.39 23.78 -1.05
C GLU B 182 -29.73 24.20 0.24
N GLN B 183 -30.39 25.04 1.03
CA GLN B 183 -29.80 25.40 2.32
C GLN B 183 -29.71 24.20 3.23
N GLN B 184 -30.74 23.36 3.22
CA GLN B 184 -30.66 22.14 4.02
C GLN B 184 -29.53 21.26 3.52
N ALA B 185 -29.34 21.18 2.21
CA ALA B 185 -28.24 20.39 1.68
C ALA B 185 -26.90 20.94 2.13
N SER B 186 -26.73 22.25 2.08
CA SER B 186 -25.47 22.84 2.52
C SER B 186 -25.22 22.59 4.00
N VAL B 187 -26.26 22.65 4.82
CA VAL B 187 -26.06 22.34 6.23
C VAL B 187 -25.64 20.89 6.40
N MET B 188 -26.28 19.98 5.66
CA MET B 188 -25.84 18.60 5.69
C MET B 188 -24.36 18.49 5.37
N LEU B 189 -23.93 19.20 4.34
CA LEU B 189 -22.52 19.10 3.95
C LEU B 189 -21.61 19.65 5.03
N ASN B 190 -22.01 20.73 5.68
CA ASN B 190 -21.18 21.25 6.77
C ASN B 190 -21.03 20.21 7.88
N ILE B 191 -22.16 19.67 8.34
CA ILE B 191 -22.10 18.64 9.37
C ILE B 191 -21.16 17.52 8.95
N MET B 192 -21.34 17.00 7.74
CA MET B 192 -20.49 15.90 7.30
C MET B 192 -19.03 16.28 7.26
N GLU B 193 -18.68 17.43 6.69
CA GLU B 193 -17.28 17.79 6.59
C GLU B 193 -16.68 18.04 7.95
N GLU B 194 -17.50 18.15 8.99
CA GLU B 194 -16.90 18.23 10.31
C GLU B 194 -16.29 16.90 10.74
N TYR B 195 -17.05 15.80 10.66
CA TYR B 195 -16.54 14.50 11.10
C TYR B 195 -16.40 13.49 9.98
N ASP B 196 -17.50 13.12 9.34
CA ASP B 196 -17.59 11.92 8.50
C ASP B 196 -17.42 12.38 7.06
N TRP B 197 -16.46 11.80 6.36
CA TRP B 197 -15.78 12.59 5.36
C TRP B 197 -16.31 12.42 3.94
N TYR B 198 -17.23 11.50 3.67
CA TYR B 198 -17.61 11.22 2.29
C TYR B 198 -19.13 11.17 2.13
N ILE B 199 -19.64 11.76 1.05
CA ILE B 199 -21.05 11.62 0.75
C ILE B 199 -21.19 10.25 0.14
N PHE B 200 -21.35 9.25 0.99
CA PHE B 200 -21.12 7.91 0.52
C PHE B 200 -22.23 7.41 -0.38
N SER B 201 -23.41 8.01 -0.33
CA SER B 201 -24.47 7.61 -1.25
C SER B 201 -25.63 8.58 -1.13
N ILE B 202 -26.53 8.46 -2.09
CA ILE B 202 -27.77 9.23 -2.13
C ILE B 202 -28.83 8.31 -2.73
N VAL B 203 -29.84 8.00 -1.94
CA VAL B 203 -30.91 7.13 -2.38
C VAL B 203 -32.23 7.88 -2.23
N THR B 204 -32.85 8.19 -3.36
CA THR B 204 -34.01 9.08 -3.35
C THR B 204 -35.00 8.67 -4.42
N THR B 205 -36.26 8.68 -4.06
CA THR B 205 -37.32 8.53 -5.04
C THR B 205 -37.37 9.82 -5.85
N TYR B 206 -38.32 9.92 -6.79
CA TYR B 206 -38.43 11.12 -7.60
C TYR B 206 -39.69 11.91 -7.25
N PHE B 207 -40.03 11.93 -5.98
CA PHE B 207 -40.89 12.96 -5.45
C PHE B 207 -40.33 14.32 -5.85
N PRO B 208 -41.18 15.31 -6.15
CA PRO B 208 -40.69 16.59 -6.67
C PRO B 208 -39.64 17.21 -5.79
N GLY B 209 -38.92 18.19 -6.36
CA GLY B 209 -37.69 18.67 -5.77
C GLY B 209 -36.53 17.72 -5.94
N TYR B 210 -36.78 16.58 -6.59
CA TYR B 210 -35.76 15.55 -6.73
C TYR B 210 -34.50 16.08 -7.39
N GLN B 211 -34.58 16.42 -8.67
CA GLN B 211 -33.40 16.74 -9.47
C GLN B 211 -32.57 17.86 -8.87
N ASP B 212 -33.17 18.75 -8.09
CA ASP B 212 -32.40 19.87 -7.55
C ASP B 212 -31.57 19.47 -6.35
N PHE B 213 -32.11 18.59 -5.50
CA PHE B 213 -31.36 18.17 -4.32
C PHE B 213 -30.03 17.56 -4.73
N VAL B 214 -30.04 16.63 -5.69
CA VAL B 214 -28.79 16.03 -6.14
C VAL B 214 -27.88 17.09 -6.74
N ASN B 215 -28.45 17.96 -7.59
CA ASN B 215 -27.64 18.95 -8.29
C ASN B 215 -26.90 19.85 -7.32
N LYS B 216 -27.54 20.26 -6.23
CA LYS B 216 -26.90 21.19 -5.33
C LYS B 216 -25.68 20.56 -4.66
N ILE B 217 -25.85 19.38 -4.07
CA ILE B 217 -24.71 18.79 -3.39
C ILE B 217 -23.66 18.37 -4.39
N ARG B 218 -24.03 18.03 -5.61
CA ARG B 218 -23.00 17.71 -6.59
C ARG B 218 -22.19 18.94 -6.94
N SER B 219 -22.86 20.07 -7.16
CA SER B 219 -22.18 21.31 -7.43
C SER B 219 -21.28 21.73 -6.28
N THR B 220 -21.63 21.38 -5.05
CA THR B 220 -20.72 21.69 -3.96
C THR B 220 -19.59 20.67 -3.86
N ILE B 221 -19.86 19.41 -4.18
CA ILE B 221 -18.82 18.40 -4.20
C ILE B 221 -17.69 18.81 -5.13
N GLU B 222 -18.02 19.03 -6.40
CA GLU B 222 -16.96 19.32 -7.36
C GLU B 222 -16.17 20.56 -6.96
N ASN B 223 -16.87 21.60 -6.54
CA ASN B 223 -16.26 22.91 -6.34
C ASN B 223 -15.68 23.03 -4.92
N SER B 224 -14.72 22.16 -4.62
CA SER B 224 -14.06 22.22 -3.33
C SER B 224 -12.62 21.77 -3.46
N PHE B 225 -11.88 21.93 -2.37
CA PHE B 225 -10.48 21.53 -2.33
C PHE B 225 -10.22 20.41 -1.36
N VAL B 226 -11.25 19.83 -0.76
CA VAL B 226 -11.03 18.68 0.11
C VAL B 226 -11.74 17.47 -0.48
N GLY B 227 -11.58 16.32 0.17
CA GLY B 227 -11.78 15.04 -0.48
C GLY B 227 -13.09 14.81 -1.22
N TRP B 228 -14.17 14.62 -0.49
CA TRP B 228 -15.52 14.50 -1.06
C TRP B 228 -15.60 13.43 -2.16
N GLU B 229 -15.44 12.18 -1.76
CA GLU B 229 -15.67 11.09 -2.71
C GLU B 229 -17.12 10.61 -2.62
N LEU B 230 -17.93 11.01 -3.58
CA LEU B 230 -19.26 10.44 -3.72
C LEU B 230 -19.17 9.11 -4.45
N GLU B 231 -19.87 8.11 -3.93
CA GLU B 231 -19.76 6.76 -4.46
C GLU B 231 -20.78 6.50 -5.55
N GLU B 232 -22.08 6.59 -5.25
CA GLU B 232 -23.08 6.51 -6.31
C GLU B 232 -24.41 7.00 -5.80
N VAL B 233 -25.11 7.71 -6.67
CA VAL B 233 -26.51 8.07 -6.47
C VAL B 233 -27.36 7.05 -7.19
N LEU B 234 -28.48 6.66 -6.60
CA LEU B 234 -29.37 5.71 -7.26
C LEU B 234 -30.80 5.98 -6.82
N LEU B 235 -31.67 6.22 -7.79
CA LEU B 235 -33.08 6.39 -7.52
C LEU B 235 -33.76 5.03 -7.57
N LEU B 236 -35.04 5.01 -7.23
CA LEU B 236 -35.82 3.79 -7.23
C LEU B 236 -37.27 4.10 -7.58
N ASP B 237 -37.85 3.25 -8.42
CA ASP B 237 -39.23 3.42 -8.88
C ASP B 237 -40.14 2.80 -7.85
N MET B 238 -40.43 3.56 -6.80
CA MET B 238 -41.26 3.06 -5.70
C MET B 238 -42.67 2.72 -6.17
N SER B 239 -43.11 3.28 -7.30
CA SER B 239 -44.48 3.06 -7.75
C SER B 239 -44.74 1.61 -8.15
N LEU B 240 -43.70 0.81 -8.36
CA LEU B 240 -43.84 -0.61 -8.65
C LEU B 240 -42.90 -1.36 -7.70
N ASP B 241 -43.48 -2.07 -6.74
CA ASP B 241 -42.71 -2.63 -5.63
C ASP B 241 -42.27 -4.08 -5.91
N ASP B 242 -41.57 -4.25 -7.03
CA ASP B 242 -40.90 -5.51 -7.33
C ASP B 242 -39.40 -5.37 -7.43
N GLY B 243 -38.90 -4.47 -8.28
CA GLY B 243 -37.48 -4.28 -8.46
C GLY B 243 -36.78 -3.60 -7.32
N ASP B 244 -37.54 -3.15 -6.33
CA ASP B 244 -36.92 -2.52 -5.16
C ASP B 244 -36.06 -3.50 -4.38
N SER B 245 -36.38 -4.79 -4.42
CA SER B 245 -35.52 -5.76 -3.75
C SER B 245 -34.17 -5.84 -4.43
N LYS B 246 -34.13 -5.78 -5.76
CA LYS B 246 -32.85 -5.80 -6.46
C LYS B 246 -32.09 -4.51 -6.24
N ILE B 247 -32.79 -3.38 -6.30
CA ILE B 247 -32.12 -2.11 -6.00
C ILE B 247 -31.68 -2.06 -4.55
N GLN B 248 -32.32 -2.85 -3.68
CA GLN B 248 -31.90 -2.92 -2.29
C GLN B 248 -30.70 -3.84 -2.11
N ASN B 249 -30.61 -4.88 -2.92
CA ASN B 249 -29.34 -5.58 -3.06
C ASN B 249 -28.24 -4.60 -3.42
N GLN B 250 -28.51 -3.75 -4.41
CA GLN B 250 -27.58 -2.69 -4.77
C GLN B 250 -27.40 -1.67 -3.66
N LEU B 251 -28.39 -1.55 -2.76
CA LEU B 251 -28.25 -0.73 -1.58
C LEU B 251 -27.28 -1.32 -0.59
N LYS B 252 -27.32 -2.64 -0.42
CA LYS B 252 -26.22 -3.33 0.24
C LYS B 252 -24.92 -3.08 -0.51
N LYS B 253 -24.99 -2.88 -1.83
CA LYS B 253 -23.82 -2.49 -2.59
C LYS B 253 -23.39 -1.06 -2.30
N LEU B 254 -24.00 -0.40 -1.31
CA LEU B 254 -23.50 0.87 -0.81
C LEU B 254 -22.62 0.60 0.41
N GLN B 255 -21.49 -0.06 0.16
CA GLN B 255 -20.58 -0.42 1.24
C GLN B 255 -19.93 0.87 1.73
N SER B 256 -20.64 1.55 2.62
CA SER B 256 -20.29 2.93 2.88
C SER B 256 -21.02 3.45 4.11
N PRO B 257 -20.34 4.14 5.01
CA PRO B 257 -20.96 4.49 6.29
C PRO B 257 -22.07 5.53 6.20
N ILE B 258 -21.83 6.68 5.60
CA ILE B 258 -22.71 7.84 5.72
C ILE B 258 -23.58 7.88 4.47
N ILE B 259 -24.81 7.43 4.60
CA ILE B 259 -25.76 7.44 3.50
C ILE B 259 -26.70 8.61 3.68
N LEU B 260 -27.23 9.13 2.57
CA LEU B 260 -28.20 10.22 2.58
C LEU B 260 -29.41 9.83 1.76
N LEU B 261 -30.58 10.33 2.16
CA LEU B 261 -31.79 10.03 1.41
C LEU B 261 -32.77 11.17 1.54
N TYR B 262 -33.76 11.17 0.65
CA TYR B 262 -34.70 12.28 0.54
C TYR B 262 -35.98 11.72 -0.08
N CYS B 263 -36.98 11.50 0.75
CA CYS B 263 -38.28 11.03 0.29
C CYS B 263 -39.33 11.42 1.32
N THR B 264 -40.56 11.00 1.08
CA THR B 264 -41.66 11.34 1.97
C THR B 264 -41.60 10.45 3.20
N LYS B 265 -42.58 10.59 4.09
CA LYS B 265 -42.55 9.87 5.36
C LYS B 265 -42.80 8.39 5.17
N GLU B 266 -43.90 8.03 4.50
CA GLU B 266 -44.21 6.62 4.29
C GLU B 266 -43.13 5.94 3.48
N GLU B 267 -42.59 6.63 2.48
CA GLU B 267 -41.47 6.09 1.74
C GLU B 267 -40.28 5.85 2.66
N ALA B 268 -40.07 6.73 3.64
CA ALA B 268 -38.99 6.51 4.57
C ALA B 268 -39.23 5.26 5.41
N THR B 269 -40.46 5.06 5.86
CA THR B 269 -40.78 3.83 6.58
C THR B 269 -40.46 2.60 5.74
N TYR B 270 -40.95 2.61 4.50
CA TYR B 270 -40.73 1.48 3.59
C TYR B 270 -39.24 1.22 3.38
N ILE B 271 -38.48 2.27 3.06
CA ILE B 271 -37.06 2.09 2.81
C ILE B 271 -36.33 1.65 4.06
N PHE B 272 -36.75 2.12 5.23
CA PHE B 272 -36.06 1.71 6.44
C PHE B 272 -36.34 0.27 6.81
N GLU B 273 -37.58 -0.19 6.63
CA GLU B 273 -37.83 -1.61 6.87
C GLU B 273 -37.11 -2.47 5.85
N VAL B 274 -36.97 -1.99 4.60
CA VAL B 274 -36.20 -2.76 3.62
C VAL B 274 -34.75 -2.85 4.03
N ALA B 275 -34.14 -1.72 4.39
CA ALA B 275 -32.76 -1.74 4.88
C ALA B 275 -32.61 -2.58 6.14
N ASN B 276 -33.70 -2.77 6.89
CA ASN B 276 -33.67 -3.76 7.95
C ASN B 276 -33.66 -5.17 7.37
N SER B 277 -34.40 -5.39 6.28
CA SER B 277 -34.42 -6.70 5.65
C SER B 277 -33.06 -7.06 5.07
N VAL B 278 -32.28 -6.05 4.65
CA VAL B 278 -30.92 -6.29 4.16
C VAL B 278 -29.88 -5.83 5.17
N GLY B 279 -30.31 -5.50 6.38
CA GLY B 279 -29.38 -5.28 7.47
C GLY B 279 -28.52 -4.04 7.37
N LEU B 280 -28.91 -3.05 6.57
CA LEU B 280 -28.17 -1.80 6.55
C LEU B 280 -28.59 -0.86 7.65
N THR B 281 -29.54 -1.24 8.49
CA THR B 281 -29.91 -0.43 9.63
C THR B 281 -28.91 -0.52 10.78
N GLY B 282 -27.90 -1.37 10.66
CA GLY B 282 -26.95 -1.59 11.72
C GLY B 282 -26.12 -0.36 12.04
N TYR B 283 -25.31 -0.50 13.08
CA TYR B 283 -24.48 0.60 13.56
C TYR B 283 -23.24 0.82 12.70
N GLY B 284 -23.06 0.04 11.64
CA GLY B 284 -22.01 0.32 10.69
C GLY B 284 -22.48 1.32 9.65
N TYR B 285 -23.28 2.27 10.10
CA TYR B 285 -23.94 3.22 9.22
C TYR B 285 -24.26 4.49 9.98
N THR B 286 -24.90 5.42 9.28
CA THR B 286 -25.38 6.67 9.82
C THR B 286 -26.24 7.30 8.74
N TRP B 287 -27.36 7.89 9.11
CA TRP B 287 -28.29 8.40 8.12
C TRP B 287 -28.58 9.87 8.37
N ILE B 288 -29.01 10.56 7.32
CA ILE B 288 -29.32 11.98 7.37
C ILE B 288 -30.53 12.23 6.48
N VAL B 289 -31.40 13.13 6.91
CA VAL B 289 -32.64 13.41 6.18
C VAL B 289 -32.88 14.91 6.25
N PRO B 290 -33.61 15.46 5.30
CA PRO B 290 -33.93 16.89 5.31
C PRO B 290 -35.11 17.14 6.25
N SER B 291 -35.52 18.40 6.33
CA SER B 291 -36.58 18.79 7.26
C SER B 291 -37.95 18.47 6.68
N LEU B 292 -38.09 17.27 6.17
CA LEU B 292 -39.37 16.78 5.69
C LEU B 292 -39.69 15.40 6.22
N VAL B 293 -38.70 14.56 6.49
CA VAL B 293 -38.93 13.20 6.95
C VAL B 293 -39.30 13.29 8.43
N ALA B 294 -40.61 13.28 8.71
CA ALA B 294 -41.15 13.05 10.04
C ALA B 294 -40.82 14.18 11.01
N GLY B 295 -40.00 15.15 10.59
CA GLY B 295 -39.68 16.25 11.47
C GLY B 295 -40.88 17.03 11.95
N ASP B 296 -41.99 16.96 11.20
CA ASP B 296 -43.20 17.68 11.54
C ASP B 296 -44.04 16.91 12.55
N THR B 297 -43.40 16.43 13.62
CA THR B 297 -44.11 15.63 14.60
C THR B 297 -43.18 15.41 15.78
N ASP B 298 -43.78 15.00 16.90
CA ASP B 298 -43.05 14.44 18.02
C ASP B 298 -43.35 12.95 18.20
N THR B 299 -43.98 12.33 17.21
CA THR B 299 -44.37 10.92 17.29
C THR B 299 -43.66 10.16 16.19
N VAL B 300 -42.50 9.59 16.52
CA VAL B 300 -41.72 8.82 15.57
C VAL B 300 -42.40 7.47 15.36
N PRO B 301 -42.59 7.04 14.12
CA PRO B 301 -43.12 5.70 13.87
C PRO B 301 -42.10 4.64 14.24
N SER B 302 -42.45 3.39 13.99
CA SER B 302 -41.47 2.32 14.08
C SER B 302 -40.56 2.35 12.86
N GLU B 303 -39.66 1.38 12.78
CA GLU B 303 -38.72 1.18 11.69
C GLU B 303 -37.68 2.27 11.58
N PHE B 304 -37.76 3.32 12.38
CA PHE B 304 -36.81 4.41 12.28
C PHE B 304 -35.58 4.07 13.11
N PRO B 305 -34.44 3.78 12.49
CA PRO B 305 -33.25 3.42 13.26
C PRO B 305 -32.74 4.60 14.06
N THR B 306 -32.30 4.30 15.27
CA THR B 306 -31.84 5.35 16.16
C THR B 306 -30.58 6.01 15.60
N GLY B 307 -30.12 7.04 16.29
CA GLY B 307 -29.01 7.82 15.83
C GLY B 307 -29.29 8.66 14.60
N LEU B 308 -30.42 8.44 13.93
CA LEU B 308 -30.79 9.20 12.75
C LEU B 308 -30.67 10.69 13.00
N ILE B 309 -30.13 11.42 12.03
CA ILE B 309 -29.94 12.86 12.13
C ILE B 309 -30.84 13.54 11.11
N SER B 310 -31.38 14.68 11.49
CA SER B 310 -32.04 15.57 10.55
C SER B 310 -31.62 17.00 10.83
N VAL B 311 -32.24 17.92 10.11
CA VAL B 311 -32.02 19.34 10.29
C VAL B 311 -33.35 20.04 10.01
N SER B 312 -33.96 20.60 11.05
CA SER B 312 -35.27 21.21 10.92
C SER B 312 -35.23 22.66 11.36
N TYR B 313 -36.37 23.30 11.24
CA TYR B 313 -36.56 24.67 11.69
C TYR B 313 -36.67 24.67 13.21
N ASP B 314 -36.37 25.82 13.82
CA ASP B 314 -36.28 25.89 15.28
C ASP B 314 -37.65 26.26 15.86
N GLU B 315 -38.58 25.33 15.69
CA GLU B 315 -39.93 25.47 16.21
C GLU B 315 -40.04 25.09 17.67
N TRP B 316 -38.93 25.08 18.41
CA TRP B 316 -38.94 24.61 19.79
C TRP B 316 -38.65 25.72 20.78
N ASP B 317 -38.04 26.81 20.34
CA ASP B 317 -37.79 27.95 21.18
C ASP B 317 -38.17 29.27 20.56
N TYR B 318 -38.32 29.35 19.25
CA TYR B 318 -38.58 30.62 18.60
C TYR B 318 -39.99 31.08 18.91
N GLY B 319 -40.10 32.24 19.57
CA GLY B 319 -41.36 32.71 20.09
C GLY B 319 -42.36 33.16 19.05
N LEU B 320 -43.56 32.60 19.10
CA LEU B 320 -44.63 33.08 18.24
C LEU B 320 -44.85 34.59 18.34
N PRO B 321 -44.94 35.20 19.53
CA PRO B 321 -45.01 36.66 19.57
C PRO B 321 -43.79 37.33 18.98
N ALA B 322 -42.61 36.77 19.19
CA ALA B 322 -41.42 37.30 18.52
C ALA B 322 -41.58 37.26 17.02
N ARG B 323 -42.13 36.16 16.50
CA ARG B 323 -42.41 36.07 15.08
C ARG B 323 -43.34 37.18 14.63
N VAL B 324 -44.43 37.38 15.36
CA VAL B 324 -45.41 38.41 14.99
C VAL B 324 -44.73 39.77 14.93
N ARG B 325 -43.99 40.10 15.99
CA ARG B 325 -43.28 41.37 16.01
C ARG B 325 -42.34 41.50 14.82
N ASP B 326 -41.61 40.42 14.50
CA ASP B 326 -40.70 40.46 13.38
C ASP B 326 -41.43 40.81 12.09
N GLY B 327 -42.56 40.14 11.84
CA GLY B 327 -43.29 40.41 10.61
C GLY B 327 -43.84 41.81 10.56
N ILE B 328 -44.39 42.28 11.69
CA ILE B 328 -44.88 43.66 11.75
C ILE B 328 -43.77 44.63 11.39
N ALA B 329 -42.61 44.46 12.04
CA ALA B 329 -41.46 45.28 11.72
C ALA B 329 -41.09 45.19 10.25
N ILE B 330 -41.18 43.99 9.68
CA ILE B 330 -40.85 43.83 8.27
C ILE B 330 -41.71 44.75 7.43
N ILE B 331 -43.02 44.64 7.58
CA ILE B 331 -43.91 45.42 6.71
C ILE B 331 -43.74 46.90 6.96
N THR B 332 -43.57 47.29 8.22
CA THR B 332 -43.43 48.72 8.52
C THR B 332 -42.14 49.28 7.95
N THR B 333 -41.03 48.60 8.15
CA THR B 333 -39.76 49.06 7.59
C THR B 333 -39.85 49.14 6.08
N ALA B 334 -40.52 48.18 5.45
CA ALA B 334 -40.68 48.23 4.01
C ALA B 334 -41.46 49.46 3.59
N ALA B 335 -42.61 49.70 4.24
CA ALA B 335 -43.42 50.85 3.89
C ALA B 335 -42.63 52.14 4.05
N SER B 336 -41.85 52.25 5.13
CA SER B 336 -41.04 53.44 5.32
C SER B 336 -40.02 53.60 4.20
N ASP B 337 -39.17 52.58 4.00
CA ASP B 337 -38.14 52.65 2.98
C ASP B 337 -38.72 52.90 1.60
N MET B 338 -39.99 52.59 1.39
CA MET B 338 -40.60 52.89 0.10
C MET B 338 -41.07 54.34 0.05
N LEU B 339 -41.86 54.76 1.04
CA LEU B 339 -42.47 56.08 0.99
C LEU B 339 -41.47 57.18 1.29
N SER B 340 -40.89 57.16 2.49
CA SER B 340 -39.99 58.23 2.90
C SER B 340 -38.93 58.52 1.86
N GLU B 341 -38.49 57.50 1.13
CA GLU B 341 -37.48 57.71 0.10
C GLU B 341 -38.10 58.23 -1.20
N HIS B 342 -39.38 57.94 -1.43
CA HIS B 342 -40.03 58.32 -2.67
C HIS B 342 -41.31 59.12 -2.49
N SER B 343 -41.88 59.15 -1.29
CA SER B 343 -43.13 59.86 -1.01
C SER B 343 -44.23 59.38 -1.94
N PHE B 344 -44.14 58.12 -2.33
CA PHE B 344 -45.10 57.51 -3.25
C PHE B 344 -46.39 57.18 -2.50
N ILE B 345 -47.26 56.45 -3.17
CA ILE B 345 -48.56 56.07 -2.62
C ILE B 345 -48.71 54.56 -2.74
N PRO B 346 -48.68 53.82 -1.63
CA PRO B 346 -49.06 52.40 -1.68
C PRO B 346 -50.58 52.29 -1.58
N GLU B 347 -51.24 52.76 -2.63
CA GLU B 347 -52.67 53.01 -2.61
C GLU B 347 -53.46 51.77 -2.18
N PRO B 348 -54.37 51.88 -1.23
CA PRO B 348 -55.17 50.72 -0.83
C PRO B 348 -56.12 50.31 -1.94
N LYS B 349 -56.66 49.10 -1.79
CA LYS B 349 -57.57 48.57 -2.78
C LYS B 349 -59.00 48.96 -2.44
N SER B 350 -59.78 49.26 -3.48
CA SER B 350 -61.18 49.62 -3.26
C SER B 350 -61.93 48.53 -2.54
N SER B 351 -61.89 47.31 -3.08
CA SER B 351 -62.51 46.16 -2.46
C SER B 351 -61.60 44.96 -2.68
N CYS B 352 -62.01 43.81 -2.15
CA CYS B 352 -61.32 42.60 -2.54
C CYS B 352 -61.56 42.34 -4.03
N TYR B 353 -60.74 41.46 -4.58
CA TYR B 353 -60.52 41.43 -6.03
C TYR B 353 -61.81 40.99 -6.71
N ASN B 354 -62.73 41.94 -6.83
CA ASN B 354 -63.99 41.72 -7.51
C ASN B 354 -63.95 42.29 -8.93
N THR B 355 -63.73 43.58 -9.07
CA THR B 355 -63.52 44.14 -10.40
C THR B 355 -62.31 45.07 -10.49
N HIS B 356 -62.01 45.82 -9.42
CA HIS B 356 -61.14 46.98 -9.52
C HIS B 356 -59.66 46.66 -9.42
N GLU B 357 -59.25 45.42 -9.70
CA GLU B 357 -57.83 45.11 -9.69
C GLU B 357 -57.05 45.89 -10.74
N LYS B 358 -57.74 46.39 -11.77
CA LYS B 358 -57.04 47.12 -12.82
C LYS B 358 -56.46 48.43 -12.33
N ARG B 359 -57.21 49.19 -11.53
CA ARG B 359 -56.72 50.48 -11.05
C ARG B 359 -55.47 50.33 -10.20
N ILE B 360 -55.35 49.22 -9.46
CA ILE B 360 -54.14 48.96 -8.69
C ILE B 360 -53.05 48.30 -9.50
N TYR B 361 -53.40 47.65 -10.62
CA TYR B 361 -52.39 47.04 -11.47
C TYR B 361 -51.42 48.07 -12.03
N GLN B 362 -51.88 49.31 -12.24
CA GLN B 362 -51.01 50.34 -12.78
C GLN B 362 -49.92 50.73 -11.81
N SER B 363 -50.17 50.63 -10.51
CA SER B 363 -49.18 50.99 -9.50
C SER B 363 -47.98 50.06 -9.57
N ASN B 364 -46.79 50.65 -9.46
CA ASN B 364 -45.57 49.87 -9.39
C ASN B 364 -45.44 49.23 -8.02
N MET B 365 -44.84 48.05 -7.99
CA MET B 365 -44.84 47.23 -6.80
C MET B 365 -43.64 47.52 -5.92
N LEU B 366 -43.91 47.60 -4.61
CA LEU B 366 -42.89 47.86 -3.61
C LEU B 366 -42.11 46.60 -3.24
N ASN B 367 -42.32 45.51 -3.97
CA ASN B 367 -41.64 44.26 -3.65
C ASN B 367 -40.13 44.43 -3.61
N ARG B 368 -39.59 45.25 -4.51
CA ARG B 368 -38.14 45.50 -4.49
C ARG B 368 -37.69 45.99 -3.13
N TYR B 369 -38.49 46.85 -2.51
CA TYR B 369 -38.16 47.35 -1.18
C TYR B 369 -38.52 46.35 -0.08
N LEU B 370 -39.39 45.41 -0.36
CA LEU B 370 -39.73 44.38 0.60
C LEU B 370 -38.72 43.25 0.62
N ILE B 371 -37.94 43.09 -0.45
CA ILE B 371 -36.98 41.99 -0.52
C ILE B 371 -35.93 42.12 0.57
N ASN B 372 -35.33 43.30 0.67
CA ASN B 372 -34.11 43.52 1.45
C ASN B 372 -34.42 44.49 2.58
N VAL B 373 -34.57 43.94 3.78
CA VAL B 373 -34.92 44.72 4.96
C VAL B 373 -34.24 44.11 6.17
N THR B 374 -33.48 44.92 6.90
CA THR B 374 -32.93 44.51 8.18
C THR B 374 -33.59 45.29 9.31
N PHE B 375 -33.38 44.79 10.52
CA PHE B 375 -33.90 45.40 11.73
C PHE B 375 -33.39 44.60 12.91
N GLU B 376 -33.31 45.24 14.08
CA GLU B 376 -33.06 44.55 15.34
C GLU B 376 -31.66 43.92 15.36
N GLY B 377 -30.82 44.26 14.39
CA GLY B 377 -29.55 43.60 14.28
C GLY B 377 -29.62 42.25 13.60
N ARG B 378 -30.60 42.04 12.73
CA ARG B 378 -30.74 40.79 12.00
C ARG B 378 -31.03 41.10 10.54
N ASN B 379 -30.36 40.37 9.65
CA ASN B 379 -30.57 40.50 8.21
C ASN B 379 -31.73 39.59 7.84
N LEU B 380 -32.88 40.19 7.55
CA LEU B 380 -34.10 39.42 7.29
C LEU B 380 -34.52 39.48 5.84
N SER B 381 -33.59 39.64 4.91
CA SER B 381 -33.97 39.70 3.52
C SER B 381 -34.44 38.33 3.03
N PHE B 382 -35.24 38.36 1.98
CA PHE B 382 -35.67 37.14 1.32
C PHE B 382 -34.92 36.98 0.00
N SER B 383 -35.28 35.92 -0.72
CA SER B 383 -34.88 35.76 -2.10
C SER B 383 -36.09 36.07 -2.98
N GLU B 384 -35.87 36.08 -4.29
CA GLU B 384 -36.94 36.41 -5.21
C GLU B 384 -38.08 35.40 -5.13
N ASP B 385 -37.79 34.17 -4.74
CA ASP B 385 -38.80 33.13 -4.65
C ASP B 385 -39.35 32.94 -3.26
N GLY B 386 -39.13 33.90 -2.37
CA GLY B 386 -39.81 33.88 -1.09
C GLY B 386 -39.29 32.85 -0.12
N TYR B 387 -38.05 33.01 0.33
CA TYR B 387 -37.56 32.28 1.48
C TYR B 387 -36.39 33.08 2.05
N GLN B 388 -36.04 32.76 3.29
CA GLN B 388 -35.12 33.60 4.04
C GLN B 388 -33.68 33.26 3.75
N MET B 389 -32.94 34.22 3.23
CA MET B 389 -31.51 34.17 3.38
C MET B 389 -31.19 34.33 4.86
N HIS B 390 -30.19 33.61 5.32
CA HIS B 390 -29.83 33.58 6.74
C HIS B 390 -31.02 33.22 7.61
N PRO B 391 -31.51 32.01 7.56
CA PRO B 391 -32.56 31.60 8.50
C PRO B 391 -31.97 31.08 9.80
N LYS B 392 -32.81 30.61 10.70
CA LYS B 392 -32.37 30.03 11.96
C LYS B 392 -32.68 28.54 11.92
N LEU B 393 -31.64 27.72 11.87
CA LEU B 393 -31.79 26.28 11.75
C LEU B 393 -31.22 25.60 12.99
N VAL B 394 -31.71 24.39 13.27
CA VAL B 394 -31.16 23.57 14.33
C VAL B 394 -31.04 22.14 13.82
N ILE B 395 -30.20 21.37 14.50
CA ILE B 395 -29.95 19.98 14.16
C ILE B 395 -30.53 19.12 15.27
N ILE B 396 -31.19 18.04 14.89
CA ILE B 396 -31.83 17.14 15.84
C ILE B 396 -31.47 15.71 15.48
N LEU B 397 -31.53 14.83 16.48
CA LEU B 397 -31.22 13.43 16.25
C LEU B 397 -32.12 12.56 17.10
N LEU B 398 -32.29 11.33 16.65
CA LEU B 398 -33.17 10.38 17.33
C LEU B 398 -32.33 9.49 18.23
N ASN B 399 -32.44 9.70 19.53
CA ASN B 399 -31.65 8.94 20.48
C ASN B 399 -32.32 7.59 20.75
N LYS B 400 -31.85 6.88 21.77
CA LYS B 400 -32.46 5.61 22.12
C LYS B 400 -33.88 5.77 22.63
N GLU B 401 -34.18 6.87 23.29
CA GLU B 401 -35.50 7.09 23.86
C GLU B 401 -36.56 7.41 22.81
N ARG B 402 -36.19 7.41 21.54
CA ARG B 402 -37.11 7.74 20.45
C ARG B 402 -37.80 9.08 20.71
N LYS B 403 -36.99 10.06 21.11
CA LYS B 403 -37.43 11.44 21.26
C LYS B 403 -36.41 12.33 20.57
N TRP B 404 -36.90 13.38 19.91
CA TRP B 404 -36.04 14.24 19.10
C TRP B 404 -35.25 15.18 20.02
N GLU B 405 -34.00 14.81 20.29
CA GLU B 405 -33.13 15.65 21.09
C GLU B 405 -32.58 16.79 20.24
N ARG B 406 -32.57 17.99 20.80
CA ARG B 406 -32.01 19.14 20.13
C ARG B 406 -30.53 19.24 20.42
N VAL B 407 -29.71 19.42 19.38
CA VAL B 407 -28.26 19.30 19.48
C VAL B 407 -27.56 20.62 19.15
N GLY B 408 -27.70 21.11 17.93
CA GLY B 408 -26.84 22.19 17.47
C GLY B 408 -27.61 23.30 16.80
N LYS B 409 -27.03 24.49 16.85
CA LYS B 409 -27.56 25.68 16.20
C LYS B 409 -26.74 25.97 14.94
N TRP B 410 -27.19 26.97 14.17
CA TRP B 410 -26.60 27.25 12.87
C TRP B 410 -26.95 28.66 12.44
N LYS B 411 -25.94 29.44 12.08
CA LYS B 411 -26.16 30.79 11.59
C LYS B 411 -24.90 31.24 10.85
N ASP B 412 -25.08 31.75 9.64
CA ASP B 412 -23.97 32.27 8.82
C ASP B 412 -22.98 31.15 8.49
N LYS B 413 -23.53 29.99 8.13
CA LYS B 413 -22.74 28.81 7.80
C LYS B 413 -21.81 28.40 8.93
N SER B 414 -22.19 28.67 10.17
CA SER B 414 -21.42 28.24 11.32
C SER B 414 -22.06 27.01 11.96
N LEU B 415 -21.32 26.37 12.85
CA LEU B 415 -21.80 25.19 13.56
C LEU B 415 -21.32 25.24 14.99
N GLN B 416 -22.25 25.10 15.92
CA GLN B 416 -21.96 24.94 17.34
C GLN B 416 -22.82 23.82 17.85
N MET B 417 -22.24 22.90 18.62
CA MET B 417 -22.93 21.65 18.91
C MET B 417 -22.48 21.07 20.24
N LYS B 418 -22.91 19.84 20.47
CA LYS B 418 -22.35 18.98 21.49
C LYS B 418 -20.84 18.90 21.31
N TYR B 419 -20.14 18.45 22.35
CA TYR B 419 -18.69 18.51 22.40
C TYR B 419 -18.08 17.87 21.15
N TYR B 420 -16.83 18.21 20.86
CA TYR B 420 -16.23 17.94 19.55
C TYR B 420 -16.26 16.46 19.18
N VAL B 421 -16.51 15.57 20.14
CA VAL B 421 -16.58 14.15 19.87
C VAL B 421 -18.03 13.79 19.57
N TRP B 422 -18.24 12.83 18.69
CA TRP B 422 -19.59 12.45 18.34
C TRP B 422 -20.11 11.41 19.34
N PRO B 423 -21.37 11.52 19.75
CA PRO B 423 -21.93 10.56 20.72
C PRO B 423 -21.71 9.10 20.34
N ARG B 424 -22.03 8.72 19.10
CA ARG B 424 -21.77 7.36 18.62
C ARG B 424 -22.47 6.33 19.50
N MET B 425 -23.80 6.37 19.43
CA MET B 425 -24.64 5.54 20.29
C MET B 425 -24.31 4.05 20.11
N CYS B 426 -24.86 3.24 21.02
CA CYS B 426 -24.66 1.82 21.22
C CYS B 426 -25.67 1.00 20.43
N PRO B 427 -25.36 -0.27 20.14
CA PRO B 427 -26.31 -1.14 19.43
C PRO B 427 -27.44 -1.64 20.33
N ASP B 434 -17.67 -3.33 19.90
CA ASP B 434 -16.59 -2.93 20.81
C ASP B 434 -15.35 -2.53 20.02
N ASP B 435 -15.24 -1.26 19.69
CA ASP B 435 -14.13 -0.75 18.90
C ASP B 435 -13.99 0.74 19.20
N HIS B 436 -13.26 1.44 18.35
CA HIS B 436 -13.08 2.89 18.46
C HIS B 436 -12.40 3.25 19.79
N LEU B 437 -11.17 2.78 19.91
CA LEU B 437 -10.37 3.13 21.07
C LEU B 437 -10.11 4.63 21.08
N SER B 438 -9.73 5.14 22.25
CA SER B 438 -9.41 6.54 22.41
C SER B 438 -7.94 6.65 22.77
N ILE B 439 -7.19 7.40 21.98
CA ILE B 439 -5.74 7.42 22.04
C ILE B 439 -5.27 8.81 22.44
N VAL B 440 -4.23 8.86 23.26
CA VAL B 440 -3.68 10.11 23.78
C VAL B 440 -2.23 10.23 23.35
N THR B 441 -1.77 11.45 23.13
CA THR B 441 -0.39 11.68 22.74
C THR B 441 0.06 13.03 23.27
N LEU B 442 1.17 13.54 22.71
CA LEU B 442 1.68 14.85 23.08
C LEU B 442 2.69 15.27 22.04
N GLU B 443 2.91 16.57 21.95
CA GLU B 443 3.81 17.11 20.93
C GLU B 443 5.26 16.94 21.36
N GLU B 444 6.12 16.65 20.38
CA GLU B 444 7.51 16.36 20.66
C GLU B 444 8.32 16.67 19.41
N ALA B 445 9.54 16.18 19.37
CA ALA B 445 10.47 16.18 18.26
C ALA B 445 9.90 15.26 17.18
N PRO B 446 10.56 15.03 16.01
CA PRO B 446 9.82 14.56 14.84
C PRO B 446 8.87 13.39 15.04
N PHE B 447 8.85 12.79 16.22
CA PHE B 447 7.95 11.66 16.45
C PHE B 447 6.49 12.10 16.38
N VAL B 448 6.19 13.32 16.81
CA VAL B 448 4.84 13.87 16.79
C VAL B 448 4.93 15.38 16.61
N ILE B 449 4.21 15.91 15.63
CA ILE B 449 4.18 17.35 15.36
C ILE B 449 2.72 17.81 15.30
N VAL B 450 2.46 19.03 15.77
CA VAL B 450 1.14 19.63 15.65
C VAL B 450 1.23 20.81 14.72
N GLU B 451 0.06 21.24 14.22
CA GLU B 451 -0.01 22.35 13.28
C GLU B 451 -1.39 22.99 13.33
N SER B 452 -1.44 24.26 12.94
CA SER B 452 -2.70 24.88 12.58
C SER B 452 -3.25 24.20 11.33
N VAL B 453 -4.58 24.18 11.21
CA VAL B 453 -5.17 23.21 10.29
C VAL B 453 -4.93 23.56 8.83
N ASP B 454 -5.67 24.53 8.31
CA ASP B 454 -5.49 24.87 6.90
C ASP B 454 -6.15 26.20 6.57
N PRO B 455 -5.41 27.31 6.53
CA PRO B 455 -6.02 28.58 6.10
C PRO B 455 -6.66 28.52 4.72
N LEU B 456 -6.54 27.41 4.00
CA LEU B 456 -7.09 27.31 2.65
C LEU B 456 -8.32 26.42 2.56
N SER B 457 -8.48 25.44 3.44
CA SER B 457 -9.48 24.40 3.23
C SER B 457 -10.39 24.11 4.40
N GLY B 458 -10.14 24.67 5.59
CA GLY B 458 -10.98 24.40 6.75
C GLY B 458 -10.65 23.11 7.48
N THR B 459 -10.29 22.06 6.75
CA THR B 459 -9.69 20.86 7.30
C THR B 459 -8.40 20.59 6.54
N CYS B 460 -7.44 19.97 7.22
CA CYS B 460 -6.06 20.11 6.79
C CYS B 460 -5.68 19.02 5.79
N MET B 461 -4.43 19.12 5.31
CA MET B 461 -3.95 18.50 4.10
C MET B 461 -3.98 16.98 4.20
N ARG B 462 -3.66 16.33 3.09
CA ARG B 462 -3.64 14.88 3.06
C ARG B 462 -2.48 14.36 3.90
N ASN B 463 -2.61 13.10 4.31
CA ASN B 463 -1.59 12.43 5.12
C ASN B 463 -1.37 13.17 6.44
N THR B 464 -2.44 13.32 7.20
CA THR B 464 -2.44 13.99 8.49
C THR B 464 -3.68 13.53 9.23
N VAL B 465 -3.62 13.55 10.55
CA VAL B 465 -4.71 13.06 11.39
C VAL B 465 -5.23 14.23 12.22
N PRO B 466 -6.54 14.39 12.35
CA PRO B 466 -7.07 15.50 13.17
C PRO B 466 -6.94 15.18 14.66
N CYS B 467 -6.19 16.01 15.36
CA CYS B 467 -5.93 15.84 16.78
C CYS B 467 -6.51 17.00 17.57
N GLN B 468 -7.40 16.68 18.50
CA GLN B 468 -8.11 17.69 19.25
C GLN B 468 -7.35 18.09 20.50
N LYS B 469 -7.50 19.34 20.89
CA LYS B 469 -6.91 19.89 22.09
C LYS B 469 -8.02 20.50 22.95
N ARG B 470 -7.89 20.36 24.27
CA ARG B 470 -8.89 20.86 25.20
C ARG B 470 -8.23 21.87 26.12
N ILE B 471 -8.22 23.13 25.73
CA ILE B 471 -7.65 24.16 26.58
C ILE B 471 -8.58 24.38 27.77
N ILE B 472 -7.99 24.45 28.96
CA ILE B 472 -8.75 24.68 30.18
C ILE B 472 -8.07 25.77 30.99
N SER B 473 -7.29 26.62 30.31
CA SER B 473 -6.47 27.62 30.98
C SER B 473 -7.04 29.02 30.86
N GLU B 474 -8.32 29.15 30.52
CA GLU B 474 -8.97 30.44 30.42
C GLU B 474 -9.33 30.93 31.82
N ASN B 475 -10.13 31.99 31.89
CA ASN B 475 -10.63 32.46 33.17
C ASN B 475 -11.51 31.40 33.81
N LYS B 476 -11.46 31.34 35.14
CA LYS B 476 -12.19 30.35 35.91
C LYS B 476 -13.65 30.73 36.14
N THR B 477 -14.21 31.61 35.31
CA THR B 477 -15.55 32.13 35.56
C THR B 477 -16.61 31.03 35.54
N ASP B 478 -16.89 30.43 34.39
CA ASP B 478 -17.77 29.28 34.39
C ASP B 478 -17.04 27.99 34.03
N GLU B 479 -16.59 27.89 32.77
CA GLU B 479 -15.82 26.77 32.25
C GLU B 479 -15.58 27.01 30.77
N GLU B 480 -14.55 26.35 30.24
CA GLU B 480 -14.40 26.19 28.81
C GLU B 480 -13.49 25.00 28.53
N PRO B 481 -14.00 23.90 27.98
CA PRO B 481 -13.08 22.80 27.62
C PRO B 481 -12.51 22.99 26.23
N GLY B 482 -12.21 24.24 25.86
CA GLY B 482 -11.28 24.60 24.81
C GLY B 482 -11.14 23.69 23.62
N TYR B 483 -12.23 23.13 23.12
CA TYR B 483 -12.14 22.08 22.12
C TYR B 483 -11.75 22.68 20.78
N ILE B 484 -10.46 22.60 20.45
CA ILE B 484 -9.93 23.06 19.18
C ILE B 484 -9.50 21.85 18.38
N LYS B 485 -9.86 21.82 17.11
CA LYS B 485 -9.45 20.74 16.22
C LYS B 485 -8.19 21.18 15.48
N LYS B 486 -7.04 20.68 15.90
CA LYS B 486 -5.80 20.80 15.16
C LYS B 486 -5.53 19.46 14.49
N CYS B 487 -4.48 19.40 13.68
CA CYS B 487 -4.16 18.13 13.07
C CYS B 487 -2.67 17.84 13.19
N CYS B 488 -2.35 16.59 13.51
CA CYS B 488 -1.03 16.15 13.93
C CYS B 488 -0.45 15.19 12.90
N LYS B 489 0.89 15.19 12.78
CA LYS B 489 1.59 14.33 11.85
C LYS B 489 2.97 14.03 12.39
N GLY B 490 3.50 12.89 12.02
CA GLY B 490 4.84 12.53 12.41
C GLY B 490 5.03 11.02 12.46
N PHE B 491 6.18 10.63 13.00
CA PHE B 491 6.62 9.24 12.96
C PHE B 491 5.61 8.30 13.60
N CYS B 492 5.39 8.45 14.91
CA CYS B 492 4.44 7.60 15.59
C CYS B 492 3.06 7.66 14.97
N ILE B 493 2.70 8.82 14.40
CA ILE B 493 1.42 8.94 13.72
C ILE B 493 1.35 7.99 12.53
N ASP B 494 2.41 7.93 11.74
CA ASP B 494 2.44 6.98 10.64
C ASP B 494 2.37 5.54 11.16
N ILE B 495 3.09 5.27 12.24
CA ILE B 495 3.07 3.92 12.80
C ILE B 495 1.64 3.51 13.12
N LEU B 496 0.92 4.37 13.84
CA LEU B 496 -0.42 3.97 14.22
C LEU B 496 -1.38 4.00 13.03
N LYS B 497 -1.12 4.85 12.04
CA LYS B 497 -1.95 4.81 10.84
C LYS B 497 -1.82 3.50 10.11
N LYS B 498 -0.64 2.87 10.17
CA LYS B 498 -0.53 1.56 9.55
C LYS B 498 -1.10 0.46 10.44
N ILE B 499 -0.88 0.55 11.74
CA ILE B 499 -1.42 -0.46 12.65
C ILE B 499 -2.94 -0.50 12.57
N SER B 500 -3.59 0.66 12.56
CA SER B 500 -5.05 0.69 12.56
C SER B 500 -5.62 0.01 11.32
N LYS B 501 -4.96 0.17 10.18
CA LYS B 501 -5.42 -0.54 8.99
C LYS B 501 -5.07 -2.02 9.06
N SER B 502 -4.04 -2.38 9.81
CA SER B 502 -3.68 -3.78 9.89
C SER B 502 -4.60 -4.58 10.79
N VAL B 503 -5.13 -3.96 11.85
CA VAL B 503 -5.96 -4.72 12.78
C VAL B 503 -7.31 -4.06 13.03
N LYS B 504 -7.67 -3.06 12.23
CA LYS B 504 -9.03 -2.53 12.17
C LYS B 504 -9.47 -1.93 13.51
N PHE B 505 -8.80 -0.87 13.90
CA PHE B 505 -9.38 0.03 14.90
C PHE B 505 -10.27 1.04 14.21
N THR B 506 -10.78 1.95 15.03
CA THR B 506 -10.96 3.34 14.66
C THR B 506 -10.44 4.13 15.84
N TYR B 507 -10.20 5.42 15.64
CA TYR B 507 -9.55 6.14 16.73
C TYR B 507 -9.76 7.63 16.55
N ASP B 508 -10.02 8.29 17.66
CA ASP B 508 -9.87 9.73 17.70
C ASP B 508 -8.41 10.02 18.04
N LEU B 509 -8.11 11.26 18.40
CA LEU B 509 -6.79 11.58 18.90
C LEU B 509 -6.95 12.72 19.88
N TYR B 510 -6.18 12.69 20.95
CA TYR B 510 -6.51 13.44 22.15
C TYR B 510 -5.25 13.90 22.86
N LEU B 511 -4.91 15.17 22.69
CA LEU B 511 -3.71 15.72 23.30
C LEU B 511 -3.89 15.80 24.81
N VAL B 512 -2.80 16.09 25.51
CA VAL B 512 -2.80 16.04 26.96
C VAL B 512 -2.20 17.34 27.50
N THR B 513 -2.55 17.66 28.75
CA THR B 513 -2.17 18.92 29.37
C THR B 513 -1.38 18.75 30.65
N ASN B 514 -1.84 17.91 31.57
CA ASN B 514 -1.32 17.86 32.93
C ASN B 514 -0.05 17.03 32.97
N GLY B 515 1.08 17.67 32.77
CA GLY B 515 2.36 16.96 32.84
C GLY B 515 2.84 16.51 31.47
N LYS B 516 4.16 16.58 31.29
CA LYS B 516 4.72 16.30 29.97
C LYS B 516 4.62 14.82 29.62
N HIS B 517 5.31 13.97 30.37
CA HIS B 517 5.23 12.53 30.15
C HIS B 517 4.52 11.83 31.29
N GLY B 518 5.02 11.98 32.51
CA GLY B 518 4.40 11.38 33.66
C GLY B 518 5.39 10.95 34.72
N LYS B 519 5.06 11.21 35.98
CA LYS B 519 5.86 10.76 37.09
C LYS B 519 4.94 10.43 38.25
N LYS B 520 5.44 9.65 39.19
CA LYS B 520 4.65 9.27 40.35
C LYS B 520 4.58 10.47 41.29
N ILE B 521 3.38 10.70 41.84
CA ILE B 521 3.12 11.84 42.71
C ILE B 521 2.20 11.33 43.81
N ASN B 522 2.76 11.15 45.01
CA ASN B 522 2.02 10.57 46.13
C ASN B 522 1.32 9.28 45.73
N GLY B 523 2.02 8.46 44.94
CA GLY B 523 1.41 7.27 44.39
C GLY B 523 0.36 7.54 43.33
N THR B 524 0.34 8.74 42.76
CA THR B 524 -0.54 9.07 41.65
C THR B 524 0.30 9.48 40.45
N TRP B 525 -0.29 9.33 39.28
CA TRP B 525 0.39 9.58 38.02
C TRP B 525 -0.26 10.73 37.28
N ASN B 526 0.55 11.62 36.77
CA ASN B 526 0.12 12.67 35.87
C ASN B 526 0.50 12.27 34.45
N GLY B 527 0.34 13.20 33.52
CA GLY B 527 0.83 12.94 32.18
C GLY B 527 0.09 11.80 31.49
N MET B 528 0.73 11.29 30.44
CA MET B 528 0.10 10.26 29.62
C MET B 528 -0.18 9.01 30.43
N ILE B 529 0.76 8.59 31.26
CA ILE B 529 0.53 7.42 32.09
C ILE B 529 -0.67 7.64 33.00
N GLY B 530 -0.76 8.84 33.59
CA GLY B 530 -1.94 9.18 34.36
C GLY B 530 -3.21 9.04 33.55
N GLU B 531 -3.21 9.55 32.32
CA GLU B 531 -4.39 9.45 31.49
C GLU B 531 -4.72 8.01 31.14
N VAL B 532 -3.72 7.13 31.14
CA VAL B 532 -3.99 5.73 30.83
C VAL B 532 -4.59 5.01 32.03
N VAL B 533 -3.99 5.18 33.21
CA VAL B 533 -4.49 4.45 34.38
C VAL B 533 -5.88 4.90 34.80
N MET B 534 -6.31 6.09 34.41
CA MET B 534 -7.63 6.58 34.72
C MET B 534 -8.66 6.21 33.67
N LYS B 535 -8.39 5.17 32.89
CA LYS B 535 -9.36 4.56 31.97
C LYS B 535 -9.84 5.53 30.89
N ARG B 536 -9.20 6.67 30.73
CA ARG B 536 -9.60 7.62 29.69
C ARG B 536 -8.97 7.32 28.34
N ALA B 537 -8.18 6.26 28.23
CA ALA B 537 -7.54 5.92 26.97
C ALA B 537 -6.95 4.53 27.07
N TYR B 538 -7.21 3.69 26.07
CA TYR B 538 -6.50 2.41 26.08
C TYR B 538 -5.02 2.61 25.83
N MET B 539 -4.65 3.43 24.86
CA MET B 539 -3.29 3.47 24.39
C MET B 539 -2.76 4.89 24.42
N ALA B 540 -1.46 5.01 24.63
CA ALA B 540 -0.74 6.26 24.47
C ALA B 540 0.38 6.02 23.48
N VAL B 541 0.57 6.97 22.57
CA VAL B 541 1.60 6.83 21.55
C VAL B 541 2.54 8.01 21.64
N GLY B 542 3.48 8.11 20.73
CA GLY B 542 4.40 9.20 20.73
C GLY B 542 5.65 8.88 21.52
N SER B 543 6.37 9.93 21.87
CA SER B 543 7.66 9.78 22.53
C SER B 543 7.42 9.28 23.95
N LEU B 544 7.62 7.98 24.15
CA LEU B 544 7.41 7.36 25.45
C LEU B 544 8.50 6.31 25.66
N THR B 545 9.16 6.36 26.81
CA THR B 545 10.23 5.43 27.11
C THR B 545 9.68 4.16 27.74
N ILE B 546 10.60 3.28 28.11
CA ILE B 546 10.27 2.03 28.81
C ILE B 546 11.25 1.87 29.96
N ASN B 547 10.71 1.58 31.13
CA ASN B 547 11.53 1.30 32.30
C ASN B 547 10.77 0.31 33.16
N GLU B 548 11.20 0.17 34.40
CA GLU B 548 10.54 -0.78 35.28
C GLU B 548 9.30 -0.17 35.91
N GLU B 549 9.46 1.01 36.51
CA GLU B 549 8.41 1.62 37.31
C GLU B 549 7.13 1.83 36.52
N ARG B 550 7.22 2.23 35.26
CA ARG B 550 5.98 2.35 34.48
C ARG B 550 5.40 0.98 34.20
N SER B 551 6.22 0.02 33.80
CA SER B 551 5.72 -1.32 33.53
C SER B 551 5.01 -1.93 34.72
N GLU B 552 5.23 -1.42 35.93
CA GLU B 552 4.54 -1.98 37.08
C GLU B 552 3.05 -1.65 37.08
N VAL B 553 2.65 -0.59 36.37
CA VAL B 553 1.26 -0.15 36.41
C VAL B 553 0.58 -0.19 35.06
N VAL B 554 1.31 -0.14 33.96
CA VAL B 554 0.73 -0.19 32.63
C VAL B 554 1.44 -1.28 31.85
N ASP B 555 0.87 -1.67 30.72
CA ASP B 555 1.48 -2.66 29.87
C ASP B 555 2.41 -1.97 28.87
N PHE B 556 3.00 -2.76 27.98
CA PHE B 556 3.91 -2.19 26.99
C PHE B 556 4.00 -3.11 25.79
N SER B 557 3.98 -2.50 24.61
CA SER B 557 4.16 -3.24 23.37
C SER B 557 5.63 -3.56 23.18
N VAL B 558 5.98 -4.14 22.05
CA VAL B 558 7.40 -4.45 21.78
C VAL B 558 8.08 -3.17 21.29
N PRO B 559 9.30 -2.87 21.74
CA PRO B 559 9.91 -1.59 21.38
C PRO B 559 10.19 -1.49 19.89
N PHE B 560 9.86 -0.34 19.31
CA PHE B 560 10.05 -0.15 17.88
C PHE B 560 11.15 0.84 17.52
N ILE B 561 11.79 1.48 18.50
CA ILE B 561 13.02 2.24 18.27
C ILE B 561 13.85 2.17 19.54
N GLU B 562 15.07 1.65 19.42
CA GLU B 562 15.97 1.62 20.56
C GLU B 562 16.47 3.02 20.88
N THR B 563 16.78 3.26 22.14
CA THR B 563 17.19 4.57 22.58
C THR B 563 17.89 4.44 23.93
N GLY B 564 18.12 5.57 24.58
CA GLY B 564 18.72 5.58 25.90
C GLY B 564 19.26 6.94 26.27
N ILE B 565 20.31 6.98 27.08
CA ILE B 565 20.91 8.22 27.52
C ILE B 565 22.08 8.54 26.59
N SER B 566 22.41 9.81 26.50
CA SER B 566 23.57 10.26 25.74
C SER B 566 23.97 11.64 26.22
N VAL B 567 25.07 12.13 25.68
CA VAL B 567 25.67 13.38 26.12
C VAL B 567 26.03 14.18 24.89
N MET B 568 25.48 15.39 24.79
CA MET B 568 25.82 16.31 23.72
C MET B 568 26.63 17.47 24.28
N VAL B 569 27.68 17.85 23.56
CA VAL B 569 28.58 18.92 23.97
C VAL B 569 28.85 19.80 22.76
N SER B 570 29.70 20.80 22.95
CA SER B 570 30.07 21.69 21.86
C SER B 570 30.89 20.93 20.82
N ARG B 571 31.21 21.62 19.72
CA ARG B 571 31.90 20.99 18.61
C ARG B 571 33.32 20.64 19.01
N SER B 572 33.90 19.68 18.29
CA SER B 572 35.26 19.23 18.54
C SER B 572 36.17 19.54 17.36
N ASN B 573 37.47 19.42 17.59
CA ASN B 573 38.49 19.73 16.60
C ASN B 573 39.60 18.70 16.65
N GLY B 574 40.33 18.58 15.54
CA GLY B 574 41.39 17.61 15.40
C GLY B 574 42.76 18.27 15.29
N THR B 575 43.77 17.42 15.05
CA THR B 575 45.16 17.86 14.99
C THR B 575 45.89 16.97 13.98
N VAL B 576 47.22 17.02 14.00
CA VAL B 576 48.07 16.26 13.08
C VAL B 576 48.30 14.86 13.64
N SER B 577 47.99 13.84 12.83
CA SER B 577 48.17 12.46 13.25
C SER B 577 49.61 11.95 13.10
N PRO B 578 50.30 12.14 11.97
CA PRO B 578 51.64 11.58 11.83
C PRO B 578 52.68 12.34 12.67
N SER B 579 53.64 11.57 13.18
CA SER B 579 54.70 12.09 14.02
C SER B 579 56.06 12.17 13.31
N ALA B 580 56.40 11.16 12.52
CA ALA B 580 57.62 11.17 11.75
C ALA B 580 57.33 10.59 10.37
N PHE B 581 57.96 11.17 9.35
CA PHE B 581 57.72 10.75 7.97
C PHE B 581 58.69 9.65 7.54
N LEU B 582 58.79 8.60 8.34
CA LEU B 582 59.56 7.43 7.97
C LEU B 582 58.69 6.34 7.35
N GLU B 583 57.37 6.43 7.50
CA GLU B 583 56.40 5.50 6.96
C GLU B 583 56.56 5.23 5.47
N PRO B 584 56.97 6.20 4.64
CA PRO B 584 57.16 5.91 3.20
C PRO B 584 58.07 4.72 2.90
N PHE B 585 58.83 4.22 3.87
CA PHE B 585 59.56 2.98 3.69
C PHE B 585 59.63 2.26 5.03
N SER B 586 59.88 0.96 4.98
CA SER B 586 60.12 0.22 6.20
C SER B 586 61.52 0.54 6.72
N ALA B 587 61.67 0.48 8.04
CA ALA B 587 62.99 0.67 8.62
C ALA B 587 63.99 -0.33 8.03
N ASP B 588 63.57 -1.58 7.87
CA ASP B 588 64.42 -2.59 7.27
C ASP B 588 64.86 -2.19 5.86
N VAL B 589 63.90 -1.78 5.02
CA VAL B 589 64.22 -1.20 3.72
C VAL B 589 65.33 -0.16 3.88
N TRP B 590 65.13 0.77 4.82
CA TRP B 590 66.03 1.91 4.94
C TRP B 590 67.46 1.47 5.22
N VAL B 591 67.68 0.72 6.31
CA VAL B 591 69.07 0.43 6.65
C VAL B 591 69.64 -0.64 5.73
N MET B 592 68.80 -1.48 5.11
CA MET B 592 69.31 -2.42 4.12
C MET B 592 69.90 -1.67 2.93
N MET B 593 69.13 -0.73 2.38
CA MET B 593 69.68 0.13 1.35
C MET B 593 70.94 0.84 1.85
N PHE B 594 70.89 1.38 3.07
CA PHE B 594 72.04 2.09 3.64
C PHE B 594 73.30 1.26 3.56
N VAL B 595 73.29 0.07 4.16
CA VAL B 595 74.50 -0.73 4.22
C VAL B 595 74.90 -1.21 2.84
N MET B 596 73.93 -1.56 1.98
CA MET B 596 74.27 -1.98 0.63
C MET B 596 75.04 -0.88 -0.09
N LEU B 597 74.51 0.35 -0.03
CA LEU B 597 75.18 1.47 -0.70
C LEU B 597 76.56 1.71 -0.13
N LEU B 598 76.70 1.66 1.20
CA LEU B 598 78.01 1.92 1.80
C LEU B 598 79.03 0.88 1.36
N ILE B 599 78.64 -0.39 1.39
CA ILE B 599 79.58 -1.45 1.04
C ILE B 599 79.95 -1.38 -0.43
N VAL B 600 78.98 -1.14 -1.31
CA VAL B 600 79.28 -1.02 -2.73
C VAL B 600 80.19 0.17 -2.99
N SER B 601 79.98 1.27 -2.27
CA SER B 601 80.86 2.42 -2.41
C SER B 601 82.28 2.07 -2.02
N ALA B 602 82.45 1.40 -0.87
CA ALA B 602 83.79 1.06 -0.42
C ALA B 602 84.49 0.13 -1.41
N VAL B 603 83.77 -0.86 -1.93
CA VAL B 603 84.42 -1.79 -2.86
C VAL B 603 84.72 -1.10 -4.18
N ALA B 604 83.85 -0.18 -4.62
CA ALA B 604 84.12 0.56 -5.84
C ALA B 604 85.37 1.41 -5.69
N VAL B 605 85.56 2.02 -4.53
CA VAL B 605 86.79 2.76 -4.28
C VAL B 605 87.99 1.83 -4.29
N PHE B 606 87.91 0.72 -3.55
CA PHE B 606 89.03 -0.21 -3.45
C PHE B 606 89.41 -0.80 -4.80
N VAL B 607 88.46 -0.93 -5.72
CA VAL B 607 88.79 -1.43 -7.05
C VAL B 607 89.18 -0.32 -8.01
N PHE B 608 88.70 0.90 -7.80
CA PHE B 608 89.13 2.01 -8.63
C PHE B 608 90.57 2.40 -8.34
N GLU B 609 91.02 2.23 -7.09
CA GLU B 609 92.42 2.49 -6.78
C GLU B 609 93.34 1.50 -7.48
N TYR B 610 92.86 0.29 -7.74
CA TYR B 610 93.65 -0.73 -8.41
C TYR B 610 93.70 -0.49 -9.92
N PHE B 631 89.42 6.99 -3.39
CA PHE B 631 90.01 7.09 -2.07
C PHE B 631 89.30 8.18 -1.28
N THR B 632 89.87 8.55 -0.12
CA THR B 632 89.36 9.65 0.68
C THR B 632 87.91 9.39 1.07
N ILE B 633 87.70 8.45 2.01
CA ILE B 633 86.39 7.92 2.39
C ILE B 633 85.32 9.00 2.37
N GLY B 634 85.67 10.18 2.87
CA GLY B 634 84.77 11.31 2.76
C GLY B 634 84.25 11.54 1.35
N LYS B 635 85.10 11.33 0.35
CA LYS B 635 84.65 11.50 -1.03
C LYS B 635 83.46 10.61 -1.33
N ALA B 636 83.62 9.30 -1.14
CA ALA B 636 82.55 8.37 -1.44
C ALA B 636 81.31 8.66 -0.60
N ILE B 637 81.50 8.89 0.69
CA ILE B 637 80.36 9.13 1.58
C ILE B 637 79.57 10.35 1.14
N TRP B 638 80.26 11.47 0.93
CA TRP B 638 79.58 12.71 0.58
C TRP B 638 78.93 12.61 -0.79
N LEU B 639 79.59 11.97 -1.76
CA LEU B 639 78.95 11.85 -3.06
C LEU B 639 77.69 10.98 -2.98
N LEU B 640 77.75 9.89 -2.22
CA LEU B 640 76.57 9.06 -2.04
C LEU B 640 75.43 9.84 -1.41
N TRP B 641 75.75 10.61 -0.37
CA TRP B 641 74.69 11.38 0.29
C TRP B 641 74.15 12.47 -0.62
N GLY B 642 75.00 13.04 -1.48
CA GLY B 642 74.49 13.95 -2.48
C GLY B 642 73.59 13.29 -3.49
N LEU B 643 73.87 12.04 -3.84
CA LEU B 643 72.97 11.29 -4.71
C LEU B 643 71.61 11.12 -4.04
N VAL B 644 71.62 10.72 -2.77
CA VAL B 644 70.33 10.46 -2.12
C VAL B 644 69.59 11.75 -1.80
N PHE B 645 70.29 12.88 -1.67
CA PHE B 645 69.66 14.12 -1.26
C PHE B 645 69.60 15.19 -2.34
N ASN B 646 70.30 15.00 -3.46
CA ASN B 646 70.22 15.92 -4.60
C ASN B 646 70.65 17.33 -4.23
N ASN B 647 71.50 17.45 -3.21
CA ASN B 647 71.99 18.73 -2.76
C ASN B 647 73.36 19.02 -3.35
N SER B 648 73.81 20.26 -3.19
CA SER B 648 75.15 20.64 -3.60
C SER B 648 76.16 20.13 -2.59
N VAL B 649 77.19 19.45 -3.08
CA VAL B 649 78.15 18.77 -2.21
C VAL B 649 79.55 19.20 -2.64
N PRO B 650 80.53 19.23 -1.74
CA PRO B 650 81.91 19.46 -2.18
C PRO B 650 82.46 18.26 -2.93
N VAL B 651 82.19 18.20 -4.24
CA VAL B 651 82.50 17.04 -5.05
C VAL B 651 83.99 17.05 -5.36
N GLN B 652 84.75 16.27 -4.59
CA GLN B 652 86.17 16.08 -4.84
C GLN B 652 86.36 14.87 -5.73
N ASN B 653 87.62 14.46 -5.88
CA ASN B 653 88.10 13.21 -6.46
C ASN B 653 87.24 12.70 -7.62
N PRO B 654 87.07 13.47 -8.68
CA PRO B 654 86.33 12.93 -9.84
C PRO B 654 87.26 12.11 -10.74
N LYS B 655 87.69 10.96 -10.23
CA LYS B 655 88.61 10.08 -10.96
C LYS B 655 87.95 9.62 -12.25
N GLY B 656 88.55 9.96 -13.38
CA GLY B 656 87.92 9.67 -14.66
C GLY B 656 88.23 8.28 -15.16
N THR B 657 87.31 7.36 -14.89
CA THR B 657 87.44 5.95 -15.26
C THR B 657 86.05 5.34 -15.22
N THR B 658 85.99 4.01 -15.22
CA THR B 658 84.72 3.30 -15.04
C THR B 658 83.96 3.74 -13.80
N SER B 659 84.65 4.19 -12.76
CA SER B 659 83.97 4.69 -11.56
C SER B 659 82.94 5.76 -11.91
N LYS B 660 83.19 6.53 -12.97
CA LYS B 660 82.23 7.53 -13.39
C LYS B 660 80.94 6.89 -13.90
N ILE B 661 81.07 5.82 -14.70
CA ILE B 661 79.88 5.08 -15.09
C ILE B 661 79.18 4.53 -13.86
N MET B 662 79.97 4.14 -12.86
CA MET B 662 79.39 3.63 -11.62
C MET B 662 78.51 4.68 -10.96
N VAL B 663 79.01 5.90 -10.82
CA VAL B 663 78.16 6.90 -10.16
C VAL B 663 77.06 7.37 -11.09
N SER B 664 77.20 7.17 -12.40
CA SER B 664 76.08 7.44 -13.29
C SER B 664 74.92 6.50 -12.99
N VAL B 665 75.21 5.20 -12.88
CA VAL B 665 74.19 4.25 -12.45
C VAL B 665 73.69 4.61 -11.05
N TRP B 666 74.61 5.09 -10.20
CA TRP B 666 74.22 5.55 -8.87
C TRP B 666 73.14 6.62 -8.96
N ALA B 667 73.34 7.62 -9.81
CA ALA B 667 72.36 8.69 -9.96
C ALA B 667 71.07 8.17 -10.56
N PHE B 668 71.16 7.21 -11.47
CA PHE B 668 69.95 6.54 -11.95
C PHE B 668 69.13 6.00 -10.78
N PHE B 669 69.77 5.16 -9.96
CA PHE B 669 69.10 4.63 -8.78
C PHE B 669 68.60 5.74 -7.88
N ALA B 670 69.38 6.81 -7.72
CA ALA B 670 69.02 7.85 -6.77
C ALA B 670 67.77 8.61 -7.22
N VAL B 671 67.70 8.95 -8.51
CA VAL B 671 66.53 9.66 -9.00
C VAL B 671 65.30 8.76 -8.95
N ILE B 672 65.46 7.47 -9.27
CA ILE B 672 64.31 6.58 -9.14
C ILE B 672 63.85 6.51 -7.68
N PHE B 673 64.80 6.39 -6.76
CA PHE B 673 64.45 6.30 -5.35
C PHE B 673 63.80 7.57 -4.84
N LEU B 674 64.25 8.73 -5.33
CA LEU B 674 63.68 9.99 -4.86
C LEU B 674 62.28 10.20 -5.43
N ALA B 675 62.07 9.83 -6.70
CA ALA B 675 60.71 9.84 -7.23
C ALA B 675 59.80 8.95 -6.40
N SER B 676 60.28 7.75 -6.08
CA SER B 676 59.49 6.84 -5.23
C SER B 676 59.20 7.47 -3.88
N TYR B 677 60.19 8.14 -3.28
CA TYR B 677 59.99 8.71 -1.95
C TYR B 677 59.00 9.85 -1.97
N THR B 678 59.09 10.74 -2.97
CA THR B 678 58.15 11.84 -3.03
C THR B 678 56.73 11.34 -3.29
N ALA B 679 56.57 10.34 -4.17
CA ALA B 679 55.24 9.79 -4.38
C ALA B 679 54.71 9.13 -3.11
N ASN B 680 55.57 8.39 -2.41
CA ASN B 680 55.16 7.71 -1.18
C ASN B 680 54.74 8.70 -0.11
N LEU B 681 55.46 9.82 0.01
CA LEU B 681 55.05 10.82 0.98
C LEU B 681 53.73 11.46 0.56
N ALA B 682 53.55 11.71 -0.74
CA ALA B 682 52.28 12.20 -1.23
C ALA B 682 51.14 11.25 -0.89
N ALA B 683 51.41 9.96 -0.92
CA ALA B 683 50.38 8.98 -0.57
C ALA B 683 50.10 8.99 0.92
N PHE B 684 51.13 8.83 1.74
CA PHE B 684 50.98 8.79 3.18
C PHE B 684 50.51 10.11 3.78
N MET B 685 50.47 11.18 2.99
CA MET B 685 49.98 12.45 3.52
C MET B 685 48.50 12.42 3.85
N ILE B 686 47.76 11.44 3.35
CA ILE B 686 46.31 11.37 3.59
C ILE B 686 46.09 10.86 5.01
N GLN B 687 45.48 11.69 5.86
CA GLN B 687 45.23 11.32 7.24
C GLN B 687 44.16 12.23 7.84
N GLU B 688 43.68 11.83 9.02
CA GLU B 688 42.62 12.58 9.71
C GLU B 688 42.72 12.31 11.21
N GLU B 689 41.97 13.07 11.99
CA GLU B 689 42.00 12.94 13.45
C GLU B 689 40.74 13.54 14.05
N TYR B 690 40.38 13.05 15.24
CA TYR B 690 39.25 13.54 16.01
C TYR B 690 39.26 12.89 17.38
N VAL B 691 38.66 13.58 18.36
CA VAL B 691 38.60 13.11 19.75
C VAL B 691 37.53 13.90 20.49
N ASP B 692 37.05 13.32 21.60
CA ASP B 692 36.11 13.97 22.50
C ASP B 692 36.55 13.74 23.93
N GLN B 693 36.62 14.82 24.71
CA GLN B 693 37.26 14.81 26.02
C GLN B 693 36.26 14.48 27.11
N VAL B 694 35.51 13.39 26.91
CA VAL B 694 34.64 12.76 27.92
C VAL B 694 34.52 11.29 27.52
N SER B 695 34.46 10.39 28.51
CA SER B 695 34.37 8.98 28.21
C SER B 695 33.34 8.28 29.10
N GLY B 696 32.15 8.84 29.19
CA GLY B 696 31.06 8.14 29.87
C GLY B 696 30.57 8.81 31.12
N LEU B 697 29.39 8.39 31.59
CA LEU B 697 28.84 8.89 32.85
C LEU B 697 29.75 8.54 34.02
N SER B 698 30.60 7.53 33.83
CA SER B 698 31.56 7.15 34.86
C SER B 698 32.80 8.01 34.87
N ASP B 699 32.92 8.97 33.95
CA ASP B 699 34.10 9.81 33.90
C ASP B 699 34.25 10.63 35.17
N LYS B 700 35.49 10.96 35.51
CA LYS B 700 35.79 11.64 36.78
C LYS B 700 35.02 12.95 36.88
N LYS B 701 34.90 13.68 35.77
CA LYS B 701 34.21 14.96 35.79
C LYS B 701 32.83 14.81 36.39
N PHE B 702 31.99 13.96 35.81
CA PHE B 702 30.65 13.76 36.36
C PHE B 702 30.72 13.11 37.73
N GLN B 703 31.55 12.08 37.88
CA GLN B 703 31.68 11.41 39.16
C GLN B 703 32.13 12.39 40.24
N ARG B 704 33.14 13.20 39.93
CA ARG B 704 33.66 14.16 40.89
C ARG B 704 33.51 15.57 40.35
N PRO B 705 32.33 16.15 40.36
CA PRO B 705 32.10 17.49 39.81
C PRO B 705 32.48 18.59 40.79
N ASN B 706 33.63 18.45 41.42
CA ASN B 706 34.14 19.48 42.32
C ASN B 706 35.64 19.65 42.23
N ASP B 707 36.27 19.14 41.18
CA ASP B 707 37.67 19.43 40.93
C ASP B 707 37.83 20.86 40.42
N PHE B 708 39.06 21.19 40.03
CA PHE B 708 39.34 22.53 39.51
C PHE B 708 38.47 22.86 38.31
N SER B 709 38.37 21.92 37.38
CA SER B 709 37.54 22.12 36.19
C SER B 709 36.06 21.95 36.56
N PRO B 710 35.22 22.96 36.39
CA PRO B 710 33.78 22.79 36.57
C PRO B 710 33.04 22.60 35.25
N PRO B 711 33.12 21.44 34.59
CA PRO B 711 32.12 21.17 33.55
C PRO B 711 30.74 21.10 34.20
N PHE B 712 29.90 22.08 33.89
CA PHE B 712 28.74 22.34 34.73
C PHE B 712 27.43 22.39 33.95
N ARG B 713 26.35 22.70 34.67
CA ARG B 713 25.02 22.90 34.11
C ARG B 713 24.62 21.78 33.15
N PHE B 714 24.52 20.57 33.66
CA PHE B 714 24.00 19.46 32.88
C PHE B 714 22.50 19.66 32.68
N GLY B 715 22.05 19.60 31.43
CA GLY B 715 20.72 20.08 31.10
C GLY B 715 19.61 19.29 31.75
N THR B 716 19.37 18.09 31.26
CA THR B 716 18.48 17.14 31.92
C THR B 716 17.16 17.80 32.34
N VAL B 717 16.38 18.17 31.33
CA VAL B 717 15.03 18.67 31.54
C VAL B 717 14.38 17.82 32.62
N PRO B 718 13.87 18.41 33.69
CA PRO B 718 13.51 17.63 34.87
C PRO B 718 12.36 16.68 34.64
N ASN B 719 12.05 15.88 35.66
CA ASN B 719 10.88 15.00 35.75
C ASN B 719 10.47 14.42 34.39
N GLY B 720 11.46 13.85 33.69
CA GLY B 720 11.23 12.97 32.57
C GLY B 720 11.56 11.54 32.98
N SER B 721 12.54 10.94 32.31
CA SER B 721 13.01 9.62 32.68
C SER B 721 14.46 9.59 33.12
N THR B 722 15.35 10.11 32.28
CA THR B 722 16.76 10.16 32.63
C THR B 722 16.96 10.83 33.98
N GLU B 723 16.11 11.81 34.29
CA GLU B 723 16.08 12.36 35.64
C GLU B 723 16.04 11.27 36.68
N ARG B 724 14.98 10.45 36.66
CA ARG B 724 14.79 9.49 37.72
C ARG B 724 15.84 8.39 37.67
N ASN B 725 16.31 8.03 36.49
CA ASN B 725 17.41 7.09 36.41
C ASN B 725 18.65 7.61 37.12
N ILE B 726 19.09 8.82 36.77
CA ILE B 726 20.21 9.46 37.45
C ILE B 726 19.98 9.47 38.95
N ARG B 727 18.80 9.89 39.39
CA ARG B 727 18.55 9.98 40.82
C ARG B 727 18.69 8.63 41.49
N ASN B 728 18.25 7.56 40.84
CA ASN B 728 18.38 6.26 41.45
C ASN B 728 19.78 5.70 41.37
N ASN B 729 20.65 6.28 40.55
CA ASN B 729 22.02 5.76 40.49
C ASN B 729 23.07 6.70 41.06
N TYR B 730 23.00 8.00 40.78
CA TYR B 730 24.07 8.92 41.16
C TYR B 730 23.46 10.11 41.90
N ALA B 731 23.31 9.98 43.22
CA ALA B 731 22.58 10.99 43.98
C ALA B 731 23.29 12.33 43.99
N GLU B 732 24.59 12.34 44.31
CA GLU B 732 25.31 13.60 44.38
C GLU B 732 25.32 14.31 43.03
N MET B 733 25.34 13.56 41.93
CA MET B 733 25.24 14.17 40.62
C MET B 733 23.94 14.94 40.49
N HIS B 734 22.84 14.33 40.93
CA HIS B 734 21.55 15.01 40.95
C HIS B 734 21.61 16.30 41.76
N ALA B 735 22.05 16.18 43.02
CA ALA B 735 22.12 17.34 43.91
C ALA B 735 22.89 18.48 43.27
N TYR B 736 24.10 18.20 42.79
CA TYR B 736 24.88 19.25 42.16
C TYR B 736 24.24 19.71 40.85
N MET B 737 23.46 18.84 40.22
CA MET B 737 22.81 19.15 38.96
C MET B 737 21.57 20.01 39.12
N GLY B 738 21.18 20.29 40.37
CA GLY B 738 20.12 21.24 40.64
C GLY B 738 20.13 22.54 39.85
N LYS B 739 21.28 22.96 39.33
CA LYS B 739 21.39 24.13 38.46
C LYS B 739 21.51 23.64 37.02
N PHE B 740 20.44 23.81 36.24
CA PHE B 740 20.30 23.11 34.97
C PHE B 740 19.54 23.98 33.99
N ASN B 741 19.05 23.35 32.92
CA ASN B 741 18.25 23.98 31.89
C ASN B 741 16.85 23.37 31.90
N GLN B 742 15.83 24.18 31.63
CA GLN B 742 14.48 23.79 32.01
C GLN B 742 13.48 24.03 30.88
N ARG B 743 13.94 24.35 29.68
CA ARG B 743 13.00 24.80 28.66
C ARG B 743 13.11 23.95 27.41
N GLY B 744 13.07 22.64 27.57
CA GLY B 744 12.95 21.77 26.42
C GLY B 744 14.29 21.51 25.79
N VAL B 745 14.33 21.53 24.47
CA VAL B 745 15.54 21.19 23.73
C VAL B 745 16.11 22.44 23.08
N ASP B 746 15.25 23.39 22.75
CA ASP B 746 15.72 24.62 22.12
C ASP B 746 16.59 25.42 23.08
N ASP B 747 16.12 25.61 24.31
CA ASP B 747 16.93 26.24 25.32
C ASP B 747 18.22 25.47 25.57
N ALA B 748 18.17 24.14 25.52
CA ALA B 748 19.38 23.36 25.69
C ALA B 748 20.40 23.71 24.61
N LEU B 749 19.98 23.63 23.34
CA LEU B 749 20.90 23.95 22.26
C LEU B 749 21.42 25.37 22.38
N LEU B 750 20.55 26.31 22.76
CA LEU B 750 20.99 27.69 22.91
C LEU B 750 22.06 27.81 24.00
N SER B 751 21.70 27.48 25.23
CA SER B 751 22.64 27.55 26.35
C SER B 751 23.92 26.78 26.10
N LEU B 752 23.89 25.76 25.24
CA LEU B 752 25.14 25.15 24.84
C LEU B 752 25.90 26.05 23.87
N LYS B 753 25.19 26.70 22.95
CA LYS B 753 25.86 27.50 21.96
C LYS B 753 26.54 28.71 22.58
N THR B 754 25.87 29.37 23.53
CA THR B 754 26.42 30.59 24.10
C THR B 754 27.67 30.30 24.92
N GLY B 755 27.61 29.30 25.79
CA GLY B 755 28.67 29.04 26.73
C GLY B 755 28.11 28.92 28.13
N LYS B 756 26.79 28.99 28.22
CA LYS B 756 26.10 28.81 29.48
C LYS B 756 26.27 27.42 30.07
N LEU B 757 26.65 26.44 29.24
CA LEU B 757 26.94 25.09 29.72
C LEU B 757 27.73 24.39 28.64
N ASP B 758 28.17 23.18 28.97
CA ASP B 758 29.03 22.42 28.07
C ASP B 758 28.59 20.97 27.91
N ALA B 759 27.71 20.47 28.77
CA ALA B 759 27.35 19.07 28.72
C ALA B 759 25.84 18.96 28.88
N PHE B 760 25.21 18.22 27.96
CA PHE B 760 23.78 17.99 27.99
C PHE B 760 23.52 16.50 28.08
N ILE B 761 22.41 16.12 28.71
CA ILE B 761 22.07 14.72 28.91
C ILE B 761 20.58 14.55 28.68
N TYR B 762 20.21 13.71 27.71
CA TYR B 762 18.81 13.55 27.33
C TYR B 762 18.68 12.25 26.55
N ASP B 763 17.48 12.01 26.02
CA ASP B 763 17.23 10.78 25.28
C ASP B 763 17.97 10.78 23.95
N ALA B 764 18.79 9.76 23.74
CA ALA B 764 19.59 9.69 22.52
C ALA B 764 18.74 9.77 21.26
N ALA B 765 17.53 9.23 21.30
CA ALA B 765 16.69 9.17 20.11
C ALA B 765 16.42 10.54 19.52
N VAL B 766 16.29 11.57 20.34
CA VAL B 766 16.13 12.92 19.81
C VAL B 766 17.46 13.64 19.67
N LEU B 767 18.45 13.30 20.48
CA LEU B 767 19.72 14.02 20.41
C LEU B 767 20.45 13.73 19.11
N ASN B 768 20.47 12.46 18.68
CA ASN B 768 21.15 12.18 17.43
C ASN B 768 20.45 12.85 16.26
N TYR B 769 19.12 12.90 16.27
CA TYR B 769 18.41 13.63 15.23
C TYR B 769 18.78 15.10 15.25
N MET B 770 18.71 15.73 16.42
CA MET B 770 19.05 17.14 16.53
C MET B 770 20.46 17.42 16.04
N ALA B 771 21.40 16.53 16.34
CA ALA B 771 22.75 16.68 15.82
C ALA B 771 22.77 16.55 14.31
N GLY B 772 21.92 15.69 13.75
CA GLY B 772 21.86 15.55 12.30
C GLY B 772 21.41 16.80 11.60
N ARG B 773 20.14 17.17 11.79
CA ARG B 773 19.57 18.35 11.13
C ARG B 773 19.90 19.61 11.93
N ASP B 774 21.19 19.94 11.92
CA ASP B 774 21.68 21.13 12.61
C ASP B 774 22.65 21.89 11.73
N GLU B 775 22.46 23.20 11.65
CA GLU B 775 23.37 24.07 10.92
C GLU B 775 24.71 24.09 11.65
N GLY B 776 25.79 24.15 10.89
CA GLY B 776 27.08 23.86 11.46
C GLY B 776 27.12 22.42 11.90
N CYS B 777 28.02 22.12 12.83
CA CYS B 777 28.13 20.76 13.36
C CYS B 777 28.51 20.81 14.83
N LYS B 778 27.51 20.75 15.70
CA LYS B 778 27.70 20.39 17.10
C LYS B 778 27.82 18.87 17.18
N LEU B 779 27.87 18.33 18.40
CA LEU B 779 28.11 16.90 18.49
C LEU B 779 27.65 16.36 19.83
N VAL B 780 27.52 15.04 19.88
CA VAL B 780 27.22 14.29 21.08
C VAL B 780 28.52 13.64 21.53
N THR B 781 28.50 12.96 22.67
CA THR B 781 29.68 12.24 23.10
C THR B 781 30.02 11.16 22.07
N ILE B 782 31.09 10.42 22.36
CA ILE B 782 31.88 9.70 21.36
C ILE B 782 30.99 9.07 20.28
N GLY B 783 29.86 8.51 20.67
CA GLY B 783 28.90 8.10 19.65
C GLY B 783 27.91 7.09 20.19
N SER B 784 27.38 6.28 19.26
CA SER B 784 26.43 5.26 19.62
C SER B 784 26.98 4.30 20.68
N GLY B 785 28.24 3.90 20.55
CA GLY B 785 28.85 3.04 21.56
C GLY B 785 28.74 3.62 22.96
N LYS B 786 28.49 4.92 23.06
CA LYS B 786 28.16 5.56 24.34
C LYS B 786 26.66 5.77 24.35
N VAL B 787 25.93 4.75 24.78
CA VAL B 787 24.53 4.85 25.12
C VAL B 787 24.32 4.07 26.41
N PHE B 788 23.74 4.71 27.41
CA PHE B 788 23.65 4.10 28.72
C PHE B 788 22.21 3.71 29.02
N ALA B 789 22.03 2.50 29.54
CA ALA B 789 20.72 1.96 29.89
C ALA B 789 19.82 1.94 28.65
N SER B 790 20.33 1.29 27.61
CA SER B 790 19.63 1.24 26.34
C SER B 790 18.30 0.53 26.50
N THR B 791 17.21 1.26 26.25
CA THR B 791 15.88 0.69 26.16
C THR B 791 15.24 1.29 24.91
N GLY B 792 13.93 1.11 24.76
CA GLY B 792 13.27 1.53 23.55
C GLY B 792 11.93 2.18 23.81
N TYR B 793 11.48 2.93 22.81
CA TYR B 793 10.15 3.51 22.83
C TYR B 793 9.13 2.38 22.73
N GLY B 794 7.89 2.69 23.06
CA GLY B 794 6.83 1.71 23.02
C GLY B 794 5.46 2.37 22.88
N ILE B 795 4.45 1.52 22.82
CA ILE B 795 3.06 1.96 22.77
C ILE B 795 2.38 1.40 24.02
N ALA B 796 2.15 2.26 25.00
CA ALA B 796 1.61 1.84 26.29
C ALA B 796 0.10 1.65 26.16
N ILE B 797 -0.37 0.43 26.34
CA ILE B 797 -1.79 0.14 26.31
C ILE B 797 -2.24 -0.28 27.70
N GLN B 798 -3.54 -0.20 27.95
CA GLN B 798 -4.07 -0.59 29.25
C GLN B 798 -3.72 -2.02 29.57
N LYS B 799 -3.88 -2.37 30.83
CA LYS B 799 -3.40 -3.64 31.32
C LYS B 799 -4.37 -4.76 30.95
N ASP B 800 -3.81 -5.88 30.51
CA ASP B 800 -4.52 -7.14 30.31
C ASP B 800 -5.50 -7.09 29.14
N SER B 801 -5.51 -6.00 28.38
CA SER B 801 -6.36 -5.94 27.19
C SER B 801 -5.98 -7.05 26.22
N GLY B 802 -6.97 -7.53 25.48
CA GLY B 802 -6.67 -8.50 24.44
C GLY B 802 -5.92 -7.95 23.26
N TRP B 803 -5.88 -6.62 23.10
CA TRP B 803 -5.23 -6.00 21.97
C TRP B 803 -3.72 -6.20 21.97
N LYS B 804 -3.13 -6.57 23.10
CA LYS B 804 -1.68 -6.51 23.23
C LYS B 804 -1.00 -7.45 22.25
N ARG B 805 -1.44 -8.71 22.22
CA ARG B 805 -0.80 -9.69 21.36
C ARG B 805 -0.89 -9.27 19.89
N GLN B 806 -2.06 -8.79 19.46
CA GLN B 806 -2.22 -8.42 18.06
C GLN B 806 -1.38 -7.20 17.71
N VAL B 807 -1.35 -6.19 18.57
CA VAL B 807 -0.53 -5.03 18.29
C VAL B 807 0.94 -5.42 18.21
N ASP B 808 1.40 -6.24 19.14
CA ASP B 808 2.79 -6.70 19.10
C ASP B 808 3.08 -7.40 17.78
N LEU B 809 2.24 -8.35 17.42
CA LEU B 809 2.49 -9.11 16.21
C LEU B 809 2.47 -8.21 14.98
N ALA B 810 1.64 -7.17 15.00
CA ALA B 810 1.58 -6.27 13.86
C ALA B 810 2.86 -5.44 13.75
N ILE B 811 3.36 -4.94 14.87
CA ILE B 811 4.59 -4.16 14.80
C ILE B 811 5.74 -5.05 14.33
N LEU B 812 5.80 -6.28 14.81
CA LEU B 812 6.81 -7.19 14.29
C LEU B 812 6.65 -7.38 12.79
N GLN B 813 5.42 -7.54 12.32
CA GLN B 813 5.16 -7.63 10.89
C GLN B 813 5.76 -6.44 10.15
N LEU B 814 5.57 -5.24 10.69
CA LEU B 814 6.17 -4.07 10.05
C LEU B 814 7.68 -4.20 9.99
N PHE B 815 8.32 -4.59 11.09
CA PHE B 815 9.76 -4.81 11.05
C PHE B 815 10.15 -5.81 9.97
N GLY B 816 9.29 -6.79 9.71
CA GLY B 816 9.68 -7.84 8.79
C GLY B 816 9.82 -7.36 7.35
N ASP B 817 8.77 -6.73 6.83
CA ASP B 817 8.71 -6.41 5.40
C ASP B 817 9.53 -5.19 5.02
N GLY B 818 10.42 -4.74 5.89
CA GLY B 818 11.27 -3.62 5.56
C GLY B 818 10.50 -2.36 5.28
N GLU B 819 9.66 -1.94 6.22
CA GLU B 819 8.93 -0.69 6.09
C GLU B 819 9.39 0.38 7.05
N MET B 820 10.05 0.02 8.15
CA MET B 820 10.68 1.04 8.98
C MET B 820 11.79 1.75 8.22
N GLU B 821 12.29 1.15 7.15
CA GLU B 821 13.26 1.84 6.31
C GLU B 821 12.69 3.10 5.73
N GLU B 822 11.46 3.06 5.22
CA GLU B 822 10.84 4.24 4.64
C GLU B 822 10.69 5.34 5.68
N LEU B 823 10.24 4.98 6.88
CA LEU B 823 10.02 5.98 7.91
C LEU B 823 11.32 6.58 8.37
N GLU B 824 12.36 5.77 8.57
CA GLU B 824 13.66 6.33 8.86
C GLU B 824 14.16 7.17 7.71
N ALA B 825 13.75 6.84 6.48
CA ALA B 825 14.27 7.53 5.31
C ALA B 825 13.72 8.94 5.23
N CYS B 826 12.43 9.11 5.45
CA CYS B 826 11.88 10.46 5.35
C CYS B 826 11.19 10.87 6.65
N TRP B 827 11.82 10.56 7.77
CA TRP B 827 11.56 11.30 8.99
C TRP B 827 12.85 11.58 9.76
N LEU B 828 13.88 10.76 9.55
CA LEU B 828 15.09 10.79 10.37
C LEU B 828 16.34 10.79 9.51
N THR B 829 16.75 11.98 9.05
CA THR B 829 18.01 12.14 8.32
C THR B 829 18.54 13.53 8.57
N GLY B 830 19.86 13.67 8.47
CA GLY B 830 20.50 14.94 8.71
C GLY B 830 21.62 15.17 7.72
N ILE B 831 21.97 16.45 7.55
CA ILE B 831 23.05 16.82 6.65
C ILE B 831 24.39 16.38 7.24
N CYS B 832 24.73 16.89 8.43
CA CYS B 832 26.03 16.64 9.03
C CYS B 832 26.14 15.23 9.61
N HIS B 833 25.10 14.42 9.55
CA HIS B 833 25.20 13.04 10.01
C HIS B 833 25.81 12.15 8.93
N ASN B 834 26.92 12.64 8.37
CA ASN B 834 27.64 12.00 7.27
C ASN B 834 28.87 12.84 6.94
N GLU B 835 29.65 12.41 5.95
CA GLU B 835 30.77 13.18 5.42
C GLU B 835 31.80 13.46 6.53
N LYS B 836 32.40 12.38 7.02
CA LYS B 836 33.41 12.44 8.05
C LYS B 836 34.78 12.61 7.40
N ASN B 837 35.32 13.83 7.45
CA ASN B 837 36.62 14.11 6.86
C ASN B 837 37.12 15.44 7.42
N GLU B 838 38.36 15.78 7.08
CA GLU B 838 38.96 17.02 7.56
C GLU B 838 40.03 17.48 6.57
N VAL B 839 40.31 18.78 6.61
CA VAL B 839 41.40 19.34 5.80
C VAL B 839 42.72 18.85 6.39
N MET B 840 43.55 18.24 5.55
CA MET B 840 44.77 17.60 6.01
C MET B 840 45.71 18.62 6.67
N SER B 841 46.66 18.09 7.44
CA SER B 841 47.55 18.91 8.24
C SER B 841 48.83 19.22 7.50
N SER B 842 49.08 20.50 7.27
CA SER B 842 50.31 20.95 6.63
C SER B 842 51.43 20.92 7.65
N GLN B 843 52.54 21.59 7.35
CA GLN B 843 53.62 21.68 8.32
C GLN B 843 53.20 22.65 9.42
N LEU B 844 52.08 22.37 10.07
CA LEU B 844 51.70 22.99 11.32
C LEU B 844 52.04 22.12 12.51
N ASP B 845 52.54 20.91 12.26
CA ASP B 845 52.85 19.93 13.30
C ASP B 845 54.06 20.42 14.08
N ILE B 846 53.81 20.99 15.25
CA ILE B 846 54.92 21.42 16.10
C ILE B 846 55.54 20.24 16.84
N ASP B 847 54.76 19.18 17.09
CA ASP B 847 55.30 18.00 17.77
C ASP B 847 56.20 17.18 16.85
N ASN B 848 55.77 16.96 15.61
CA ASN B 848 56.60 16.23 14.66
C ASN B 848 57.90 16.96 14.40
N MET B 849 57.82 18.24 14.03
CA MET B 849 59.02 19.04 13.78
C MET B 849 59.87 19.16 15.04
N ALA B 850 59.25 19.19 16.22
CA ALA B 850 60.02 19.26 17.46
C ALA B 850 60.78 17.97 17.70
N GLY B 851 60.19 16.82 17.39
CA GLY B 851 60.91 15.57 17.49
C GLY B 851 62.07 15.50 16.51
N VAL B 852 61.85 15.95 15.28
CA VAL B 852 62.94 15.99 14.31
C VAL B 852 64.06 16.91 14.80
N PHE B 853 63.70 18.07 15.35
CA PHE B 853 64.70 19.00 15.87
C PHE B 853 65.44 18.43 17.07
N TYR B 854 64.74 17.63 17.89
CA TYR B 854 65.42 16.94 18.99
C TYR B 854 66.43 15.94 18.46
N MET B 855 66.09 15.24 17.38
CA MET B 855 67.07 14.39 16.72
C MET B 855 68.27 15.20 16.22
N LEU B 856 68.00 16.39 15.69
CA LEU B 856 69.08 17.26 15.24
C LEU B 856 70.00 17.66 16.39
N GLY B 857 69.42 18.04 17.53
CA GLY B 857 70.22 18.38 18.69
C GLY B 857 71.02 17.20 19.22
N ALA B 858 70.43 16.00 19.18
CA ALA B 858 71.18 14.81 19.53
C ALA B 858 72.37 14.63 18.60
N ALA B 859 72.18 14.90 17.31
CA ALA B 859 73.30 14.88 16.38
C ALA B 859 74.37 15.90 16.77
N MET B 860 73.94 17.09 17.20
CA MET B 860 74.90 18.10 17.64
C MET B 860 75.73 17.60 18.82
N ALA B 861 75.07 16.98 19.79
CA ALA B 861 75.78 16.42 20.94
C ALA B 861 76.74 15.32 20.51
N LEU B 862 76.32 14.46 19.58
CA LEU B 862 77.21 13.42 19.08
C LEU B 862 78.42 14.03 18.39
N SER B 863 78.23 15.15 17.68
CA SER B 863 79.34 15.85 17.08
C SER B 863 80.32 16.34 18.14
N LEU B 864 79.79 16.94 19.21
CA LEU B 864 80.64 17.38 20.31
C LEU B 864 81.45 16.22 20.86
N ILE B 865 80.80 15.09 21.12
CA ILE B 865 81.49 13.98 21.78
C ILE B 865 82.51 13.35 20.84
N THR B 866 82.20 13.23 19.55
CA THR B 866 83.19 12.67 18.63
C THR B 866 84.36 13.62 18.37
N PHE B 867 84.12 14.93 18.47
CA PHE B 867 85.25 15.86 18.40
C PHE B 867 86.15 15.72 19.61
N ILE B 868 85.57 15.59 20.81
CA ILE B 868 86.37 15.34 22.00
C ILE B 868 87.15 14.05 21.85
N CYS B 869 86.50 13.00 21.35
CA CYS B 869 87.17 11.71 21.19
C CYS B 869 88.27 11.77 20.15
N GLU B 870 88.09 12.55 19.08
CA GLU B 870 89.16 12.72 18.10
C GLU B 870 90.33 13.47 18.70
N HIS B 871 90.06 14.51 19.49
CA HIS B 871 91.13 15.20 20.20
C HIS B 871 91.89 14.25 21.13
N LEU B 872 91.17 13.31 21.75
CA LEU B 872 91.83 12.33 22.62
C LEU B 872 92.67 11.35 21.81
N PHE B 873 92.14 10.90 20.66
CA PHE B 873 92.83 9.89 19.86
C PHE B 873 94.02 10.46 19.11
N TYR B 874 94.05 11.77 18.87
CA TYR B 874 95.18 12.36 18.15
C TYR B 874 96.46 12.26 18.97
N TRP B 875 96.47 12.85 20.16
CA TRP B 875 97.65 12.84 21.02
C TRP B 875 97.88 11.46 21.62
N LYS C 25 -61.36 -40.56 20.08
CA LYS C 25 -60.87 -41.76 19.43
C LYS C 25 -60.28 -42.72 20.45
N ILE C 26 -59.71 -43.81 19.95
CA ILE C 26 -59.06 -44.80 20.78
C ILE C 26 -57.57 -44.73 20.46
N VAL C 27 -56.84 -43.90 21.21
CA VAL C 27 -55.41 -43.71 21.01
C VAL C 27 -54.67 -44.67 21.95
N ASN C 28 -53.67 -45.35 21.41
CA ASN C 28 -53.03 -46.46 22.11
C ASN C 28 -51.53 -46.21 22.23
N ILE C 29 -50.96 -46.63 23.37
CA ILE C 29 -49.52 -46.62 23.58
C ILE C 29 -49.11 -47.98 24.11
N GLY C 30 -47.83 -48.12 24.43
CA GLY C 30 -47.33 -49.39 24.92
C GLY C 30 -45.91 -49.26 25.43
N ALA C 31 -45.43 -50.36 26.03
CA ALA C 31 -44.10 -50.37 26.60
C ALA C 31 -43.65 -51.80 26.82
N VAL C 32 -42.35 -51.96 27.04
CA VAL C 32 -41.75 -53.26 27.31
C VAL C 32 -40.91 -53.12 28.58
N LEU C 33 -41.23 -53.92 29.59
CA LEU C 33 -40.48 -53.85 30.84
C LEU C 33 -40.03 -55.24 31.27
N SER C 34 -39.50 -55.37 32.48
CA SER C 34 -39.04 -56.66 32.96
C SER C 34 -39.64 -57.08 34.30
N THR C 35 -40.13 -56.15 35.11
CA THR C 35 -40.71 -56.52 36.39
C THR C 35 -41.99 -57.32 36.23
N ARG C 36 -42.82 -56.94 35.26
CA ARG C 36 -44.13 -57.55 34.98
C ARG C 36 -45.13 -57.18 36.07
N LYS C 37 -44.65 -56.53 37.13
CA LYS C 37 -45.53 -55.89 38.10
C LYS C 37 -45.68 -54.41 37.82
N HIS C 38 -44.61 -53.76 37.38
CA HIS C 38 -44.78 -52.45 36.78
C HIS C 38 -45.71 -52.50 35.59
N GLU C 39 -45.98 -53.69 35.05
CA GLU C 39 -47.09 -53.83 34.11
C GLU C 39 -48.38 -53.32 34.73
N GLN C 40 -48.79 -53.91 35.84
CA GLN C 40 -49.97 -53.43 36.54
C GLN C 40 -49.81 -52.00 37.01
N MET C 41 -48.60 -51.62 37.41
CA MET C 41 -48.36 -50.24 37.81
C MET C 41 -48.67 -49.27 36.68
N PHE C 42 -48.19 -49.57 35.48
CA PHE C 42 -48.41 -48.75 34.31
C PHE C 42 -49.86 -48.76 33.88
N ARG C 43 -50.53 -49.90 34.04
CA ARG C 43 -51.97 -49.95 33.76
C ARG C 43 -52.73 -49.02 34.68
N GLU C 44 -52.44 -49.07 35.99
CA GLU C 44 -53.08 -48.15 36.91
C GLU C 44 -52.70 -46.70 36.60
N ALA C 45 -51.46 -46.48 36.15
CA ALA C 45 -51.02 -45.13 35.82
C ALA C 45 -51.81 -44.57 34.65
N VAL C 46 -52.00 -45.35 33.60
CA VAL C 46 -52.79 -44.88 32.48
C VAL C 46 -54.26 -44.78 32.86
N ASN C 47 -54.73 -45.61 33.79
CA ASN C 47 -56.07 -45.41 34.33
C ASN C 47 -56.19 -44.02 34.95
N GLN C 48 -55.25 -43.66 35.81
CA GLN C 48 -55.22 -42.33 36.39
C GLN C 48 -55.19 -41.25 35.31
N ALA C 49 -54.34 -41.43 34.30
CA ALA C 49 -54.26 -40.49 33.20
C ALA C 49 -55.62 -40.29 32.53
N ASN C 50 -56.33 -41.38 32.27
CA ASN C 50 -57.70 -41.29 31.77
C ASN C 50 -58.53 -40.42 32.69
N LYS C 51 -58.60 -40.80 33.97
CA LYS C 51 -59.44 -40.07 34.91
C LYS C 51 -58.95 -38.63 35.11
N ARG C 52 -57.65 -38.39 34.94
CA ARG C 52 -57.10 -37.10 35.34
C ARG C 52 -57.31 -36.02 34.28
N HIS C 53 -56.72 -36.22 33.11
CA HIS C 53 -56.53 -35.10 32.19
C HIS C 53 -57.61 -35.06 31.12
N GLY C 54 -57.77 -33.89 30.53
CA GLY C 54 -58.61 -33.70 29.37
C GLY C 54 -60.08 -33.52 29.72
N SER C 55 -60.84 -33.07 28.73
CA SER C 55 -62.29 -32.96 28.81
C SER C 55 -62.99 -34.11 28.10
N TRP C 56 -62.29 -35.24 27.96
CA TRP C 56 -62.83 -36.46 27.34
C TRP C 56 -63.30 -36.20 25.91
N LYS C 57 -62.35 -35.85 25.05
CA LYS C 57 -62.57 -35.91 23.62
C LYS C 57 -62.20 -37.26 23.05
N ILE C 58 -61.26 -37.96 23.69
CA ILE C 58 -60.76 -39.24 23.22
C ILE C 58 -60.63 -40.21 24.38
N GLN C 59 -60.10 -41.39 24.12
CA GLN C 59 -59.74 -42.36 25.15
C GLN C 59 -58.26 -42.69 25.05
N LEU C 60 -57.74 -43.29 26.11
CA LEU C 60 -56.34 -43.70 26.17
C LEU C 60 -56.25 -45.11 26.73
N GLN C 61 -55.22 -45.83 26.29
CA GLN C 61 -55.10 -47.25 26.61
C GLN C 61 -53.73 -47.72 26.14
N ALA C 62 -53.30 -48.86 26.67
CA ALA C 62 -51.94 -49.32 26.43
C ALA C 62 -51.88 -50.84 26.44
N THR C 63 -50.65 -51.34 26.37
CA THR C 63 -50.39 -52.78 26.33
C THR C 63 -48.90 -52.99 26.56
N SER C 64 -48.55 -53.97 27.38
CA SER C 64 -47.17 -54.18 27.83
C SER C 64 -46.70 -55.56 27.43
N VAL C 65 -45.42 -55.66 27.08
CA VAL C 65 -44.76 -56.94 26.82
C VAL C 65 -43.45 -56.90 27.59
N THR C 66 -42.66 -57.97 27.55
CA THR C 66 -41.43 -58.03 28.31
C THR C 66 -40.26 -58.42 27.40
N HIS C 67 -39.06 -58.32 27.95
CA HIS C 67 -37.83 -58.60 27.23
C HIS C 67 -37.64 -60.11 27.04
N LYS C 68 -36.57 -60.46 26.35
CA LYS C 68 -36.21 -61.85 26.05
C LYS C 68 -34.72 -61.90 25.75
N PRO C 69 -34.07 -63.04 25.94
CA PRO C 69 -32.60 -63.09 25.75
C PRO C 69 -32.17 -63.03 24.30
N ASN C 70 -33.06 -63.25 23.34
CA ASN C 70 -32.71 -63.09 21.95
C ASN C 70 -33.06 -61.69 21.49
N ALA C 71 -32.06 -60.92 21.05
CA ALA C 71 -32.32 -59.57 20.58
C ALA C 71 -33.20 -59.58 19.34
N ILE C 72 -32.87 -60.41 18.36
CA ILE C 72 -33.63 -60.47 17.12
C ILE C 72 -35.09 -60.77 17.40
N GLN C 73 -35.35 -61.87 18.10
CA GLN C 73 -36.72 -62.23 18.45
C GLN C 73 -37.37 -61.16 19.33
N MET C 74 -36.57 -60.40 20.07
CA MET C 74 -37.14 -59.29 20.82
C MET C 74 -37.69 -58.22 19.88
N ALA C 75 -36.91 -57.85 18.86
CA ALA C 75 -37.42 -56.91 17.87
C ALA C 75 -38.61 -57.48 17.14
N LEU C 76 -38.62 -58.80 16.93
CA LEU C 76 -39.78 -59.44 16.31
C LEU C 76 -41.01 -59.27 17.17
N SER C 77 -40.87 -59.51 18.48
CA SER C 77 -41.98 -59.28 19.39
C SER C 77 -42.39 -57.82 19.41
N VAL C 78 -41.45 -56.91 19.17
CA VAL C 78 -41.82 -55.50 19.04
C VAL C 78 -42.68 -55.30 17.81
N CYS C 79 -42.31 -55.93 16.70
CA CYS C 79 -43.16 -55.89 15.52
C CYS C 79 -44.54 -56.47 15.80
N GLU C 80 -44.60 -57.50 16.66
CA GLU C 80 -45.88 -58.07 17.05
C GLU C 80 -46.70 -57.08 17.87
N ASP C 81 -46.05 -56.41 18.81
CA ASP C 81 -46.69 -55.31 19.52
C ASP C 81 -47.25 -54.28 18.56
N LEU C 82 -46.43 -53.88 17.58
CA LEU C 82 -46.81 -52.81 16.67
C LEU C 82 -47.93 -53.22 15.73
N ILE C 83 -48.03 -54.49 15.37
CA ILE C 83 -49.21 -54.93 14.62
C ILE C 83 -50.43 -54.99 15.52
N SER C 84 -50.28 -55.56 16.72
CA SER C 84 -51.41 -55.75 17.62
C SER C 84 -52.02 -54.45 18.10
N SER C 85 -51.48 -53.30 17.69
CA SER C 85 -52.02 -52.02 18.09
C SER C 85 -51.48 -50.92 17.19
N GLN C 86 -52.34 -49.94 16.89
CA GLN C 86 -51.92 -48.73 16.21
C GLN C 86 -51.20 -47.86 17.23
N VAL C 87 -49.94 -48.19 17.50
CA VAL C 87 -49.20 -47.55 18.58
C VAL C 87 -49.03 -46.07 18.28
N TYR C 88 -48.85 -45.29 19.33
CA TYR C 88 -48.56 -43.87 19.21
C TYR C 88 -47.23 -43.47 19.82
N ALA C 89 -46.69 -44.31 20.71
CA ALA C 89 -45.40 -44.12 21.32
C ALA C 89 -45.10 -45.37 22.14
N ILE C 90 -43.82 -45.63 22.35
CA ILE C 90 -43.40 -46.80 23.10
C ILE C 90 -42.46 -46.38 24.22
N LEU C 91 -42.53 -47.08 25.33
CA LEU C 91 -41.64 -46.88 26.46
C LEU C 91 -40.89 -48.17 26.70
N VAL C 92 -39.81 -48.12 27.47
CA VAL C 92 -38.97 -49.28 27.72
C VAL C 92 -38.07 -49.00 28.90
N SER C 93 -37.82 -50.02 29.71
CA SER C 93 -36.91 -49.95 30.83
C SER C 93 -35.73 -50.89 30.60
N HIS C 94 -34.88 -50.99 31.60
CA HIS C 94 -33.73 -51.85 31.55
C HIS C 94 -33.99 -53.11 32.37
N PRO C 95 -33.81 -54.29 31.77
CA PRO C 95 -34.00 -55.53 32.50
C PRO C 95 -32.86 -55.74 33.49
N PRO C 96 -32.94 -56.76 34.34
CA PRO C 96 -31.84 -57.00 35.30
C PRO C 96 -30.53 -57.41 34.65
N THR C 97 -30.50 -57.65 33.35
CA THR C 97 -29.27 -58.07 32.70
C THR C 97 -28.23 -56.96 32.78
N PRO C 98 -26.95 -57.32 32.86
CA PRO C 98 -25.89 -56.30 32.93
C PRO C 98 -25.46 -55.73 31.59
N ASN C 99 -25.89 -56.32 30.47
CA ASN C 99 -25.54 -55.81 29.14
C ASN C 99 -26.33 -54.52 28.89
N ASP C 100 -25.96 -53.49 29.65
CA ASP C 100 -26.73 -52.24 29.65
C ASP C 100 -26.71 -51.57 28.28
N HIS C 101 -25.62 -51.73 27.53
CA HIS C 101 -25.50 -51.02 26.28
C HIS C 101 -26.52 -51.48 25.25
N PHE C 102 -26.45 -52.75 24.87
CA PHE C 102 -27.15 -53.25 23.70
C PHE C 102 -28.60 -53.66 23.97
N THR C 103 -29.13 -53.38 25.14
CA THR C 103 -30.48 -53.86 25.38
C THR C 103 -31.56 -52.98 24.75
N PRO C 104 -31.55 -51.66 24.94
CA PRO C 104 -32.67 -50.86 24.47
C PRO C 104 -32.52 -50.38 23.04
N THR C 105 -31.63 -51.00 22.27
CA THR C 105 -31.48 -50.54 20.90
C THR C 105 -32.54 -51.07 19.93
N PRO C 106 -32.87 -52.38 19.91
CA PRO C 106 -33.65 -52.90 18.77
C PRO C 106 -35.00 -52.24 18.62
N VAL C 107 -35.65 -51.87 19.72
CA VAL C 107 -36.92 -51.18 19.58
C VAL C 107 -36.74 -49.84 18.89
N SER C 108 -35.62 -49.16 19.15
CA SER C 108 -35.42 -47.85 18.53
C SER C 108 -35.18 -47.97 17.04
N TYR C 109 -34.33 -48.91 16.64
CA TYR C 109 -34.16 -49.18 15.22
C TYR C 109 -35.50 -49.52 14.57
N THR C 110 -36.24 -50.45 15.18
CA THR C 110 -37.49 -50.90 14.56
C THR C 110 -38.50 -49.76 14.46
N ALA C 111 -38.48 -48.84 15.41
CA ALA C 111 -39.43 -47.74 15.36
C ALA C 111 -39.00 -46.67 14.37
N GLY C 112 -37.69 -46.40 14.28
CA GLY C 112 -37.22 -45.40 13.33
C GLY C 112 -37.68 -45.65 11.91
N PHE C 113 -37.93 -46.91 11.56
CA PHE C 113 -38.49 -47.21 10.26
C PHE C 113 -39.83 -46.50 10.06
N TYR C 114 -40.46 -46.07 11.15
CA TYR C 114 -41.72 -45.34 11.06
C TYR C 114 -41.73 -44.08 11.91
N ARG C 115 -40.58 -43.67 12.43
CA ARG C 115 -40.47 -42.46 13.24
C ARG C 115 -41.45 -42.46 14.41
N ILE C 116 -41.68 -43.63 15.00
CA ILE C 116 -42.52 -43.75 16.18
C ILE C 116 -41.74 -43.22 17.37
N PRO C 117 -42.09 -42.06 17.92
CA PRO C 117 -41.32 -41.51 19.04
C PRO C 117 -41.32 -42.50 20.20
N VAL C 118 -40.13 -42.81 20.69
CA VAL C 118 -39.95 -43.77 21.78
C VAL C 118 -39.24 -43.04 22.93
N LEU C 119 -39.63 -43.37 24.15
CA LEU C 119 -39.08 -42.73 25.33
C LEU C 119 -38.35 -43.76 26.18
N GLY C 120 -37.15 -43.40 26.62
CA GLY C 120 -36.32 -44.29 27.40
C GLY C 120 -36.28 -43.88 28.87
N LEU C 121 -36.09 -44.88 29.73
CA LEU C 121 -36.16 -44.66 31.16
C LEU C 121 -34.87 -44.97 31.89
N THR C 122 -34.34 -46.17 31.72
CA THR C 122 -33.30 -46.69 32.60
C THR C 122 -32.02 -47.00 31.83
N THR C 123 -31.61 -46.09 30.98
CA THR C 123 -30.34 -46.22 30.26
C THR C 123 -29.66 -44.88 30.17
N ARG C 124 -28.33 -44.92 30.18
CA ARG C 124 -27.56 -43.69 30.22
C ARG C 124 -26.54 -43.56 29.10
N MET C 125 -26.24 -44.64 28.39
CA MET C 125 -25.21 -44.59 27.36
C MET C 125 -25.48 -43.45 26.39
N SER C 126 -24.44 -42.69 26.08
CA SER C 126 -24.58 -41.46 25.34
C SER C 126 -24.66 -41.66 23.84
N ILE C 127 -24.41 -42.87 23.36
CA ILE C 127 -24.57 -43.13 21.93
C ILE C 127 -25.99 -42.83 21.49
N TYR C 128 -26.95 -42.92 22.40
CA TYR C 128 -28.35 -42.75 22.03
C TYR C 128 -28.69 -41.31 21.66
N SER C 129 -28.00 -40.33 22.24
CA SER C 129 -28.37 -38.95 22.01
C SER C 129 -28.12 -38.48 20.60
N ASP C 130 -27.46 -39.29 19.77
CA ASP C 130 -27.14 -38.89 18.41
C ASP C 130 -28.41 -38.78 17.58
N LYS C 131 -28.75 -37.55 17.20
CA LYS C 131 -29.98 -37.31 16.46
C LYS C 131 -29.96 -37.85 15.05
N SER C 132 -28.85 -38.43 14.60
CA SER C 132 -28.74 -38.95 13.25
C SER C 132 -28.83 -40.46 13.17
N ILE C 133 -28.79 -41.15 14.30
CA ILE C 133 -28.82 -42.61 14.33
C ILE C 133 -30.07 -43.12 15.01
N HIS C 134 -30.56 -42.42 16.02
CA HIS C 134 -31.77 -42.81 16.70
C HIS C 134 -32.78 -41.67 16.56
N LEU C 135 -32.92 -41.21 15.32
CA LEU C 135 -33.55 -39.92 15.01
C LEU C 135 -34.89 -39.72 15.69
N SER C 136 -35.52 -40.77 16.19
CA SER C 136 -36.74 -40.64 16.97
C SER C 136 -36.51 -41.33 18.31
N PHE C 137 -36.16 -40.53 19.32
CA PHE C 137 -35.81 -41.10 20.61
C PHE C 137 -35.75 -40.00 21.65
N LEU C 138 -36.33 -40.26 22.81
CA LEU C 138 -36.24 -39.35 23.94
C LEU C 138 -36.02 -40.17 25.20
N ARG C 139 -35.67 -39.47 26.28
CA ARG C 139 -35.35 -40.16 27.52
C ARG C 139 -35.72 -39.27 28.70
N THR C 140 -35.73 -39.88 29.88
CA THR C 140 -36.13 -39.20 31.11
C THR C 140 -34.97 -38.83 32.00
N VAL C 141 -33.74 -39.03 31.55
CA VAL C 141 -32.57 -38.80 32.39
C VAL C 141 -31.42 -38.32 31.51
N PRO C 142 -30.67 -37.30 31.94
CA PRO C 142 -29.50 -36.91 31.15
C PRO C 142 -28.48 -38.03 31.13
N PRO C 143 -27.71 -38.12 30.06
CA PRO C 143 -26.75 -39.23 29.93
C PRO C 143 -25.42 -38.93 30.60
N TYR C 144 -24.55 -39.94 30.65
CA TYR C 144 -23.25 -39.77 31.30
C TYR C 144 -22.48 -38.59 30.76
N SER C 145 -22.74 -38.16 29.54
CA SER C 145 -21.98 -37.06 28.97
C SER C 145 -22.18 -35.78 29.75
N HIS C 146 -23.41 -35.45 30.12
CA HIS C 146 -23.68 -34.20 30.80
C HIS C 146 -23.03 -34.11 32.16
N GLN C 147 -22.52 -35.23 32.69
CA GLN C 147 -21.88 -35.25 33.98
C GLN C 147 -20.78 -34.21 34.12
N SER C 148 -20.22 -33.73 33.01
CA SER C 148 -19.08 -32.83 33.08
C SER C 148 -19.46 -31.42 33.53
N SER C 149 -20.72 -31.03 33.40
CA SER C 149 -21.10 -29.68 33.80
C SER C 149 -20.90 -29.46 35.29
N VAL C 150 -21.26 -30.45 36.12
CA VAL C 150 -21.04 -30.29 37.55
C VAL C 150 -19.57 -30.25 37.87
N TRP C 151 -18.73 -30.97 37.13
CA TRP C 151 -17.30 -30.85 37.31
C TRP C 151 -16.85 -29.44 37.04
N PHE C 152 -17.31 -28.86 35.94
CA PHE C 152 -16.92 -27.49 35.62
C PHE C 152 -17.37 -26.53 36.71
N GLU C 153 -18.56 -26.75 37.26
CA GLU C 153 -19.03 -25.88 38.33
C GLU C 153 -18.19 -26.01 39.59
N MET C 154 -17.86 -27.25 39.97
CA MET C 154 -16.99 -27.42 41.13
C MET C 154 -15.64 -26.77 40.90
N MET C 155 -15.11 -26.86 39.67
CA MET C 155 -13.88 -26.17 39.35
C MET C 155 -14.00 -24.67 39.54
N ARG C 156 -15.10 -24.09 39.07
CA ARG C 156 -15.32 -22.66 39.31
C ARG C 156 -15.36 -22.37 40.81
N VAL C 157 -16.00 -23.23 41.58
CA VAL C 157 -16.12 -23.00 43.02
C VAL C 157 -14.76 -22.96 43.67
N TYR C 158 -14.01 -24.06 43.60
CA TYR C 158 -12.78 -24.18 44.36
C TYR C 158 -11.56 -23.65 43.63
N ASN C 159 -11.75 -22.96 42.50
CA ASN C 159 -10.69 -22.24 41.81
C ASN C 159 -9.59 -23.14 41.27
N TRP C 160 -9.79 -24.45 41.29
CA TRP C 160 -8.83 -25.36 40.67
C TRP C 160 -8.79 -25.04 39.19
N ASN C 161 -7.66 -24.55 38.70
CA ASN C 161 -7.56 -24.09 37.32
C ASN C 161 -6.42 -24.74 36.57
N HIS C 162 -6.06 -25.96 36.93
CA HIS C 162 -5.14 -26.77 36.14
C HIS C 162 -5.56 -28.21 36.31
N ILE C 163 -6.22 -28.76 35.31
CA ILE C 163 -6.88 -30.05 35.44
C ILE C 163 -6.31 -31.02 34.42
N ILE C 164 -6.01 -32.22 34.88
CA ILE C 164 -5.66 -33.34 34.01
C ILE C 164 -6.94 -34.09 33.70
N LEU C 165 -7.12 -34.46 32.44
CA LEU C 165 -8.31 -35.16 31.99
C LEU C 165 -7.90 -36.53 31.46
N LEU C 166 -8.13 -37.56 32.26
CA LEU C 166 -7.84 -38.93 31.88
C LEU C 166 -9.15 -39.60 31.52
N VAL C 167 -9.21 -40.22 30.34
CA VAL C 167 -10.45 -40.77 29.82
C VAL C 167 -10.14 -42.04 29.03
N SER C 168 -11.19 -42.76 28.65
CA SER C 168 -11.06 -43.96 27.84
C SER C 168 -11.23 -43.62 26.37
N ASP C 169 -11.22 -44.64 25.51
CA ASP C 169 -11.27 -44.45 24.07
C ASP C 169 -12.58 -44.92 23.45
N ASP C 170 -13.52 -45.39 24.27
CA ASP C 170 -14.86 -45.67 23.78
C ASP C 170 -15.49 -44.37 23.28
N HIS C 171 -16.55 -44.52 22.47
CA HIS C 171 -17.33 -43.36 22.08
C HIS C 171 -17.76 -42.54 23.27
N GLU C 172 -18.05 -43.20 24.40
CA GLU C 172 -18.41 -42.47 25.61
C GLU C 172 -17.32 -41.50 26.03
N GLY C 173 -16.08 -41.98 26.05
CA GLY C 173 -14.98 -41.13 26.44
C GLY C 173 -14.85 -39.91 25.55
N ARG C 174 -14.91 -40.12 24.24
CA ARG C 174 -14.78 -38.99 23.33
C ARG C 174 -15.93 -38.02 23.48
N ALA C 175 -17.14 -38.52 23.74
CA ALA C 175 -18.26 -37.63 23.98
C ALA C 175 -18.03 -36.78 25.20
N ALA C 176 -17.61 -37.42 26.30
CA ALA C 176 -17.34 -36.66 27.53
C ALA C 176 -16.27 -35.61 27.31
N GLN C 177 -15.17 -35.99 26.68
CA GLN C 177 -14.09 -35.05 26.42
C GLN C 177 -14.55 -33.88 25.59
N LYS C 178 -15.26 -34.15 24.50
CA LYS C 178 -15.72 -33.08 23.62
C LYS C 178 -16.66 -32.14 24.34
N ARG C 179 -17.60 -32.69 25.10
CA ARG C 179 -18.53 -31.85 25.84
C ARG C 179 -17.79 -30.98 26.85
N LEU C 180 -16.86 -31.57 27.60
CA LEU C 180 -16.15 -30.78 28.60
C LEU C 180 -15.34 -29.66 27.96
N GLU C 181 -14.65 -29.97 26.86
CA GLU C 181 -13.86 -28.93 26.20
C GLU C 181 -14.76 -27.81 25.68
N THR C 182 -15.82 -28.15 24.97
CA THR C 182 -16.69 -27.10 24.45
C THR C 182 -17.39 -26.34 25.57
N LEU C 183 -17.52 -26.92 26.75
CA LEU C 183 -18.08 -26.17 27.86
C LEU C 183 -17.06 -25.19 28.42
N LEU C 184 -15.84 -25.66 28.69
CA LEU C 184 -14.86 -24.77 29.27
C LEU C 184 -14.33 -23.76 28.25
N GLU C 185 -14.68 -23.89 26.98
CA GLU C 185 -14.19 -22.95 25.97
C GLU C 185 -15.02 -21.66 26.03
N GLU C 186 -14.93 -21.00 27.19
CA GLU C 186 -15.63 -19.74 27.38
C GLU C 186 -14.91 -18.62 26.64
N ARG C 187 -13.68 -18.31 27.06
CA ARG C 187 -12.75 -17.41 26.36
C ARG C 187 -13.46 -16.22 25.74
N GLU C 188 -14.22 -15.49 26.54
CA GLU C 188 -14.96 -14.33 26.04
C GLU C 188 -14.00 -13.24 25.60
N SER C 189 -13.22 -12.70 26.54
CA SER C 189 -12.21 -11.68 26.28
C SER C 189 -12.81 -10.49 25.52
N LYS C 190 -14.02 -10.09 25.91
CA LYS C 190 -14.73 -8.98 25.29
C LYS C 190 -14.85 -9.14 23.78
N ASN C 206 -8.43 -10.87 36.26
CA ASN C 206 -7.25 -11.24 37.04
C ASN C 206 -6.31 -12.14 36.24
N LYS C 207 -6.88 -13.17 35.62
CA LYS C 207 -6.11 -14.11 34.82
C LYS C 207 -7.07 -14.89 33.94
N ARG C 208 -6.52 -15.82 33.17
CA ARG C 208 -7.35 -16.69 32.35
C ARG C 208 -8.12 -17.67 33.22
N GLY C 209 -9.22 -18.19 32.67
CA GLY C 209 -10.04 -19.11 33.39
C GLY C 209 -9.38 -20.48 33.53
N PRO C 210 -10.08 -21.40 34.19
CA PRO C 210 -9.55 -22.76 34.31
C PRO C 210 -9.36 -23.39 32.94
N LYS C 211 -8.32 -24.19 32.82
CA LYS C 211 -7.92 -24.75 31.53
C LYS C 211 -7.31 -26.12 31.73
N ALA C 212 -7.68 -27.05 30.86
CA ALA C 212 -7.09 -28.37 30.90
C ALA C 212 -5.63 -28.31 30.52
N GLU C 213 -4.76 -28.90 31.35
CA GLU C 213 -3.34 -28.91 31.02
C GLU C 213 -3.08 -29.85 29.85
N LYS C 214 -3.73 -31.01 29.85
CA LYS C 214 -3.62 -31.95 28.73
C LYS C 214 -4.65 -33.04 28.94
N VAL C 215 -4.85 -33.84 27.90
CA VAL C 215 -5.73 -34.99 27.96
C VAL C 215 -4.92 -36.23 27.65
N LEU C 216 -5.45 -37.38 28.03
CA LEU C 216 -4.75 -38.64 27.86
C LEU C 216 -5.73 -39.71 27.42
N GLN C 217 -5.52 -40.24 26.22
CA GLN C 217 -6.31 -41.35 25.73
C GLN C 217 -5.94 -42.63 26.46
N PHE C 218 -6.77 -43.64 26.33
CA PHE C 218 -6.58 -44.88 27.08
C PHE C 218 -7.51 -45.94 26.51
N ASP C 219 -6.97 -47.14 26.34
CA ASP C 219 -7.62 -48.23 25.61
C ASP C 219 -8.48 -49.07 26.55
N PRO C 220 -9.74 -49.30 26.23
CA PRO C 220 -10.62 -50.05 27.14
C PRO C 220 -10.10 -51.44 27.44
N GLY C 221 -10.42 -51.93 28.63
CA GLY C 221 -10.14 -53.29 29.03
C GLY C 221 -8.69 -53.66 29.22
N THR C 222 -7.75 -52.80 28.83
CA THR C 222 -6.35 -53.16 28.89
C THR C 222 -5.81 -52.99 30.30
N LYS C 223 -4.87 -53.85 30.67
CA LYS C 223 -4.19 -53.78 31.95
C LYS C 223 -2.82 -53.13 31.79
N ASN C 224 -2.18 -52.89 32.93
CA ASN C 224 -0.87 -52.23 32.99
C ASN C 224 -0.90 -50.88 32.27
N VAL C 225 -1.80 -50.02 32.76
CA VAL C 225 -1.87 -48.64 32.29
C VAL C 225 -0.74 -47.80 32.86
N THR C 226 0.07 -48.38 33.77
CA THR C 226 1.08 -47.63 34.51
C THR C 226 1.88 -46.69 33.63
N ALA C 227 2.14 -47.06 32.38
CA ALA C 227 2.83 -46.16 31.47
C ALA C 227 2.13 -44.82 31.39
N LEU C 228 0.80 -44.82 31.39
CA LEU C 228 0.06 -43.57 31.26
C LEU C 228 0.20 -42.73 32.52
N LEU C 229 -0.01 -43.33 33.69
CA LEU C 229 0.15 -42.60 34.93
C LEU C 229 1.54 -42.03 35.08
N MET C 230 2.56 -42.77 34.63
CA MET C 230 3.92 -42.26 34.70
C MET C 230 4.10 -41.02 33.86
N GLU C 231 3.40 -40.92 32.73
CA GLU C 231 3.46 -39.69 31.95
C GLU C 231 2.68 -38.57 32.62
N ALA C 232 1.57 -38.92 33.25
CA ALA C 232 0.74 -37.91 33.92
C ALA C 232 1.39 -37.34 35.16
N ARG C 233 2.29 -38.08 35.79
CA ARG C 233 2.78 -37.69 37.12
C ARG C 233 3.46 -36.34 37.10
N GLU C 234 4.35 -36.11 36.13
CA GLU C 234 5.28 -34.99 36.21
C GLU C 234 4.68 -33.68 35.74
N LEU C 235 3.37 -33.57 35.67
CA LEU C 235 2.79 -32.30 35.30
C LEU C 235 2.59 -31.43 36.53
N GLU C 236 2.18 -30.18 36.30
CA GLU C 236 1.96 -29.28 37.42
C GLU C 236 0.72 -29.66 38.21
N ALA C 237 -0.35 -30.00 37.50
CA ALA C 237 -1.65 -30.19 38.15
C ALA C 237 -1.58 -31.25 39.24
N ARG C 238 -2.39 -31.05 40.27
CA ARG C 238 -2.52 -32.03 41.34
C ARG C 238 -3.90 -32.65 41.37
N VAL C 239 -4.71 -32.39 40.35
CA VAL C 239 -6.08 -32.88 40.30
C VAL C 239 -6.31 -33.52 38.94
N ILE C 240 -6.93 -34.70 38.95
CA ILE C 240 -7.23 -35.42 37.73
C ILE C 240 -8.72 -35.72 37.69
N ILE C 241 -9.20 -36.12 36.53
CA ILE C 241 -10.59 -36.49 36.31
C ILE C 241 -10.60 -37.79 35.52
N LEU C 242 -11.51 -38.69 35.89
CA LEU C 242 -11.56 -40.00 35.27
C LEU C 242 -12.98 -40.30 34.83
N SER C 243 -13.11 -41.02 33.72
CA SER C 243 -14.42 -41.48 33.27
C SER C 243 -14.21 -42.70 32.39
N ALA C 244 -14.54 -43.87 32.90
CA ALA C 244 -14.36 -45.11 32.17
C ALA C 244 -15.26 -46.17 32.80
N SER C 245 -15.13 -47.40 32.36
CA SER C 245 -15.92 -48.46 32.96
C SER C 245 -15.32 -48.86 34.30
N GLU C 246 -16.12 -49.58 35.07
CA GLU C 246 -15.76 -49.89 36.45
C GLU C 246 -14.55 -50.80 36.55
N ASP C 247 -14.42 -51.79 35.68
CA ASP C 247 -13.23 -52.62 35.71
C ASP C 247 -11.98 -51.80 35.43
N ASP C 248 -12.06 -50.91 34.44
CA ASP C 248 -10.95 -50.01 34.19
C ASP C 248 -10.68 -49.12 35.38
N ALA C 249 -11.75 -48.69 36.06
CA ALA C 249 -11.57 -47.91 37.27
C ALA C 249 -10.77 -48.69 38.30
N ALA C 250 -11.11 -49.96 38.51
CA ALA C 250 -10.35 -50.78 39.45
C ALA C 250 -8.90 -50.91 39.00
N THR C 251 -8.69 -51.13 37.71
CA THR C 251 -7.34 -51.28 37.18
C THR C 251 -6.50 -50.05 37.50
N VAL C 252 -6.99 -48.87 37.10
CA VAL C 252 -6.22 -47.66 37.34
C VAL C 252 -6.12 -47.34 38.82
N TYR C 253 -7.12 -47.69 39.63
CA TYR C 253 -7.02 -47.48 41.05
C TYR C 253 -5.85 -48.25 41.62
N ARG C 254 -5.75 -49.54 41.30
CA ARG C 254 -4.62 -50.32 41.78
C ARG C 254 -3.31 -49.80 41.23
N ALA C 255 -3.29 -49.42 39.95
CA ALA C 255 -2.07 -48.90 39.34
C ALA C 255 -1.57 -47.67 40.08
N ALA C 256 -2.48 -46.74 40.39
CA ALA C 256 -2.10 -45.59 41.17
C ALA C 256 -1.66 -45.98 42.57
N ALA C 257 -2.35 -46.95 43.17
CA ALA C 257 -1.95 -47.42 44.49
C ALA C 257 -0.52 -47.93 44.50
N MET C 258 -0.05 -48.45 43.37
CA MET C 258 1.35 -48.84 43.28
C MET C 258 2.27 -47.62 43.22
N LEU C 259 1.84 -46.56 42.53
CA LEU C 259 2.65 -45.36 42.37
C LEU C 259 2.28 -44.26 43.35
N ASP C 260 1.18 -44.40 44.07
CA ASP C 260 0.68 -43.41 45.02
C ASP C 260 0.58 -42.03 44.40
N MET C 261 -0.28 -41.93 43.40
CA MET C 261 -0.89 -40.65 43.07
C MET C 261 -2.00 -40.30 44.04
N THR C 262 -2.10 -41.03 45.16
CA THR C 262 -3.20 -40.90 46.10
C THR C 262 -2.81 -40.16 47.36
N GLY C 263 -1.55 -39.74 47.50
CA GLY C 263 -1.09 -39.09 48.69
C GLY C 263 -1.67 -37.70 48.85
N SER C 264 -1.14 -36.99 49.85
CA SER C 264 -1.57 -35.63 50.11
C SER C 264 -1.29 -34.74 48.90
N GLY C 265 -2.01 -33.63 48.84
CA GLY C 265 -1.92 -32.72 47.73
C GLY C 265 -2.67 -33.18 46.50
N TYR C 266 -2.81 -34.48 46.30
CA TYR C 266 -3.56 -34.99 45.17
C TYR C 266 -5.04 -35.06 45.53
N VAL C 267 -5.88 -34.59 44.61
CA VAL C 267 -7.32 -34.73 44.72
C VAL C 267 -7.84 -35.13 43.35
N TRP C 268 -8.94 -35.87 43.33
CA TRP C 268 -9.58 -36.13 42.06
C TRP C 268 -11.05 -36.49 42.28
N LEU C 269 -11.77 -36.58 41.18
CA LEU C 269 -13.22 -36.77 41.19
C LEU C 269 -13.62 -37.55 39.96
N VAL C 270 -14.69 -38.32 40.08
CA VAL C 270 -15.08 -39.27 39.07
C VAL C 270 -16.56 -39.07 38.75
N GLY C 271 -17.09 -39.94 37.90
CA GLY C 271 -18.49 -39.98 37.58
C GLY C 271 -19.27 -40.80 38.58
N GLU C 272 -20.31 -41.49 38.09
CA GLU C 272 -21.11 -42.29 38.99
C GLU C 272 -20.66 -43.75 39.03
N ARG C 273 -20.27 -44.32 37.89
CA ARG C 273 -19.99 -45.75 37.86
C ARG C 273 -18.55 -46.08 38.20
N GLU C 274 -17.79 -45.13 38.73
CA GLU C 274 -16.44 -45.38 39.20
C GLU C 274 -16.40 -45.61 40.70
N ILE C 275 -17.55 -45.64 41.35
CA ILE C 275 -17.61 -45.78 42.80
C ILE C 275 -18.58 -46.89 43.17
N SER C 276 -18.83 -47.80 42.24
CA SER C 276 -19.80 -48.86 42.48
C SER C 276 -19.22 -50.18 42.01
N GLY C 277 -19.83 -51.27 42.49
CA GLY C 277 -19.42 -52.60 42.09
C GLY C 277 -17.98 -52.90 42.41
N ASN C 278 -17.20 -53.25 41.39
CA ASN C 278 -15.79 -53.55 41.57
C ASN C 278 -14.96 -52.32 41.92
N ALA C 279 -15.59 -51.16 42.11
CA ALA C 279 -14.83 -49.94 42.37
C ALA C 279 -14.43 -49.82 43.83
N LEU C 280 -15.42 -49.80 44.73
CA LEU C 280 -15.15 -49.53 46.14
C LEU C 280 -14.10 -50.45 46.73
N ARG C 281 -13.95 -51.66 46.19
CA ARG C 281 -12.91 -52.56 46.69
C ARG C 281 -11.51 -52.03 46.43
N TYR C 282 -11.37 -50.96 45.65
CA TYR C 282 -10.04 -50.43 45.35
C TYR C 282 -9.98 -48.92 45.33
N ALA C 283 -11.03 -48.22 45.69
CA ALA C 283 -11.02 -46.78 45.64
C ALA C 283 -10.15 -46.22 46.77
N PRO C 284 -9.28 -45.26 46.48
CA PRO C 284 -8.51 -44.64 47.56
C PRO C 284 -9.42 -43.82 48.46
N ASP C 285 -9.22 -43.98 49.75
CA ASP C 285 -10.13 -43.41 50.73
C ASP C 285 -10.22 -41.90 50.59
N GLY C 286 -11.38 -41.41 50.16
CA GLY C 286 -11.64 -39.99 50.12
C GLY C 286 -11.93 -39.39 48.77
N ILE C 287 -12.18 -40.20 47.75
CA ILE C 287 -12.43 -39.64 46.43
C ILE C 287 -13.79 -38.96 46.41
N ILE C 288 -14.03 -38.20 45.36
CA ILE C 288 -15.30 -37.53 45.15
C ILE C 288 -16.02 -38.19 44.00
N GLY C 289 -17.28 -38.57 44.24
CA GLY C 289 -18.15 -39.07 43.19
C GLY C 289 -19.45 -38.28 43.17
N LEU C 290 -20.44 -38.86 42.49
CA LEU C 290 -21.76 -38.26 42.46
C LEU C 290 -22.74 -39.24 41.86
N GLN C 291 -24.02 -39.04 42.17
CA GLN C 291 -25.07 -39.92 41.70
C GLN C 291 -26.28 -39.10 41.31
N LEU C 292 -27.13 -39.71 40.50
CA LEU C 292 -28.39 -39.11 40.14
C LEU C 292 -29.28 -38.97 41.37
N ILE C 293 -30.11 -37.93 41.36
CA ILE C 293 -30.95 -37.66 42.52
C ILE C 293 -31.92 -38.82 42.75
N ASN C 294 -32.63 -39.24 41.71
CA ASN C 294 -33.61 -40.31 41.87
C ASN C 294 -33.03 -41.67 41.52
N GLY C 295 -32.44 -41.81 40.34
CA GLY C 295 -31.78 -43.05 40.02
C GLY C 295 -32.74 -44.06 39.43
N LYS C 296 -32.70 -45.27 39.97
CA LYS C 296 -33.35 -46.43 39.36
C LYS C 296 -34.71 -46.76 39.99
N ASN C 297 -35.43 -45.73 40.45
CA ASN C 297 -36.78 -45.91 40.96
C ASN C 297 -37.76 -45.63 39.82
N GLU C 298 -37.81 -46.57 38.89
CA GLU C 298 -38.45 -46.37 37.60
C GLU C 298 -39.95 -46.13 37.69
N SER C 299 -40.57 -46.38 38.84
CA SER C 299 -42.02 -46.21 38.90
C SER C 299 -42.41 -44.74 38.80
N ALA C 300 -41.71 -43.88 39.52
CA ALA C 300 -41.90 -42.44 39.34
C ALA C 300 -41.70 -42.06 37.88
N HIS C 301 -40.73 -42.70 37.22
CA HIS C 301 -40.52 -42.45 35.81
C HIS C 301 -41.73 -42.87 34.99
N ILE C 302 -42.31 -44.02 35.31
CA ILE C 302 -43.53 -44.45 34.64
C ILE C 302 -44.58 -43.36 34.73
N SER C 303 -44.80 -42.87 35.95
CA SER C 303 -45.81 -41.84 36.17
C SER C 303 -45.51 -40.60 35.33
N ASP C 304 -44.28 -40.10 35.44
CA ASP C 304 -43.91 -38.88 34.72
C ASP C 304 -44.09 -39.06 33.22
N ALA C 305 -43.66 -40.20 32.70
CA ALA C 305 -43.73 -40.42 31.27
C ALA C 305 -45.17 -40.48 30.79
N VAL C 306 -46.01 -41.27 31.45
CA VAL C 306 -47.38 -41.36 30.98
C VAL C 306 -48.07 -40.01 31.08
N GLY C 307 -47.76 -39.24 32.12
CA GLY C 307 -48.36 -37.91 32.25
C GLY C 307 -47.95 -37.00 31.11
N VAL C 308 -46.65 -36.98 30.78
CA VAL C 308 -46.21 -36.06 29.74
C VAL C 308 -46.69 -36.51 28.37
N VAL C 309 -46.75 -37.82 28.12
CA VAL C 309 -47.29 -38.29 26.85
C VAL C 309 -48.76 -37.91 26.69
N ALA C 310 -49.55 -38.09 27.76
CA ALA C 310 -50.93 -37.67 27.69
C ALA C 310 -51.04 -36.16 27.46
N GLN C 311 -50.27 -35.39 28.21
CA GLN C 311 -50.26 -33.94 28.07
C GLN C 311 -49.96 -33.54 26.63
N ALA C 312 -49.06 -34.26 25.97
CA ALA C 312 -48.70 -33.90 24.61
C ALA C 312 -49.79 -34.33 23.63
N VAL C 313 -50.32 -35.54 23.78
CA VAL C 313 -51.28 -36.02 22.78
C VAL C 313 -52.53 -35.18 22.82
N HIS C 314 -52.98 -34.77 24.00
CA HIS C 314 -54.18 -33.95 24.05
C HIS C 314 -53.95 -32.53 23.53
N GLU C 315 -52.70 -32.18 23.22
CA GLU C 315 -52.43 -30.97 22.45
C GLU C 315 -52.17 -31.28 20.99
N LEU C 316 -51.90 -32.54 20.66
CA LEU C 316 -51.59 -32.92 19.29
C LEU C 316 -52.84 -32.98 18.42
N LEU C 317 -53.85 -33.74 18.87
CA LEU C 317 -54.88 -34.29 18.03
C LEU C 317 -55.63 -33.28 17.17
N GLU C 318 -55.47 -31.99 17.43
CA GLU C 318 -56.32 -30.99 16.77
C GLU C 318 -55.65 -30.30 15.59
N LYS C 319 -54.35 -30.52 15.36
CA LYS C 319 -53.62 -29.61 14.49
C LYS C 319 -54.10 -29.60 13.04
N GLU C 320 -53.75 -30.60 12.23
CA GLU C 320 -54.39 -30.67 10.93
C GLU C 320 -54.70 -32.05 10.37
N ASN C 321 -53.72 -32.95 10.37
CA ASN C 321 -53.78 -34.11 9.49
C ASN C 321 -53.15 -35.36 10.12
N ILE C 322 -53.44 -35.62 11.38
CA ILE C 322 -52.87 -36.80 12.03
C ILE C 322 -53.38 -38.06 11.32
N THR C 323 -54.67 -38.30 11.43
CA THR C 323 -55.46 -39.22 10.60
C THR C 323 -55.15 -40.69 10.76
N ASP C 324 -53.97 -41.05 11.27
CA ASP C 324 -53.65 -42.45 11.56
C ASP C 324 -52.22 -42.59 12.08
N PRO C 325 -51.93 -43.61 12.88
CA PRO C 325 -50.60 -44.19 12.86
C PRO C 325 -50.58 -45.40 11.93
N PRO C 326 -49.42 -45.82 11.48
CA PRO C 326 -49.39 -46.95 10.53
C PRO C 326 -49.83 -48.24 11.16
N ARG C 327 -51.03 -48.69 10.81
CA ARG C 327 -51.58 -49.93 11.34
C ARG C 327 -50.88 -51.09 10.64
N GLY C 328 -50.17 -51.89 11.42
CA GLY C 328 -49.49 -53.06 10.88
C GLY C 328 -47.99 -52.81 10.79
N CYS C 329 -47.25 -53.92 10.74
CA CYS C 329 -45.79 -53.93 10.71
C CYS C 329 -45.32 -54.85 9.59
N VAL C 330 -46.03 -54.84 8.47
CA VAL C 330 -45.68 -55.62 7.30
C VAL C 330 -46.37 -54.99 6.10
N GLY C 331 -45.72 -55.08 4.94
CA GLY C 331 -46.33 -54.54 3.72
C GLY C 331 -46.31 -53.04 3.63
N ASN C 332 -46.74 -52.36 4.69
CA ASN C 332 -46.76 -50.90 4.67
C ASN C 332 -45.34 -50.38 4.76
N THR C 333 -44.74 -50.08 3.60
CA THR C 333 -43.32 -49.75 3.52
C THR C 333 -43.13 -48.23 3.50
N ASN C 334 -44.03 -47.55 4.18
CA ASN C 334 -43.99 -46.09 4.18
C ASN C 334 -43.92 -45.61 5.62
N ILE C 335 -43.69 -44.30 5.77
CA ILE C 335 -43.45 -43.70 7.06
C ILE C 335 -44.71 -43.00 7.55
N TRP C 336 -44.83 -42.88 8.86
CA TRP C 336 -45.95 -42.18 9.46
C TRP C 336 -45.81 -40.69 9.18
N LYS C 337 -46.63 -40.17 8.28
CA LYS C 337 -46.46 -38.83 7.76
C LYS C 337 -46.59 -37.74 8.81
N THR C 338 -46.92 -38.08 10.05
CA THR C 338 -47.02 -37.08 11.10
C THR C 338 -46.06 -37.31 12.25
N GLY C 339 -45.26 -38.38 12.21
CA GLY C 339 -44.29 -38.67 13.23
C GLY C 339 -43.44 -37.50 13.68
N PRO C 340 -42.76 -36.83 12.75
CA PRO C 340 -41.87 -35.73 13.15
C PRO C 340 -42.56 -34.63 13.93
N LEU C 341 -43.77 -34.25 13.53
CA LEU C 341 -44.41 -33.11 14.19
C LEU C 341 -44.88 -33.47 15.59
N PHE C 342 -45.53 -34.62 15.73
CA PHE C 342 -45.91 -35.10 17.06
C PHE C 342 -44.69 -35.23 17.94
N LYS C 343 -43.59 -35.76 17.39
CA LYS C 343 -42.37 -35.89 18.17
C LYS C 343 -41.85 -34.54 18.63
N ARG C 344 -41.80 -33.56 17.73
CA ARG C 344 -41.24 -32.26 18.08
C ARG C 344 -42.09 -31.56 19.13
N VAL C 345 -43.42 -31.56 18.94
CA VAL C 345 -44.27 -30.93 19.94
C VAL C 345 -44.24 -31.68 21.25
N LEU C 346 -44.00 -33.00 21.23
CA LEU C 346 -43.76 -33.72 22.47
C LEU C 346 -42.48 -33.24 23.13
N MET C 347 -41.46 -32.96 22.31
CA MET C 347 -40.21 -32.44 22.85
C MET C 347 -40.43 -31.10 23.54
N SER C 348 -41.10 -30.16 22.87
CA SER C 348 -41.28 -28.83 23.43
C SER C 348 -42.27 -28.81 24.59
N SER C 349 -42.89 -29.93 24.92
CA SER C 349 -43.98 -29.96 25.89
C SER C 349 -43.45 -29.77 27.30
N LYS C 350 -43.60 -28.56 27.84
CA LYS C 350 -43.23 -28.31 29.23
C LYS C 350 -44.26 -28.95 30.16
N TYR C 351 -43.80 -29.86 31.00
CA TYR C 351 -44.66 -30.58 31.92
C TYR C 351 -45.02 -29.69 33.10
N ALA C 352 -46.06 -30.07 33.82
CA ALA C 352 -46.52 -29.27 34.95
C ALA C 352 -45.71 -29.55 36.22
N ASP C 353 -45.80 -30.79 36.72
CA ASP C 353 -45.11 -31.18 37.95
C ASP C 353 -45.14 -32.70 38.03
N GLY C 354 -43.96 -33.31 37.99
CA GLY C 354 -43.87 -34.74 38.12
C GLY C 354 -43.38 -35.16 39.49
N VAL C 355 -43.33 -36.48 39.69
CA VAL C 355 -42.76 -37.02 40.92
C VAL C 355 -41.29 -36.65 41.03
N THR C 356 -40.67 -36.28 39.91
CA THR C 356 -39.28 -35.84 39.88
C THR C 356 -39.17 -34.35 39.58
N GLY C 357 -40.06 -33.55 40.15
CA GLY C 357 -40.03 -32.11 39.91
C GLY C 357 -40.38 -31.77 38.47
N ARG C 358 -40.28 -30.49 38.17
CA ARG C 358 -40.55 -30.02 36.82
C ARG C 358 -39.52 -30.61 35.87
N VAL C 359 -40.01 -31.35 34.87
CA VAL C 359 -39.16 -32.06 33.91
C VAL C 359 -39.32 -31.41 32.55
N GLU C 360 -38.20 -31.22 31.85
CA GLU C 360 -38.19 -30.57 30.56
C GLU C 360 -37.05 -31.18 29.75
N PHE C 361 -37.17 -31.12 28.43
CA PHE C 361 -36.22 -31.80 27.56
C PHE C 361 -35.27 -30.82 26.88
N ASN C 362 -34.07 -31.30 26.63
CA ASN C 362 -33.04 -30.50 25.98
C ASN C 362 -33.34 -30.37 24.49
N GLU C 363 -32.41 -29.79 23.74
CA GLU C 363 -32.58 -29.69 22.30
C GLU C 363 -32.50 -31.04 21.61
N ASP C 364 -32.25 -32.12 22.34
CA ASP C 364 -32.10 -33.44 21.77
C ASP C 364 -32.98 -34.49 22.42
N GLY C 365 -33.83 -34.12 23.37
CA GLY C 365 -34.72 -35.08 23.98
C GLY C 365 -34.21 -35.73 25.25
N ASP C 366 -33.58 -34.96 26.13
CA ASP C 366 -33.03 -35.47 27.38
C ASP C 366 -33.43 -34.57 28.53
N ARG C 367 -33.78 -35.20 29.66
CA ARG C 367 -34.25 -34.45 30.82
C ARG C 367 -33.18 -33.47 31.28
N LYS C 368 -33.60 -32.23 31.57
CA LYS C 368 -32.69 -31.22 32.04
C LYS C 368 -32.93 -30.90 33.51
N PHE C 369 -32.04 -30.09 34.06
CA PHE C 369 -32.18 -29.55 35.42
C PHE C 369 -32.26 -30.64 36.48
N ALA C 370 -31.99 -31.88 36.12
CA ALA C 370 -32.02 -32.95 37.10
C ALA C 370 -30.97 -32.70 38.18
N GLN C 371 -31.23 -33.19 39.38
CA GLN C 371 -30.34 -32.88 40.48
C GLN C 371 -29.26 -33.94 40.60
N TYR C 372 -28.16 -33.54 41.24
CA TYR C 372 -27.04 -34.44 41.50
C TYR C 372 -26.62 -34.27 42.95
N SER C 373 -26.13 -35.37 43.51
CA SER C 373 -25.74 -35.43 44.91
C SER C 373 -24.26 -35.76 45.00
N ILE C 374 -23.48 -34.84 45.55
CA ILE C 374 -22.05 -35.04 45.67
C ILE C 374 -21.78 -35.99 46.83
N MET C 375 -20.85 -36.91 46.63
CA MET C 375 -20.48 -37.86 47.67
C MET C 375 -19.01 -37.71 48.05
N ASN C 376 -18.57 -38.64 48.88
CA ASN C 376 -17.17 -38.72 49.28
C ASN C 376 -16.93 -40.12 49.83
N LEU C 377 -15.71 -40.60 49.67
CA LEU C 377 -15.33 -41.87 50.28
C LEU C 377 -14.86 -41.59 51.70
N GLN C 378 -15.82 -41.44 52.59
CA GLN C 378 -15.54 -41.14 53.99
C GLN C 378 -15.02 -42.39 54.68
N ASN C 379 -13.82 -42.80 54.26
CA ASN C 379 -13.10 -43.91 54.87
C ASN C 379 -13.93 -45.20 54.80
N ARG C 380 -14.10 -45.67 53.56
CA ARG C 380 -14.85 -46.89 53.25
C ARG C 380 -16.34 -46.71 53.46
N LYS C 381 -16.84 -45.49 53.22
CA LYS C 381 -18.25 -45.20 53.32
C LYS C 381 -18.59 -44.02 52.41
N LEU C 382 -19.83 -44.00 51.95
CA LEU C 382 -20.34 -42.92 51.11
C LEU C 382 -21.23 -42.02 51.95
N VAL C 383 -21.26 -40.73 51.61
CA VAL C 383 -22.07 -39.77 52.34
C VAL C 383 -22.36 -38.57 51.45
N GLN C 384 -23.63 -38.17 51.40
CA GLN C 384 -23.98 -36.94 50.71
C GLN C 384 -23.31 -35.77 51.40
N VAL C 385 -22.41 -35.11 50.69
CA VAL C 385 -21.71 -33.95 51.22
C VAL C 385 -22.21 -32.65 50.64
N GLY C 386 -23.10 -32.71 49.65
CA GLY C 386 -23.64 -31.55 49.01
C GLY C 386 -24.52 -31.97 47.85
N ILE C 387 -25.49 -31.15 47.49
CA ILE C 387 -26.43 -31.46 46.43
C ILE C 387 -26.29 -30.42 45.34
N TYR C 388 -26.46 -30.84 44.10
CA TYR C 388 -26.37 -29.95 42.95
C TYR C 388 -27.77 -29.71 42.40
N ASN C 389 -28.38 -28.59 42.79
CA ASN C 389 -29.75 -28.28 42.39
C ASN C 389 -29.73 -27.60 41.02
N GLY C 390 -29.71 -28.43 39.97
CA GLY C 390 -29.95 -27.95 38.63
C GLY C 390 -28.81 -27.13 38.08
N THR C 391 -28.62 -25.94 38.65
CA THR C 391 -27.42 -25.15 38.44
C THR C 391 -26.79 -24.64 39.72
N HIS C 392 -27.56 -24.48 40.78
CA HIS C 392 -26.97 -24.21 42.08
C HIS C 392 -26.21 -25.44 42.54
N VAL C 393 -25.00 -25.22 43.07
CA VAL C 393 -24.28 -26.23 43.82
C VAL C 393 -24.37 -25.86 45.29
N ILE C 394 -24.85 -26.80 46.11
CA ILE C 394 -25.18 -26.46 47.48
C ILE C 394 -24.34 -27.29 48.44
N PRO C 395 -23.16 -26.83 48.82
CA PRO C 395 -22.43 -27.49 49.89
C PRO C 395 -23.08 -27.21 51.22
N ASN C 396 -23.79 -28.19 51.76
CA ASN C 396 -24.58 -27.97 52.96
C ASN C 396 -24.42 -29.14 53.93
N ASP C 397 -23.19 -29.57 54.12
CA ASP C 397 -22.92 -30.70 55.02
C ASP C 397 -21.62 -30.40 55.77
N ARG C 398 -21.14 -31.41 56.50
CA ARG C 398 -20.09 -31.20 57.48
C ARG C 398 -18.77 -30.74 56.89
N LYS C 399 -18.11 -31.60 56.13
CA LYS C 399 -16.77 -31.29 55.67
C LYS C 399 -16.29 -32.35 54.70
N ILE C 400 -15.57 -31.92 53.67
CA ILE C 400 -14.94 -32.80 52.71
C ILE C 400 -13.64 -33.29 53.33
N ILE C 401 -13.27 -34.52 53.02
CA ILE C 401 -12.08 -35.15 53.58
C ILE C 401 -11.18 -35.55 52.42
N TRP C 402 -10.12 -34.86 52.26
CA TRP C 402 -9.39 -35.11 51.03
C TRP C 402 -8.43 -36.30 51.19
N PRO C 403 -7.93 -36.86 50.08
CA PRO C 403 -7.34 -38.20 50.14
C PRO C 403 -6.24 -38.37 51.17
N GLY C 404 -5.19 -37.54 51.13
CA GLY C 404 -4.07 -37.74 52.03
C GLY C 404 -4.42 -37.68 53.50
N GLY C 405 -5.68 -37.42 53.82
CA GLY C 405 -6.10 -37.26 55.20
C GLY C 405 -6.17 -35.83 55.68
N GLU C 406 -5.76 -34.87 54.85
CA GLU C 406 -5.75 -33.48 55.26
C GLU C 406 -7.18 -32.95 55.40
N THR C 407 -7.28 -31.67 55.76
CA THR C 407 -8.57 -31.05 55.99
C THR C 407 -8.70 -29.68 55.34
N GLU C 408 -7.66 -29.16 54.72
CA GLU C 408 -7.75 -27.91 53.97
C GLU C 408 -7.97 -28.23 52.50
N LYS C 409 -8.74 -27.38 51.84
CA LYS C 409 -8.98 -27.56 50.41
C LYS C 409 -7.69 -27.27 49.66
N PRO C 410 -6.98 -28.28 49.17
CA PRO C 410 -5.67 -28.04 48.58
C PRO C 410 -5.80 -27.39 47.21
N ARG C 411 -4.77 -26.68 46.83
CA ARG C 411 -4.69 -26.12 45.50
C ARG C 411 -3.77 -26.98 44.65
N GLY C 412 -4.07 -27.06 43.36
CA GLY C 412 -3.24 -27.78 42.44
C GLY C 412 -2.10 -26.92 41.94
N TYR C 413 -1.34 -27.49 41.01
CA TYR C 413 -0.28 -26.77 40.31
C TYR C 413 0.77 -26.24 41.28
N GLN C 414 1.45 -27.16 41.96
CA GLN C 414 2.67 -26.82 42.67
C GLN C 414 3.77 -26.66 41.63
N MET C 415 3.98 -25.43 41.16
CA MET C 415 4.82 -25.22 40.00
C MET C 415 6.23 -25.74 40.23
N SER C 416 6.84 -26.24 39.16
CA SER C 416 8.15 -26.85 39.26
C SER C 416 9.17 -25.81 39.69
N THR C 417 10.04 -26.18 40.62
CA THR C 417 11.17 -25.33 40.93
C THR C 417 12.35 -25.66 40.04
N ARG C 418 12.48 -26.92 39.63
CA ARG C 418 13.51 -27.31 38.69
C ARG C 418 13.07 -26.95 37.28
N LEU C 419 13.99 -26.41 36.49
CA LEU C 419 13.73 -26.05 35.11
C LEU C 419 14.55 -26.93 34.19
N LYS C 420 14.51 -26.62 32.90
CA LYS C 420 15.28 -27.34 31.91
C LYS C 420 15.56 -26.37 30.77
N ILE C 421 16.83 -26.11 30.50
CA ILE C 421 17.23 -25.02 29.63
C ILE C 421 17.99 -25.59 28.44
N VAL C 422 17.76 -25.01 27.27
CA VAL C 422 18.47 -25.38 26.06
C VAL C 422 19.29 -24.19 25.62
N THR C 423 20.32 -24.45 24.82
CA THR C 423 21.26 -23.41 24.41
C THR C 423 22.08 -23.96 23.24
N ILE C 424 22.63 -23.04 22.44
CA ILE C 424 23.39 -23.41 21.25
C ILE C 424 24.79 -22.82 21.37
N HIS C 425 25.77 -23.56 20.86
CA HIS C 425 27.16 -23.16 20.90
C HIS C 425 27.38 -21.94 20.00
N GLN C 426 27.60 -20.78 20.59
CA GLN C 426 27.85 -19.57 19.83
C GLN C 426 28.94 -18.78 20.52
N GLU C 427 29.97 -18.40 19.77
CA GLU C 427 31.25 -18.03 20.37
C GLU C 427 31.15 -16.95 21.43
N PRO C 428 30.81 -15.70 21.12
CA PRO C 428 30.93 -14.64 22.12
C PRO C 428 29.80 -14.64 23.14
N PHE C 429 28.93 -15.63 23.13
CA PHE C 429 27.84 -15.69 24.07
C PHE C 429 27.78 -16.97 24.86
N VAL C 430 28.15 -18.10 24.26
CA VAL C 430 28.16 -19.38 24.96
C VAL C 430 29.34 -20.20 24.45
N TYR C 431 30.30 -20.46 25.33
CA TYR C 431 31.49 -21.21 24.99
C TYR C 431 31.29 -22.67 25.37
N VAL C 432 31.98 -23.56 24.66
CA VAL C 432 31.92 -24.99 24.94
C VAL C 432 33.35 -25.50 25.09
N LYS C 433 33.66 -25.99 26.29
CA LYS C 433 35.00 -26.50 26.57
C LYS C 433 34.90 -27.87 27.22
N PRO C 434 35.81 -28.78 26.86
CA PRO C 434 35.77 -30.12 27.44
C PRO C 434 36.23 -30.10 28.88
N THR C 435 35.65 -31.02 29.67
CA THR C 435 35.98 -31.11 31.07
C THR C 435 37.37 -31.73 31.26
N MET C 436 37.93 -31.50 32.43
CA MET C 436 39.16 -32.20 32.81
C MET C 436 38.77 -33.60 33.30
N SER C 437 39.75 -34.49 33.38
CA SER C 437 39.47 -35.88 33.75
C SER C 437 38.86 -36.00 35.14
N ASP C 438 39.00 -34.98 35.99
CA ASP C 438 38.39 -35.00 37.31
C ASP C 438 36.87 -34.88 37.26
N GLY C 439 36.29 -34.68 36.08
CA GLY C 439 34.86 -34.56 35.95
C GLY C 439 34.42 -33.15 35.60
N THR C 440 35.01 -32.17 36.26
CA THR C 440 34.76 -30.77 35.94
C THR C 440 35.79 -30.28 34.94
N CYS C 441 35.73 -28.99 34.63
CA CYS C 441 36.78 -28.32 33.90
C CYS C 441 37.39 -27.24 34.80
N LYS C 442 38.71 -27.14 34.74
CA LYS C 442 39.45 -26.33 35.69
C LYS C 442 39.04 -24.87 35.58
N GLU C 443 39.00 -24.21 36.73
CA GLU C 443 38.64 -22.81 36.77
C GLU C 443 39.75 -21.96 36.15
N GLU C 444 39.51 -20.66 36.15
CA GLU C 444 40.51 -19.69 35.73
C GLU C 444 40.11 -18.33 36.28
N PHE C 445 40.79 -17.30 35.82
CA PHE C 445 40.55 -15.95 36.32
C PHE C 445 40.59 -14.94 35.19
N THR C 446 39.81 -13.89 35.35
CA THR C 446 39.74 -12.82 34.37
C THR C 446 41.03 -12.00 34.43
N VAL C 447 41.06 -10.92 33.66
CA VAL C 447 42.21 -10.00 33.73
C VAL C 447 42.36 -9.46 35.13
N ASN C 448 41.25 -9.19 35.81
CA ASN C 448 41.25 -8.75 37.19
C ASN C 448 41.32 -9.90 38.18
N GLY C 449 41.65 -11.10 37.71
CA GLY C 449 41.69 -12.26 38.59
C GLY C 449 40.34 -12.68 39.13
N ASP C 450 39.26 -12.32 38.44
CA ASP C 450 37.93 -12.64 38.94
C ASP C 450 37.56 -14.08 38.59
N PRO C 451 36.79 -14.75 39.44
CA PRO C 451 36.45 -16.16 39.18
C PRO C 451 35.40 -16.26 38.08
N VAL C 452 35.79 -16.83 36.95
CA VAL C 452 34.86 -17.05 35.85
C VAL C 452 33.88 -18.15 36.23
N LYS C 453 32.60 -17.82 36.24
CA LYS C 453 31.59 -18.83 36.52
C LYS C 453 31.55 -19.82 35.37
N LYS C 454 31.32 -21.08 35.70
CA LYS C 454 31.15 -22.12 34.70
C LYS C 454 30.06 -23.08 35.18
N VAL C 455 29.51 -23.84 34.23
CA VAL C 455 28.45 -24.79 34.54
C VAL C 455 28.62 -26.01 33.66
N ILE C 456 28.14 -27.14 34.16
CA ILE C 456 28.27 -28.42 33.46
C ILE C 456 27.08 -28.56 32.52
N CYS C 457 27.35 -28.75 31.25
CA CYS C 457 26.33 -28.79 30.21
C CYS C 457 26.56 -29.99 29.30
N THR C 458 25.63 -30.92 29.33
CA THR C 458 25.71 -32.13 28.52
C THR C 458 25.29 -31.82 27.08
N GLY C 459 25.00 -32.85 26.29
CA GLY C 459 24.52 -32.62 24.95
C GLY C 459 25.22 -33.39 23.84
N PRO C 460 25.94 -32.68 22.99
CA PRO C 460 26.28 -33.21 21.67
C PRO C 460 27.17 -34.43 21.75
N ASN C 461 27.29 -35.10 20.61
CA ASN C 461 28.08 -36.31 20.49
C ASN C 461 29.59 -36.07 20.55
N ASP C 462 30.01 -34.84 20.88
CA ASP C 462 31.41 -34.41 20.83
C ASP C 462 31.84 -34.29 19.38
N THR C 463 31.00 -34.78 18.47
CA THR C 463 31.24 -34.70 17.03
C THR C 463 29.90 -34.82 16.34
N SER C 464 29.41 -33.73 15.76
CA SER C 464 28.12 -33.74 15.09
C SER C 464 28.17 -34.38 13.71
N PRO C 465 29.15 -34.06 12.84
CA PRO C 465 29.11 -34.61 11.48
C PRO C 465 29.17 -36.13 11.41
N GLY C 466 30.21 -36.75 11.99
CA GLY C 466 30.29 -38.20 11.99
C GLY C 466 30.42 -38.81 13.37
N SER C 467 29.35 -39.46 13.84
CA SER C 467 29.29 -40.11 15.14
C SER C 467 27.94 -40.80 15.28
N PRO C 468 27.84 -41.90 16.03
CA PRO C 468 26.51 -42.44 16.33
C PRO C 468 25.72 -41.48 17.20
N ARG C 469 26.21 -41.27 18.42
CA ARG C 469 25.94 -40.22 19.40
C ARG C 469 26.86 -40.47 20.59
N HIS C 470 27.27 -39.40 21.24
CA HIS C 470 27.98 -39.50 22.52
C HIS C 470 27.47 -38.37 23.41
N THR C 471 26.40 -38.63 24.14
CA THR C 471 25.82 -37.60 25.00
C THR C 471 26.79 -37.42 26.17
N VAL C 472 27.80 -36.59 25.97
CA VAL C 472 28.91 -36.47 26.89
C VAL C 472 28.79 -35.19 27.70
N PRO C 473 29.25 -35.16 28.94
CA PRO C 473 29.23 -33.92 29.71
C PRO C 473 30.31 -32.98 29.24
N GLN C 474 29.93 -31.72 29.06
CA GLN C 474 30.83 -30.63 28.72
C GLN C 474 30.79 -29.62 29.85
N CYS C 475 31.41 -28.46 29.62
CA CYS C 475 31.24 -27.36 30.54
C CYS C 475 31.11 -26.06 29.76
N CYS C 476 30.13 -25.26 30.14
CA CYS C 476 29.75 -24.04 29.45
C CYS C 476 30.08 -22.82 30.29
N TYR C 477 30.26 -21.69 29.61
CA TYR C 477 30.41 -20.40 30.26
C TYR C 477 30.32 -19.32 29.19
N GLY C 478 29.57 -18.27 29.49
CA GLY C 478 29.35 -17.24 28.50
C GLY C 478 28.53 -16.11 29.06
N PHE C 479 28.46 -15.03 28.27
CA PHE C 479 27.57 -13.91 28.56
C PHE C 479 26.22 -14.41 29.03
N CYS C 480 25.55 -15.21 28.20
CA CYS C 480 24.26 -15.77 28.57
C CYS C 480 24.35 -16.56 29.86
N ILE C 481 25.46 -17.26 30.09
CA ILE C 481 25.58 -18.03 31.32
C ILE C 481 25.59 -17.12 32.53
N ASP C 482 26.33 -16.01 32.45
CA ASP C 482 26.31 -15.04 33.54
C ASP C 482 24.89 -14.52 33.77
N LEU C 483 24.21 -14.16 32.69
CA LEU C 483 22.85 -13.63 32.86
C LEU C 483 21.94 -14.68 33.48
N LEU C 484 22.08 -15.93 33.06
CA LEU C 484 21.28 -16.99 33.64
C LEU C 484 21.54 -17.13 35.12
N ILE C 485 22.80 -17.06 35.52
CA ILE C 485 23.16 -17.17 36.93
C ILE C 485 22.47 -16.08 37.73
N LYS C 486 22.64 -14.82 37.29
CA LYS C 486 22.04 -13.71 38.01
C LYS C 486 20.53 -13.87 38.07
N LEU C 487 19.92 -14.19 36.95
CA LEU C 487 18.48 -14.36 36.89
C LEU C 487 18.01 -15.40 37.89
N ALA C 488 18.65 -16.57 37.89
CA ALA C 488 18.26 -17.64 38.80
C ALA C 488 18.38 -17.20 40.25
N ARG C 489 19.52 -16.60 40.60
CA ARG C 489 19.67 -16.10 41.96
C ARG C 489 18.56 -15.11 42.31
N THR C 490 18.05 -14.40 41.31
CA THR C 490 16.99 -13.44 41.57
C THR C 490 15.62 -14.09 41.67
N MET C 491 15.51 -15.36 41.26
CA MET C 491 14.20 -15.98 41.13
C MET C 491 14.12 -17.41 41.66
N GLN C 492 15.18 -17.91 42.29
CA GLN C 492 15.15 -19.21 42.97
C GLN C 492 14.78 -20.33 42.00
N PHE C 493 15.67 -20.56 41.05
CA PHE C 493 15.56 -21.68 40.14
C PHE C 493 16.44 -22.83 40.60
N THR C 494 16.43 -23.87 39.79
CA THR C 494 17.40 -24.95 39.80
C THR C 494 17.26 -25.63 38.45
N TYR C 495 18.38 -26.02 37.87
CA TYR C 495 18.34 -26.28 36.43
C TYR C 495 19.45 -27.23 36.04
N GLU C 496 19.49 -27.50 34.74
CA GLU C 496 20.58 -28.21 34.11
C GLU C 496 20.56 -27.86 32.63
N VAL C 497 21.71 -27.48 32.11
CA VAL C 497 21.83 -26.97 30.76
C VAL C 497 22.26 -28.12 29.86
N HIS C 498 21.67 -28.19 28.68
CA HIS C 498 22.11 -29.16 27.69
C HIS C 498 22.03 -28.54 26.31
N LEU C 499 23.08 -28.72 25.53
CA LEU C 499 23.13 -28.17 24.20
C LEU C 499 22.08 -28.84 23.32
N VAL C 500 21.79 -28.21 22.19
CA VAL C 500 20.79 -28.73 21.27
C VAL C 500 21.35 -29.94 20.54
N ALA C 501 20.46 -30.69 19.88
CA ALA C 501 20.86 -31.95 19.31
C ALA C 501 21.50 -31.82 17.94
N ASP C 502 21.18 -30.77 17.18
CA ASP C 502 21.60 -30.70 15.79
C ASP C 502 22.07 -29.32 15.36
N GLY C 503 22.48 -28.46 16.29
CA GLY C 503 23.17 -27.24 15.95
C GLY C 503 22.34 -26.16 15.30
N LYS C 504 21.17 -26.49 14.75
CA LYS C 504 20.40 -25.50 14.03
C LYS C 504 19.58 -24.64 14.97
N PHE C 505 19.47 -23.36 14.65
CA PHE C 505 18.65 -22.46 15.44
C PHE C 505 17.19 -22.88 15.40
N GLY C 506 16.58 -22.80 14.22
CA GLY C 506 15.19 -23.21 14.09
C GLY C 506 14.43 -22.51 12.99
N THR C 507 13.63 -23.27 12.25
CA THR C 507 12.75 -22.70 11.24
C THR C 507 11.65 -23.70 10.97
N GLN C 508 10.61 -23.26 10.26
CA GLN C 508 9.51 -24.15 9.95
C GLN C 508 9.82 -24.96 8.70
N GLU C 509 9.30 -26.18 8.66
CA GLU C 509 9.57 -27.13 7.59
C GLU C 509 8.43 -28.14 7.53
N ARG C 510 8.11 -28.58 6.31
CA ARG C 510 7.25 -29.74 6.11
C ARG C 510 8.15 -30.93 5.84
N VAL C 511 8.12 -31.91 6.73
CA VAL C 511 9.01 -33.06 6.64
C VAL C 511 8.64 -33.89 5.42
N GLN C 512 9.53 -34.81 5.04
CA GLN C 512 9.24 -35.74 3.95
C GLN C 512 8.44 -36.92 4.47
N ASN C 513 7.63 -37.48 3.58
CA ASN C 513 6.80 -38.66 3.88
C ASN C 513 5.80 -38.37 4.99
N SER C 514 5.27 -37.14 5.00
CA SER C 514 4.22 -36.77 5.92
C SER C 514 3.60 -35.46 5.44
N ASN C 515 2.57 -35.02 6.17
CA ASN C 515 1.91 -33.76 5.87
C ASN C 515 2.12 -32.71 6.94
N LYS C 516 2.38 -33.12 8.18
CA LYS C 516 2.50 -32.18 9.29
C LYS C 516 3.79 -31.38 9.16
N LYS C 517 3.66 -30.07 8.96
CA LYS C 517 4.81 -29.19 8.96
C LYS C 517 5.31 -29.00 10.38
N GLU C 518 6.63 -29.07 10.54
CA GLU C 518 7.23 -29.20 11.86
C GLU C 518 8.23 -28.08 12.11
N TRP C 519 8.34 -27.69 13.38
CA TRP C 519 9.34 -26.73 13.80
C TRP C 519 10.69 -27.43 13.93
N ASN C 520 11.68 -26.93 13.23
CA ASN C 520 12.98 -27.58 13.20
C ASN C 520 13.79 -27.23 14.43
N GLY C 521 14.80 -28.06 14.69
CA GLY C 521 15.88 -27.69 15.59
C GLY C 521 15.43 -27.22 16.95
N MET C 522 16.18 -26.24 17.48
CA MET C 522 16.04 -25.83 18.87
C MET C 522 14.63 -25.34 19.19
N MET C 523 14.05 -24.54 18.29
CA MET C 523 12.66 -24.16 18.46
C MET C 523 11.78 -25.36 18.68
N GLY C 524 12.01 -26.43 17.91
CA GLY C 524 11.27 -27.65 18.11
C GLY C 524 11.55 -28.29 19.45
N GLU C 525 12.82 -28.33 19.85
CA GLU C 525 13.15 -28.91 21.15
C GLU C 525 12.47 -28.15 22.27
N LEU C 526 12.12 -26.90 22.04
CA LEU C 526 11.31 -26.18 23.02
C LEU C 526 9.85 -26.54 22.90
N LEU C 527 9.32 -26.48 21.69
CA LEU C 527 7.88 -26.57 21.53
C LEU C 527 7.36 -27.99 21.72
N SER C 528 8.23 -28.99 21.64
CA SER C 528 7.79 -30.37 21.80
C SER C 528 7.59 -30.73 23.27
N GLY C 529 8.47 -30.26 24.13
CA GLY C 529 8.37 -30.55 25.54
C GLY C 529 9.72 -30.83 26.18
N GLN C 530 10.76 -30.84 25.36
CA GLN C 530 12.10 -31.16 25.84
C GLN C 530 12.73 -30.04 26.66
N ALA C 531 12.14 -28.85 26.68
CA ALA C 531 12.73 -27.74 27.41
C ALA C 531 11.64 -26.84 27.96
N ASP C 532 12.03 -25.96 28.88
CA ASP C 532 11.11 -25.01 29.47
C ASP C 532 11.55 -23.57 29.26
N MET C 533 12.64 -23.36 28.54
CA MET C 533 13.19 -22.04 28.33
C MET C 533 14.34 -22.19 27.35
N ILE C 534 14.66 -21.10 26.66
CA ILE C 534 15.69 -21.10 25.63
C ILE C 534 16.51 -19.83 25.81
N VAL C 535 17.66 -19.94 26.45
CA VAL C 535 18.55 -18.81 26.68
C VAL C 535 19.70 -18.94 25.71
N ALA C 536 19.74 -18.04 24.74
CA ALA C 536 20.72 -18.08 23.67
C ALA C 536 20.58 -16.81 22.86
N PRO C 537 21.46 -16.55 21.92
CA PRO C 537 21.23 -15.43 21.01
C PRO C 537 20.12 -15.72 20.02
N LEU C 538 18.88 -15.52 20.43
CA LEU C 538 17.71 -15.80 19.61
C LEU C 538 17.14 -14.49 19.07
N THR C 539 16.90 -14.44 17.77
CA THR C 539 16.33 -13.25 17.16
C THR C 539 14.85 -13.14 17.49
N ILE C 540 14.24 -12.05 17.04
CA ILE C 540 12.83 -11.76 17.30
C ILE C 540 12.18 -11.46 15.97
N ASN C 541 11.16 -12.22 15.60
CA ASN C 541 10.39 -11.93 14.40
C ASN C 541 9.11 -12.72 14.42
N ASN C 542 8.08 -12.15 13.80
CA ASN C 542 6.72 -12.67 13.95
C ASN C 542 6.59 -14.14 13.59
N GLU C 543 7.42 -14.64 12.69
CA GLU C 543 7.40 -16.07 12.39
C GLU C 543 7.55 -16.90 13.65
N ARG C 544 8.56 -16.60 14.46
CA ARG C 544 8.67 -17.27 15.75
C ARG C 544 7.57 -16.82 16.69
N ALA C 545 7.21 -15.55 16.67
CA ALA C 545 6.34 -14.98 17.69
C ALA C 545 4.91 -15.50 17.61
N GLN C 546 4.61 -16.39 16.69
CA GLN C 546 3.28 -16.99 16.67
C GLN C 546 3.13 -18.02 17.77
N TYR C 547 4.15 -18.82 18.00
CA TYR C 547 4.04 -19.98 18.88
C TYR C 547 4.78 -19.82 20.19
N ILE C 548 5.64 -18.82 20.33
CA ILE C 548 6.48 -18.64 21.49
C ILE C 548 6.14 -17.31 22.12
N GLU C 549 6.42 -17.17 23.40
CA GLU C 549 6.37 -15.86 24.04
C GLU C 549 7.77 -15.35 24.28
N PHE C 550 8.00 -14.08 23.94
CA PHE C 550 9.30 -13.47 24.07
C PHE C 550 9.33 -12.49 25.23
N SER C 551 10.50 -12.37 25.85
CA SER C 551 10.73 -11.36 26.85
C SER C 551 11.00 -10.03 26.16
N LYS C 552 11.28 -9.01 26.95
CA LYS C 552 11.79 -7.79 26.37
C LYS C 552 13.20 -8.05 25.84
N PRO C 553 13.67 -7.26 24.90
CA PRO C 553 15.02 -7.49 24.38
C PRO C 553 16.05 -7.17 25.43
N PHE C 554 17.13 -7.94 25.44
CA PHE C 554 18.22 -7.71 26.37
C PHE C 554 19.50 -7.30 25.67
N LYS C 555 19.52 -7.22 24.34
CA LYS C 555 20.65 -6.63 23.63
C LYS C 555 20.20 -6.31 22.22
N TYR C 556 20.19 -5.02 21.86
CA TYR C 556 19.79 -4.63 20.52
C TYR C 556 20.93 -4.83 19.55
N GLN C 557 20.59 -4.98 18.28
CA GLN C 557 21.58 -5.31 17.26
C GLN C 557 20.94 -5.13 15.88
N GLY C 558 21.64 -5.59 14.86
CA GLY C 558 21.11 -5.63 13.51
C GLY C 558 21.75 -6.71 12.68
N LEU C 559 21.81 -6.51 11.37
CA LEU C 559 22.51 -7.41 10.46
C LEU C 559 23.55 -6.62 9.69
N THR C 560 24.59 -7.32 9.24
CA THR C 560 25.70 -6.68 8.54
C THR C 560 26.50 -7.74 7.81
N ILE C 561 27.51 -7.30 7.07
CA ILE C 561 28.26 -8.15 6.17
C ILE C 561 29.72 -8.13 6.59
N LEU C 562 30.38 -9.27 6.48
CA LEU C 562 31.80 -9.41 6.76
C LEU C 562 32.54 -9.84 5.51
N VAL C 563 33.73 -9.27 5.32
CA VAL C 563 34.56 -9.58 4.16
C VAL C 563 36.01 -9.43 4.57
N LYS C 564 36.90 -10.16 3.90
CA LYS C 564 38.31 -10.15 4.25
C LYS C 564 38.95 -8.84 3.83
N LYS C 565 39.97 -8.44 4.60
CA LYS C 565 40.72 -7.23 4.33
C LYS C 565 42.05 -7.60 3.69
N GLU C 566 42.44 -6.87 2.64
CA GLU C 566 43.65 -7.16 1.88
C GLU C 566 44.54 -5.93 1.78
N ILE C 567 45.81 -6.13 2.08
CA ILE C 567 46.85 -5.10 2.03
C ILE C 567 47.42 -4.85 0.63
N PRO C 568 47.56 -5.87 -0.23
CA PRO C 568 48.73 -5.92 -1.12
C PRO C 568 49.00 -4.66 -1.93
N ARG C 569 50.27 -4.29 -2.00
CA ARG C 569 50.72 -3.21 -2.87
C ARG C 569 50.70 -3.64 -4.33
N SER C 570 51.18 -2.77 -5.20
CA SER C 570 51.23 -3.04 -6.63
C SER C 570 52.57 -2.64 -7.23
N THR C 571 53.66 -3.05 -6.60
CA THR C 571 54.99 -2.88 -7.20
C THR C 571 55.26 -4.00 -8.20
N LEU C 572 55.57 -3.61 -9.45
CA LEU C 572 55.83 -4.59 -10.50
C LEU C 572 56.69 -3.90 -11.57
N ASP C 573 57.96 -4.32 -11.64
CA ASP C 573 58.94 -3.74 -12.55
C ASP C 573 58.85 -2.22 -12.55
N SER C 574 59.04 -1.68 -11.34
CA SER C 574 58.80 -0.25 -11.10
C SER C 574 59.51 0.63 -12.12
N PHE C 575 60.74 0.29 -12.50
CA PHE C 575 61.43 1.07 -13.50
C PHE C 575 60.83 0.88 -14.90
N MET C 576 60.03 -0.17 -15.09
CA MET C 576 59.59 -0.54 -16.43
C MET C 576 58.13 -0.22 -16.70
N GLN C 577 57.27 -0.18 -15.68
CA GLN C 577 55.84 -0.03 -15.90
C GLN C 577 55.50 1.29 -16.57
N PRO C 578 56.06 2.43 -16.14
CA PRO C 578 55.88 3.67 -16.91
C PRO C 578 56.80 3.79 -18.11
N PHE C 579 57.61 2.76 -18.40
CA PHE C 579 58.61 2.84 -19.46
C PHE C 579 58.11 2.18 -20.75
N GLN C 580 57.49 1.01 -20.65
CA GLN C 580 57.00 0.22 -21.77
C GLN C 580 58.13 -0.22 -22.70
N SER C 581 59.38 0.04 -22.31
CA SER C 581 60.61 -0.29 -23.01
C SER C 581 60.80 0.58 -24.24
N THR C 582 59.75 1.29 -24.65
CA THR C 582 59.86 2.24 -25.76
C THR C 582 60.25 3.63 -25.28
N LEU C 583 59.48 4.21 -24.35
CA LEU C 583 59.93 5.41 -23.67
C LEU C 583 61.22 5.16 -22.92
N TRP C 584 61.47 3.93 -22.48
CA TRP C 584 62.76 3.60 -21.90
C TRP C 584 63.86 3.67 -22.95
N LEU C 585 63.70 2.94 -24.05
CA LEU C 585 64.80 2.79 -25.01
C LEU C 585 65.04 4.01 -25.88
N LEU C 586 64.07 4.92 -26.02
CA LEU C 586 64.28 6.03 -26.94
C LEU C 586 65.34 6.99 -26.43
N VAL C 587 65.33 7.29 -25.13
CA VAL C 587 66.30 8.23 -24.60
C VAL C 587 67.71 7.67 -24.70
N GLY C 588 67.88 6.36 -24.53
CA GLY C 588 69.20 5.77 -24.60
C GLY C 588 69.91 6.04 -25.90
N LEU C 589 69.16 6.27 -26.97
CA LEU C 589 69.74 6.65 -28.25
C LEU C 589 69.70 8.14 -28.50
N SER C 590 68.66 8.83 -28.05
CA SER C 590 68.56 10.27 -28.27
C SER C 590 69.70 11.01 -27.59
N VAL C 591 70.02 10.64 -26.36
CA VAL C 591 71.11 11.30 -25.65
C VAL C 591 72.40 11.19 -26.44
N HIS C 592 72.73 9.99 -26.92
CA HIS C 592 73.98 9.79 -27.63
C HIS C 592 73.98 10.52 -28.97
N VAL C 593 72.86 10.48 -29.69
CA VAL C 593 72.88 11.10 -31.01
C VAL C 593 72.99 12.62 -30.89
N VAL C 594 72.31 13.24 -29.93
CA VAL C 594 72.43 14.68 -29.79
C VAL C 594 73.81 15.07 -29.27
N ALA C 595 74.39 14.22 -28.41
CA ALA C 595 75.73 14.50 -27.93
C ALA C 595 76.76 14.46 -29.06
N VAL C 596 76.74 13.40 -29.86
CA VAL C 596 77.64 13.34 -31.01
C VAL C 596 77.34 14.43 -32.03
N MET C 597 76.08 14.85 -32.16
CA MET C 597 75.77 15.96 -33.06
C MET C 597 76.48 17.23 -32.61
N LEU C 598 76.34 17.58 -31.33
CA LEU C 598 77.05 18.76 -30.84
C LEU C 598 78.55 18.56 -30.90
N TYR C 599 79.03 17.33 -30.72
CA TYR C 599 80.46 17.07 -30.82
C TYR C 599 80.99 17.36 -32.22
N LEU C 600 80.29 16.86 -33.24
CA LEU C 600 80.67 17.18 -34.62
C LEU C 600 80.53 18.66 -34.90
N LEU C 601 79.51 19.32 -34.31
CA LEU C 601 79.39 20.76 -34.46
C LEU C 601 80.62 21.48 -33.93
N ASP C 602 81.07 21.13 -32.73
CA ASP C 602 82.30 21.71 -32.19
C ASP C 602 83.50 21.34 -33.04
N ARG C 603 83.48 20.16 -33.66
CA ARG C 603 84.57 19.79 -34.56
C ARG C 603 84.58 20.66 -35.81
N PHE C 604 83.43 21.17 -36.22
CA PHE C 604 83.36 22.03 -37.39
C PHE C 604 83.88 23.43 -37.12
N SER C 605 83.87 23.86 -35.86
CA SER C 605 84.30 25.20 -35.46
C SER C 605 83.53 26.30 -36.17
N THR C 623 87.15 16.07 -27.25
CA THR C 623 86.00 16.53 -26.48
C THR C 623 84.81 15.60 -26.70
N LEU C 624 84.91 14.78 -27.75
CA LEU C 624 83.84 13.85 -28.08
C LEU C 624 83.48 12.97 -26.89
N SER C 625 84.43 12.17 -26.43
CA SER C 625 84.15 11.24 -25.34
C SER C 625 83.71 11.99 -24.09
N SER C 626 84.42 13.06 -23.74
CA SER C 626 84.01 13.88 -22.61
C SER C 626 82.60 14.42 -22.80
N ALA C 627 82.24 14.77 -24.03
CA ALA C 627 80.87 15.21 -24.29
C ALA C 627 79.87 14.08 -24.04
N MET C 628 80.25 12.84 -24.34
CA MET C 628 79.36 11.72 -24.05
C MET C 628 79.17 11.53 -22.54
N TRP C 629 80.28 11.48 -21.81
CA TRP C 629 80.20 11.46 -20.35
C TRP C 629 79.30 12.58 -19.85
N PHE C 630 79.49 13.79 -20.39
CA PHE C 630 78.76 14.96 -19.96
C PHE C 630 77.26 14.83 -20.20
N SER C 631 76.88 14.38 -21.40
CA SER C 631 75.46 14.27 -21.71
C SER C 631 74.80 13.23 -20.83
N TRP C 632 75.43 12.06 -20.67
CA TRP C 632 74.87 11.04 -19.80
C TRP C 632 74.68 11.59 -18.38
N GLY C 633 75.72 12.24 -17.84
CA GLY C 633 75.62 12.77 -16.50
C GLY C 633 74.54 13.83 -16.35
N VAL C 634 74.50 14.79 -17.27
CA VAL C 634 73.53 15.88 -17.17
C VAL C 634 72.11 15.37 -17.36
N LEU C 635 71.92 14.28 -18.10
CA LEU C 635 70.62 13.63 -18.08
C LEU C 635 70.34 13.05 -16.71
N LEU C 636 71.31 12.36 -16.14
CA LEU C 636 71.10 11.69 -14.86
C LEU C 636 71.31 12.60 -13.65
N ASN C 637 71.65 13.87 -13.86
CA ASN C 637 71.99 14.78 -12.76
C ASN C 637 73.08 14.16 -11.88
N SER C 638 74.22 13.94 -12.52
CA SER C 638 75.33 13.24 -11.92
C SER C 638 76.20 14.20 -11.11
N GLY C 639 76.91 13.64 -10.14
CA GLY C 639 77.98 14.36 -9.48
C GLY C 639 79.27 14.21 -10.26
N ILE C 640 79.16 14.14 -11.57
CA ILE C 640 80.31 14.01 -12.46
C ILE C 640 80.23 15.14 -13.47
N GLY C 641 81.21 16.06 -13.42
CA GLY C 641 81.22 17.21 -14.28
C GLY C 641 82.37 17.18 -15.27
N GLU C 642 82.25 18.02 -16.29
CA GLU C 642 83.25 18.14 -17.34
C GLU C 642 83.05 19.48 -18.03
N GLY C 643 83.68 19.64 -19.19
CA GLY C 643 83.59 20.89 -19.92
C GLY C 643 82.40 20.93 -20.86
N ALA C 644 81.85 22.13 -21.05
CA ALA C 644 80.73 22.32 -21.94
C ALA C 644 81.20 22.37 -23.39
N PRO C 645 80.28 22.19 -24.34
CA PRO C 645 80.62 22.39 -25.75
C PRO C 645 81.23 23.78 -25.97
N ARG C 646 82.11 23.85 -26.98
CA ARG C 646 82.93 25.04 -27.16
C ARG C 646 82.07 26.27 -27.48
N SER C 647 81.20 26.17 -28.47
CA SER C 647 80.40 27.32 -28.87
C SER C 647 79.36 27.67 -27.81
N PHE C 648 78.69 28.79 -28.01
CA PHE C 648 77.62 29.18 -27.10
C PHE C 648 76.32 28.46 -27.42
N SER C 649 75.93 28.45 -28.69
CA SER C 649 74.62 27.90 -29.07
C SER C 649 74.56 26.39 -28.91
N ALA C 650 75.67 25.68 -29.09
CA ALA C 650 75.66 24.24 -28.87
C ALA C 650 75.28 23.91 -27.44
N ARG C 651 75.94 24.55 -26.48
CA ARG C 651 75.58 24.34 -25.09
C ARG C 651 74.21 24.92 -24.76
N ILE C 652 73.77 25.94 -25.50
CA ILE C 652 72.38 26.40 -25.38
C ILE C 652 71.43 25.25 -25.67
N LEU C 653 71.60 24.59 -26.82
CA LEU C 653 70.77 23.45 -27.16
C LEU C 653 70.91 22.34 -26.13
N GLY C 654 72.13 22.13 -25.63
CA GLY C 654 72.32 21.17 -24.56
C GLY C 654 71.44 21.47 -23.36
N MET C 655 71.38 22.73 -22.95
CA MET C 655 70.55 23.10 -21.81
C MET C 655 69.06 23.01 -22.12
N VAL C 656 68.69 23.23 -23.38
CA VAL C 656 67.30 22.98 -23.77
C VAL C 656 66.95 21.51 -23.59
N TRP C 657 67.79 20.62 -24.12
CA TRP C 657 67.61 19.20 -23.91
C TRP C 657 67.63 18.84 -22.44
N ALA C 658 68.38 19.60 -21.64
CA ALA C 658 68.37 19.40 -20.19
C ALA C 658 67.00 19.70 -19.60
N GLY C 659 66.42 20.84 -19.97
CA GLY C 659 65.05 21.12 -19.59
C GLY C 659 64.10 20.02 -20.02
N PHE C 660 64.35 19.46 -21.21
CA PHE C 660 63.53 18.35 -21.69
C PHE C 660 63.62 17.16 -20.75
N ALA C 661 64.84 16.77 -20.37
CA ALA C 661 65.00 15.66 -19.43
C ALA C 661 64.39 15.98 -18.09
N MET C 662 64.40 17.25 -17.69
CA MET C 662 63.70 17.65 -16.47
C MET C 662 62.21 17.39 -16.59
N ILE C 663 61.62 17.75 -17.72
CA ILE C 663 60.20 17.43 -17.93
C ILE C 663 60.00 15.92 -17.92
N ILE C 664 60.99 15.17 -18.40
CA ILE C 664 60.89 13.70 -18.39
C ILE C 664 60.77 13.20 -16.96
N VAL C 665 61.69 13.64 -16.09
CA VAL C 665 61.65 13.15 -14.71
C VAL C 665 60.42 13.65 -13.98
N ALA C 666 59.93 14.83 -14.34
CA ALA C 666 58.66 15.29 -13.79
C ALA C 666 57.52 14.36 -14.18
N SER C 667 57.47 14.00 -15.46
CA SER C 667 56.47 13.04 -15.91
C SER C 667 56.59 11.72 -15.17
N TYR C 668 57.82 11.28 -14.89
CA TYR C 668 58.00 10.00 -14.21
C TYR C 668 57.46 10.06 -12.79
N THR C 669 57.85 11.09 -12.04
CA THR C 669 57.33 11.18 -10.68
C THR C 669 55.82 11.38 -10.66
N ALA C 670 55.28 12.10 -11.65
CA ALA C 670 53.83 12.24 -11.75
C ALA C 670 53.16 10.88 -12.00
N ASN C 671 53.73 10.09 -12.90
CA ASN C 671 53.14 8.79 -13.21
C ASN C 671 53.19 7.87 -12.00
N LEU C 672 54.26 7.96 -11.20
CA LEU C 672 54.31 7.12 -10.00
C LEU C 672 53.28 7.57 -8.98
N ALA C 673 53.19 8.89 -8.76
CA ALA C 673 52.14 9.41 -7.90
C ALA C 673 50.75 9.01 -8.38
N ALA C 674 50.58 8.85 -9.69
CA ALA C 674 49.29 8.40 -10.23
C ALA C 674 49.06 6.92 -9.92
N PHE C 675 49.99 6.06 -10.37
CA PHE C 675 49.92 4.63 -10.08
C PHE C 675 49.66 4.35 -8.60
N LEU C 676 50.07 5.25 -7.71
CA LEU C 676 49.66 5.12 -6.31
C LEU C 676 48.15 4.97 -6.20
N VAL C 677 47.40 5.91 -6.78
CA VAL C 677 45.95 5.91 -6.59
C VAL C 677 45.28 4.94 -7.54
N LEU C 678 45.81 4.79 -8.76
CA LEU C 678 45.13 3.98 -9.76
C LEU C 678 44.99 2.53 -9.33
N ASP C 679 45.99 1.98 -8.65
CA ASP C 679 45.98 0.56 -8.29
C ASP C 679 45.33 0.36 -6.91
N ARG C 680 44.12 0.91 -6.78
CA ARG C 680 43.31 0.71 -5.59
C ARG C 680 42.31 -0.42 -5.82
N PRO C 681 42.14 -1.32 -4.86
CA PRO C 681 41.25 -2.47 -5.06
C PRO C 681 39.79 -2.02 -5.09
N GLU C 682 38.92 -2.96 -5.42
CA GLU C 682 37.48 -2.71 -5.43
C GLU C 682 37.00 -2.73 -3.98
N GLU C 683 37.48 -1.75 -3.22
CA GLU C 683 37.25 -1.69 -1.78
C GLU C 683 36.02 -0.83 -1.47
N ARG C 684 34.86 -1.36 -1.85
CA ARG C 684 33.61 -0.69 -1.57
C ARG C 684 32.49 -1.72 -1.63
N ILE C 685 31.89 -2.01 -0.48
CA ILE C 685 30.74 -2.89 -0.40
C ILE C 685 29.80 -2.28 0.62
N THR C 686 28.57 -2.02 0.21
CA THR C 686 27.62 -1.29 1.04
C THR C 686 26.57 -2.29 1.54
N GLY C 687 25.53 -1.78 2.20
CA GLY C 687 24.47 -2.63 2.71
C GLY C 687 23.66 -3.24 1.59
N ILE C 688 22.41 -3.59 1.84
CA ILE C 688 21.68 -4.26 0.77
C ILE C 688 21.06 -3.21 -0.13
N ASN C 689 21.89 -2.55 -0.92
CA ASN C 689 21.46 -1.79 -2.09
C ASN C 689 22.39 -1.92 -3.27
N ASP C 690 23.66 -2.28 -3.07
CA ASP C 690 24.60 -2.32 -4.17
C ASP C 690 24.12 -3.30 -5.23
N PRO C 691 24.16 -2.93 -6.50
CA PRO C 691 23.71 -3.85 -7.55
C PRO C 691 24.44 -5.18 -7.53
N ARG C 692 25.70 -5.22 -7.11
CA ARG C 692 26.42 -6.48 -7.08
C ARG C 692 25.69 -7.51 -6.24
N LEU C 693 25.18 -7.10 -5.08
CA LEU C 693 24.42 -8.03 -4.26
C LEU C 693 23.10 -8.42 -4.91
N ARG C 694 22.72 -7.79 -6.00
CA ARG C 694 21.45 -8.08 -6.64
C ARG C 694 21.60 -8.89 -7.91
N ASN C 695 22.69 -8.70 -8.65
CA ASN C 695 22.98 -9.49 -9.84
C ASN C 695 24.18 -10.37 -9.51
N PRO C 696 23.97 -11.53 -8.93
CA PRO C 696 25.10 -12.34 -8.45
C PRO C 696 25.87 -12.98 -9.58
N SER C 697 27.18 -13.00 -9.42
CA SER C 697 28.08 -13.69 -10.33
C SER C 697 28.95 -14.64 -9.52
N ASP C 698 29.41 -15.70 -10.18
CA ASP C 698 30.16 -16.74 -9.48
C ASP C 698 31.53 -16.26 -9.01
N LYS C 699 31.86 -14.98 -9.20
CA LYS C 699 33.08 -14.45 -8.60
C LYS C 699 32.91 -14.28 -7.09
N PHE C 700 31.71 -13.93 -6.65
CA PHE C 700 31.42 -13.77 -5.24
C PHE C 700 30.42 -14.84 -4.80
N ILE C 701 30.47 -15.18 -3.52
CA ILE C 701 29.48 -16.04 -2.89
C ILE C 701 29.06 -15.38 -1.59
N TYR C 702 27.75 -15.32 -1.37
CA TYR C 702 27.19 -14.83 -0.12
C TYR C 702 26.46 -15.97 0.55
N ALA C 703 26.92 -16.35 1.74
CA ALA C 703 26.36 -17.50 2.42
C ALA C 703 25.87 -17.08 3.80
N THR C 704 25.03 -17.95 4.37
CA THR C 704 24.49 -17.76 5.69
C THR C 704 24.43 -19.14 6.35
N VAL C 705 23.73 -19.22 7.46
CA VAL C 705 23.55 -20.48 8.15
C VAL C 705 22.17 -21.01 7.82
N LYS C 706 22.08 -22.30 7.55
CA LYS C 706 20.79 -22.89 7.19
C LYS C 706 19.81 -22.77 8.35
N GLN C 707 18.52 -22.76 8.01
CA GLN C 707 17.44 -22.73 8.99
C GLN C 707 17.54 -21.53 9.93
N SER C 708 18.28 -20.51 9.54
CA SER C 708 18.52 -19.37 10.41
C SER C 708 17.51 -18.26 10.13
N SER C 709 17.48 -17.30 11.06
CA SER C 709 16.58 -16.18 10.94
C SER C 709 16.82 -15.40 9.65
N VAL C 710 18.10 -15.17 9.32
CA VAL C 710 18.44 -14.49 8.08
C VAL C 710 17.79 -15.17 6.89
N ASP C 711 17.71 -16.49 6.91
CA ASP C 711 17.04 -17.18 5.82
C ASP C 711 15.57 -16.80 5.73
N ILE C 712 14.90 -16.70 6.86
CA ILE C 712 13.51 -16.24 6.86
C ILE C 712 13.42 -14.86 6.24
N TYR C 713 14.24 -13.93 6.72
CA TYR C 713 14.17 -12.56 6.23
C TYR C 713 14.38 -12.50 4.73
N PHE C 714 15.38 -13.20 4.21
CA PHE C 714 15.62 -13.14 2.79
C PHE C 714 14.57 -13.86 1.97
N ARG C 715 13.99 -14.93 2.50
CA ARG C 715 12.94 -15.63 1.77
C ARG C 715 11.72 -14.73 1.60
N ARG C 716 11.20 -14.19 2.70
CA ARG C 716 10.00 -13.39 2.54
C ARG C 716 10.36 -11.97 2.11
N GLN C 717 11.13 -11.86 1.03
CA GLN C 717 11.50 -10.58 0.46
C GLN C 717 11.21 -10.64 -1.03
N VAL C 718 10.52 -9.62 -1.54
CA VAL C 718 9.91 -9.76 -2.86
C VAL C 718 10.95 -9.78 -3.96
N CYS C 719 11.71 -8.71 -4.14
CA CYS C 719 12.60 -8.59 -5.30
C CYS C 719 14.05 -8.83 -4.94
N LEU C 720 14.31 -9.83 -4.11
CA LEU C 720 15.66 -10.34 -3.90
C LEU C 720 15.71 -11.84 -4.17
N SER C 721 14.83 -12.35 -5.03
CA SER C 721 14.68 -13.78 -5.18
C SER C 721 15.89 -14.42 -5.86
N THR C 722 16.44 -13.75 -6.87
CA THR C 722 17.65 -14.27 -7.50
C THR C 722 18.78 -14.40 -6.49
N MET C 723 19.02 -13.34 -5.73
CA MET C 723 19.99 -13.39 -4.65
C MET C 723 19.68 -14.54 -3.69
N TYR C 724 18.41 -14.74 -3.37
CA TYR C 724 18.06 -15.78 -2.42
C TYR C 724 18.39 -17.16 -2.96
N ARG C 725 18.11 -17.41 -4.23
CA ARG C 725 18.50 -18.68 -4.83
C ARG C 725 20.01 -18.87 -4.76
N HIS C 726 20.75 -17.93 -5.36
CA HIS C 726 22.20 -18.06 -5.39
C HIS C 726 22.78 -18.25 -3.99
N MET C 727 22.14 -17.67 -2.98
CA MET C 727 22.61 -17.85 -1.61
C MET C 727 22.26 -19.24 -1.10
N GLU C 728 21.02 -19.68 -1.31
CA GLU C 728 20.61 -21.01 -0.89
C GLU C 728 21.48 -22.09 -1.49
N LYS C 729 22.17 -21.79 -2.59
CA LYS C 729 23.03 -22.80 -3.18
C LYS C 729 24.27 -23.10 -2.35
N HIS C 730 24.70 -22.20 -1.46
CA HIS C 730 26.02 -22.32 -0.85
C HIS C 730 26.05 -22.06 0.65
N ASN C 731 24.94 -22.27 1.35
CA ASN C 731 24.93 -21.96 2.77
C ASN C 731 25.78 -22.96 3.56
N TYR C 732 25.97 -22.66 4.84
CA TYR C 732 26.80 -23.45 5.73
C TYR C 732 25.97 -24.06 6.84
N GLU C 733 26.66 -24.73 7.77
CA GLU C 733 26.02 -25.40 8.89
C GLU C 733 26.18 -24.66 10.21
N SER C 734 27.24 -23.88 10.37
CA SER C 734 27.48 -23.16 11.61
C SER C 734 28.23 -21.88 11.31
N ALA C 735 28.19 -20.96 12.26
CA ALA C 735 28.85 -19.68 12.07
C ALA C 735 30.36 -19.84 11.98
N ALA C 736 30.93 -20.66 12.85
CA ALA C 736 32.39 -20.79 12.90
C ALA C 736 32.96 -21.31 11.60
N GLU C 737 32.30 -22.29 10.99
CA GLU C 737 32.76 -22.81 9.70
C GLU C 737 32.80 -21.71 8.66
N ALA C 738 31.78 -20.85 8.65
CA ALA C 738 31.76 -19.76 7.67
C ALA C 738 32.86 -18.74 7.96
N ILE C 739 33.06 -18.41 9.23
CA ILE C 739 34.18 -17.55 9.58
C ILE C 739 35.48 -18.11 9.03
N GLN C 740 35.70 -19.40 9.24
CA GLN C 740 36.93 -20.03 8.77
C GLN C 740 37.03 -19.98 7.25
N ALA C 741 35.95 -20.31 6.55
CA ALA C 741 35.96 -20.29 5.10
C ALA C 741 36.22 -18.90 4.55
N VAL C 742 35.76 -17.87 5.24
CA VAL C 742 36.09 -16.52 4.83
C VAL C 742 37.57 -16.23 5.10
N ARG C 743 38.09 -16.73 6.22
CA ARG C 743 39.51 -16.59 6.47
C ARG C 743 40.35 -17.30 5.40
N ASP C 744 39.80 -18.32 4.77
CA ASP C 744 40.52 -19.07 3.74
C ASP C 744 40.12 -18.64 2.33
N ASN C 745 39.37 -17.55 2.20
CA ASN C 745 39.03 -16.98 0.88
C ASN C 745 38.27 -17.97 0.00
N LYS C 746 37.55 -18.90 0.62
CA LYS C 746 36.59 -19.72 -0.11
C LYS C 746 35.26 -19.01 -0.23
N LEU C 747 34.77 -18.47 0.89
CA LEU C 747 33.58 -17.64 0.89
C LEU C 747 33.99 -16.17 0.84
N HIS C 748 33.40 -15.43 -0.08
CA HIS C 748 33.83 -14.05 -0.28
C HIS C 748 33.20 -13.08 0.71
N ALA C 749 31.93 -13.29 1.06
CA ALA C 749 31.26 -12.38 1.98
C ALA C 749 30.31 -13.18 2.84
N PHE C 750 30.07 -12.67 4.05
CA PHE C 750 29.24 -13.37 5.03
C PHE C 750 28.20 -12.40 5.56
N ILE C 751 26.96 -12.88 5.72
CA ILE C 751 25.85 -12.06 6.18
C ILE C 751 25.25 -12.74 7.41
N TRP C 752 25.58 -12.23 8.58
CA TRP C 752 25.13 -12.86 9.81
C TRP C 752 24.75 -11.75 10.77
N ASP C 753 24.55 -12.10 12.03
CA ASP C 753 24.14 -11.14 13.03
C ASP C 753 25.21 -10.07 13.23
N SER C 754 24.88 -9.06 14.03
CA SER C 754 25.76 -7.91 14.14
C SER C 754 26.67 -7.99 15.35
N ALA C 755 26.15 -8.33 16.51
CA ALA C 755 26.99 -8.37 17.70
C ALA C 755 28.04 -9.47 17.59
N VAL C 756 27.60 -10.69 17.35
CA VAL C 756 28.52 -11.81 17.18
C VAL C 756 29.58 -11.48 16.14
N LEU C 757 29.16 -11.06 14.97
CA LEU C 757 30.10 -10.85 13.89
C LEU C 757 31.01 -9.67 14.15
N GLU C 758 30.50 -8.61 14.78
CA GLU C 758 31.35 -7.47 15.09
C GLU C 758 32.45 -7.84 16.07
N PHE C 759 32.10 -8.56 17.13
CA PHE C 759 33.13 -9.03 18.04
C PHE C 759 34.12 -9.93 17.32
N GLU C 760 33.61 -10.91 16.57
CA GLU C 760 34.48 -11.84 15.88
C GLU C 760 35.46 -11.13 14.97
N ALA C 761 35.02 -10.05 14.33
CA ALA C 761 35.93 -9.32 13.44
C ALA C 761 36.92 -8.49 14.23
N SER C 762 36.44 -7.59 15.08
CA SER C 762 37.34 -6.72 15.80
C SER C 762 38.31 -7.48 16.68
N GLN C 763 37.97 -8.71 17.07
CA GLN C 763 38.80 -9.42 18.03
C GLN C 763 39.84 -10.30 17.35
N LYS C 764 39.42 -11.16 16.41
CA LYS C 764 40.33 -12.20 15.96
C LYS C 764 41.55 -11.54 15.36
N CYS C 765 41.47 -11.09 14.11
CA CYS C 765 41.69 -9.72 13.66
C CYS C 765 42.10 -9.75 12.20
N ASP C 766 42.20 -8.57 11.58
CA ASP C 766 42.42 -8.42 10.15
C ASP C 766 41.23 -8.92 9.34
N LEU C 767 40.05 -8.73 9.90
CA LEU C 767 38.76 -8.86 9.22
C LEU C 767 37.94 -7.62 9.51
N VAL C 768 37.06 -7.26 8.58
CA VAL C 768 36.39 -5.98 8.66
C VAL C 768 34.93 -6.12 8.26
N THR C 769 34.10 -5.25 8.80
CA THR C 769 32.69 -5.16 8.48
C THR C 769 32.42 -3.94 7.61
N THR C 770 31.51 -4.09 6.67
CA THR C 770 31.19 -3.04 5.72
C THR C 770 29.67 -2.90 5.64
N GLY C 771 29.20 -1.66 5.54
CA GLY C 771 27.78 -1.43 5.38
C GLY C 771 27.10 -1.05 6.67
N GLU C 772 25.85 -0.65 6.55
CA GLU C 772 25.04 -0.23 7.68
C GLU C 772 24.03 -1.30 8.05
N LEU C 773 23.61 -1.27 9.31
CA LEU C 773 22.67 -2.25 9.83
C LEU C 773 21.32 -2.08 9.16
N PHE C 774 20.65 -3.20 8.85
CA PHE C 774 19.37 -3.03 8.21
C PHE C 774 18.20 -3.73 8.87
N PHE C 775 18.36 -4.96 9.37
CA PHE C 775 17.21 -5.68 9.94
C PHE C 775 17.23 -5.51 11.45
N ARG C 776 17.08 -4.26 11.88
CA ARG C 776 17.30 -3.90 13.28
C ARG C 776 16.26 -4.56 14.16
N SER C 777 16.68 -5.57 14.91
CA SER C 777 15.82 -6.25 15.87
C SER C 777 16.63 -6.52 17.12
N GLY C 778 16.10 -7.34 18.02
CA GLY C 778 16.77 -7.60 19.27
C GLY C 778 16.91 -9.09 19.54
N PHE C 779 17.55 -9.40 20.67
CA PHE C 779 17.62 -10.74 21.19
C PHE C 779 16.53 -10.93 22.23
N GLY C 780 16.38 -12.14 22.75
CA GLY C 780 15.39 -12.34 23.78
C GLY C 780 15.23 -13.74 24.31
N ILE C 781 14.94 -13.85 25.60
CA ILE C 781 14.61 -15.14 26.19
C ILE C 781 13.31 -15.63 25.59
N GLY C 782 13.15 -16.94 25.52
CA GLY C 782 11.95 -17.55 24.97
C GLY C 782 11.26 -18.45 25.96
N MET C 783 9.96 -18.64 25.78
CA MET C 783 9.16 -19.44 26.68
C MET C 783 7.90 -19.90 25.97
N ARG C 784 7.42 -21.08 26.33
CA ARG C 784 6.09 -21.48 25.93
C ARG C 784 5.07 -20.54 26.54
N LYS C 785 3.92 -20.42 25.89
CA LYS C 785 2.92 -19.48 26.36
C LYS C 785 2.41 -19.86 27.74
N ASP C 786 2.09 -18.82 28.52
CA ASP C 786 1.58 -18.98 29.88
C ASP C 786 2.63 -19.62 30.79
N SER C 787 3.77 -18.97 30.93
CA SER C 787 4.34 -19.28 32.22
C SER C 787 4.54 -18.00 33.01
N PRO C 788 4.19 -17.99 34.29
CA PRO C 788 4.34 -16.76 35.08
C PRO C 788 5.76 -16.23 35.07
N TRP C 789 6.73 -17.12 34.88
CA TRP C 789 8.10 -16.67 34.79
C TRP C 789 8.31 -15.71 33.64
N LYS C 790 7.45 -15.72 32.62
CA LYS C 790 7.54 -14.68 31.60
C LYS C 790 7.33 -13.31 32.20
N GLN C 791 6.21 -13.14 32.88
CA GLN C 791 5.91 -11.85 33.49
C GLN C 791 6.98 -11.46 34.49
N GLN C 792 7.61 -12.43 35.15
CA GLN C 792 8.66 -12.04 36.08
C GLN C 792 9.95 -11.66 35.36
N VAL C 793 10.36 -12.46 34.38
CA VAL C 793 11.63 -12.28 33.70
C VAL C 793 11.67 -10.97 32.95
N SER C 794 10.54 -10.52 32.40
CA SER C 794 10.57 -9.23 31.71
C SER C 794 10.97 -8.11 32.67
N LEU C 795 10.31 -8.05 33.83
CA LEU C 795 10.66 -7.05 34.84
C LEU C 795 12.10 -7.21 35.26
N SER C 796 12.56 -8.44 35.44
CA SER C 796 13.95 -8.64 35.83
C SER C 796 14.91 -8.07 34.79
N ILE C 797 14.65 -8.31 33.51
CA ILE C 797 15.53 -7.80 32.47
C ILE C 797 15.54 -6.28 32.47
N LEU C 798 14.38 -5.66 32.65
CA LEU C 798 14.40 -4.20 32.72
C LEU C 798 15.22 -3.71 33.90
N LYS C 799 14.96 -4.26 35.10
CA LYS C 799 15.74 -3.89 36.27
C LYS C 799 17.22 -4.02 35.99
N SER C 800 17.62 -5.09 35.31
CA SER C 800 19.02 -5.29 35.01
C SER C 800 19.56 -4.28 34.01
N HIS C 801 18.73 -3.85 33.05
CA HIS C 801 19.16 -2.78 32.16
C HIS C 801 19.35 -1.49 32.92
N GLU C 802 18.63 -1.30 34.03
CA GLU C 802 18.75 -0.04 34.74
C GLU C 802 20.06 0.05 35.54
N ASN C 803 20.48 -1.05 36.15
CA ASN C 803 21.62 -1.01 37.07
C ASN C 803 22.96 -0.99 36.37
N GLY C 804 23.01 -0.82 35.06
CA GLY C 804 24.27 -0.94 34.35
C GLY C 804 24.87 -2.32 34.36
N PHE C 805 24.21 -3.29 34.99
CA PHE C 805 24.70 -4.66 35.02
C PHE C 805 25.05 -5.14 33.62
N MET C 806 24.10 -5.04 32.69
CA MET C 806 24.38 -5.41 31.31
C MET C 806 25.56 -4.63 30.76
N GLU C 807 25.68 -3.35 31.12
CA GLU C 807 26.77 -2.54 30.61
C GLU C 807 28.11 -3.09 31.06
N ASP C 808 28.23 -3.41 32.34
CA ASP C 808 29.51 -3.93 32.80
C ASP C 808 29.78 -5.33 32.28
N LEU C 809 28.74 -6.13 32.03
CA LEU C 809 28.96 -7.40 31.36
C LEU C 809 29.59 -7.19 29.98
N ASP C 810 28.98 -6.31 29.19
CA ASP C 810 29.51 -5.99 27.88
C ASP C 810 30.96 -5.53 27.98
N LYS C 811 31.21 -4.53 28.83
CA LYS C 811 32.57 -4.04 28.98
C LYS C 811 33.50 -5.13 29.48
N THR C 812 32.97 -6.10 30.21
CA THR C 812 33.80 -7.16 30.74
C THR C 812 34.29 -8.04 29.62
N TRP C 813 33.39 -8.76 28.96
CA TRP C 813 33.88 -9.74 28.00
C TRP C 813 32.98 -9.84 26.78
N VAL C 814 32.64 -8.69 26.21
CA VAL C 814 32.10 -8.65 24.85
C VAL C 814 33.02 -7.80 23.99
N ARG C 815 33.18 -6.54 24.38
CA ARG C 815 34.01 -5.59 23.67
C ARG C 815 35.26 -5.27 24.47
N TYR C 816 36.08 -4.37 23.94
CA TYR C 816 37.26 -3.83 24.61
C TYR C 816 38.27 -4.91 24.93
N GLN C 817 38.19 -6.04 24.25
CA GLN C 817 39.11 -7.13 24.45
C GLN C 817 39.55 -7.67 23.10
N GLU C 818 40.05 -6.79 22.23
CA GLU C 818 40.20 -7.12 20.81
C GLU C 818 41.50 -6.53 20.26
N CYS C 819 41.82 -6.89 19.00
CA CYS C 819 42.85 -6.24 18.19
C CYS C 819 42.32 -4.89 17.73
N ASP C 820 42.26 -3.93 18.65
CA ASP C 820 41.71 -2.62 18.30
C ASP C 820 42.66 -1.93 17.31
N SER C 821 42.24 -1.88 16.05
CA SER C 821 43.08 -1.41 14.95
C SER C 821 42.40 -0.23 14.26
N ARG C 822 43.21 0.65 13.70
CA ARG C 822 42.75 1.89 13.08
C ARG C 822 42.33 1.61 11.63
N SER C 823 42.15 2.67 10.86
CA SER C 823 41.70 2.57 9.48
C SER C 823 42.88 2.25 8.56
N ASN C 824 42.63 2.29 7.25
CA ASN C 824 43.63 1.88 6.27
C ASN C 824 44.45 3.07 5.79
N ALA C 825 45.57 2.74 5.15
CA ALA C 825 46.49 3.71 4.58
C ALA C 825 47.05 3.14 3.29
N PRO C 826 47.60 3.98 2.41
CA PRO C 826 48.24 3.46 1.20
C PRO C 826 49.46 2.62 1.51
N ALA C 827 49.93 1.92 0.49
CA ALA C 827 51.01 0.95 0.66
C ALA C 827 52.36 1.65 0.84
N THR C 828 53.30 0.94 1.43
CA THR C 828 54.62 1.46 1.73
C THR C 828 55.68 0.76 0.87
N LEU C 829 56.94 1.07 1.16
CA LEU C 829 58.06 0.52 0.41
C LEU C 829 58.52 -0.79 1.04
N THR C 830 58.77 -1.80 0.22
CA THR C 830 59.21 -3.10 0.69
C THR C 830 60.42 -3.57 -0.11
N PHE C 831 60.97 -4.71 0.30
CA PHE C 831 62.15 -5.26 -0.34
C PHE C 831 61.86 -5.78 -1.75
N GLU C 832 60.68 -6.37 -1.98
CA GLU C 832 60.32 -6.80 -3.32
C GLU C 832 60.21 -5.63 -4.27
N ASN C 833 59.94 -4.43 -3.75
CA ASN C 833 59.94 -3.23 -4.58
C ASN C 833 61.35 -2.80 -4.95
N MET C 834 62.32 -3.04 -4.06
CA MET C 834 63.70 -2.61 -4.29
C MET C 834 64.50 -3.62 -5.09
N ALA C 835 64.06 -4.88 -5.10
CA ALA C 835 64.85 -5.94 -5.73
C ALA C 835 65.04 -5.67 -7.22
N GLY C 836 64.04 -5.11 -7.90
CA GLY C 836 64.15 -4.87 -9.32
C GLY C 836 65.24 -3.91 -9.72
N VAL C 837 65.68 -3.06 -8.80
CA VAL C 837 66.74 -2.10 -9.10
C VAL C 837 68.03 -2.39 -8.34
N PHE C 838 67.98 -3.14 -7.24
CA PHE C 838 69.22 -3.59 -6.62
C PHE C 838 70.03 -4.48 -7.54
N MET C 839 69.38 -5.18 -8.47
CA MET C 839 70.11 -5.98 -9.44
C MET C 839 71.01 -5.10 -10.30
N LEU C 840 70.51 -3.95 -10.76
CA LEU C 840 71.33 -3.05 -11.55
C LEU C 840 72.53 -2.57 -10.76
N VAL C 841 72.42 -2.53 -9.42
CA VAL C 841 73.56 -2.18 -8.59
C VAL C 841 74.67 -3.21 -8.75
N ALA C 842 74.38 -4.46 -8.39
CA ALA C 842 75.40 -5.50 -8.46
C ALA C 842 75.78 -5.83 -9.90
N GLY C 843 74.80 -5.77 -10.82
CA GLY C 843 75.12 -5.99 -12.22
C GLY C 843 76.06 -4.94 -12.76
N GLY C 844 75.78 -3.67 -12.49
CA GLY C 844 76.69 -2.61 -12.86
C GLY C 844 78.05 -2.73 -12.20
N ILE C 845 78.08 -3.24 -10.97
CA ILE C 845 79.36 -3.37 -10.27
C ILE C 845 80.22 -4.45 -10.92
N VAL C 846 79.64 -5.62 -11.20
CA VAL C 846 80.43 -6.67 -11.85
C VAL C 846 80.83 -6.24 -13.25
N ALA C 847 79.92 -5.56 -13.98
CA ALA C 847 80.27 -5.03 -15.28
C ALA C 847 81.41 -4.02 -15.18
N GLY C 848 81.42 -3.21 -14.12
CA GLY C 848 82.48 -2.23 -13.96
C GLY C 848 83.81 -2.86 -13.61
N ILE C 849 83.78 -3.95 -12.83
CA ILE C 849 85.01 -4.68 -12.56
C ILE C 849 85.60 -5.22 -13.86
N PHE C 850 84.77 -5.94 -14.63
CA PHE C 850 85.25 -6.45 -15.91
C PHE C 850 85.71 -5.32 -16.83
N LEU C 851 84.99 -4.19 -16.81
CA LEU C 851 85.29 -3.09 -17.70
C LEU C 851 86.60 -2.40 -17.33
N ILE C 852 86.85 -2.18 -16.04
CA ILE C 852 88.11 -1.57 -15.64
C ILE C 852 89.25 -2.53 -15.92
N PHE C 853 89.04 -3.83 -15.72
CA PHE C 853 90.08 -4.80 -16.07
C PHE C 853 90.44 -4.70 -17.54
N ILE C 854 89.43 -4.76 -18.42
CA ILE C 854 89.72 -4.75 -19.86
C ILE C 854 90.25 -3.40 -20.31
N GLU C 855 89.80 -2.31 -19.69
CA GLU C 855 90.29 -0.98 -20.08
C GLU C 855 91.74 -0.79 -19.68
N ILE C 856 92.12 -1.25 -18.49
CA ILE C 856 93.51 -1.16 -18.09
C ILE C 856 94.36 -2.08 -18.96
N ALA C 857 93.83 -3.26 -19.31
CA ALA C 857 94.57 -4.14 -20.23
C ALA C 857 94.80 -3.46 -21.57
N TYR C 858 93.78 -2.79 -22.10
CA TYR C 858 93.92 -2.10 -23.38
C TYR C 858 94.88 -0.92 -23.29
N LYS C 859 94.79 -0.14 -22.22
CA LYS C 859 95.75 0.95 -22.03
C LYS C 859 97.16 0.42 -21.87
N ARG C 860 97.30 -0.81 -21.35
CA ARG C 860 98.60 -1.46 -21.36
C ARG C 860 99.02 -1.87 -22.76
N HIS C 861 98.04 -2.20 -23.62
CA HIS C 861 98.34 -2.52 -25.01
C HIS C 861 98.61 -1.26 -25.82
N LYS C 862 97.62 -0.37 -25.88
CA LYS C 862 97.75 0.87 -26.63
C LYS C 862 97.17 2.05 -25.86
N SER D 65 -17.77 -74.63 -0.32
CA SER D 65 -18.85 -73.74 -0.73
C SER D 65 -18.96 -72.54 0.19
N ILE D 66 -18.43 -71.41 -0.24
CA ILE D 66 -18.49 -70.18 0.54
C ILE D 66 -19.85 -69.53 0.31
N GLY D 67 -20.63 -69.38 1.37
CA GLY D 67 -21.97 -68.88 1.21
C GLY D 67 -22.03 -67.39 0.98
N ILE D 68 -22.28 -66.99 -0.26
CA ILE D 68 -22.42 -65.58 -0.65
C ILE D 68 -23.80 -65.40 -1.23
N ALA D 69 -24.57 -64.50 -0.65
CA ALA D 69 -25.92 -64.24 -1.10
C ALA D 69 -26.01 -62.80 -1.59
N VAL D 70 -26.93 -62.58 -2.53
CA VAL D 70 -27.18 -61.27 -3.10
C VAL D 70 -28.66 -61.00 -3.00
N ILE D 71 -29.02 -59.88 -2.39
CA ILE D 71 -30.42 -59.54 -2.15
C ILE D 71 -30.70 -58.23 -2.84
N LEU D 72 -31.64 -58.25 -3.78
CA LEU D 72 -32.06 -57.07 -4.52
C LEU D 72 -33.53 -56.86 -4.23
N VAL D 73 -33.85 -55.80 -3.51
CA VAL D 73 -35.19 -55.58 -3.00
C VAL D 73 -35.73 -54.28 -3.56
N GLY D 74 -37.01 -54.28 -3.91
CA GLY D 74 -37.67 -53.10 -4.47
C GLY D 74 -36.97 -52.51 -5.67
N THR D 75 -36.07 -53.27 -6.29
CA THR D 75 -35.22 -52.75 -7.36
C THR D 75 -35.71 -53.24 -8.72
N SER D 76 -35.11 -52.68 -9.77
CA SER D 76 -35.27 -53.17 -11.13
C SER D 76 -33.88 -53.59 -11.59
N ASP D 77 -33.48 -54.79 -11.21
CA ASP D 77 -32.17 -55.32 -11.56
C ASP D 77 -32.25 -56.80 -11.89
N GLU D 78 -33.34 -57.20 -12.56
CA GLU D 78 -33.50 -58.61 -12.90
C GLU D 78 -32.40 -59.09 -13.83
N VAL D 79 -31.92 -58.22 -14.74
CA VAL D 79 -30.86 -58.60 -15.67
C VAL D 79 -29.57 -58.95 -14.94
N ALA D 80 -29.38 -58.47 -13.71
CA ALA D 80 -28.22 -58.83 -12.93
C ALA D 80 -28.15 -60.32 -12.61
N ILE D 81 -29.24 -61.06 -12.87
CA ILE D 81 -29.20 -62.51 -12.72
C ILE D 81 -28.12 -63.11 -13.63
N LYS D 82 -27.89 -62.49 -14.77
CA LYS D 82 -26.78 -62.87 -15.63
C LYS D 82 -25.45 -62.26 -15.20
N ASP D 83 -25.49 -61.16 -14.44
CA ASP D 83 -24.27 -60.51 -13.98
C ASP D 83 -23.47 -61.37 -13.01
N ALA D 84 -24.14 -62.25 -12.25
CA ALA D 84 -23.44 -63.11 -11.33
C ALA D 84 -22.50 -64.09 -12.03
N HIS D 85 -22.91 -64.61 -13.19
CA HIS D 85 -22.08 -65.53 -13.94
C HIS D 85 -20.80 -64.88 -14.46
N GLU D 86 -20.71 -63.56 -14.44
CA GLU D 86 -19.48 -62.86 -14.77
C GLU D 86 -18.41 -63.05 -13.70
N LYS D 87 -18.76 -63.62 -12.56
CA LYS D 87 -17.80 -63.94 -11.51
C LYS D 87 -17.05 -65.24 -11.76
N ASP D 88 -17.18 -65.82 -12.96
CA ASP D 88 -16.45 -67.03 -13.33
C ASP D 88 -14.97 -66.77 -13.54
N ASP D 89 -14.55 -65.51 -13.56
CA ASP D 89 -13.14 -65.14 -13.62
C ASP D 89 -12.48 -65.15 -12.25
N PHE D 90 -13.10 -65.79 -11.26
CA PHE D 90 -12.58 -65.83 -9.91
C PHE D 90 -11.57 -66.95 -9.70
N HIS D 91 -10.95 -67.44 -10.77
CA HIS D 91 -9.96 -68.51 -10.65
C HIS D 91 -8.63 -68.02 -10.09
N HIS D 92 -8.43 -66.70 -9.98
CA HIS D 92 -7.16 -66.18 -9.48
C HIS D 92 -6.91 -66.60 -8.05
N LEU D 93 -7.94 -66.57 -7.20
CA LEU D 93 -7.81 -67.05 -5.83
C LEU D 93 -8.09 -68.53 -5.71
N SER D 94 -8.86 -69.10 -6.64
CA SER D 94 -9.10 -70.54 -6.70
C SER D 94 -9.71 -71.08 -5.42
N VAL D 95 -10.57 -70.29 -4.79
CA VAL D 95 -11.35 -70.73 -3.64
C VAL D 95 -12.82 -70.56 -3.99
N VAL D 96 -13.65 -71.50 -3.54
CA VAL D 96 -15.01 -71.70 -4.05
C VAL D 96 -15.84 -70.44 -3.96
N PRO D 97 -16.17 -69.81 -5.09
CA PRO D 97 -17.09 -68.66 -5.09
C PRO D 97 -18.53 -69.11 -5.28
N ARG D 98 -18.97 -70.01 -4.42
CA ARG D 98 -20.35 -70.48 -4.47
C ARG D 98 -21.30 -69.33 -4.22
N VAL D 99 -22.24 -69.13 -5.13
CA VAL D 99 -23.09 -67.95 -5.11
C VAL D 99 -24.49 -68.31 -5.53
N GLU D 100 -25.47 -67.73 -4.85
CA GLU D 100 -26.85 -67.78 -5.27
C GLU D 100 -27.38 -66.35 -5.34
N LEU D 101 -28.68 -66.22 -5.52
CA LEU D 101 -29.31 -64.92 -5.65
C LEU D 101 -30.75 -65.01 -5.19
N VAL D 102 -31.25 -63.93 -4.59
CA VAL D 102 -32.64 -63.83 -4.18
C VAL D 102 -33.15 -62.47 -4.60
N ALA D 103 -34.41 -62.19 -4.26
CA ALA D 103 -35.01 -60.91 -4.58
C ALA D 103 -36.26 -60.74 -3.73
N MET D 104 -36.83 -59.54 -3.79
CA MET D 104 -38.05 -59.27 -3.04
C MET D 104 -38.63 -57.93 -3.50
N ASN D 105 -39.95 -57.82 -3.38
CA ASN D 105 -40.66 -56.56 -3.52
C ASN D 105 -40.56 -55.78 -2.21
N GLU D 106 -41.43 -54.79 -2.04
CA GLU D 106 -41.31 -53.78 -0.99
C GLU D 106 -40.95 -54.38 0.37
N THR D 107 -40.20 -53.61 1.16
CA THR D 107 -39.50 -54.12 2.32
C THR D 107 -39.92 -53.39 3.58
N ASP D 108 -39.92 -54.13 4.69
CA ASP D 108 -40.10 -53.62 6.03
C ASP D 108 -38.97 -54.16 6.89
N PRO D 109 -38.89 -53.77 8.16
CA PRO D 109 -37.94 -54.45 9.05
C PRO D 109 -38.18 -55.95 9.16
N LYS D 110 -39.41 -56.35 9.46
CA LYS D 110 -39.70 -57.75 9.73
C LYS D 110 -39.34 -58.62 8.53
N SER D 111 -39.70 -58.18 7.33
CA SER D 111 -39.35 -58.93 6.13
C SER D 111 -37.85 -59.17 6.04
N ILE D 112 -37.05 -58.11 6.21
CA ILE D 112 -35.60 -58.28 6.11
C ILE D 112 -35.11 -59.27 7.15
N ILE D 113 -35.46 -59.06 8.41
CA ILE D 113 -34.99 -59.94 9.47
C ILE D 113 -35.30 -61.38 9.13
N THR D 114 -36.59 -61.66 8.96
CA THR D 114 -37.05 -63.00 8.64
C THR D 114 -36.29 -63.57 7.46
N ARG D 115 -36.40 -62.91 6.30
CA ARG D 115 -35.84 -63.44 5.06
C ARG D 115 -34.36 -63.76 5.21
N ILE D 116 -33.57 -62.81 5.70
CA ILE D 116 -32.15 -63.03 5.69
C ILE D 116 -31.76 -64.13 6.66
N CYS D 117 -32.37 -64.21 7.85
CA CYS D 117 -31.83 -65.27 8.67
C CYS D 117 -32.42 -66.61 8.28
N ASP D 118 -33.57 -66.61 7.61
CA ASP D 118 -34.03 -67.84 6.99
C ASP D 118 -33.01 -68.35 5.98
N LEU D 119 -32.51 -67.45 5.14
CA LEU D 119 -31.51 -67.86 4.15
C LEU D 119 -30.28 -68.44 4.83
N MET D 120 -29.75 -67.73 5.81
CA MET D 120 -28.54 -68.21 6.47
C MET D 120 -28.79 -69.51 7.22
N SER D 121 -30.00 -69.73 7.74
CA SER D 121 -30.33 -71.01 8.34
C SER D 121 -30.52 -72.09 7.31
N ASP D 122 -30.86 -71.73 6.09
CA ASP D 122 -31.14 -72.73 5.07
C ASP D 122 -29.85 -73.27 4.47
N ARG D 123 -29.05 -72.41 3.83
CA ARG D 123 -27.98 -73.00 3.01
C ARG D 123 -26.61 -72.45 3.36
N LYS D 124 -26.35 -72.24 4.65
CA LYS D 124 -25.00 -71.99 5.15
C LYS D 124 -24.36 -70.78 4.46
N ILE D 125 -24.97 -69.62 4.69
CA ILE D 125 -24.49 -68.38 4.09
C ILE D 125 -23.30 -67.86 4.89
N GLN D 126 -22.14 -67.80 4.25
CA GLN D 126 -20.95 -67.26 4.89
C GLN D 126 -20.99 -65.73 4.93
N GLY D 127 -21.35 -65.10 3.82
CA GLY D 127 -21.51 -63.66 3.78
C GLY D 127 -22.63 -63.28 2.83
N VAL D 128 -23.02 -62.02 2.88
CA VAL D 128 -24.13 -61.55 2.07
C VAL D 128 -23.85 -60.14 1.57
N VAL D 129 -24.48 -59.79 0.46
CA VAL D 129 -24.35 -58.47 -0.15
C VAL D 129 -25.73 -57.92 -0.38
N PHE D 130 -25.96 -56.68 0.06
CA PHE D 130 -27.26 -56.03 -0.02
C PHE D 130 -27.26 -55.01 -1.14
N ALA D 131 -28.45 -54.66 -1.61
CA ALA D 131 -28.62 -53.59 -2.58
C ALA D 131 -30.10 -53.23 -2.64
N ASP D 132 -30.41 -51.95 -2.42
CA ASP D 132 -31.78 -51.47 -2.49
C ASP D 132 -31.75 -49.99 -2.83
N ASP D 133 -32.88 -49.32 -2.66
CA ASP D 133 -33.00 -47.90 -2.95
C ASP D 133 -34.06 -47.31 -2.03
N THR D 134 -34.61 -46.17 -2.43
CA THR D 134 -35.67 -45.41 -1.75
C THR D 134 -35.16 -44.63 -0.55
N ASP D 135 -33.89 -44.76 -0.18
CA ASP D 135 -33.23 -43.85 0.76
C ASP D 135 -33.97 -43.78 2.10
N GLN D 136 -33.97 -44.91 2.82
CA GLN D 136 -34.47 -44.97 4.18
C GLN D 136 -33.39 -45.67 5.02
N GLU D 137 -32.42 -44.90 5.49
CA GLU D 137 -31.23 -45.44 6.14
C GLU D 137 -31.53 -46.32 7.34
N ALA D 138 -32.78 -46.31 7.81
CA ALA D 138 -33.19 -47.27 8.82
C ALA D 138 -32.70 -48.66 8.47
N ILE D 139 -32.76 -49.04 7.19
CA ILE D 139 -32.23 -50.34 6.80
C ILE D 139 -30.73 -50.40 7.03
N ALA D 140 -30.03 -49.27 6.86
CA ALA D 140 -28.60 -49.28 7.12
C ALA D 140 -28.31 -49.52 8.60
N GLN D 141 -29.17 -49.04 9.48
CA GLN D 141 -28.99 -49.38 10.89
C GLN D 141 -29.34 -50.85 11.15
N ILE D 142 -30.43 -51.31 10.56
CA ILE D 142 -30.92 -52.66 10.82
C ILE D 142 -29.87 -53.68 10.42
N LEU D 143 -29.31 -53.53 9.21
CA LEU D 143 -28.31 -54.46 8.75
C LEU D 143 -27.10 -54.49 9.67
N ASP D 144 -26.70 -53.34 10.18
CA ASP D 144 -25.57 -53.30 11.10
C ASP D 144 -25.88 -54.06 12.37
N PHE D 145 -27.06 -53.83 12.94
CA PHE D 145 -27.42 -54.54 14.17
C PHE D 145 -27.42 -56.05 13.93
N ILE D 146 -27.96 -56.48 12.78
CA ILE D 146 -27.93 -57.89 12.44
C ILE D 146 -26.49 -58.39 12.40
N SER D 147 -25.64 -57.69 11.66
CA SER D 147 -24.23 -58.08 11.58
C SER D 147 -23.65 -58.28 12.97
N ALA D 148 -23.87 -57.33 13.86
CA ALA D 148 -23.34 -57.47 15.22
C ALA D 148 -23.87 -58.73 15.88
N GLN D 149 -25.17 -58.98 15.75
CA GLN D 149 -25.77 -60.08 16.49
C GLN D 149 -25.40 -61.45 15.95
N THR D 150 -24.85 -61.53 14.75
CA THR D 150 -24.54 -62.83 14.17
C THR D 150 -23.07 -63.02 13.84
N LEU D 151 -22.26 -61.97 13.95
CA LEU D 151 -20.84 -62.03 13.59
C LEU D 151 -20.67 -62.62 12.19
N THR D 152 -21.18 -61.87 11.21
CA THR D 152 -21.21 -62.33 9.85
C THR D 152 -20.94 -61.13 8.95
N PRO D 153 -19.96 -61.20 8.09
CA PRO D 153 -19.63 -60.03 7.28
C PRO D 153 -20.62 -59.81 6.17
N ILE D 154 -21.45 -58.79 6.30
CA ILE D 154 -22.33 -58.37 5.23
C ILE D 154 -21.70 -57.15 4.56
N LEU D 155 -22.21 -56.79 3.39
CA LEU D 155 -21.59 -55.70 2.65
C LEU D 155 -22.67 -54.98 1.85
N GLY D 156 -23.23 -53.94 2.45
CA GLY D 156 -24.33 -53.23 1.82
C GLY D 156 -23.85 -52.27 0.76
N ILE D 157 -24.27 -52.48 -0.49
CA ILE D 157 -23.81 -51.61 -1.55
C ILE D 157 -24.95 -51.21 -2.48
N HIS D 158 -25.60 -50.09 -2.18
CA HIS D 158 -26.32 -49.27 -3.14
C HIS D 158 -26.98 -48.11 -2.40
N GLY D 159 -27.59 -47.18 -3.14
CA GLY D 159 -28.12 -45.96 -2.58
C GLY D 159 -28.88 -46.13 -1.28
N GLY D 160 -29.67 -47.19 -1.15
CA GLY D 160 -30.39 -47.39 0.09
C GLY D 160 -29.46 -47.59 1.26
N SER D 161 -28.71 -48.69 1.26
CA SER D 161 -27.79 -48.95 2.34
C SER D 161 -26.65 -47.96 2.39
N SER D 162 -26.16 -47.52 1.24
CA SER D 162 -24.95 -46.70 1.20
C SER D 162 -25.28 -45.29 1.69
N MET D 163 -25.43 -45.19 3.00
CA MET D 163 -25.47 -43.90 3.68
C MET D 163 -24.66 -44.07 4.95
N ILE D 164 -23.47 -43.47 4.99
CA ILE D 164 -22.50 -43.79 6.02
C ILE D 164 -23.08 -43.51 7.40
N MET D 165 -23.11 -44.53 8.24
CA MET D 165 -23.33 -44.34 9.66
C MET D 165 -22.07 -43.77 10.27
N ALA D 166 -22.22 -42.78 11.14
CA ALA D 166 -21.05 -42.16 11.74
C ALA D 166 -20.33 -43.13 12.67
N ASP D 167 -21.00 -43.58 13.72
CA ASP D 167 -20.40 -44.45 14.73
C ASP D 167 -21.13 -45.78 14.73
N LYS D 168 -20.53 -46.79 14.13
CA LYS D 168 -21.13 -48.12 14.10
C LYS D 168 -20.93 -48.78 15.46
N ASP D 169 -21.30 -50.05 15.56
CA ASP D 169 -21.09 -50.82 16.77
C ASP D 169 -19.70 -51.44 16.75
N GLU D 170 -19.30 -51.97 17.91
CA GLU D 170 -17.95 -52.53 18.05
C GLU D 170 -17.83 -53.92 17.43
N SER D 171 -18.70 -54.84 17.84
CA SER D 171 -18.66 -56.20 17.35
C SER D 171 -19.28 -56.35 15.97
N SER D 172 -19.49 -55.24 15.26
CA SER D 172 -20.08 -55.31 13.95
C SER D 172 -19.05 -55.71 12.90
N MET D 173 -19.54 -56.19 11.76
CA MET D 173 -18.74 -56.36 10.56
C MET D 173 -19.62 -55.93 9.39
N PHE D 174 -19.58 -54.63 9.07
CA PHE D 174 -20.54 -54.05 8.15
C PHE D 174 -19.90 -53.52 6.87
N PHE D 175 -18.95 -52.60 6.97
CA PHE D 175 -18.15 -52.18 5.83
C PHE D 175 -19.01 -51.65 4.69
N GLN D 176 -19.59 -50.48 4.93
CA GLN D 176 -20.44 -49.82 3.95
C GLN D 176 -19.62 -49.43 2.72
N PHE D 177 -20.29 -48.78 1.77
CA PHE D 177 -19.74 -48.54 0.44
C PHE D 177 -19.96 -47.07 0.06
N GLY D 178 -19.01 -46.22 0.43
CA GLY D 178 -19.15 -44.80 0.17
C GLY D 178 -18.11 -43.94 0.87
N PRO D 179 -18.23 -42.63 0.71
CA PRO D 179 -17.23 -41.71 1.24
C PRO D 179 -17.59 -41.18 2.63
N SER D 180 -16.54 -40.82 3.37
CA SER D 180 -16.69 -40.26 4.71
C SER D 180 -17.04 -38.78 4.62
N ILE D 181 -16.93 -38.07 5.73
CA ILE D 181 -17.06 -36.61 5.69
C ILE D 181 -15.72 -35.97 5.37
N GLU D 182 -14.68 -36.32 6.13
CA GLU D 182 -13.39 -35.67 5.95
C GLU D 182 -12.89 -35.78 4.52
N GLN D 183 -13.19 -36.88 3.83
CA GLN D 183 -12.78 -36.96 2.44
C GLN D 183 -13.49 -35.93 1.60
N GLN D 184 -14.78 -35.72 1.86
CA GLN D 184 -15.48 -34.66 1.14
C GLN D 184 -14.87 -33.30 1.44
N ALA D 185 -14.48 -33.08 2.69
CA ALA D 185 -13.85 -31.81 3.03
C ALA D 185 -12.53 -31.64 2.28
N SER D 186 -11.73 -32.69 2.21
CA SER D 186 -10.47 -32.58 1.50
C SER D 186 -10.68 -32.33 0.02
N VAL D 187 -11.69 -32.95 -0.58
CA VAL D 187 -11.98 -32.66 -1.98
C VAL D 187 -12.39 -31.20 -2.16
N MET D 188 -13.22 -30.70 -1.25
CA MET D 188 -13.55 -29.27 -1.28
C MET D 188 -12.30 -28.43 -1.26
N LEU D 189 -11.36 -28.77 -0.39
CA LEU D 189 -10.15 -27.97 -0.28
C LEU D 189 -9.33 -28.04 -1.56
N ASN D 190 -9.26 -29.21 -2.19
CA ASN D 190 -8.54 -29.30 -3.45
C ASN D 190 -9.15 -28.40 -4.50
N ILE D 191 -10.46 -28.51 -4.69
CA ILE D 191 -11.13 -27.65 -5.65
C ILE D 191 -10.82 -26.19 -5.37
N MET D 192 -10.99 -25.76 -4.12
CA MET D 192 -10.73 -24.37 -3.80
C MET D 192 -9.30 -23.96 -4.08
N GLU D 193 -8.33 -24.75 -3.67
CA GLU D 193 -6.94 -24.34 -3.87
C GLU D 193 -6.59 -24.34 -5.34
N GLU D 194 -7.44 -24.90 -6.20
CA GLU D 194 -7.17 -24.75 -7.62
C GLU D 194 -7.41 -23.31 -8.08
N TYR D 195 -8.59 -22.74 -7.79
CA TYR D 195 -8.89 -21.39 -8.25
C TYR D 195 -9.04 -20.38 -7.12
N ASP D 196 -10.03 -20.58 -6.24
CA ASP D 196 -10.53 -19.54 -5.35
C ASP D 196 -9.86 -19.77 -3.99
N TRP D 197 -9.20 -18.75 -3.48
CA TRP D 197 -8.02 -19.04 -2.68
C TRP D 197 -8.26 -19.09 -1.17
N TYR D 198 -9.44 -18.73 -0.68
CA TYR D 198 -9.61 -18.61 0.76
C TYR D 198 -10.88 -19.31 1.24
N ILE D 199 -10.79 -20.02 2.37
CA ILE D 199 -11.99 -20.59 2.96
C ILE D 199 -12.66 -19.44 3.66
N PHE D 200 -13.46 -18.69 2.92
CA PHE D 200 -13.86 -17.40 3.41
C PHE D 200 -14.85 -17.47 4.55
N SER D 201 -15.54 -18.60 4.72
CA SER D 201 -16.45 -18.72 5.85
C SER D 201 -16.97 -20.15 5.92
N ILE D 202 -17.60 -20.45 7.05
CA ILE D 202 -18.24 -21.72 7.30
C ILE D 202 -19.46 -21.43 8.15
N VAL D 203 -20.63 -21.71 7.60
CA VAL D 203 -21.88 -21.47 8.31
C VAL D 203 -22.64 -22.78 8.39
N THR D 204 -22.78 -23.31 9.60
CA THR D 204 -23.30 -24.65 9.79
C THR D 204 -24.12 -24.73 11.06
N THR D 205 -25.26 -25.39 10.96
CA THR D 205 -26.02 -25.74 12.15
C THR D 205 -25.26 -26.84 12.88
N TYR D 206 -25.80 -27.34 13.97
CA TYR D 206 -25.13 -28.39 14.73
C TYR D 206 -25.87 -29.72 14.60
N PHE D 207 -26.41 -29.97 13.43
CA PHE D 207 -26.71 -31.34 13.02
C PHE D 207 -25.48 -32.21 13.23
N PRO D 208 -25.65 -33.46 13.63
CA PRO D 208 -24.50 -34.30 13.97
C PRO D 208 -23.47 -34.36 12.86
N GLY D 209 -22.27 -34.81 13.21
CA GLY D 209 -21.11 -34.64 12.35
C GLY D 209 -20.58 -33.23 12.34
N TYR D 210 -21.21 -32.34 13.08
CA TYR D 210 -20.85 -30.93 13.08
C TYR D 210 -19.39 -30.72 13.43
N GLN D 211 -19.02 -30.99 14.68
CA GLN D 211 -17.70 -30.63 15.19
C GLN D 211 -16.57 -31.22 14.37
N ASP D 212 -16.79 -32.33 13.67
CA ASP D 212 -15.70 -32.94 12.93
C ASP D 212 -15.45 -32.25 11.61
N PHE D 213 -16.51 -31.81 10.94
CA PHE D 213 -16.33 -31.13 9.67
C PHE D 213 -15.44 -29.91 9.81
N VAL D 214 -15.71 -29.07 10.81
CA VAL D 214 -14.87 -27.90 11.03
C VAL D 214 -13.45 -28.34 11.38
N ASN D 215 -13.32 -29.32 12.26
CA ASN D 215 -12.00 -29.73 12.73
C ASN D 215 -11.12 -30.18 11.58
N LYS D 216 -11.69 -30.92 10.63
CA LYS D 216 -10.86 -31.44 9.55
C LYS D 216 -10.29 -30.33 8.68
N ILE D 217 -11.15 -29.42 8.21
CA ILE D 217 -10.62 -28.39 7.34
C ILE D 217 -9.74 -27.44 8.12
N ARG D 218 -9.98 -27.26 9.42
CA ARG D 218 -9.07 -26.42 10.18
C ARG D 218 -7.70 -27.07 10.28
N SER D 219 -7.66 -28.36 10.58
CA SER D 219 -6.39 -29.08 10.62
C SER D 219 -5.67 -29.06 9.29
N THR D 220 -6.40 -29.00 8.18
CA THR D 220 -5.70 -28.87 6.91
C THR D 220 -5.28 -27.43 6.63
N ILE D 221 -6.07 -26.45 7.08
CA ILE D 221 -5.70 -25.05 6.94
C ILE D 221 -4.36 -24.80 7.60
N GLU D 222 -4.25 -25.08 8.89
CA GLU D 222 -3.01 -24.76 9.60
C GLU D 222 -1.82 -25.45 8.97
N ASN D 223 -1.97 -26.72 8.64
CA ASN D 223 -0.85 -27.56 8.25
C ASN D 223 -0.59 -27.45 6.74
N SER D 224 -0.29 -26.24 6.30
CA SER D 224 0.03 -26.04 4.89
C SER D 224 1.05 -24.92 4.75
N PHE D 225 1.53 -24.74 3.53
CA PHE D 225 2.49 -23.70 3.23
C PHE D 225 1.95 -22.64 2.29
N VAL D 226 0.67 -22.70 1.94
CA VAL D 226 0.10 -21.64 1.11
C VAL D 226 -0.98 -20.92 1.90
N GLY D 227 -1.55 -19.88 1.31
CA GLY D 227 -2.22 -18.84 2.06
C GLY D 227 -3.28 -19.25 3.06
N TRP D 228 -4.45 -19.67 2.58
CA TRP D 228 -5.51 -20.21 3.43
C TRP D 228 -5.89 -19.27 4.57
N GLU D 229 -6.47 -18.13 4.23
CA GLU D 229 -7.02 -17.24 5.26
C GLU D 229 -8.49 -17.56 5.49
N LEU D 230 -8.77 -18.26 6.58
CA LEU D 230 -10.15 -18.43 7.03
C LEU D 230 -10.58 -17.20 7.80
N GLU D 231 -11.78 -16.70 7.48
CA GLU D 231 -12.25 -15.46 8.06
C GLU D 231 -13.03 -15.68 9.35
N GLU D 232 -14.12 -16.43 9.32
CA GLU D 232 -14.79 -16.79 10.56
C GLU D 232 -15.77 -17.92 10.32
N VAL D 233 -15.83 -18.84 11.27
CA VAL D 233 -16.86 -19.85 11.34
C VAL D 233 -17.94 -19.35 12.29
N LEU D 234 -19.19 -19.62 11.97
CA LEU D 234 -20.28 -19.20 12.83
C LEU D 234 -21.44 -20.17 12.69
N LEU D 235 -21.85 -20.76 13.81
CA LEU D 235 -23.01 -21.63 13.82
C LEU D 235 -24.25 -20.80 14.09
N LEU D 236 -25.40 -21.44 14.01
CA LEU D 236 -26.67 -20.78 14.24
C LEU D 236 -27.66 -21.75 14.87
N ASP D 237 -28.41 -21.25 15.86
CA ASP D 237 -29.38 -22.07 16.59
C ASP D 237 -30.68 -22.04 15.80
N MET D 238 -30.75 -22.91 14.79
CA MET D 238 -31.92 -22.94 13.93
C MET D 238 -33.18 -23.34 14.68
N SER D 239 -33.04 -23.98 15.85
CA SER D 239 -34.21 -24.45 16.59
C SER D 239 -35.07 -23.30 17.11
N LEU D 240 -34.55 -22.08 17.15
CA LEU D 240 -35.32 -20.91 17.54
C LEU D 240 -35.10 -19.84 16.47
N ASP D 241 -36.14 -19.56 15.68
CA ASP D 241 -36.00 -18.75 14.47
C ASP D 241 -36.30 -17.28 14.75
N ASP D 242 -35.56 -16.72 15.69
CA ASP D 242 -35.58 -15.28 15.93
C ASP D 242 -34.22 -14.64 15.71
N GLY D 243 -33.18 -15.12 16.38
CA GLY D 243 -31.85 -14.56 16.26
C GLY D 243 -31.15 -14.87 14.96
N ASP D 244 -31.78 -15.69 14.11
CA ASP D 244 -31.18 -15.99 12.82
C ASP D 244 -31.11 -14.76 11.94
N SER D 245 -32.02 -13.79 12.11
CA SER D 245 -31.91 -12.57 11.34
C SER D 245 -30.67 -11.78 11.72
N LYS D 246 -30.34 -11.73 13.02
CA LYS D 246 -29.13 -11.03 13.44
C LYS D 246 -27.89 -11.80 12.99
N ILE D 247 -27.90 -13.12 13.13
CA ILE D 247 -26.76 -13.89 12.63
C ILE D 247 -26.68 -13.79 11.11
N GLN D 248 -27.78 -13.47 10.44
CA GLN D 248 -27.75 -13.28 9.00
C GLN D 248 -27.24 -11.90 8.64
N ASN D 249 -27.52 -10.90 9.47
CA ASN D 249 -26.77 -9.66 9.37
C ASN D 249 -25.28 -9.94 9.44
N GLN D 250 -24.88 -10.76 10.42
CA GLN D 250 -23.49 -11.18 10.52
C GLN D 250 -23.07 -12.03 9.34
N LEU D 251 -24.01 -12.68 8.67
CA LEU D 251 -23.73 -13.39 7.43
C LEU D 251 -23.42 -12.44 6.30
N LYS D 252 -24.14 -11.33 6.21
CA LYS D 252 -23.69 -10.22 5.38
C LYS D 252 -22.32 -9.74 5.83
N LYS D 253 -22.02 -9.88 7.13
CA LYS D 253 -20.68 -9.59 7.60
C LYS D 253 -19.67 -10.63 7.16
N LEU D 254 -20.05 -11.55 6.28
CA LEU D 254 -19.09 -12.44 5.61
C LEU D 254 -18.74 -11.83 4.25
N GLN D 255 -18.07 -10.68 4.29
CA GLN D 255 -17.71 -9.97 3.07
C GLN D 255 -16.63 -10.79 2.38
N SER D 256 -17.07 -11.78 1.63
CA SER D 256 -16.14 -12.82 1.22
C SER D 256 -16.74 -13.70 0.14
N PRO D 257 -16.01 -14.00 -0.92
CA PRO D 257 -16.63 -14.69 -2.06
C PRO D 257 -17.03 -16.13 -1.81
N ILE D 258 -16.11 -16.96 -1.33
CA ILE D 258 -16.31 -18.42 -1.33
C ILE D 258 -16.76 -18.82 0.07
N ILE D 259 -18.04 -19.05 0.22
CA ILE D 259 -18.61 -19.48 1.49
C ILE D 259 -18.85 -20.97 1.44
N LEU D 260 -18.80 -21.63 2.59
CA LEU D 260 -19.07 -23.05 2.73
C LEU D 260 -20.12 -23.28 3.80
N LEU D 261 -20.93 -24.31 3.63
CA LEU D 261 -21.95 -24.61 4.62
C LEU D 261 -22.23 -26.10 4.64
N TYR D 262 -22.87 -26.55 5.70
CA TYR D 262 -23.09 -27.97 5.94
C TYR D 262 -24.32 -28.09 6.84
N CYS D 263 -25.45 -28.45 6.25
CA CYS D 263 -26.68 -28.66 7.00
C CYS D 263 -27.58 -29.58 6.19
N THR D 264 -28.78 -29.83 6.70
CA THR D 264 -29.71 -30.72 6.03
C THR D 264 -30.37 -29.99 4.86
N LYS D 265 -31.30 -30.65 4.19
CA LYS D 265 -31.89 -30.08 2.99
C LYS D 265 -32.81 -28.91 3.31
N GLU D 266 -33.78 -29.13 4.21
CA GLU D 266 -34.70 -28.05 4.56
C GLU D 266 -33.96 -26.87 5.17
N GLU D 267 -32.95 -27.15 5.99
CA GLU D 267 -32.13 -26.06 6.51
C GLU D 267 -31.44 -25.32 5.39
N ALA D 268 -31.03 -26.03 4.34
CA ALA D 268 -30.41 -25.35 3.21
C ALA D 268 -31.41 -24.44 2.52
N THR D 269 -32.65 -24.90 2.34
CA THR D 269 -33.68 -24.04 1.78
C THR D 269 -33.85 -22.78 2.61
N TYR D 270 -34.00 -22.96 3.92
CA TYR D 270 -34.20 -21.82 4.82
C TYR D 270 -33.03 -20.84 4.75
N ILE D 271 -31.80 -21.35 4.82
CA ILE D 271 -30.64 -20.47 4.79
C ILE D 271 -30.51 -19.79 3.45
N PHE D 272 -30.87 -20.47 2.37
CA PHE D 272 -30.74 -19.85 1.06
C PHE D 272 -31.78 -18.76 0.85
N GLU D 273 -33.01 -18.97 1.31
CA GLU D 273 -33.98 -17.88 1.20
C GLU D 273 -33.59 -16.72 2.11
N VAL D 274 -32.98 -16.99 3.26
CA VAL D 274 -32.51 -15.90 4.10
C VAL D 274 -31.42 -15.11 3.40
N ALA D 275 -30.41 -15.80 2.86
CA ALA D 275 -29.37 -15.12 2.11
C ALA D 275 -29.92 -14.39 0.90
N ASN D 276 -31.08 -14.82 0.39
CA ASN D 276 -31.78 -14.01 -0.59
C ASN D 276 -32.35 -12.74 0.06
N SER D 277 -32.86 -12.87 1.28
CA SER D 277 -33.40 -11.70 1.98
C SER D 277 -32.31 -10.69 2.30
N VAL D 278 -31.07 -11.14 2.48
CA VAL D 278 -29.96 -10.24 2.69
C VAL D 278 -29.05 -10.16 1.47
N GLY D 279 -29.50 -10.73 0.35
CA GLY D 279 -28.84 -10.52 -0.92
C GLY D 279 -27.47 -11.15 -1.07
N LEU D 280 -27.14 -12.16 -0.26
CA LEU D 280 -25.89 -12.87 -0.46
C LEU D 280 -25.99 -13.95 -1.51
N THR D 281 -27.16 -14.13 -2.11
CA THR D 281 -27.30 -15.10 -3.19
C THR D 281 -26.74 -14.58 -4.51
N GLY D 282 -26.29 -13.33 -4.56
CA GLY D 282 -25.82 -12.72 -5.79
C GLY D 282 -24.58 -13.38 -6.33
N TYR D 283 -24.18 -12.92 -7.51
CA TYR D 283 -23.03 -13.48 -8.22
C TYR D 283 -21.70 -13.00 -7.64
N GLY D 284 -21.72 -12.17 -6.60
CA GLY D 284 -20.49 -11.84 -5.91
C GLY D 284 -20.17 -12.88 -4.86
N TYR D 285 -20.46 -14.13 -5.18
CA TYR D 285 -20.36 -15.23 -4.23
C TYR D 285 -20.15 -16.53 -4.99
N THR D 286 -20.09 -17.62 -4.22
CA THR D 286 -19.99 -18.98 -4.73
C THR D 286 -20.16 -19.89 -3.52
N TRP D 287 -20.89 -20.98 -3.69
CA TRP D 287 -21.21 -21.83 -2.56
C TRP D 287 -20.77 -23.26 -2.83
N ILE D 288 -20.57 -24.00 -1.76
CA ILE D 288 -20.13 -25.40 -1.83
C ILE D 288 -20.84 -26.17 -0.73
N VAL D 289 -21.22 -27.41 -1.01
CA VAL D 289 -21.97 -28.22 -0.07
C VAL D 289 -21.43 -29.65 -0.16
N PRO D 290 -21.57 -30.44 0.89
CA PRO D 290 -21.13 -31.83 0.85
C PRO D 290 -22.19 -32.69 0.17
N SER D 291 -21.91 -33.99 0.10
CA SER D 291 -22.81 -34.91 -0.61
C SER D 291 -24.00 -35.29 0.25
N LEU D 292 -24.61 -34.28 0.85
CA LEU D 292 -25.83 -34.47 1.60
C LEU D 292 -26.91 -33.48 1.23
N VAL D 293 -26.54 -32.27 0.82
CA VAL D 293 -27.52 -31.24 0.49
C VAL D 293 -28.09 -31.58 -0.87
N ALA D 294 -29.25 -32.24 -0.88
CA ALA D 294 -30.10 -32.39 -2.05
C ALA D 294 -29.46 -33.25 -3.13
N GLY D 295 -28.20 -33.66 -2.95
CA GLY D 295 -27.56 -34.50 -3.94
C GLY D 295 -28.29 -35.80 -4.20
N ASP D 296 -29.08 -36.24 -3.24
CA ASP D 296 -29.82 -37.49 -3.36
C ASP D 296 -31.11 -37.30 -4.13
N THR D 297 -31.04 -36.64 -5.29
CA THR D 297 -32.24 -36.34 -6.06
C THR D 297 -31.82 -35.76 -7.38
N ASP D 298 -32.75 -35.76 -8.33
CA ASP D 298 -32.66 -34.97 -9.54
C ASP D 298 -33.68 -33.84 -9.56
N THR D 299 -34.32 -33.57 -8.44
CA THR D 299 -35.37 -32.56 -8.35
C THR D 299 -34.92 -31.48 -7.38
N VAL D 300 -34.31 -30.42 -7.90
CA VAL D 300 -33.84 -29.31 -7.09
C VAL D 300 -35.04 -28.47 -6.67
N PRO D 301 -35.17 -28.13 -5.40
CA PRO D 301 -36.23 -27.23 -4.97
C PRO D 301 -35.96 -25.82 -5.49
N SER D 302 -36.84 -24.90 -5.09
CA SER D 302 -36.56 -23.50 -5.32
C SER D 302 -35.53 -23.01 -4.31
N GLU D 303 -35.25 -21.71 -4.37
CA GLU D 303 -34.33 -21.00 -3.47
C GLU D 303 -32.88 -21.41 -3.65
N PHE D 304 -32.60 -22.41 -4.49
CA PHE D 304 -31.23 -22.87 -4.64
C PHE D 304 -30.54 -22.00 -5.68
N PRO D 305 -29.60 -21.15 -5.30
CA PRO D 305 -28.93 -20.29 -6.27
C PRO D 305 -28.08 -21.09 -7.24
N THR D 306 -28.11 -20.68 -8.49
CA THR D 306 -27.39 -21.41 -9.51
C THR D 306 -25.89 -21.32 -9.25
N GLY D 307 -25.12 -22.01 -10.10
CA GLY D 307 -23.70 -22.12 -9.91
C GLY D 307 -23.26 -22.90 -8.70
N LEU D 308 -24.18 -23.25 -7.80
CA LEU D 308 -23.87 -24.03 -6.62
C LEU D 308 -23.07 -25.27 -6.98
N ILE D 309 -22.06 -25.57 -6.18
CA ILE D 309 -21.20 -26.73 -6.40
C ILE D 309 -21.40 -27.71 -5.26
N SER D 310 -21.37 -28.99 -5.58
CA SER D 310 -21.28 -30.03 -4.58
C SER D 310 -20.27 -31.06 -5.02
N VAL D 311 -20.18 -32.14 -4.24
CA VAL D 311 -19.33 -33.27 -4.55
C VAL D 311 -20.03 -34.52 -4.05
N SER D 312 -20.49 -35.36 -4.96
CA SER D 312 -21.25 -36.54 -4.60
C SER D 312 -20.58 -37.80 -5.12
N TYR D 313 -21.21 -38.92 -4.80
CA TYR D 313 -20.77 -40.21 -5.29
C TYR D 313 -21.18 -40.36 -6.75
N ASP D 314 -20.48 -41.23 -7.47
CA ASP D 314 -20.67 -41.34 -8.92
C ASP D 314 -21.76 -42.36 -9.22
N GLU D 315 -22.97 -42.02 -8.81
CA GLU D 315 -24.14 -42.85 -9.05
C GLU D 315 -24.73 -42.64 -10.44
N TRP D 316 -23.96 -42.13 -11.39
CA TRP D 316 -24.47 -41.80 -12.69
C TRP D 316 -23.89 -42.67 -13.79
N ASP D 317 -22.73 -43.28 -13.55
CA ASP D 317 -22.12 -44.19 -14.50
C ASP D 317 -21.66 -45.49 -13.88
N TYR D 318 -21.48 -45.56 -12.57
CA TYR D 318 -20.93 -46.76 -11.95
C TYR D 318 -21.95 -47.88 -12.00
N GLY D 319 -21.59 -48.96 -12.69
CA GLY D 319 -22.53 -50.02 -12.97
C GLY D 319 -22.92 -50.86 -11.76
N LEU D 320 -24.22 -50.98 -11.54
CA LEU D 320 -24.72 -51.89 -10.51
C LEU D 320 -24.15 -53.30 -10.65
N PRO D 321 -24.18 -53.94 -11.82
CA PRO D 321 -23.51 -55.24 -11.93
C PRO D 321 -22.04 -55.18 -11.64
N ALA D 322 -21.35 -54.11 -12.06
CA ALA D 322 -19.96 -53.94 -11.69
C ALA D 322 -19.81 -53.90 -10.18
N ARG D 323 -20.71 -53.19 -9.50
CA ARG D 323 -20.70 -53.18 -8.04
C ARG D 323 -20.82 -54.58 -7.47
N VAL D 324 -21.80 -55.35 -7.98
CA VAL D 324 -22.02 -56.69 -7.48
C VAL D 324 -20.77 -57.54 -7.64
N ARG D 325 -20.19 -57.51 -8.84
CA ARG D 325 -18.96 -58.25 -9.08
C ARG D 325 -17.87 -57.82 -8.13
N ASP D 326 -17.73 -56.52 -7.90
CA ASP D 326 -16.71 -56.03 -6.98
C ASP D 326 -16.89 -56.62 -5.60
N GLY D 327 -18.12 -56.60 -5.08
CA GLY D 327 -18.34 -57.13 -3.74
C GLY D 327 -18.09 -58.62 -3.67
N ILE D 328 -18.54 -59.36 -4.68
CA ILE D 328 -18.29 -60.79 -4.72
C ILE D 328 -16.80 -61.05 -4.66
N ALA D 329 -16.03 -60.37 -5.52
CA ALA D 329 -14.59 -60.48 -5.49
C ALA D 329 -14.03 -60.14 -4.13
N ILE D 330 -14.58 -59.11 -3.48
CA ILE D 330 -14.09 -58.74 -2.16
C ILE D 330 -14.18 -59.92 -1.21
N ILE D 331 -15.38 -60.49 -1.08
CA ILE D 331 -15.55 -61.55 -0.10
C ILE D 331 -14.72 -62.77 -0.47
N THR D 332 -14.64 -63.08 -1.75
CA THR D 332 -13.88 -64.26 -2.15
C THR D 332 -12.38 -64.08 -1.89
N THR D 333 -11.83 -62.94 -2.29
CA THR D 333 -10.43 -62.67 -2.03
C THR D 333 -10.14 -62.71 -0.54
N ALA D 334 -11.06 -62.17 0.27
CA ALA D 334 -10.87 -62.22 1.72
C ALA D 334 -10.83 -63.66 2.21
N ALA D 335 -11.80 -64.47 1.80
CA ALA D 335 -11.83 -65.86 2.24
C ALA D 335 -10.56 -66.58 1.86
N SER D 336 -10.08 -66.35 0.64
CA SER D 336 -8.83 -66.98 0.21
C SER D 336 -7.67 -66.54 1.09
N ASP D 337 -7.42 -65.22 1.15
CA ASP D 337 -6.31 -64.72 1.95
C ASP D 337 -6.39 -65.14 3.40
N MET D 338 -7.57 -65.50 3.89
CA MET D 338 -7.66 -65.99 5.25
C MET D 338 -7.33 -67.48 5.32
N LEU D 339 -7.98 -68.29 4.48
CA LEU D 339 -7.83 -69.74 4.59
C LEU D 339 -6.50 -70.20 4.01
N SER D 340 -6.26 -69.96 2.72
CA SER D 340 -5.05 -70.45 2.07
C SER D 340 -3.80 -70.12 2.86
N GLU D 341 -3.79 -68.97 3.54
CA GLU D 341 -2.63 -68.60 4.33
C GLU D 341 -2.63 -69.29 5.70
N HIS D 342 -3.79 -69.67 6.19
CA HIS D 342 -3.89 -70.26 7.53
C HIS D 342 -4.61 -71.59 7.57
N SER D 343 -5.32 -71.97 6.51
CA SER D 343 -6.08 -73.22 6.45
C SER D 343 -7.05 -73.31 7.62
N PHE D 344 -7.53 -72.15 8.06
CA PHE D 344 -8.44 -72.05 9.18
C PHE D 344 -9.84 -72.46 8.73
N ILE D 345 -10.81 -72.22 9.60
CA ILE D 345 -12.20 -72.58 9.36
C ILE D 345 -13.06 -71.34 9.59
N PRO D 346 -13.63 -70.74 8.55
CA PRO D 346 -14.65 -69.70 8.76
C PRO D 346 -16.01 -70.37 8.97
N GLU D 347 -16.12 -71.06 10.11
CA GLU D 347 -17.20 -71.99 10.37
C GLU D 347 -18.56 -71.33 10.19
N PRO D 348 -19.47 -71.94 9.44
CA PRO D 348 -20.81 -71.35 9.28
C PRO D 348 -21.59 -71.41 10.58
N LYS D 349 -22.67 -70.64 10.62
CA LYS D 349 -23.51 -70.60 11.81
C LYS D 349 -24.58 -71.67 11.75
N SER D 350 -24.87 -72.26 12.90
CA SER D 350 -25.91 -73.29 12.96
C SER D 350 -27.24 -72.75 12.47
N SER D 351 -27.70 -71.65 13.06
CA SER D 351 -28.92 -71.00 12.64
C SER D 351 -28.72 -69.49 12.74
N CYS D 352 -29.74 -68.74 12.38
CA CYS D 352 -29.69 -67.32 12.69
C CYS D 352 -29.71 -67.15 14.20
N TYR D 353 -29.34 -65.93 14.64
CA TYR D 353 -28.87 -65.73 16.00
C TYR D 353 -30.04 -65.94 16.95
N ASN D 354 -30.32 -67.22 17.21
CA ASN D 354 -31.34 -67.63 18.15
C ASN D 354 -30.73 -68.02 19.49
N THR D 355 -29.88 -69.02 19.50
CA THR D 355 -29.14 -69.32 20.73
C THR D 355 -27.65 -69.52 20.51
N HIS D 356 -27.24 -70.07 19.37
CA HIS D 356 -25.90 -70.64 19.21
C HIS D 356 -24.84 -69.62 18.83
N GLU D 357 -25.05 -68.33 19.09
CA GLU D 357 -24.02 -67.35 18.80
C GLU D 357 -22.76 -67.59 19.62
N LYS D 358 -22.87 -68.30 20.74
CA LYS D 358 -21.70 -68.52 21.60
C LYS D 358 -20.66 -69.39 20.92
N ARG D 359 -21.08 -70.47 20.25
CA ARG D 359 -20.12 -71.36 19.60
C ARG D 359 -19.31 -70.65 18.52
N ILE D 360 -19.91 -69.68 17.84
CA ILE D 360 -19.20 -68.90 16.84
C ILE D 360 -18.43 -67.73 17.46
N TYR D 361 -18.83 -67.28 18.66
CA TYR D 361 -18.11 -66.20 19.31
C TYR D 361 -16.66 -66.58 19.59
N GLN D 362 -16.40 -67.87 19.83
CA GLN D 362 -15.03 -68.30 20.13
C GLN D 362 -14.11 -68.13 18.92
N SER D 363 -14.66 -68.25 17.71
CA SER D 363 -13.85 -68.12 16.51
C SER D 363 -13.29 -66.71 16.37
N ASN D 364 -12.02 -66.63 16.00
CA ASN D 364 -11.39 -65.35 15.72
C ASN D 364 -11.89 -64.81 14.39
N MET D 365 -11.97 -63.49 14.30
CA MET D 365 -12.64 -62.84 13.18
C MET D 365 -11.66 -62.55 12.06
N LEU D 366 -12.11 -62.82 10.83
CA LEU D 366 -11.34 -62.58 9.64
C LEU D 366 -11.38 -61.14 9.18
N ASN D 367 -11.96 -60.26 10.00
CA ASN D 367 -12.08 -58.85 9.62
C ASN D 367 -10.73 -58.25 9.26
N ARG D 368 -9.68 -58.63 9.98
CA ARG D 368 -8.35 -58.12 9.66
C ARG D 368 -7.99 -58.41 8.20
N TYR D 369 -8.37 -59.58 7.70
CA TYR D 369 -8.11 -59.91 6.32
C TYR D 369 -9.14 -59.29 5.37
N LEU D 370 -10.29 -58.90 5.88
CA LEU D 370 -11.28 -58.23 5.06
C LEU D 370 -11.01 -56.75 4.91
N ILE D 371 -10.21 -56.16 5.80
CA ILE D 371 -9.94 -54.73 5.74
C ILE D 371 -9.21 -54.38 4.45
N ASN D 372 -8.15 -55.11 4.15
CA ASN D 372 -7.17 -54.72 3.13
C ASN D 372 -7.18 -55.78 2.04
N VAL D 373 -7.83 -55.45 0.93
CA VAL D 373 -7.97 -56.36 -0.20
C VAL D 373 -7.95 -55.55 -1.48
N THR D 374 -7.07 -55.91 -2.41
CA THR D 374 -7.07 -55.35 -3.74
C THR D 374 -7.47 -56.42 -4.75
N PHE D 375 -7.80 -55.96 -5.96
CA PHE D 375 -8.19 -56.81 -7.07
C PHE D 375 -8.39 -55.92 -8.28
N GLU D 376 -8.24 -56.50 -9.46
CA GLU D 376 -8.64 -55.85 -10.71
C GLU D 376 -7.79 -54.61 -10.99
N GLY D 377 -6.70 -54.43 -10.23
CA GLY D 377 -5.95 -53.20 -10.35
C GLY D 377 -6.54 -52.05 -9.59
N ARG D 378 -7.29 -52.31 -8.53
CA ARG D 378 -7.88 -51.26 -7.71
C ARG D 378 -7.68 -51.58 -6.24
N ASN D 379 -7.28 -50.57 -5.47
CA ASN D 379 -7.10 -50.71 -4.03
C ASN D 379 -8.45 -50.49 -3.38
N LEU D 380 -9.06 -51.56 -2.89
CA LEU D 380 -10.41 -51.50 -2.34
C LEU D 380 -10.44 -51.68 -0.84
N SER D 381 -9.39 -51.30 -0.14
CA SER D 381 -9.39 -51.46 1.30
C SER D 381 -10.36 -50.49 1.96
N PHE D 382 -10.80 -50.85 3.15
CA PHE D 382 -11.64 -49.98 3.95
C PHE D 382 -10.82 -49.40 5.09
N SER D 383 -11.50 -48.63 5.92
CA SER D 383 -10.97 -48.21 7.21
C SER D 383 -11.64 -49.04 8.30
N GLU D 384 -11.18 -48.86 9.53
CA GLU D 384 -11.73 -49.63 10.63
C GLU D 384 -13.21 -49.34 10.84
N ASP D 385 -13.65 -48.15 10.47
CA ASP D 385 -15.04 -47.75 10.65
C ASP D 385 -15.89 -47.95 9.41
N GLY D 386 -15.41 -48.72 8.45
CA GLY D 386 -16.25 -49.10 7.34
C GLY D 386 -16.53 -48.01 6.34
N TYR D 387 -15.50 -47.55 5.64
CA TYR D 387 -15.69 -46.75 4.46
C TYR D 387 -14.43 -46.86 3.61
N GLN D 388 -14.55 -46.49 2.35
CA GLN D 388 -13.52 -46.80 1.38
C GLN D 388 -12.41 -45.77 1.39
N MET D 389 -11.20 -46.20 1.69
CA MET D 389 -10.05 -45.45 1.24
C MET D 389 -10.01 -45.51 -0.27
N HIS D 390 -9.63 -44.41 -0.89
CA HIS D 390 -9.63 -44.28 -2.34
C HIS D 390 -10.99 -44.62 -2.93
N PRO D 391 -12.00 -43.80 -2.71
CA PRO D 391 -13.28 -44.04 -3.40
C PRO D 391 -13.31 -43.36 -4.75
N LYS D 392 -14.45 -43.42 -5.43
CA LYS D 392 -14.62 -42.77 -6.72
C LYS D 392 -15.63 -41.64 -6.54
N LEU D 393 -15.15 -40.40 -6.65
CA LEU D 393 -15.97 -39.23 -6.43
C LEU D 393 -16.09 -38.43 -7.71
N VAL D 394 -17.16 -37.64 -7.81
CA VAL D 394 -17.32 -36.71 -8.91
C VAL D 394 -17.83 -35.39 -8.36
N ILE D 395 -17.65 -34.34 -9.15
CA ILE D 395 -18.07 -33.00 -8.78
C ILE D 395 -19.22 -32.60 -9.70
N ILE D 396 -20.23 -31.98 -9.13
CA ILE D 396 -21.40 -31.57 -9.88
C ILE D 396 -21.74 -30.14 -9.52
N LEU D 397 -22.44 -29.47 -10.42
CA LEU D 397 -22.83 -28.09 -10.20
C LEU D 397 -24.21 -27.84 -10.79
N LEU D 398 -24.88 -26.83 -10.25
CA LEU D 398 -26.23 -26.47 -10.66
C LEU D 398 -26.15 -25.35 -11.67
N ASN D 399 -26.40 -25.66 -12.93
CA ASN D 399 -26.32 -24.65 -13.98
C ASN D 399 -27.62 -23.84 -14.02
N LYS D 400 -27.79 -23.04 -15.08
CA LYS D 400 -29.01 -22.26 -15.22
C LYS D 400 -30.23 -23.14 -15.43
N GLU D 401 -30.06 -24.29 -16.08
CA GLU D 401 -31.19 -25.17 -16.38
C GLU D 401 -31.69 -25.91 -15.16
N ARG D 402 -31.13 -25.65 -13.98
CA ARG D 402 -31.51 -26.35 -12.75
C ARG D 402 -31.48 -27.85 -12.95
N LYS D 403 -30.39 -28.32 -13.55
CA LYS D 403 -30.09 -29.74 -13.69
C LYS D 403 -28.65 -29.97 -13.28
N TRP D 404 -28.40 -31.08 -12.59
CA TRP D 404 -27.08 -31.35 -12.03
C TRP D 404 -26.13 -31.81 -13.14
N GLU D 405 -25.33 -30.89 -13.65
CA GLU D 405 -24.33 -31.23 -14.66
C GLU D 405 -23.13 -31.88 -14.01
N ARG D 406 -22.64 -32.94 -14.62
CA ARG D 406 -21.46 -33.62 -14.14
C ARG D 406 -20.22 -32.98 -14.74
N VAL D 407 -19.23 -32.68 -13.90
CA VAL D 407 -18.09 -31.86 -14.30
C VAL D 407 -16.77 -32.63 -14.20
N GLY D 408 -16.38 -33.05 -12.99
CA GLY D 408 -15.03 -33.52 -12.79
C GLY D 408 -14.99 -34.84 -12.04
N LYS D 409 -13.91 -35.58 -12.28
CA LYS D 409 -13.62 -36.84 -11.60
C LYS D 409 -12.54 -36.62 -10.55
N TRP D 410 -12.25 -37.65 -9.77
CA TRP D 410 -11.35 -37.53 -8.64
C TRP D 410 -10.85 -38.90 -8.22
N LYS D 411 -9.53 -39.05 -8.12
CA LYS D 411 -8.93 -40.31 -7.68
C LYS D 411 -7.51 -40.03 -7.24
N ASP D 412 -7.15 -40.49 -6.05
CA ASP D 412 -5.79 -40.33 -5.52
C ASP D 412 -5.45 -38.86 -5.33
N LYS D 413 -6.41 -38.11 -4.81
CA LYS D 413 -6.28 -36.67 -4.57
C LYS D 413 -5.94 -35.91 -5.85
N SER D 414 -6.37 -36.41 -7.00
CA SER D 414 -6.17 -35.71 -8.26
C SER D 414 -7.45 -35.00 -8.67
N LEU D 415 -7.34 -34.13 -9.65
CA LEU D 415 -8.49 -33.38 -10.18
C LEU D 415 -8.34 -33.27 -11.69
N GLN D 416 -9.39 -33.67 -12.40
CA GLN D 416 -9.51 -33.46 -13.82
C GLN D 416 -10.92 -32.95 -14.08
N MET D 417 -11.05 -31.90 -14.90
CA MET D 417 -12.31 -31.19 -14.97
C MET D 417 -12.49 -30.54 -16.33
N LYS D 418 -13.53 -29.69 -16.38
CA LYS D 418 -13.69 -28.73 -17.46
C LYS D 418 -12.42 -27.90 -17.59
N TYR D 419 -12.27 -27.22 -18.72
CA TYR D 419 -11.04 -26.54 -19.07
C TYR D 419 -10.59 -25.61 -17.94
N TYR D 420 -9.30 -25.26 -17.93
CA TYR D 420 -8.67 -24.66 -16.77
C TYR D 420 -9.36 -23.38 -16.31
N VAL D 421 -10.20 -22.79 -17.14
CA VAL D 421 -10.92 -21.58 -16.77
C VAL D 421 -12.26 -21.99 -16.17
N TRP D 422 -12.73 -21.21 -15.20
CA TRP D 422 -13.99 -21.54 -14.57
C TRP D 422 -15.14 -20.95 -15.37
N PRO D 423 -16.25 -21.70 -15.53
CA PRO D 423 -17.39 -21.20 -16.30
C PRO D 423 -17.86 -19.81 -15.90
N ARG D 424 -18.05 -19.57 -14.61
CA ARG D 424 -18.42 -18.24 -14.10
C ARG D 424 -19.71 -17.75 -14.77
N MET D 425 -20.79 -18.44 -14.42
CA MET D 425 -22.08 -18.19 -15.03
C MET D 425 -22.51 -16.74 -14.84
N CYS D 426 -23.58 -16.36 -15.59
CA CYS D 426 -24.16 -15.04 -15.74
C CYS D 426 -25.25 -14.80 -14.70
N PRO D 427 -25.57 -13.53 -14.41
CA PRO D 427 -26.66 -13.21 -13.47
C PRO D 427 -28.03 -13.39 -14.09
N ASP D 434 -20.59 -7.01 -15.59
CA ASP D 434 -19.66 -6.88 -16.71
C ASP D 434 -18.26 -6.56 -16.23
N ASP D 435 -17.45 -7.59 -16.01
CA ASP D 435 -16.11 -7.44 -15.47
C ASP D 435 -15.30 -8.66 -15.89
N HIS D 436 -14.16 -8.85 -15.25
CA HIS D 436 -13.31 -10.03 -15.48
C HIS D 436 -12.84 -10.07 -16.94
N LEU D 437 -12.06 -9.06 -17.29
CA LEU D 437 -11.45 -9.02 -18.59
C LEU D 437 -10.48 -10.19 -18.75
N SER D 438 -10.16 -10.50 -20.00
CA SER D 438 -9.22 -11.56 -20.31
C SER D 438 -8.00 -10.94 -20.97
N ILE D 439 -6.83 -11.17 -20.39
CA ILE D 439 -5.62 -10.46 -20.76
C ILE D 439 -4.60 -11.45 -21.32
N VAL D 440 -3.87 -11.02 -22.33
CA VAL D 440 -2.90 -11.86 -23.03
C VAL D 440 -1.53 -11.20 -22.91
N THR D 441 -0.48 -12.02 -22.87
CA THR D 441 0.88 -11.50 -22.78
C THR D 441 1.82 -12.48 -23.47
N LEU D 442 3.11 -12.33 -23.19
CA LEU D 442 4.13 -13.22 -23.73
C LEU D 442 5.40 -13.03 -22.94
N GLU D 443 6.27 -14.04 -22.97
CA GLU D 443 7.49 -14.00 -22.19
C GLU D 443 8.53 -13.15 -22.90
N GLU D 444 9.31 -12.42 -22.10
CA GLU D 444 10.28 -11.48 -22.65
C GLU D 444 11.38 -11.28 -21.61
N ALA D 445 12.17 -10.24 -21.80
CA ALA D 445 13.18 -9.71 -20.90
C ALA D 445 12.46 -9.14 -19.68
N PRO D 446 13.14 -8.56 -18.67
CA PRO D 446 12.53 -8.46 -17.32
C PRO D 446 11.10 -7.93 -17.26
N PHE D 447 10.54 -7.49 -18.38
CA PHE D 447 9.18 -6.98 -18.36
C PHE D 447 8.18 -8.08 -18.01
N VAL D 448 8.46 -9.31 -18.45
CA VAL D 448 7.59 -10.46 -18.17
C VAL D 448 8.46 -11.70 -18.10
N ILE D 449 8.32 -12.48 -17.03
CA ILE D 449 9.07 -13.71 -16.85
C ILE D 449 8.09 -14.84 -16.51
N VAL D 450 8.38 -16.05 -16.98
CA VAL D 450 7.59 -17.22 -16.64
C VAL D 450 8.45 -18.15 -15.80
N GLU D 451 7.79 -19.07 -15.10
CA GLU D 451 8.48 -20.02 -14.23
C GLU D 451 7.63 -21.26 -14.04
N SER D 452 8.30 -22.36 -13.71
CA SER D 452 7.63 -23.52 -13.14
C SER D 452 7.09 -23.14 -11.77
N VAL D 453 5.98 -23.77 -11.37
CA VAL D 453 5.19 -23.18 -10.29
C VAL D 453 5.87 -23.29 -8.94
N ASP D 454 5.85 -24.46 -8.34
CA ASP D 454 6.46 -24.60 -7.02
C ASP D 454 6.62 -26.05 -6.63
N PRO D 455 7.81 -26.64 -6.81
CA PRO D 455 8.02 -28.02 -6.35
C PRO D 455 7.74 -28.22 -4.85
N LEU D 456 7.44 -27.15 -4.11
CA LEU D 456 7.20 -27.27 -2.68
C LEU D 456 5.74 -27.11 -2.28
N SER D 457 4.94 -26.38 -3.06
CA SER D 457 3.63 -25.97 -2.58
C SER D 457 2.46 -26.25 -3.52
N GLY D 458 2.70 -26.67 -4.76
CA GLY D 458 1.64 -26.92 -5.71
C GLY D 458 1.12 -25.68 -6.42
N THR D 459 1.04 -24.55 -5.72
CA THR D 459 0.83 -23.25 -6.31
C THR D 459 1.95 -22.32 -5.82
N CYS D 460 2.30 -21.35 -6.64
CA CYS D 460 3.62 -20.76 -6.52
C CYS D 460 3.60 -19.57 -5.56
N MET D 461 4.79 -19.02 -5.35
CA MET D 461 5.15 -18.16 -4.23
C MET D 461 4.33 -16.87 -4.24
N ARG D 462 4.51 -16.09 -3.18
CA ARG D 462 3.81 -14.82 -3.08
C ARG D 462 4.35 -13.83 -4.10
N ASN D 463 3.53 -12.83 -4.40
CA ASN D 463 3.87 -11.79 -5.36
C ASN D 463 4.16 -12.39 -6.74
N THR D 464 3.18 -13.10 -7.28
CA THR D 464 3.25 -13.73 -8.57
C THR D 464 1.83 -14.01 -9.01
N VAL D 465 1.60 -14.08 -10.32
CA VAL D 465 0.27 -14.24 -10.88
C VAL D 465 0.24 -15.55 -11.66
N PRO D 466 -0.80 -16.37 -11.53
CA PRO D 466 -0.86 -17.62 -12.29
C PRO D 466 -1.21 -17.36 -13.74
N CYS D 467 -0.32 -17.75 -14.62
CA CYS D 467 -0.48 -17.54 -16.05
C CYS D 467 -0.55 -18.87 -16.78
N GLN D 468 -1.64 -19.10 -17.48
CA GLN D 468 -1.90 -20.37 -18.13
C GLN D 468 -1.32 -20.40 -19.54
N LYS D 469 -0.90 -21.58 -19.95
CA LYS D 469 -0.38 -21.83 -21.28
C LYS D 469 -1.19 -22.94 -21.92
N ARG D 470 -1.41 -22.83 -23.23
CA ARG D 470 -2.20 -23.82 -23.96
C ARG D 470 -1.33 -24.41 -25.06
N ILE D 471 -0.61 -25.48 -24.74
CA ILE D 471 0.21 -26.13 -25.76
C ILE D 471 -0.70 -26.85 -26.74
N ILE D 472 -0.43 -26.68 -28.03
CA ILE D 472 -1.20 -27.32 -29.08
C ILE D 472 -0.25 -27.98 -30.07
N SER D 473 0.97 -28.28 -29.62
CA SER D 473 2.02 -28.78 -30.49
C SER D 473 2.27 -30.27 -30.35
N GLU D 474 1.32 -30.99 -29.75
CA GLU D 474 1.45 -32.43 -29.59
C GLU D 474 1.09 -33.11 -30.91
N ASN D 475 0.93 -34.43 -30.88
CA ASN D 475 0.49 -35.16 -32.06
C ASN D 475 -0.91 -34.71 -32.44
N LYS D 476 -1.18 -34.71 -33.75
CA LYS D 476 -2.46 -34.26 -34.29
C LYS D 476 -3.53 -35.33 -34.24
N THR D 477 -3.39 -36.33 -33.36
CA THR D 477 -4.31 -37.46 -33.35
C THR D 477 -5.75 -37.04 -33.06
N ASP D 478 -6.03 -36.60 -31.84
CA ASP D 478 -7.37 -36.04 -31.60
C ASP D 478 -7.32 -34.54 -31.31
N GLU D 479 -6.73 -34.17 -30.18
CA GLU D 479 -6.54 -32.79 -29.76
C GLU D 479 -5.91 -32.79 -28.38
N GLU D 480 -5.26 -31.68 -28.04
CA GLU D 480 -4.91 -31.38 -26.65
C GLU D 480 -4.68 -29.88 -26.50
N PRO D 481 -5.55 -29.15 -25.81
CA PRO D 481 -5.25 -27.74 -25.57
C PRO D 481 -4.39 -27.52 -24.34
N GLY D 482 -3.44 -28.44 -24.13
CA GLY D 482 -2.26 -28.23 -23.31
C GLY D 482 -2.35 -27.30 -22.12
N TYR D 483 -3.44 -27.34 -21.37
CA TYR D 483 -3.68 -26.32 -20.35
C TYR D 483 -2.78 -26.59 -19.17
N ILE D 484 -1.67 -25.85 -19.10
CA ILE D 484 -0.73 -25.92 -17.99
C ILE D 484 -0.81 -24.61 -17.23
N LYS D 485 -0.86 -24.69 -15.91
CA LYS D 485 -0.87 -23.50 -15.07
C LYS D 485 0.56 -23.22 -14.62
N LYS D 486 1.19 -22.25 -15.25
CA LYS D 486 2.44 -21.67 -14.79
C LYS D 486 2.14 -20.34 -14.12
N CYS D 487 3.16 -19.73 -13.53
CA CYS D 487 2.93 -18.44 -12.93
C CYS D 487 4.01 -17.45 -13.34
N CYS D 488 3.58 -16.23 -13.65
CA CYS D 488 4.39 -15.21 -14.29
C CYS D 488 4.61 -14.04 -13.36
N LYS D 489 5.76 -13.36 -13.52
CA LYS D 489 6.11 -12.21 -12.70
C LYS D 489 7.02 -11.29 -13.50
N GLY D 490 6.97 -10.01 -13.19
CA GLY D 490 7.83 -9.05 -13.82
C GLY D 490 7.23 -7.66 -13.82
N PHE D 491 7.88 -6.78 -14.56
CA PHE D 491 7.57 -5.35 -14.53
C PHE D 491 6.12 -5.09 -14.89
N CYS D 492 5.74 -5.40 -16.13
CA CYS D 492 4.37 -5.17 -16.55
C CYS D 492 3.37 -5.88 -15.67
N ILE D 493 3.76 -7.02 -15.11
CA ILE D 493 2.89 -7.74 -14.19
C ILE D 493 2.60 -6.90 -12.97
N ASP D 494 3.63 -6.27 -12.40
CA ASP D 494 3.40 -5.37 -11.28
C ASP D 494 2.52 -4.19 -11.69
N ILE D 495 2.77 -3.65 -12.88
CA ILE D 495 1.96 -2.53 -13.33
C ILE D 495 0.49 -2.90 -13.34
N LEU D 496 0.16 -4.04 -13.93
CA LEU D 496 -1.25 -4.39 -14.00
C LEU D 496 -1.79 -4.82 -12.66
N LYS D 497 -0.94 -5.39 -11.79
CA LYS D 497 -1.42 -5.71 -10.44
C LYS D 497 -1.81 -4.46 -9.68
N LYS D 498 -1.15 -3.34 -9.94
CA LYS D 498 -1.58 -2.11 -9.29
C LYS D 498 -2.80 -1.49 -9.97
N ILE D 499 -2.84 -1.53 -11.30
CA ILE D 499 -3.98 -0.98 -12.02
C ILE D 499 -5.27 -1.69 -11.61
N SER D 500 -5.23 -3.03 -11.55
CA SER D 500 -6.44 -3.78 -11.25
C SER D 500 -6.99 -3.41 -9.88
N LYS D 501 -6.13 -3.16 -8.90
CA LYS D 501 -6.62 -2.71 -7.62
C LYS D 501 -7.09 -1.26 -7.67
N SER D 502 -6.55 -0.47 -8.59
CA SER D 502 -6.96 0.91 -8.65
C SER D 502 -8.32 1.09 -9.32
N VAL D 503 -8.69 0.24 -10.27
CA VAL D 503 -9.95 0.42 -10.96
C VAL D 503 -10.81 -0.84 -10.96
N LYS D 504 -10.45 -1.84 -10.16
CA LYS D 504 -11.31 -2.97 -9.87
C LYS D 504 -11.66 -3.79 -11.11
N PHE D 505 -10.65 -4.39 -11.70
CA PHE D 505 -10.89 -5.50 -12.60
C PHE D 505 -11.00 -6.79 -11.81
N THR D 506 -11.14 -7.87 -12.55
CA THR D 506 -10.52 -9.14 -12.23
C THR D 506 -9.93 -9.63 -13.54
N TYR D 507 -9.04 -10.62 -13.47
CA TYR D 507 -8.36 -10.97 -14.70
C TYR D 507 -7.76 -12.35 -14.58
N ASP D 508 -7.87 -13.12 -15.63
CA ASP D 508 -7.03 -14.29 -15.80
C ASP D 508 -5.73 -13.83 -16.45
N LEU D 509 -4.94 -14.77 -16.93
CA LEU D 509 -3.77 -14.41 -17.71
C LEU D 509 -3.53 -15.52 -18.70
N TYR D 510 -3.12 -15.18 -19.91
CA TYR D 510 -3.28 -16.06 -21.04
C TYR D 510 -2.13 -15.87 -22.02
N LEU D 511 -1.18 -16.78 -22.00
CA LEU D 511 -0.01 -16.69 -22.87
C LEU D 511 -0.44 -16.93 -24.31
N VAL D 512 0.47 -16.67 -25.25
CA VAL D 512 0.15 -16.72 -26.67
C VAL D 512 1.19 -17.55 -27.40
N THR D 513 0.80 -18.09 -28.55
CA THR D 513 1.62 -19.02 -29.30
C THR D 513 1.93 -18.54 -30.71
N ASN D 514 0.94 -18.10 -31.46
CA ASN D 514 1.08 -17.88 -32.90
C ASN D 514 1.72 -16.51 -33.16
N GLY D 515 3.03 -16.48 -33.23
CA GLY D 515 3.73 -15.25 -33.51
C GLY D 515 4.20 -14.54 -32.26
N LYS D 516 5.38 -13.93 -32.35
CA LYS D 516 5.99 -13.33 -31.16
C LYS D 516 5.22 -12.09 -30.72
N HIS D 517 5.22 -11.05 -31.54
CA HIS D 517 4.49 -9.83 -31.22
C HIS D 517 3.30 -9.65 -32.15
N GLY D 518 3.55 -9.59 -33.46
CA GLY D 518 2.48 -9.45 -34.42
C GLY D 518 2.89 -8.64 -35.63
N LYS D 519 2.47 -9.10 -36.81
CA LYS D 519 2.69 -8.37 -38.03
C LYS D 519 1.51 -8.61 -38.96
N LYS D 520 1.36 -7.73 -39.94
CA LYS D 520 0.26 -7.87 -40.88
C LYS D 520 0.60 -8.99 -41.86
N ILE D 521 -0.40 -9.82 -42.16
CA ILE D 521 -0.23 -10.98 -43.02
C ILE D 521 -1.49 -11.05 -43.88
N ASN D 522 -1.36 -10.69 -45.15
CA ASN D 522 -2.51 -10.62 -46.06
C ASN D 522 -3.65 -9.82 -45.46
N GLY D 523 -3.31 -8.73 -44.78
CA GLY D 523 -4.31 -7.98 -44.05
C GLY D 523 -4.82 -8.68 -42.81
N THR D 524 -4.13 -9.70 -42.33
CA THR D 524 -4.47 -10.35 -41.08
C THR D 524 -3.31 -10.22 -40.10
N TRP D 525 -3.64 -10.33 -38.81
CA TRP D 525 -2.68 -10.13 -37.75
C TRP D 525 -2.51 -11.41 -36.96
N ASN D 526 -1.26 -11.76 -36.69
CA ASN D 526 -0.92 -12.82 -35.77
C ASN D 526 -0.50 -12.21 -34.44
N GLY D 527 0.02 -13.04 -33.55
CA GLY D 527 0.57 -12.50 -32.32
C GLY D 527 -0.47 -11.84 -31.44
N MET D 528 0.03 -11.04 -30.50
CA MET D 528 -0.85 -10.41 -29.52
C MET D 528 -1.88 -9.51 -30.18
N ILE D 529 -1.47 -8.72 -31.17
CA ILE D 529 -2.43 -7.87 -31.85
C ILE D 529 -3.50 -8.72 -32.51
N GLY D 530 -3.11 -9.82 -33.14
CA GLY D 530 -4.09 -10.75 -33.67
C GLY D 530 -5.06 -11.23 -32.61
N GLU D 531 -4.54 -11.59 -31.44
CA GLU D 531 -5.42 -12.05 -30.37
C GLU D 531 -6.35 -10.95 -29.90
N VAL D 532 -5.95 -9.69 -30.05
CA VAL D 532 -6.80 -8.60 -29.60
C VAL D 532 -7.92 -8.35 -30.60
N VAL D 533 -7.58 -8.26 -31.89
CA VAL D 533 -8.60 -7.94 -32.89
C VAL D 533 -9.63 -9.05 -33.04
N MET D 534 -9.31 -10.27 -32.64
CA MET D 534 -10.25 -11.38 -32.71
C MET D 534 -11.09 -11.52 -31.44
N LYS D 535 -11.22 -10.44 -30.67
CA LYS D 535 -12.14 -10.35 -29.54
C LYS D 535 -11.84 -11.36 -28.44
N ARG D 536 -10.70 -12.02 -28.48
CA ARG D 536 -10.34 -12.97 -27.44
C ARG D 536 -9.68 -12.34 -26.23
N ALA D 537 -9.52 -11.02 -26.22
CA ALA D 537 -8.89 -10.33 -25.11
C ALA D 537 -9.11 -8.85 -25.26
N TYR D 538 -9.55 -8.19 -24.17
CA TYR D 538 -9.60 -6.74 -24.25
C TYR D 538 -8.20 -6.15 -24.32
N MET D 539 -7.29 -6.62 -23.50
CA MET D 539 -6.01 -5.95 -23.33
C MET D 539 -4.86 -6.91 -23.54
N ALA D 540 -3.76 -6.37 -24.02
CA ALA D 540 -2.50 -7.09 -24.08
C ALA D 540 -1.46 -6.27 -23.34
N VAL D 541 -0.64 -6.94 -22.54
CA VAL D 541 0.37 -6.25 -21.75
C VAL D 541 1.73 -6.81 -22.11
N GLY D 542 2.75 -6.37 -21.41
CA GLY D 542 4.08 -6.86 -21.66
C GLY D 542 4.80 -6.00 -22.68
N SER D 543 5.86 -6.57 -23.22
CA SER D 543 6.73 -5.83 -24.13
C SER D 543 5.99 -5.58 -25.44
N LEU D 544 5.46 -4.38 -25.60
CA LEU D 544 4.71 -4.01 -26.79
C LEU D 544 5.06 -2.59 -27.16
N THR D 545 5.40 -2.35 -28.42
CA THR D 545 5.78 -1.03 -28.89
C THR D 545 4.54 -0.23 -29.31
N ILE D 546 4.80 0.96 -29.81
CA ILE D 546 3.75 1.83 -30.35
C ILE D 546 4.26 2.40 -31.67
N ASN D 547 3.43 2.32 -32.69
CA ASN D 547 3.73 2.91 -33.98
C ASN D 547 2.42 3.33 -34.60
N GLU D 548 2.44 3.60 -35.90
CA GLU D 548 1.24 4.04 -36.57
C GLU D 548 0.37 2.86 -36.96
N GLU D 549 0.97 1.90 -37.66
CA GLU D 549 0.23 0.79 -38.25
C GLU D 549 -0.57 0.01 -37.23
N ARG D 550 -0.04 -0.22 -36.03
CA ARG D 550 -0.86 -0.88 -35.02
C ARG D 550 -1.99 0.01 -34.56
N SER D 551 -1.69 1.27 -34.28
CA SER D 551 -2.72 2.19 -33.83
C SER D 551 -3.87 2.30 -34.81
N GLU D 552 -3.67 1.91 -36.07
CA GLU D 552 -4.77 1.98 -37.03
C GLU D 552 -5.86 0.96 -36.73
N VAL D 553 -5.53 -0.12 -36.02
CA VAL D 553 -6.48 -1.20 -35.81
C VAL D 553 -6.80 -1.43 -34.34
N VAL D 554 -5.93 -1.05 -33.42
CA VAL D 554 -6.17 -1.23 -31.99
C VAL D 554 -5.95 0.12 -31.32
N ASP D 555 -6.40 0.22 -30.07
CA ASP D 555 -6.20 1.44 -29.31
C ASP D 555 -4.86 1.36 -28.57
N PHE D 556 -4.58 2.38 -27.77
CA PHE D 556 -3.33 2.39 -27.02
C PHE D 556 -3.46 3.31 -25.81
N SER D 557 -2.93 2.83 -24.70
CA SER D 557 -2.89 3.63 -23.47
C SER D 557 -1.77 4.65 -23.58
N VAL D 558 -1.54 5.40 -22.51
CA VAL D 558 -0.45 6.37 -22.52
C VAL D 558 0.87 5.65 -22.26
N PRO D 559 1.95 5.97 -22.96
CA PRO D 559 3.19 5.19 -22.82
C PRO D 559 3.77 5.33 -21.42
N PHE D 560 4.19 4.20 -20.85
CA PHE D 560 4.75 4.21 -19.51
C PHE D 560 6.24 3.92 -19.44
N ILE D 561 6.89 3.63 -20.56
CA ILE D 561 8.35 3.60 -20.64
C ILE D 561 8.75 4.01 -22.05
N GLU D 562 9.53 5.08 -22.15
CA GLU D 562 10.05 5.50 -23.45
C GLU D 562 11.10 4.52 -23.94
N THR D 563 11.22 4.40 -25.25
CA THR D 563 12.14 3.44 -25.85
C THR D 563 12.38 3.83 -27.30
N GLY D 564 12.99 2.93 -28.05
CA GLY D 564 13.23 3.16 -29.46
C GLY D 564 14.29 2.23 -30.00
N ILE D 565 15.03 2.67 -31.02
CA ILE D 565 16.07 1.88 -31.65
C ILE D 565 17.39 2.24 -31.00
N SER D 566 18.34 1.30 -31.04
CA SER D 566 19.69 1.55 -30.57
C SER D 566 20.62 0.53 -31.20
N VAL D 567 21.91 0.69 -30.92
CA VAL D 567 22.94 -0.11 -31.55
C VAL D 567 23.90 -0.57 -30.47
N MET D 568 24.05 -1.89 -30.33
CA MET D 568 25.02 -2.45 -29.39
C MET D 568 26.17 -3.07 -30.18
N VAL D 569 27.39 -2.83 -29.73
CA VAL D 569 28.60 -3.34 -30.37
C VAL D 569 29.51 -3.90 -29.29
N SER D 570 30.69 -4.34 -29.71
CA SER D 570 31.67 -4.87 -28.78
C SER D 570 32.20 -3.75 -27.88
N ARG D 571 33.04 -4.14 -26.92
CA ARG D 571 33.53 -3.17 -25.94
C ARG D 571 34.47 -2.18 -26.59
N SER D 572 34.63 -1.03 -25.96
CA SER D 572 35.50 0.04 -26.46
C SER D 572 36.66 0.28 -25.51
N ASN D 573 37.64 1.03 -26.00
CA ASN D 573 38.87 1.32 -25.26
C ASN D 573 39.28 2.76 -25.48
N GLY D 574 40.05 3.30 -24.54
CA GLY D 574 40.50 4.68 -24.56
C GLY D 574 41.99 4.80 -24.77
N THR D 575 42.47 6.04 -24.70
CA THR D 575 43.87 6.36 -24.95
C THR D 575 44.25 7.55 -24.07
N VAL D 576 45.38 8.18 -24.35
CA VAL D 576 45.91 9.31 -23.60
C VAL D 576 45.29 10.60 -24.11
N SER D 577 44.68 11.36 -23.20
CA SER D 577 44.06 12.63 -23.57
C SER D 577 45.04 13.81 -23.68
N PRO D 578 45.96 14.04 -22.73
CA PRO D 578 46.83 15.21 -22.85
C PRO D 578 47.90 15.02 -23.91
N SER D 579 48.24 16.14 -24.57
CA SER D 579 49.21 16.18 -25.65
C SER D 579 50.53 16.82 -25.23
N ALA D 580 50.47 17.91 -24.48
CA ALA D 580 51.68 18.55 -23.96
C ALA D 580 51.43 18.98 -22.53
N PHE D 581 52.45 18.85 -21.70
CA PHE D 581 52.32 19.18 -20.28
C PHE D 581 52.69 20.63 -19.99
N LEU D 582 52.08 21.55 -20.74
CA LEU D 582 52.22 22.97 -20.46
C LEU D 582 51.07 23.50 -19.62
N GLU D 583 49.99 22.75 -19.50
CA GLU D 583 48.81 23.11 -18.71
C GLU D 583 49.11 23.50 -17.27
N PRO D 584 50.11 22.92 -16.60
CA PRO D 584 50.43 23.34 -15.23
C PRO D 584 50.66 24.84 -15.04
N PHE D 585 50.85 25.60 -16.12
CA PHE D 585 50.88 27.05 -16.03
C PHE D 585 50.31 27.62 -17.31
N SER D 586 49.87 28.88 -17.23
CA SER D 586 49.45 29.57 -18.44
C SER D 586 50.68 29.96 -19.25
N ALA D 587 50.50 30.03 -20.57
CA ALA D 587 51.60 30.49 -21.42
C ALA D 587 52.06 31.87 -20.99
N ASP D 588 51.10 32.75 -20.67
CA ASP D 588 51.45 34.09 -20.20
C ASP D 588 52.30 34.05 -18.95
N VAL D 589 51.87 33.26 -17.95
CA VAL D 589 52.70 32.98 -16.78
C VAL D 589 54.11 32.63 -17.21
N TRP D 590 54.23 31.68 -18.14
CA TRP D 590 55.52 31.13 -18.53
C TRP D 590 56.45 32.22 -19.06
N VAL D 591 56.04 32.91 -20.13
CA VAL D 591 56.98 33.84 -20.73
C VAL D 591 57.13 35.11 -19.89
N MET D 592 56.12 35.44 -19.07
CA MET D 592 56.30 36.56 -18.15
C MET D 592 57.40 36.27 -17.15
N MET D 593 57.34 35.11 -16.50
CA MET D 593 58.45 34.69 -15.66
C MET D 593 59.76 34.68 -16.45
N PHE D 594 59.73 34.13 -17.66
CA PHE D 594 60.93 34.05 -18.50
C PHE D 594 61.61 35.41 -18.63
N VAL D 595 60.88 36.40 -19.14
CA VAL D 595 61.49 37.70 -19.41
C VAL D 595 61.86 38.39 -18.11
N MET D 596 61.04 38.25 -17.05
CA MET D 596 61.41 38.85 -15.78
C MET D 596 62.75 38.32 -15.30
N LEU D 597 62.92 37.00 -15.32
CA LEU D 597 64.16 36.40 -14.86
C LEU D 597 65.33 36.86 -15.72
N LEU D 598 65.16 36.89 -17.04
CA LEU D 598 66.25 37.29 -17.92
C LEU D 598 66.69 38.72 -17.64
N ILE D 599 65.72 39.64 -17.52
CA ILE D 599 66.05 41.04 -17.30
C ILE D 599 66.71 41.24 -15.95
N VAL D 600 66.18 40.58 -14.90
CA VAL D 600 66.79 40.71 -13.59
C VAL D 600 68.21 40.16 -13.59
N SER D 601 68.43 39.06 -14.31
CA SER D 601 69.77 38.51 -14.43
C SER D 601 70.71 39.51 -15.08
N ALA D 602 70.29 40.10 -16.20
CA ALA D 602 71.15 41.04 -16.89
C ALA D 602 71.48 42.25 -16.02
N VAL D 603 70.49 42.78 -15.30
CA VAL D 603 70.76 43.96 -14.48
C VAL D 603 71.63 43.58 -13.29
N ALA D 604 71.44 42.37 -12.73
CA ALA D 604 72.30 41.94 -11.64
C ALA D 604 73.75 41.82 -12.09
N VAL D 605 73.97 41.33 -13.31
CA VAL D 605 75.32 41.29 -13.85
C VAL D 605 75.87 42.70 -14.02
N PHE D 606 75.09 43.57 -14.67
CA PHE D 606 75.55 44.93 -14.94
C PHE D 606 75.85 45.71 -13.67
N VAL D 607 75.17 45.39 -12.56
CA VAL D 607 75.47 46.07 -11.30
C VAL D 607 76.56 45.36 -10.50
N PHE D 608 76.72 44.05 -10.68
CA PHE D 608 77.81 43.34 -10.02
C PHE D 608 79.16 43.71 -10.64
N GLU D 609 79.19 44.02 -11.93
CA GLU D 609 80.43 44.47 -12.54
C GLU D 609 80.86 45.83 -11.99
N TYR D 610 79.90 46.65 -11.58
CA TYR D 610 80.20 47.96 -11.02
C TYR D 610 80.67 47.86 -9.56
N PHE D 631 79.45 38.90 -15.49
CA PHE D 631 79.74 39.03 -16.91
C PHE D 631 79.53 37.69 -17.61
N THR D 632 79.96 37.60 -18.87
CA THR D 632 79.89 36.35 -19.61
C THR D 632 78.46 35.83 -19.68
N ILE D 633 77.62 36.48 -20.50
CA ILE D 633 76.18 36.27 -20.57
C ILE D 633 75.83 34.80 -20.38
N GLY D 634 76.60 33.93 -21.01
CA GLY D 634 76.44 32.50 -20.80
C GLY D 634 76.40 32.13 -19.33
N LYS D 635 77.22 32.78 -18.51
CA LYS D 635 77.22 32.49 -17.08
C LYS D 635 75.83 32.67 -16.48
N ALA D 636 75.27 33.88 -16.62
CA ALA D 636 73.97 34.17 -16.06
C ALA D 636 72.90 33.25 -16.64
N ILE D 637 72.90 33.07 -17.96
CA ILE D 637 71.88 32.26 -18.60
C ILE D 637 71.93 30.82 -18.09
N TRP D 638 73.11 30.21 -18.09
CA TRP D 638 73.22 28.82 -17.68
C TRP D 638 72.91 28.65 -16.20
N LEU D 639 73.34 29.59 -15.35
CA LEU D 639 73.02 29.45 -13.94
C LEU D 639 71.52 29.57 -13.70
N LEU D 640 70.85 30.50 -14.40
CA LEU D 640 69.41 30.61 -14.28
C LEU D 640 68.72 29.32 -14.71
N TRP D 641 69.15 28.76 -15.83
CA TRP D 641 68.51 27.54 -16.30
C TRP D 641 68.78 26.38 -15.37
N GLY D 642 69.96 26.35 -14.73
CA GLY D 642 70.20 25.37 -13.70
C GLY D 642 69.32 25.54 -12.49
N LEU D 643 69.01 26.78 -12.14
CA LEU D 643 68.05 27.02 -11.06
C LEU D 643 66.68 26.46 -11.43
N VAL D 644 66.23 26.73 -12.65
CA VAL D 644 64.89 26.29 -13.01
C VAL D 644 64.84 24.78 -13.24
N PHE D 645 65.96 24.15 -13.58
CA PHE D 645 65.96 22.74 -13.92
C PHE D 645 66.67 21.85 -12.91
N ASN D 646 67.40 22.42 -11.95
CA ASN D 646 68.02 21.65 -10.87
C ASN D 646 69.02 20.61 -11.41
N ASN D 647 69.58 20.88 -12.58
CA ASN D 647 70.54 20.00 -13.19
C ASN D 647 71.96 20.47 -12.91
N SER D 648 72.92 19.61 -13.24
CA SER D 648 74.33 19.98 -13.13
C SER D 648 74.72 20.86 -14.30
N VAL D 649 75.34 21.99 -14.00
CA VAL D 649 75.63 23.02 -15.00
C VAL D 649 77.11 23.37 -14.89
N PRO D 650 77.76 23.78 -15.98
CA PRO D 650 79.14 24.30 -15.85
C PRO D 650 79.15 25.66 -15.16
N VAL D 651 79.16 25.64 -13.82
CA VAL D 651 79.00 26.85 -13.01
C VAL D 651 80.33 27.60 -13.03
N GLN D 652 80.43 28.61 -13.90
CA GLN D 652 81.57 29.49 -13.93
C GLN D 652 81.31 30.69 -13.03
N ASN D 653 82.20 31.68 -13.12
CA ASN D 653 82.09 33.03 -12.58
C ASN D 653 81.36 33.11 -11.25
N PRO D 654 81.82 32.42 -10.21
CA PRO D 654 81.17 32.59 -8.90
C PRO D 654 81.73 33.80 -8.17
N LYS D 655 81.40 34.98 -8.68
CA LYS D 655 81.90 36.24 -8.11
C LYS D 655 81.38 36.38 -6.69
N GLY D 656 82.28 36.44 -5.72
CA GLY D 656 81.88 36.45 -4.34
C GLY D 656 81.54 37.83 -3.83
N THR D 657 80.25 38.15 -3.86
CA THR D 657 79.73 39.45 -3.44
C THR D 657 78.25 39.28 -3.15
N THR D 658 77.53 40.40 -3.07
CA THR D 658 76.09 40.37 -2.93
C THR D 658 75.39 39.54 -4.01
N SER D 659 75.98 39.45 -5.20
CA SER D 659 75.41 38.61 -6.25
C SER D 659 75.16 37.19 -5.76
N LYS D 660 75.98 36.70 -4.83
CA LYS D 660 75.76 35.38 -4.27
C LYS D 660 74.46 35.33 -3.48
N ILE D 661 74.19 36.34 -2.65
CA ILE D 661 72.90 36.41 -1.99
C ILE D 661 71.79 36.48 -3.01
N MET D 662 72.05 37.16 -4.13
CA MET D 662 71.05 37.24 -5.19
C MET D 662 70.70 35.85 -5.71
N VAL D 663 71.70 35.03 -6.03
CA VAL D 663 71.35 33.72 -6.56
C VAL D 663 70.84 32.81 -5.44
N SER D 664 71.14 33.13 -4.18
CA SER D 664 70.51 32.38 -3.10
C SER D 664 69.00 32.60 -3.10
N VAL D 665 68.58 33.85 -3.19
CA VAL D 665 67.16 34.14 -3.35
C VAL D 665 66.63 33.52 -4.64
N TRP D 666 67.46 33.51 -5.68
CA TRP D 666 67.10 32.84 -6.92
C TRP D 666 66.73 31.38 -6.68
N ALA D 667 67.58 30.66 -5.94
CA ALA D 667 67.33 29.26 -5.65
C ALA D 667 66.10 29.09 -4.78
N PHE D 668 65.88 30.01 -3.84
CA PHE D 668 64.63 30.02 -3.09
C PHE D 668 63.44 30.02 -4.05
N PHE D 669 63.38 31.01 -4.93
CA PHE D 669 62.31 31.07 -5.91
C PHE D 669 62.25 29.81 -6.75
N ALA D 670 63.41 29.27 -7.13
CA ALA D 670 63.43 28.14 -8.04
C ALA D 670 62.86 26.88 -7.38
N VAL D 671 63.23 26.62 -6.13
CA VAL D 671 62.71 25.44 -5.46
C VAL D 671 61.21 25.60 -5.20
N ILE D 672 60.76 26.82 -4.85
CA ILE D 672 59.33 27.01 -4.69
C ILE D 672 58.61 26.76 -6.00
N PHE D 673 59.15 27.28 -7.10
CA PHE D 673 58.52 27.11 -8.40
C PHE D 673 58.51 25.66 -8.83
N LEU D 674 59.57 24.92 -8.51
CA LEU D 674 59.61 23.51 -8.93
C LEU D 674 58.67 22.66 -8.10
N ALA D 675 58.56 22.94 -6.79
CA ALA D 675 57.54 22.28 -6.00
C ALA D 675 56.15 22.56 -6.56
N SER D 676 55.88 23.82 -6.91
CA SER D 676 54.60 24.16 -7.51
C SER D 676 54.39 23.39 -8.81
N TYR D 677 55.43 23.28 -9.65
CA TYR D 677 55.28 22.62 -10.94
C TYR D 677 55.01 21.12 -10.77
N THR D 678 55.75 20.47 -9.87
CA THR D 678 55.51 19.04 -9.68
C THR D 678 54.12 18.79 -9.11
N ALA D 679 53.67 19.61 -8.16
CA ALA D 679 52.32 19.43 -7.64
C ALA D 679 51.29 19.67 -8.74
N ASN D 680 51.50 20.71 -9.57
CA ASN D 680 50.56 21.02 -10.63
C ASN D 680 50.47 19.89 -11.65
N LEU D 681 51.61 19.28 -11.99
CA LEU D 681 51.57 18.15 -12.90
C LEU D 681 50.87 16.96 -12.26
N ALA D 682 51.11 16.74 -10.96
CA ALA D 682 50.39 15.69 -10.25
C ALA D 682 48.88 15.92 -10.29
N ALA D 683 48.47 17.19 -10.25
CA ALA D 683 47.05 17.50 -10.31
C ALA D 683 46.50 17.26 -11.71
N PHE D 684 47.12 17.88 -12.71
CA PHE D 684 46.67 17.76 -14.10
C PHE D 684 46.81 16.35 -14.66
N MET D 685 47.48 15.45 -13.94
CA MET D 685 47.60 14.08 -14.42
C MET D 685 46.26 13.34 -14.45
N ILE D 686 45.26 13.84 -13.75
CA ILE D 686 43.96 13.17 -13.69
C ILE D 686 43.21 13.42 -14.99
N GLN D 687 42.94 12.35 -15.74
CA GLN D 687 42.27 12.48 -17.03
C GLN D 687 41.69 11.13 -17.43
N GLU D 688 40.85 11.15 -18.47
CA GLU D 688 40.19 9.95 -18.97
C GLU D 688 39.83 10.16 -20.43
N GLU D 689 39.41 9.07 -21.09
CA GLU D 689 39.08 9.12 -22.51
C GLU D 689 38.18 7.94 -22.87
N TYR D 690 37.40 8.12 -23.94
CA TYR D 690 36.53 7.08 -24.48
C TYR D 690 35.93 7.57 -25.80
N VAL D 691 35.57 6.63 -26.67
CA VAL D 691 35.00 6.93 -27.97
C VAL D 691 34.34 5.67 -28.54
N ASP D 692 33.41 5.87 -29.48
CA ASP D 692 32.76 4.78 -30.20
C ASP D 692 32.72 5.13 -31.68
N GLN D 693 33.16 4.18 -32.51
CA GLN D 693 33.42 4.45 -33.92
C GLN D 693 32.19 4.18 -34.76
N VAL D 694 31.05 4.75 -34.36
CA VAL D 694 29.81 4.80 -35.13
C VAL D 694 29.05 6.03 -34.63
N SER D 695 28.35 6.72 -35.52
CA SER D 695 27.62 7.93 -35.14
C SER D 695 26.23 7.96 -35.76
N GLY D 696 25.48 6.87 -35.63
CA GLY D 696 24.09 6.90 -36.02
C GLY D 696 23.73 6.00 -37.19
N LEU D 697 22.44 5.75 -37.38
CA LEU D 697 21.97 4.98 -38.52
C LEU D 697 22.32 5.67 -39.83
N SER D 698 22.57 6.98 -39.76
CA SER D 698 22.96 7.72 -40.95
C SER D 698 24.44 7.60 -41.26
N ASP D 699 25.21 6.88 -40.44
CA ASP D 699 26.65 6.75 -40.69
C ASP D 699 26.90 6.04 -42.01
N LYS D 700 28.05 6.37 -42.61
CA LYS D 700 28.36 5.86 -43.94
C LYS D 700 28.37 4.34 -43.97
N LYS D 701 28.85 3.72 -42.90
CA LYS D 701 28.91 2.26 -42.84
C LYS D 701 27.55 1.65 -43.14
N PHE D 702 26.53 2.01 -42.35
CA PHE D 702 25.20 1.48 -42.61
C PHE D 702 24.65 2.00 -43.93
N GLN D 703 24.80 3.30 -44.18
CA GLN D 703 24.30 3.87 -45.42
C GLN D 703 24.95 3.19 -46.61
N ARG D 704 26.27 3.01 -46.57
CA ARG D 704 26.99 2.39 -47.68
C ARG D 704 27.69 1.13 -47.19
N PRO D 705 26.98 0.04 -47.00
CA PRO D 705 27.57 -1.20 -46.48
C PRO D 705 28.23 -2.03 -47.58
N ASN D 706 29.00 -1.36 -48.44
CA ASN D 706 29.75 -2.05 -49.48
C ASN D 706 31.12 -1.43 -49.71
N ASP D 707 31.62 -0.62 -48.78
CA ASP D 707 33.00 -0.16 -48.83
C ASP D 707 33.95 -1.29 -48.46
N PHE D 708 35.22 -0.94 -48.34
CA PHE D 708 36.24 -1.93 -47.98
C PHE D 708 35.92 -2.57 -46.64
N SER D 709 35.56 -1.77 -45.66
CA SER D 709 35.20 -2.30 -44.35
C SER D 709 33.80 -2.90 -44.39
N PRO D 710 33.64 -4.18 -44.11
CA PRO D 710 32.31 -4.77 -43.97
C PRO D 710 31.87 -4.90 -42.51
N PRO D 711 31.47 -3.83 -41.82
CA PRO D 711 30.72 -4.04 -40.59
C PRO D 711 29.39 -4.70 -40.94
N PHE D 712 29.24 -5.95 -40.52
CA PHE D 712 28.21 -6.80 -41.11
C PHE D 712 27.31 -7.46 -40.08
N ARG D 713 26.40 -8.31 -40.58
CA ARG D 713 25.50 -9.11 -39.77
C ARG D 713 24.81 -8.29 -38.69
N PHE D 714 24.00 -7.33 -39.10
CA PHE D 714 23.17 -6.59 -38.16
C PHE D 714 22.06 -7.49 -37.67
N GLY D 715 21.91 -7.59 -36.35
CA GLY D 715 21.09 -8.66 -35.79
C GLY D 715 19.63 -8.57 -36.14
N THR D 716 18.92 -7.63 -35.55
CA THR D 716 17.56 -7.29 -35.95
C THR D 716 16.71 -8.54 -36.13
N VAL D 717 16.45 -9.20 -35.00
CA VAL D 717 15.51 -10.32 -34.95
C VAL D 717 14.31 -9.96 -35.82
N PRO D 718 13.97 -10.79 -36.80
CA PRO D 718 13.02 -10.35 -37.84
C PRO D 718 11.62 -10.10 -37.32
N ASN D 719 10.76 -9.62 -38.21
CA ASN D 719 9.33 -9.45 -38.00
C ASN D 719 8.97 -9.07 -36.56
N GLY D 720 9.65 -8.06 -36.05
CA GLY D 720 9.26 -7.34 -34.86
C GLY D 720 8.74 -5.97 -35.23
N SER D 721 9.39 -4.93 -34.76
CA SER D 721 9.05 -3.56 -35.14
C SER D 721 10.17 -2.84 -35.86
N THR D 722 11.35 -2.79 -35.25
CA THR D 722 12.49 -2.15 -35.89
C THR D 722 12.71 -2.70 -37.28
N GLU D 723 12.42 -3.99 -37.47
CA GLU D 723 12.39 -4.56 -38.81
C GLU D 723 11.59 -3.69 -39.77
N ARG D 724 10.30 -3.52 -39.47
CA ARG D 724 9.44 -2.84 -40.42
C ARG D 724 9.79 -1.37 -40.53
N ASN D 725 10.25 -0.75 -39.44
CA ASN D 725 10.72 0.63 -39.53
C ASN D 725 11.87 0.75 -40.52
N ILE D 726 12.92 -0.06 -40.33
CA ILE D 726 14.04 -0.08 -41.27
C ILE D 726 13.54 -0.29 -42.69
N ARG D 727 12.67 -1.27 -42.89
CA ARG D 727 12.20 -1.56 -44.25
C ARG D 727 11.52 -0.34 -44.86
N ASN D 728 10.75 0.38 -44.07
CA ASN D 728 10.08 1.55 -44.62
C ASN D 728 10.99 2.74 -44.79
N ASN D 729 12.18 2.72 -44.21
CA ASN D 729 13.08 3.84 -44.40
C ASN D 729 14.33 3.54 -45.23
N TYR D 730 14.97 2.39 -45.02
CA TYR D 730 16.25 2.10 -45.66
C TYR D 730 16.18 0.73 -46.32
N ALA D 731 15.72 0.70 -47.57
CA ALA D 731 15.45 -0.57 -48.24
C ALA D 731 16.72 -1.38 -48.46
N GLU D 732 17.75 -0.76 -49.04
CA GLU D 732 18.98 -1.49 -49.32
C GLU D 732 19.61 -2.02 -48.05
N MET D 733 19.48 -1.30 -46.94
CA MET D 733 19.97 -1.81 -45.68
C MET D 733 19.29 -3.12 -45.32
N HIS D 734 17.97 -3.16 -45.49
CA HIS D 734 17.22 -4.40 -45.28
C HIS D 734 17.74 -5.52 -46.17
N ALA D 735 17.79 -5.27 -47.48
CA ALA D 735 18.25 -6.29 -48.42
C ALA D 735 19.60 -6.85 -48.02
N TYR D 736 20.59 -5.99 -47.80
CA TYR D 736 21.90 -6.46 -47.39
C TYR D 736 21.85 -7.11 -46.01
N MET D 737 20.90 -6.71 -45.18
CA MET D 737 20.76 -7.24 -43.83
C MET D 737 20.12 -8.62 -43.80
N GLY D 738 19.68 -9.12 -44.94
CA GLY D 738 19.20 -10.49 -45.04
C GLY D 738 20.01 -11.57 -44.35
N LYS D 739 21.31 -11.31 -44.11
CA LYS D 739 22.16 -12.23 -43.34
C LYS D 739 22.31 -11.67 -41.93
N PHE D 740 21.66 -12.31 -40.97
CA PHE D 740 21.45 -11.69 -39.66
C PHE D 740 21.45 -12.78 -38.58
N ASN D 741 20.95 -12.42 -37.41
CA ASN D 741 20.81 -13.32 -36.27
C ASN D 741 19.32 -13.48 -35.97
N GLN D 742 18.92 -14.68 -35.54
CA GLN D 742 17.50 -15.05 -35.60
C GLN D 742 17.02 -15.68 -34.30
N ARG D 743 17.82 -15.67 -33.25
CA ARG D 743 17.47 -16.47 -32.08
C ARG D 743 17.40 -15.61 -30.83
N GLY D 744 16.67 -14.51 -30.91
CA GLY D 744 16.37 -13.75 -29.72
C GLY D 744 17.50 -12.83 -29.35
N VAL D 745 17.81 -12.76 -28.07
CA VAL D 745 18.81 -11.81 -27.58
C VAL D 745 20.05 -12.57 -27.14
N ASP D 746 19.87 -13.80 -26.69
CA ASP D 746 21.01 -14.59 -26.24
C ASP D 746 21.95 -14.90 -27.40
N ASP D 747 21.39 -15.38 -28.51
CA ASP D 747 22.18 -15.57 -29.71
C ASP D 747 22.83 -14.27 -30.17
N ALA D 748 22.13 -13.14 -30.04
CA ALA D 748 22.72 -11.86 -30.40
C ALA D 748 23.98 -11.60 -29.58
N LEU D 749 23.85 -11.67 -28.26
CA LEU D 749 25.00 -11.43 -27.40
C LEU D 749 26.13 -12.41 -27.71
N LEU D 750 25.80 -13.67 -27.96
CA LEU D 750 26.82 -14.66 -28.28
C LEU D 750 27.56 -14.27 -29.56
N SER D 751 26.83 -14.24 -30.68
CA SER D 751 27.42 -13.90 -31.96
C SER D 751 28.17 -12.58 -31.95
N LEU D 752 27.81 -11.66 -31.04
CA LEU D 752 28.64 -10.49 -30.86
C LEU D 752 29.92 -10.83 -30.14
N LYS D 753 29.84 -11.70 -29.12
CA LYS D 753 31.02 -12.00 -28.33
C LYS D 753 32.06 -12.75 -29.16
N THR D 754 31.63 -13.70 -29.98
CA THR D 754 32.59 -14.51 -30.73
C THR D 754 33.32 -13.67 -31.76
N GLY D 755 32.59 -12.89 -32.55
CA GLY D 755 33.17 -12.19 -33.66
C GLY D 755 32.35 -12.44 -34.91
N LYS D 756 31.24 -13.17 -34.73
CA LYS D 756 30.32 -13.43 -35.82
C LYS D 756 29.65 -12.17 -36.33
N LEU D 757 29.65 -11.09 -35.55
CA LEU D 757 29.13 -9.81 -36.01
C LEU D 757 29.65 -8.74 -35.07
N ASP D 758 29.35 -7.49 -35.42
CA ASP D 758 29.88 -6.36 -34.67
C ASP D 758 28.83 -5.32 -34.34
N ALA D 759 27.66 -5.37 -34.96
CA ALA D 759 26.65 -4.34 -34.77
C ALA D 759 25.30 -5.02 -34.60
N PHE D 760 24.59 -4.64 -33.54
CA PHE D 760 23.26 -5.15 -33.25
C PHE D 760 22.29 -4.00 -33.21
N ILE D 761 21.03 -4.27 -33.58
CA ILE D 761 20.00 -3.24 -33.62
C ILE D 761 18.71 -3.82 -33.08
N TYR D 762 18.19 -3.23 -32.00
CA TYR D 762 17.01 -3.76 -31.34
C TYR D 762 16.41 -2.66 -30.46
N ASP D 763 15.39 -3.03 -29.68
CA ASP D 763 14.71 -2.05 -28.84
C ASP D 763 15.60 -1.61 -27.70
N ALA D 764 15.83 -0.30 -27.60
CA ALA D 764 16.72 0.22 -26.57
C ALA D 764 16.31 -0.19 -25.17
N ALA D 765 15.01 -0.34 -24.93
CA ALA D 765 14.52 -0.65 -23.59
C ALA D 765 15.11 -1.93 -23.03
N VAL D 766 15.34 -2.94 -23.87
CA VAL D 766 15.98 -4.15 -23.40
C VAL D 766 17.49 -4.10 -23.57
N LEU D 767 17.99 -3.35 -24.55
CA LEU D 767 19.43 -3.33 -24.78
C LEU D 767 20.17 -2.65 -23.66
N ASN D 768 19.65 -1.52 -23.16
CA ASN D 768 20.34 -0.87 -22.06
C ASN D 768 20.33 -1.74 -20.81
N TYR D 769 19.23 -2.45 -20.56
CA TYR D 769 19.21 -3.37 -19.44
C TYR D 769 20.26 -4.46 -19.62
N MET D 770 20.26 -5.11 -20.78
CA MET D 770 21.23 -6.17 -21.03
C MET D 770 22.66 -5.67 -20.86
N ALA D 771 22.94 -4.45 -21.31
CA ALA D 771 24.26 -3.87 -21.07
C ALA D 771 24.53 -3.67 -19.59
N GLY D 772 23.49 -3.32 -18.82
CA GLY D 772 23.67 -3.14 -17.40
C GLY D 772 24.07 -4.42 -16.69
N ARG D 773 23.15 -5.39 -16.63
CA ARG D 773 23.39 -6.64 -15.93
C ARG D 773 24.14 -7.61 -16.86
N ASP D 774 25.39 -7.27 -17.14
CA ASP D 774 26.24 -8.07 -17.99
C ASP D 774 27.63 -8.20 -17.36
N GLU D 775 28.14 -9.43 -17.31
CA GLU D 775 29.49 -9.68 -16.85
C GLU D 775 30.47 -9.07 -17.83
N GLY D 776 31.57 -8.54 -17.32
CA GLY D 776 32.40 -7.67 -18.12
C GLY D 776 31.61 -6.43 -18.48
N CYS D 777 32.03 -5.78 -19.56
CA CYS D 777 31.33 -4.58 -20.02
C CYS D 777 31.38 -4.51 -21.54
N LYS D 778 30.32 -5.00 -22.18
CA LYS D 778 30.01 -4.68 -23.56
C LYS D 778 29.34 -3.31 -23.58
N LEU D 779 28.86 -2.88 -24.74
CA LEU D 779 28.33 -1.53 -24.80
C LEU D 779 27.39 -1.37 -25.98
N VAL D 780 26.62 -0.29 -25.93
CA VAL D 780 25.75 0.15 -27.00
C VAL D 780 26.41 1.33 -27.67
N THR D 781 25.82 1.85 -28.74
CA THR D 781 26.36 3.04 -29.36
C THR D 781 26.33 4.20 -28.37
N ILE D 782 26.80 5.35 -28.82
CA ILE D 782 27.30 6.43 -27.97
C ILE D 782 26.48 6.58 -26.69
N GLY D 783 25.16 6.48 -26.81
CA GLY D 783 24.35 6.41 -25.60
C GLY D 783 22.91 6.75 -25.85
N SER D 784 22.25 7.23 -24.80
CA SER D 784 20.85 7.63 -24.90
C SER D 784 20.63 8.67 -25.99
N GLY D 785 21.51 9.66 -26.09
CA GLY D 785 21.38 10.65 -27.16
C GLY D 785 21.30 10.02 -28.54
N LYS D 786 21.72 8.76 -28.66
CA LYS D 786 21.50 7.98 -29.87
C LYS D 786 20.33 7.04 -29.59
N VAL D 787 19.12 7.54 -29.80
CA VAL D 787 17.91 6.73 -29.85
C VAL D 787 17.09 7.24 -31.02
N PHE D 788 16.72 6.34 -31.91
CA PHE D 788 16.06 6.74 -33.14
C PHE D 788 14.60 6.35 -33.11
N ALA D 789 13.73 7.28 -33.52
CA ALA D 789 12.29 7.07 -33.55
C ALA D 789 11.77 6.70 -32.16
N SER D 790 12.09 7.58 -31.21
CA SER D 790 11.74 7.34 -29.82
C SER D 790 10.23 7.27 -29.66
N THR D 791 9.74 6.11 -29.25
CA THR D 791 8.36 5.94 -28.84
C THR D 791 8.36 5.17 -27.52
N GLY D 792 7.21 4.69 -27.10
CA GLY D 792 7.12 4.06 -25.80
C GLY D 792 6.26 2.82 -25.82
N TYR D 793 6.47 1.99 -24.80
CA TYR D 793 5.63 0.83 -24.57
C TYR D 793 4.24 1.29 -24.20
N GLY D 794 3.27 0.38 -24.28
CA GLY D 794 1.90 0.70 -23.97
C GLY D 794 1.11 -0.53 -23.58
N ILE D 795 -0.16 -0.32 -23.28
CA ILE D 795 -1.10 -1.38 -22.97
C ILE D 795 -2.20 -1.30 -24.01
N ALA D 796 -2.17 -2.22 -24.97
CA ALA D 796 -3.10 -2.19 -26.08
C ALA D 796 -4.44 -2.78 -25.65
N ILE D 797 -5.48 -1.97 -25.66
CA ILE D 797 -6.82 -2.43 -25.31
C ILE D 797 -7.69 -2.36 -26.56
N GLN D 798 -8.79 -3.11 -26.53
CA GLN D 798 -9.70 -3.10 -27.67
C GLN D 798 -10.19 -1.70 -27.98
N LYS D 799 -10.76 -1.55 -29.17
CA LYS D 799 -11.11 -0.24 -29.66
C LYS D 799 -12.39 0.26 -29.04
N ASP D 800 -12.39 1.53 -28.65
CA ASP D 800 -13.58 2.27 -28.24
C ASP D 800 -14.13 1.81 -26.90
N SER D 801 -13.45 0.90 -26.22
CA SER D 801 -13.89 0.50 -24.89
C SER D 801 -13.91 1.69 -23.96
N GLY D 802 -14.83 1.65 -22.99
CA GLY D 802 -14.85 2.70 -21.99
C GLY D 802 -13.70 2.66 -21.02
N TRP D 803 -12.98 1.55 -20.95
CA TRP D 803 -11.88 1.40 -20.01
C TRP D 803 -10.71 2.32 -20.31
N LYS D 804 -10.63 2.87 -21.52
CA LYS D 804 -9.41 3.54 -21.94
C LYS D 804 -9.11 4.75 -21.08
N ARG D 805 -10.10 5.62 -20.89
CA ARG D 805 -9.86 6.83 -20.12
C ARG D 805 -9.43 6.50 -18.69
N GLN D 806 -10.09 5.53 -18.06
CA GLN D 806 -9.75 5.21 -16.68
C GLN D 806 -8.36 4.60 -16.58
N VAL D 807 -8.01 3.69 -17.49
CA VAL D 807 -6.68 3.11 -17.44
C VAL D 807 -5.62 4.18 -17.64
N ASP D 808 -5.83 5.07 -18.61
CA ASP D 808 -4.89 6.16 -18.82
C ASP D 808 -4.72 6.99 -17.56
N LEU D 809 -5.83 7.42 -16.97
CA LEU D 809 -5.75 8.27 -15.80
C LEU D 809 -5.06 7.54 -14.66
N ALA D 810 -5.24 6.22 -14.56
CA ALA D 810 -4.60 5.48 -13.48
C ALA D 810 -3.10 5.40 -13.68
N ILE D 811 -2.66 5.15 -14.91
CA ILE D 811 -1.21 5.12 -15.14
C ILE D 811 -0.59 6.47 -14.87
N LEU D 812 -1.26 7.54 -15.28
CA LEU D 812 -0.76 8.86 -14.92
C LEU D 812 -0.68 9.03 -13.42
N GLN D 813 -1.70 8.57 -12.69
CA GLN D 813 -1.66 8.60 -11.24
C GLN D 813 -0.42 7.92 -10.71
N LEU D 814 -0.09 6.76 -11.26
CA LEU D 814 1.15 6.08 -10.84
C LEU D 814 2.36 6.95 -11.08
N PHE D 815 2.47 7.55 -12.26
CA PHE D 815 3.58 8.46 -12.51
C PHE D 815 3.64 9.58 -11.48
N GLY D 816 2.48 10.01 -10.98
CA GLY D 816 2.46 11.16 -10.10
C GLY D 816 3.11 10.90 -8.76
N ASP D 817 2.67 9.86 -8.06
CA ASP D 817 3.06 9.63 -6.69
C ASP D 817 4.45 9.01 -6.54
N GLY D 818 5.24 9.02 -7.61
CA GLY D 818 6.59 8.49 -7.53
C GLY D 818 6.62 7.02 -7.16
N GLU D 819 5.94 6.19 -7.94
CA GLU D 819 5.97 4.76 -7.72
C GLU D 819 6.69 4.01 -8.83
N MET D 820 6.84 4.59 -10.01
CA MET D 820 7.71 3.98 -11.01
C MET D 820 9.15 3.95 -10.54
N GLU D 821 9.49 4.79 -9.56
CA GLU D 821 10.83 4.74 -8.98
C GLU D 821 11.11 3.38 -8.37
N GLU D 822 10.15 2.84 -7.61
CA GLU D 822 10.34 1.53 -7.00
C GLU D 822 10.55 0.44 -8.04
N LEU D 823 9.73 0.46 -9.09
CA LEU D 823 9.84 -0.56 -10.12
C LEU D 823 11.14 -0.46 -10.88
N GLU D 824 11.56 0.76 -11.23
CA GLU D 824 12.88 0.90 -11.81
C GLU D 824 13.97 0.50 -10.84
N ALA D 825 13.71 0.64 -9.55
CA ALA D 825 14.73 0.37 -8.55
C ALA D 825 14.99 -1.12 -8.43
N CYS D 826 13.95 -1.93 -8.38
CA CYS D 826 14.17 -3.36 -8.26
C CYS D 826 13.54 -4.13 -9.40
N TRP D 827 13.67 -3.61 -10.61
CA TRP D 827 13.58 -4.45 -11.79
C TRP D 827 14.64 -4.09 -12.82
N LEU D 828 15.14 -2.85 -12.78
CA LEU D 828 15.99 -2.32 -13.84
C LEU D 828 17.23 -1.65 -13.25
N THR D 829 18.27 -2.43 -12.96
CA THR D 829 19.55 -1.91 -12.51
C THR D 829 20.65 -2.86 -12.95
N GLY D 830 21.84 -2.31 -13.12
CA GLY D 830 22.97 -3.10 -13.57
C GLY D 830 24.23 -2.70 -12.84
N ILE D 831 25.19 -3.62 -12.82
CA ILE D 831 26.48 -3.33 -12.19
C ILE D 831 27.27 -2.33 -13.02
N CYS D 832 27.57 -2.66 -14.27
CA CYS D 832 28.40 -1.82 -15.12
C CYS D 832 27.67 -0.58 -15.62
N HIS D 833 26.40 -0.41 -15.31
CA HIS D 833 25.71 0.82 -15.70
C HIS D 833 26.00 1.95 -14.72
N ASN D 834 27.29 2.11 -14.43
CA ASN D 834 27.80 3.08 -13.46
C ASN D 834 29.33 3.00 -13.45
N GLU D 835 29.97 3.81 -12.61
CA GLU D 835 31.41 3.73 -12.38
C GLU D 835 32.19 3.94 -13.68
N LYS D 836 32.04 5.16 -14.22
CA LYS D 836 32.72 5.55 -15.45
C LYS D 836 34.09 6.13 -15.09
N ASN D 837 35.14 5.34 -15.33
CA ASN D 837 36.50 5.77 -15.04
C ASN D 837 37.47 4.85 -15.77
N GLU D 838 38.75 5.19 -15.71
CA GLU D 838 39.78 4.39 -16.37
C GLU D 838 41.11 4.59 -15.65
N VAL D 839 41.99 3.60 -15.82
CA VAL D 839 43.34 3.71 -15.29
C VAL D 839 44.10 4.75 -16.10
N MET D 840 44.66 5.75 -15.41
CA MET D 840 45.27 6.89 -16.09
C MET D 840 46.43 6.44 -16.98
N SER D 841 46.80 7.33 -17.90
CA SER D 841 47.80 7.01 -18.92
C SER D 841 49.18 7.43 -18.46
N SER D 842 50.09 6.45 -18.37
CA SER D 842 51.47 6.74 -18.03
C SER D 842 52.20 7.25 -19.25
N GLN D 843 53.53 7.25 -19.22
CA GLN D 843 54.27 7.66 -20.41
C GLN D 843 54.18 6.55 -21.45
N LEU D 844 52.95 6.19 -21.82
CA LEU D 844 52.70 5.40 -23.02
C LEU D 844 52.30 6.26 -24.19
N ASP D 845 52.17 7.57 -23.98
CA ASP D 845 51.72 8.51 -25.01
C ASP D 845 52.82 8.65 -26.04
N ILE D 846 52.67 7.97 -27.17
CA ILE D 846 53.62 8.11 -28.26
C ILE D 846 53.40 9.40 -29.04
N ASP D 847 52.17 9.92 -29.07
CA ASP D 847 51.90 11.16 -29.78
C ASP D 847 52.43 12.37 -29.02
N ASN D 848 52.21 12.41 -27.70
CA ASN D 848 52.74 13.51 -26.89
C ASN D 848 54.27 13.55 -26.95
N MET D 849 54.91 12.41 -26.65
CA MET D 849 56.36 12.35 -26.70
C MET D 849 56.89 12.60 -28.10
N ALA D 850 56.13 12.20 -29.13
CA ALA D 850 56.56 12.45 -30.51
C ALA D 850 56.50 13.94 -30.84
N GLY D 851 55.49 14.64 -30.34
CA GLY D 851 55.46 16.08 -30.51
C GLY D 851 56.60 16.78 -29.80
N VAL D 852 56.89 16.34 -28.57
CA VAL D 852 58.04 16.91 -27.85
C VAL D 852 59.33 16.64 -28.60
N PHE D 853 59.50 15.43 -29.13
CA PHE D 853 60.70 15.11 -29.90
C PHE D 853 60.78 15.90 -31.20
N TYR D 854 59.63 16.20 -31.81
CA TYR D 854 59.62 17.07 -32.98
C TYR D 854 60.08 18.47 -32.61
N MET D 855 59.66 18.97 -31.45
CA MET D 855 60.20 20.23 -30.96
C MET D 855 61.71 20.15 -30.77
N LEU D 856 62.20 19.01 -30.26
CA LEU D 856 63.63 18.83 -30.09
C LEU D 856 64.37 18.89 -31.44
N GLY D 857 63.84 18.20 -32.44
CA GLY D 857 64.44 18.25 -33.76
C GLY D 857 64.41 19.64 -34.37
N ALA D 858 63.33 20.38 -34.15
CA ALA D 858 63.29 21.77 -34.58
C ALA D 858 64.40 22.57 -33.90
N ALA D 859 64.63 22.31 -32.62
CA ALA D 859 65.77 22.93 -31.93
C ALA D 859 67.09 22.56 -32.60
N MET D 860 67.24 21.30 -33.00
CA MET D 860 68.46 20.88 -33.69
C MET D 860 68.66 21.67 -34.98
N ALA D 861 67.59 21.82 -35.76
CA ALA D 861 67.68 22.59 -37.00
C ALA D 861 68.02 24.06 -36.71
N LEU D 862 67.42 24.64 -35.67
CA LEU D 862 67.76 26.01 -35.30
C LEU D 862 69.23 26.12 -34.90
N SER D 863 69.77 25.10 -34.25
CA SER D 863 71.18 25.09 -33.92
C SER D 863 72.02 25.09 -35.19
N LEU D 864 71.67 24.25 -36.15
CA LEU D 864 72.36 24.23 -37.43
C LEU D 864 72.36 25.61 -38.08
N ILE D 865 71.19 26.25 -38.12
CA ILE D 865 71.09 27.51 -38.85
C ILE D 865 71.82 28.62 -38.11
N THR D 866 71.77 28.65 -36.77
CA THR D 866 72.51 29.68 -36.06
C THR D 866 74.01 29.45 -36.10
N PHE D 867 74.46 28.19 -36.22
CA PHE D 867 75.88 27.95 -36.44
C PHE D 867 76.32 28.47 -37.80
N ILE D 868 75.51 28.22 -38.83
CA ILE D 868 75.81 28.77 -40.15
C ILE D 868 75.86 30.29 -40.09
N CYS D 869 74.90 30.90 -39.39
CA CYS D 869 74.84 32.36 -39.30
C CYS D 869 76.02 32.91 -38.52
N GLU D 870 76.48 32.21 -37.50
CA GLU D 870 77.66 32.64 -36.76
C GLU D 870 78.90 32.55 -37.64
N HIS D 871 79.03 31.47 -38.41
CA HIS D 871 80.13 31.37 -39.37
C HIS D 871 80.09 32.52 -40.37
N LEU D 872 78.90 32.94 -40.79
CA LEU D 872 78.78 34.07 -41.71
C LEU D 872 79.16 35.38 -41.02
N PHE D 873 78.73 35.57 -39.78
CA PHE D 873 78.98 36.83 -39.08
C PHE D 873 80.42 36.97 -38.62
N TYR D 874 81.14 35.87 -38.47
CA TYR D 874 82.54 35.96 -38.04
C TYR D 874 83.39 36.64 -39.09
N TRP D 875 83.46 36.08 -40.29
CA TRP D 875 84.26 36.63 -41.36
C TRP D 875 83.63 37.91 -41.93
C1 NAG E . 8.34 19.22 36.92
C2 NAG E . 7.24 19.51 35.89
C3 NAG E . 6.66 20.91 36.12
C4 NAG E . 6.24 21.11 37.57
C5 NAG E . 7.41 20.78 38.48
C6 NAG E . 7.05 20.83 39.94
C7 NAG E . 8.70 20.13 34.01
C8 NAG E . 9.04 19.83 32.57
N2 NAG E . 7.74 19.37 34.54
O3 NAG E . 5.55 21.10 35.26
O4 NAG E . 5.85 22.46 37.80
O5 NAG E . 7.85 19.45 38.22
O6 NAG E . 5.64 20.98 40.10
O7 NAG E . 9.27 21.01 34.63
C1 NAG E . 5.56 23.69 38.34
C2 NAG E . 4.90 24.15 39.61
C3 NAG E . 3.39 24.13 39.46
C4 NAG E . 2.98 24.99 38.27
C5 NAG E . 3.73 24.55 37.01
C6 NAG E . 3.49 25.44 35.83
C7 NAG E . 6.12 23.77 41.70
C8 NAG E . 6.43 22.79 42.81
N2 NAG E . 5.30 23.33 40.75
O3 NAG E . 2.79 24.62 40.65
O4 NAG E . 1.58 24.87 38.04
O5 NAG E . 5.15 24.53 37.25
O6 NAG E . 4.16 26.70 35.97
O7 NAG E . 6.58 24.90 41.70
C1 NAG F . -28.20 40.73 3.92
C2 NAG F . -27.49 42.04 3.67
C3 NAG F . -27.46 42.36 2.19
C4 NAG F . -26.80 41.21 1.44
C5 NAG F . -27.50 39.89 1.77
C6 NAG F . -26.79 38.69 1.20
C7 NAG F . -27.72 43.46 5.65
C8 NAG F . -28.44 44.61 6.28
N2 NAG F . -28.11 43.13 4.41
O3 NAG F . -26.74 43.57 1.98
O4 NAG F . -26.85 41.45 0.03
O5 NAG F . -27.54 39.69 3.19
O6 NAG F . -25.80 38.20 2.10
O7 NAG F . -26.81 42.87 6.23
C1 NAG F . -25.50 41.66 -0.12
C2 NAG F . -25.34 41.24 -1.57
C3 NAG F . -23.96 41.61 -2.08
C4 NAG F . -23.69 43.09 -1.84
C5 NAG F . -23.92 43.43 -0.37
C6 NAG F . -23.79 44.91 -0.08
C7 NAG F . -26.43 39.33 -2.65
C8 NAG F . -26.56 37.84 -2.69
N2 NAG F . -25.58 39.82 -1.74
O3 NAG F . -23.87 41.32 -3.47
O4 NAG F . -22.35 43.41 -2.20
O5 NAG F . -25.25 43.05 0.02
O6 NAG F . -22.79 45.17 0.89
O7 NAG F . -27.07 40.05 -3.40
C1 NAG G . 9.05 -14.43 -38.86
C2 NAG G . 8.48 -15.18 -37.66
C3 NAG G . 8.65 -16.69 -37.84
C4 NAG G . 8.08 -17.14 -39.17
C5 NAG G . 8.72 -16.33 -40.29
C6 NAG G . 8.13 -16.62 -41.64
C7 NAG G . 10.41 -14.88 -36.14
C8 NAG G . 10.84 -14.36 -34.80
N2 NAG G . 9.12 -14.73 -36.43
O3 NAG G . 7.99 -17.36 -36.78
O4 NAG G . 8.38 -18.51 -39.40
O5 NAG G . 8.47 -14.93 -40.05
O6 NAG G . 7.00 -17.47 -41.52
O7 NAG G . 11.20 -15.39 -36.93
C1 NAG G . 8.65 -19.76 -39.93
C2 NAG G . 8.05 -20.56 -41.08
C3 NAG G . 6.80 -21.29 -40.60
C4 NAG G . 7.14 -22.16 -39.41
C5 NAG G . 7.81 -21.33 -38.31
C6 NAG G . 8.31 -22.17 -37.16
C7 NAG G . 8.45 -19.73 -43.35
C8 NAG G . 8.01 -18.79 -44.42
N2 NAG G . 7.75 -19.71 -42.22
O3 NAG G . 6.31 -22.08 -41.67
O4 NAG G . 5.95 -22.76 -38.90
O5 NAG G . 8.96 -20.63 -38.84
O6 NAG G . 9.47 -22.92 -37.51
O7 NAG G . 9.42 -20.48 -43.50
C1 NAG H . -4.09 -49.49 -0.33
C2 NAG H . -2.79 -50.26 -0.32
C3 NAG H . -2.30 -50.44 1.10
C4 NAG H . -2.17 -49.07 1.76
C5 NAG H . -3.48 -48.30 1.66
C6 NAG H . -3.38 -46.88 2.15
C7 NAG H . -2.68 -51.70 -2.28
C8 NAG H . -2.86 -53.09 -2.82
N2 NAG H . -2.93 -51.55 -0.98
O3 NAG H . -1.06 -51.12 1.09
O4 NAG H . -1.81 -49.22 3.14
O5 NAG H . -3.91 -48.23 0.29
O6 NAG H . -2.97 -46.01 1.10
O7 NAG H . -2.35 -50.77 -3.00
C1 NAG H . -0.54 -48.72 2.99
C2 NAG H . -0.31 -48.21 4.41
C3 NAG H . 1.15 -47.80 4.59
C4 NAG H . 2.07 -48.96 4.22
C5 NAG H . 1.73 -49.45 2.81
C6 NAG H . 2.52 -50.68 2.42
C7 NAG H . -1.96 -47.04 5.80
C8 NAG H . -2.80 -45.81 5.95
N2 NAG H . -1.19 -47.09 4.70
O3 NAG H . 1.36 -47.44 5.96
O4 NAG H . 3.42 -48.55 4.27
O5 NAG H . 0.35 -49.80 2.73
O6 NAG H . 3.30 -50.46 1.25
O7 NAG H . -1.98 -47.94 6.62
C1 NAG I . -30.17 46.41 -30.38
C2 NAG I . -28.83 45.74 -30.08
C3 NAG I . -27.74 46.32 -30.98
C4 NAG I . -28.16 46.19 -32.44
C5 NAG I . -29.52 46.85 -32.66
C6 NAG I . -30.05 46.66 -34.06
C7 NAG I . -28.02 44.87 -27.94
C8 NAG I . -27.68 45.20 -26.52
N2 NAG I . -28.46 45.88 -28.68
O3 NAG I . -26.52 45.62 -30.76
O4 NAG I . -27.19 46.82 -33.27
O5 NAG I . -30.48 46.27 -31.77
O6 NAG I . -29.74 47.77 -34.89
O7 NAG I . -27.90 43.74 -28.39
C1 NAG J . -64.64 15.68 -32.68
C2 NAG J . -65.43 16.33 -33.81
C3 NAG J . -66.63 15.48 -34.17
C4 NAG J . -66.20 14.05 -34.48
C5 NAG J . -65.37 13.49 -33.33
C6 NAG J . -64.78 12.14 -33.63
C7 NAG J . -65.26 18.77 -33.91
C8 NAG J . -65.82 20.08 -33.43
N2 NAG J . -65.85 17.67 -33.43
O3 NAG J . -67.30 16.05 -35.29
O4 NAG J . -67.34 13.23 -34.69
O5 NAG J . -64.26 14.36 -33.06
O6 NAG J . -63.40 12.08 -33.29
O7 NAG J . -64.32 18.72 -34.71
C1 NAG K . 2.15 14.79 48.22
C2 NAG K . 3.25 15.54 47.44
C3 NAG K . 3.74 16.75 48.23
C4 NAG K . 2.57 17.62 48.67
C5 NAG K . 1.56 16.78 49.43
C6 NAG K . 0.33 17.55 49.82
C7 NAG K . 4.30 13.71 46.17
C8 NAG K . 5.55 12.89 45.99
N2 NAG K . 4.35 14.65 47.13
O3 NAG K . 4.64 17.50 47.43
O4 NAG K . 3.04 18.66 49.52
O5 NAG K . 1.11 15.71 48.58
O6 NAG K . -0.78 16.70 50.06
O7 NAG K . 3.30 13.52 45.50
C1 NAG L . -30.16 46.44 1.11
C2 NAG L . -29.96 47.69 0.28
C3 NAG L . -28.73 48.45 0.77
C4 NAG L . -28.83 48.71 2.27
C5 NAG L . -29.12 47.41 3.01
C6 NAG L . -29.36 47.61 4.49
C7 NAG L . -28.88 46.64 -1.67
C8 NAG L . -28.95 46.45 -3.16
N2 NAG L . -29.85 47.39 -1.13
O3 NAG L . -28.63 49.69 0.07
O4 NAG L . -27.60 49.26 2.75
O5 NAG L . -30.30 46.79 2.48
O6 NAG L . -28.14 47.66 5.21
O7 NAG L . -27.99 46.13 -0.99
C1 NAG M . 3.88 -53.54 33.33
C2 NAG M . 4.61 -52.31 32.81
C3 NAG M . 6.00 -52.21 33.44
C4 NAG M . 5.88 -52.23 34.96
C5 NAG M . 5.10 -53.46 35.41
C6 NAG M . 4.84 -53.49 36.90
C7 NAG M . 4.43 -51.28 30.59
C8 NAG M . 4.59 -51.47 29.12
N2 NAG M . 4.72 -52.33 31.35
O3 NAG M . 6.62 -51.01 33.01
O4 NAG M . 7.17 -52.25 35.54
O5 NAG M . 3.81 -53.50 34.76
O6 NAG M . 5.82 -54.25 37.58
O7 NAG M . 4.05 -50.22 31.07
C1 NAG N . -40.07 -44.09 44.15
C2 NAG N . -40.19 -44.99 45.37
C3 NAG N . -41.56 -44.83 46.01
C4 NAG N . -41.84 -43.37 46.31
C5 NAG N . -41.66 -42.53 45.04
C6 NAG N . -41.79 -41.05 45.28
C7 NAG N . -38.80 -47.01 45.32
C8 NAG N . -38.72 -48.44 44.89
N2 NAG N . -39.95 -46.38 45.02
O3 NAG N . -41.61 -45.59 47.21
O4 NAG N . -43.18 -43.21 46.78
O5 NAG N . -40.33 -42.75 44.52
O6 NAG N . -40.71 -40.34 44.68
O7 NAG N . -37.89 -46.46 45.91
C1 NAG O . -0.71 -14.32 -48.37
C2 NAG O . 0.74 -14.37 -47.88
C3 NAG O . 1.61 -15.20 -48.83
C4 NAG O . 0.97 -16.57 -49.07
C5 NAG O . -0.46 -16.39 -49.54
C6 NAG O . -1.20 -17.71 -49.73
C7 NAG O . 0.98 -12.19 -46.76
C8 NAG O . 1.66 -10.85 -46.79
N2 NAG O . 1.30 -13.03 -47.75
O3 NAG O . 2.90 -15.37 -48.27
O4 NAG O . 1.70 -17.28 -50.05
O5 NAG O . -1.20 -15.64 -48.57
O6 NAG O . -2.61 -17.53 -49.67
O7 NAG O . 0.18 -12.50 -45.89
C1 NAG P . -2.32 -55.26 2.49
C2 NAG P . -1.34 -56.20 3.18
C3 NAG P . -0.03 -56.26 2.40
C4 NAG P . -0.30 -56.61 0.94
C5 NAG P . -1.35 -55.67 0.35
C6 NAG P . -1.75 -56.05 -1.05
C7 NAG P . -0.56 -54.64 4.93
C8 NAG P . -0.41 -54.42 6.40
N2 NAG P . -1.11 -55.79 4.56
O3 NAG P . 0.81 -57.24 2.99
O4 NAG P . 0.90 -56.50 0.19
O5 NAG P . -2.54 -55.69 1.15
O6 NAG P . -0.85 -55.53 -2.01
O7 NAG P . -0.21 -53.79 4.10
#